data_9L12
#
_entry.id   9L12
#
_cell.length_a   155.527
_cell.length_b   155.527
_cell.length_c   479.655
_cell.angle_alpha   90.000
_cell.angle_beta   90.000
_cell.angle_gamma   120.000
#
_symmetry.space_group_name_H-M   'P 31 2 1'
#
loop_
_entity.id
_entity.type
_entity.pdbx_description
1 polymer Cas12h
2 polymer 'DNA (28-MER)'
3 polymer "DNA (5'-D(P*AP*GP*TP*CP*GP*AP*TP*GP*TP*TP*CP*T)-3')"
4 polymer 'RNA (56-MER)'
5 non-polymer 'MAGNESIUM ION'
#
loop_
_entity_poly.entity_id
_entity_poly.type
_entity_poly.pdbx_seq_one_letter_code
_entity_poly.pdbx_strand_id
1 'polypeptide(L)'
;MKVHEIPRSQLLKIKQYEGSFVEWYRDLQEDRKKFASLLFRWAAFGYAAREDDGATYISPSQALLERRLLLGDAEDVAIK
FLDVLFKGGAPSSSCYSLFYEDFALRDKAKYSGAKREFIEGLATMPLDKIIERIRQDEQLSKIPAEEWLILGAEYSPEEI
WEQVAPRIVNVDRSLGKQLRERLGIKCRRPHDAGYCKILMEVVARQLRSHNETYHEYLNQTHEMKTKVANNLTNEFDLVC
EFAEVLEEKNYGLGWYVLWQGVKQALKEQKKPTKIQIAVDQLRQPKFAGLLTAKWRALKGAYDTWKLKKRLEKRKAFPYM
PNWDNDYQIPVGLTGLGVFTLEVKRTEVVVDLKEHGKLFCSHSHYFGDLTAEKHPSRYHLKFRHKLKLRKRDSRVEPTIG
PWIEAALREITIQKKPNGVFYLGLPYALSHGIDNFQIAKRFFSAAKPDKEVINGLPSEMVVGAADLNLSNIVAPVKARIG
KGLEGPLHALDYGYGELIDGPKILTPDGPRCGELISLKRDIVEIKSAIKEFKACQREGLTMSEETTTWLSEVESPSDSPR
CMIQSRIADTSRRLNSFKYQMNKEGYQDLAEALRLLDAMDSYNSLLESYQRMHLSPGEQSPKEAKFDTKRASFRDLLRRR
VAHTIVEYFDDCDIVFFEDLDGPSDSDSRNNALVKLLSPRTLLLYIRQALEKRGIGMVEVAKDGTSQNNPISGHVGWRNK
QNKSEIYFYEDKELLVMDADEVGAMNILCRGLNHSVCPYSFVTKAPEKKNDEKKEGDYGKRVKRFLKDRYGSSNVRFLVA
SMGFVTVTTKRPKDALVGKRLYYHGGELVTHDLHNRMKDEIKYLVEKEVLARRVSLSDSTIKSYKSFAHV
;
A,E,I
2 'polydeoxyribonucleotide'
;(DA)(DG)(DG)(DC)(DT)(DT)(DG)(DG)(DT)(DC)(DT)(DG)(DT)(DT)(DT)(DG)(DC)(DA)(DG)(DC)
(DC)(DA)(DT)(DC)(DG)(DA)(DC)(DT)
;
B,F,J
3 'polydeoxyribonucleotide' (DA)(DG)(DT)(DC)(DG)(DA)(DT)(DG)(DT)(DT)(DC)(DT)(DT)(DC)(DT) C,G,K
4 'polyribonucleotide' GGUGCUGGCCGCUCUCGCUAGAGGGAGGUCAGAGCACGCUGCAAACAGACCAAGCC D,H,L
#
# COMPACT_ATOMS: atom_id res chain seq x y z
N MET A 1 15.68 66.08 -2.78
CA MET A 1 14.34 65.63 -2.42
C MET A 1 14.14 65.84 -0.91
N LYS A 2 12.89 65.93 -0.47
CA LYS A 2 12.58 66.02 0.96
C LYS A 2 12.64 64.65 1.65
N VAL A 3 13.32 64.60 2.80
CA VAL A 3 13.40 63.39 3.61
C VAL A 3 12.62 63.61 4.91
N HIS A 4 12.46 62.52 5.66
CA HIS A 4 11.86 62.55 7.00
C HIS A 4 12.43 61.40 7.84
N GLU A 5 12.89 61.74 9.04
CA GLU A 5 13.55 60.81 9.93
C GLU A 5 12.52 60.07 10.78
N ILE A 6 12.92 58.88 11.24
CA ILE A 6 12.00 57.99 11.95
C ILE A 6 12.62 57.55 13.22
N PRO A 7 11.93 57.74 14.39
CA PRO A 7 12.53 57.45 15.70
C PRO A 7 12.42 55.99 16.13
N ARG A 8 13.58 55.36 16.35
CA ARG A 8 13.63 53.97 16.78
C ARG A 8 14.73 53.83 17.82
N SER A 9 14.67 52.76 18.60
CA SER A 9 15.69 52.51 19.62
C SER A 9 15.68 51.05 20.04
N GLN A 10 16.88 50.49 20.21
CA GLN A 10 17.07 49.13 20.67
C GLN A 10 18.15 49.09 21.75
N LEU A 11 18.00 48.14 22.68
CA LEU A 11 18.78 48.09 23.92
C LEU A 11 20.28 47.88 23.68
N LEU A 12 21.04 48.06 24.76
CA LEU A 12 22.46 47.70 24.85
C LEU A 12 22.74 47.43 26.32
N LYS A 13 23.06 46.19 26.67
CA LYS A 13 23.32 45.86 28.06
C LYS A 13 24.71 46.36 28.47
N ILE A 14 24.75 47.18 29.52
CA ILE A 14 25.96 47.76 30.09
C ILE A 14 26.54 46.78 31.10
N LYS A 15 27.85 46.56 31.03
CA LYS A 15 28.50 45.62 31.94
C LYS A 15 29.19 46.27 33.12
N GLN A 16 29.95 47.33 32.87
CA GLN A 16 30.73 47.94 33.94
C GLN A 16 30.61 49.44 33.88
N TYR A 17 30.80 50.08 35.02
CA TYR A 17 30.75 51.52 35.10
C TYR A 17 32.02 52.01 35.76
N GLU A 18 32.46 53.20 35.40
CA GLU A 18 33.70 53.73 35.91
C GLU A 18 33.43 55.12 36.39
N GLY A 19 34.26 55.61 37.30
CA GLY A 19 34.10 56.97 37.76
C GLY A 19 33.02 57.16 38.81
N SER A 20 32.59 58.40 38.97
CA SER A 20 31.69 58.81 40.04
C SER A 20 30.27 58.72 39.57
N PHE A 21 30.07 58.08 38.43
CA PHE A 21 28.77 58.07 37.80
C PHE A 21 27.74 57.42 38.72
N VAL A 22 28.11 56.35 39.41
CA VAL A 22 27.12 55.56 40.11
C VAL A 22 26.39 56.43 41.09
N GLU A 23 27.12 57.29 41.78
CA GLU A 23 26.50 58.28 42.62
C GLU A 23 25.70 59.23 41.73
N TRP A 24 26.24 59.53 40.55
CA TRP A 24 25.64 60.50 39.65
C TRP A 24 24.25 60.13 39.16
N TYR A 25 24.08 58.90 38.72
CA TYR A 25 22.78 58.36 38.38
C TYR A 25 21.84 58.40 39.58
N ARG A 26 22.29 57.86 40.72
CA ARG A 26 21.45 57.79 41.91
C ARG A 26 21.03 59.18 42.37
N ASP A 27 21.86 60.20 42.10
CA ASP A 27 21.48 61.57 42.44
C ASP A 27 20.35 62.09 41.55
N LEU A 28 20.39 61.78 40.24
CA LEU A 28 19.34 62.29 39.36
C LEU A 28 18.02 61.58 39.63
N GLN A 29 18.05 60.26 39.81
CA GLN A 29 16.83 59.57 40.16
C GLN A 29 16.43 59.82 41.62
N GLU A 30 17.22 60.61 42.35
CA GLU A 30 16.81 61.17 43.63
C GLU A 30 16.46 62.64 43.56
N ASP A 31 17.13 63.42 42.69
CA ASP A 31 16.73 64.82 42.51
C ASP A 31 15.44 64.93 41.73
N ARG A 32 15.29 64.15 40.67
CA ARG A 32 14.01 64.08 39.96
C ARG A 32 12.90 63.67 40.92
N LYS A 33 13.02 62.47 41.46
CA LYS A 33 12.16 61.86 42.47
C LYS A 33 11.76 62.83 43.58
N LYS A 34 12.69 63.70 43.99
CA LYS A 34 12.48 64.56 45.16
C LYS A 34 11.56 65.73 44.86
N PHE A 35 11.72 66.37 43.70
CA PHE A 35 11.02 67.61 43.40
C PHE A 35 9.74 67.43 42.58
N ALA A 36 9.63 66.33 41.81
CA ALA A 36 8.40 66.05 41.08
C ALA A 36 7.18 66.02 41.99
N SER A 37 7.30 65.42 43.18
CA SER A 37 6.16 65.40 44.10
C SER A 37 5.86 66.75 44.73
N LEU A 38 6.73 67.74 44.56
CA LEU A 38 6.46 69.10 45.03
C LEU A 38 5.88 69.97 43.94
N LEU A 39 6.43 69.89 42.73
CA LEU A 39 5.90 70.65 41.60
C LEU A 39 4.48 70.22 41.28
N PHE A 40 4.06 69.03 41.74
CA PHE A 40 2.70 68.55 41.55
C PHE A 40 1.67 69.59 41.97
N ARG A 41 1.92 70.29 43.08
CA ARG A 41 0.93 71.17 43.69
C ARG A 41 0.83 72.53 43.01
N TRP A 42 1.87 72.95 42.29
CA TRP A 42 1.99 74.37 41.91
C TRP A 42 0.97 74.77 40.85
N ALA A 43 0.58 73.85 39.96
CA ALA A 43 -0.49 74.13 39.01
C ALA A 43 -1.84 73.74 39.58
N ALA A 44 -1.89 73.31 40.84
CA ALA A 44 -3.10 72.90 41.52
C ALA A 44 -3.82 71.83 40.73
N PHE A 45 -3.31 70.60 40.79
CA PHE A 45 -3.87 69.47 40.05
C PHE A 45 -4.78 68.73 41.03
N GLY A 46 -6.06 68.67 40.70
CA GLY A 46 -6.96 67.92 41.56
C GLY A 46 -6.56 66.48 41.50
N TYR A 47 -6.32 65.88 42.67
CA TYR A 47 -5.74 64.55 42.68
C TYR A 47 -6.41 63.67 43.73
N ALA A 48 -6.61 62.42 43.35
CA ALA A 48 -6.94 61.41 44.33
C ALA A 48 -5.64 60.93 44.96
N ALA A 49 -5.68 60.63 46.25
CA ALA A 49 -4.51 60.13 46.94
C ALA A 49 -4.69 58.62 46.98
N ARG A 50 -3.80 57.88 46.32
CA ARG A 50 -3.96 56.44 46.26
C ARG A 50 -3.86 55.87 47.66
N GLU A 51 -4.77 54.96 47.99
CA GLU A 51 -4.86 54.33 49.29
C GLU A 51 -5.53 52.98 49.14
N ASP A 52 -5.19 52.06 50.03
CA ASP A 52 -5.85 50.76 50.02
C ASP A 52 -7.34 50.89 50.37
N ASP A 53 -7.69 51.85 51.22
CA ASP A 53 -9.08 51.94 51.67
C ASP A 53 -9.96 52.56 50.59
N GLY A 54 -9.36 53.38 49.74
CA GLY A 54 -10.09 54.04 48.69
C GLY A 54 -9.16 54.96 47.96
N ALA A 55 -9.73 56.02 47.42
CA ALA A 55 -8.93 57.10 46.87
C ALA A 55 -9.51 58.38 47.43
N THR A 56 -8.73 59.09 48.25
CA THR A 56 -9.18 60.37 48.75
C THR A 56 -9.49 61.26 47.56
N TYR A 57 -10.32 62.27 47.78
CA TYR A 57 -10.83 63.06 46.66
C TYR A 57 -10.50 64.50 46.99
N ILE A 58 -9.27 64.89 46.68
CA ILE A 58 -8.88 66.28 46.80
C ILE A 58 -9.34 67.04 45.56
N SER A 59 -9.80 68.25 45.77
CA SER A 59 -10.30 69.14 44.75
C SER A 59 -9.25 70.19 44.44
N PRO A 60 -9.41 70.95 43.36
CA PRO A 60 -8.46 72.06 43.12
C PRO A 60 -8.49 73.06 44.26
N SER A 61 -9.67 73.32 44.85
CA SER A 61 -9.74 74.24 45.98
C SER A 61 -9.04 73.67 47.21
N GLN A 62 -9.10 72.35 47.39
CA GLN A 62 -8.35 71.73 48.48
C GLN A 62 -6.86 71.62 48.19
N ALA A 63 -6.44 71.77 46.93
CA ALA A 63 -5.02 71.84 46.56
C ALA A 63 -4.52 73.26 46.32
N LEU A 64 -5.33 74.14 45.73
CA LEU A 64 -5.00 75.56 45.67
C LEU A 64 -4.85 76.18 47.05
N LEU A 65 -5.36 75.51 48.08
CA LEU A 65 -5.18 75.98 49.44
C LEU A 65 -3.70 76.05 49.81
N GLU A 66 -2.99 74.93 49.65
CA GLU A 66 -1.57 74.83 49.95
C GLU A 66 -0.65 75.46 48.91
N ARG A 67 -1.18 75.99 47.80
CA ARG A 67 -0.32 76.73 46.86
C ARG A 67 0.22 78.01 47.49
N ARG A 68 -0.67 78.87 47.99
CA ARG A 68 -0.22 80.05 48.73
C ARG A 68 0.14 79.73 50.17
N LEU A 69 -0.26 78.57 50.70
CA LEU A 69 0.19 78.12 52.00
C LEU A 69 1.54 77.41 51.95
N LEU A 70 2.13 77.33 50.76
CA LEU A 70 3.50 76.84 50.58
C LEU A 70 4.40 77.91 49.97
N LEU A 71 3.83 78.88 49.27
CA LEU A 71 4.57 79.97 48.64
C LEU A 71 3.75 81.23 48.85
N GLY A 72 4.22 82.10 49.73
CA GLY A 72 3.47 83.31 50.01
C GLY A 72 3.78 84.41 49.04
N ASP A 73 4.97 84.36 48.45
CA ASP A 73 5.47 85.43 47.61
C ASP A 73 5.79 85.03 46.18
N ALA A 74 6.23 83.79 45.96
CA ALA A 74 6.52 83.31 44.63
C ALA A 74 5.27 83.00 43.79
N GLU A 75 4.08 83.07 44.38
CA GLU A 75 2.86 82.78 43.64
C GLU A 75 2.70 83.68 42.41
N ASP A 76 2.81 85.00 42.60
CA ASP A 76 2.54 85.94 41.51
C ASP A 76 3.48 85.79 40.33
N VAL A 77 4.60 85.10 40.50
CA VAL A 77 5.54 84.83 39.41
C VAL A 77 5.43 83.39 38.91
N ALA A 78 5.18 82.45 39.83
CA ALA A 78 5.15 81.03 39.47
C ALA A 78 4.09 80.74 38.42
N ILE A 79 2.94 81.41 38.50
CA ILE A 79 1.90 81.17 37.51
C ILE A 79 2.37 81.61 36.13
N LYS A 80 3.07 82.75 36.06
CA LYS A 80 3.75 83.12 34.82
C LYS A 80 4.88 82.16 34.47
N PHE A 81 5.46 81.48 35.45
CA PHE A 81 6.52 80.51 35.20
C PHE A 81 6.00 79.18 34.69
N LEU A 82 4.90 78.67 35.25
CA LEU A 82 4.37 77.40 34.80
C LEU A 82 3.89 77.45 33.35
N ASP A 83 3.19 78.53 32.96
CA ASP A 83 2.77 78.68 31.57
C ASP A 83 3.96 78.65 30.62
N VAL A 84 4.98 79.46 30.91
CA VAL A 84 6.16 79.51 30.04
C VAL A 84 6.92 78.20 30.17
N LEU A 85 6.48 77.31 31.07
CA LEU A 85 6.97 75.94 31.15
C LEU A 85 6.05 74.94 30.50
N PHE A 86 4.73 75.14 30.58
CA PHE A 86 3.81 74.24 29.92
C PHE A 86 3.80 74.43 28.41
N LYS A 87 4.15 75.62 27.93
CA LYS A 87 4.28 75.79 26.48
C LYS A 87 5.47 74.98 25.97
N GLY A 88 6.61 75.08 26.64
CA GLY A 88 7.69 74.17 26.31
C GLY A 88 8.18 74.31 24.89
N GLY A 89 8.49 73.16 24.30
CA GLY A 89 8.99 73.05 22.95
C GLY A 89 10.42 73.48 22.70
N ALA A 90 10.84 74.63 23.27
CA ALA A 90 12.15 75.29 23.18
C ALA A 90 12.06 76.82 23.29
N PRO A 91 10.94 77.46 22.89
CA PRO A 91 10.85 78.91 23.12
C PRO A 91 10.99 79.27 24.58
N SER A 92 10.58 78.37 25.47
CA SER A 92 11.00 78.41 26.86
C SER A 92 12.39 77.95 26.44
N SER A 93 13.39 78.81 26.65
CA SER A 93 14.68 78.64 26.00
C SER A 93 15.54 78.19 27.17
N SER A 94 15.38 78.81 28.33
CA SER A 94 16.25 78.51 29.47
C SER A 94 15.42 78.46 30.75
N CYS A 95 14.66 77.37 30.89
CA CYS A 95 13.95 77.10 32.13
C CYS A 95 14.86 76.51 33.19
N TYR A 96 16.03 76.01 32.77
CA TYR A 96 17.03 75.45 33.68
C TYR A 96 17.58 76.48 34.65
N SER A 97 17.28 77.76 34.44
CA SER A 97 17.97 78.83 35.17
C SER A 97 17.81 78.70 36.69
N LEU A 98 16.68 78.17 37.15
CA LEU A 98 16.43 78.16 38.58
C LEU A 98 17.34 77.18 39.32
N PHE A 99 17.65 76.04 38.70
CA PHE A 99 18.51 75.03 39.32
C PHE A 99 19.97 75.44 39.32
N TYR A 100 20.45 76.03 38.23
CA TYR A 100 21.87 76.37 38.11
C TYR A 100 22.18 77.59 38.97
N GLU A 101 23.19 77.47 39.82
CA GLU A 101 23.46 78.54 40.80
C GLU A 101 24.22 79.69 40.16
N ASP A 102 25.15 79.40 39.24
CA ASP A 102 25.90 80.41 38.54
C ASP A 102 25.20 80.89 37.26
N PHE A 103 23.88 80.70 37.16
CA PHE A 103 23.16 81.10 35.96
C PHE A 103 23.38 82.57 35.64
N ALA A 104 24.02 82.81 34.49
CA ALA A 104 24.19 84.15 33.97
C ALA A 104 23.14 84.47 32.92
N LEU A 105 22.80 85.76 32.83
CA LEU A 105 21.95 86.31 31.77
C LEU A 105 22.76 87.25 30.90
N ARG A 106 22.39 87.33 29.62
CA ARG A 106 22.91 88.35 28.75
C ARG A 106 21.86 89.44 28.60
N ASP A 107 22.32 90.62 28.20
CA ASP A 107 21.46 91.80 28.12
C ASP A 107 20.90 91.98 26.72
N LYS A 108 21.22 91.07 25.79
CA LYS A 108 20.77 91.10 24.41
C LYS A 108 20.01 89.83 24.05
N ALA A 109 18.97 89.99 23.23
CA ALA A 109 18.32 88.82 22.69
C ALA A 109 19.20 88.26 21.59
N LYS A 110 19.09 86.96 21.33
CA LYS A 110 19.97 86.31 20.38
C LYS A 110 19.58 86.65 18.94
N TYR A 111 20.58 86.69 18.07
CA TYR A 111 20.41 86.94 16.64
C TYR A 111 19.86 85.70 15.96
N SER A 112 18.53 85.56 15.92
CA SER A 112 17.95 84.39 15.30
C SER A 112 17.95 84.51 13.78
N GLY A 113 17.90 83.36 13.11
CA GLY A 113 18.00 83.35 11.65
C GLY A 113 16.83 84.09 11.04
N ALA A 114 15.62 83.81 11.53
CA ALA A 114 14.40 84.48 11.13
C ALA A 114 14.38 85.93 11.60
N LYS A 115 15.24 86.29 12.55
CA LYS A 115 15.43 87.67 12.95
C LYS A 115 16.41 88.43 12.07
N ARG A 116 17.21 87.71 11.26
CA ARG A 116 18.07 88.37 10.28
C ARG A 116 17.31 88.67 9.00
N GLU A 117 16.55 87.69 8.49
CA GLU A 117 15.82 87.86 7.24
C GLU A 117 14.89 89.06 7.27
N PHE A 118 14.36 89.41 8.45
CA PHE A 118 13.38 90.48 8.57
C PHE A 118 13.96 91.87 8.47
N ILE A 119 15.26 92.05 8.67
CA ILE A 119 15.82 93.40 8.71
C ILE A 119 16.31 93.90 7.35
N GLU A 120 16.97 93.07 6.55
CA GLU A 120 17.53 93.58 5.30
C GLU A 120 16.47 93.97 4.27
N GLY A 121 15.23 93.52 4.44
CA GLY A 121 14.18 93.92 3.46
C GLY A 121 13.11 94.72 4.07
N LEU A 122 13.54 95.47 5.09
CA LEU A 122 12.68 96.46 5.80
C LEU A 122 12.29 97.64 5.03
N ALA A 123 13.01 97.94 3.94
CA ALA A 123 12.67 99.11 3.13
C ALA A 123 11.40 98.89 2.33
N THR A 124 11.28 97.74 1.67
CA THR A 124 10.21 97.51 0.69
C THR A 124 9.04 96.68 1.20
N MET A 125 9.21 95.94 2.28
CA MET A 125 8.22 94.93 2.67
C MET A 125 6.85 95.57 2.91
N PRO A 126 5.78 95.04 2.31
CA PRO A 126 4.44 95.61 2.50
C PRO A 126 3.85 95.35 3.87
N LEU A 127 3.12 96.35 4.38
CA LEU A 127 2.56 96.26 5.74
C LEU A 127 1.53 95.14 5.87
N ASP A 128 0.95 94.71 4.77
CA ASP A 128 0.04 93.57 4.83
C ASP A 128 0.80 92.25 4.75
N LYS A 129 2.13 92.32 4.59
CA LYS A 129 3.02 91.20 4.84
C LYS A 129 3.98 91.43 6.00
N ILE A 130 4.21 92.69 6.41
CA ILE A 130 5.06 92.93 7.59
C ILE A 130 4.35 92.52 8.87
N ILE A 131 3.04 92.75 8.94
CA ILE A 131 2.32 92.54 10.20
C ILE A 131 1.91 91.09 10.38
N GLU A 132 1.85 90.30 9.32
CA GLU A 132 1.51 88.90 9.47
C GLU A 132 2.71 88.05 9.87
N ARG A 133 3.92 88.60 9.77
CA ARG A 133 5.11 87.92 10.29
C ARG A 133 5.32 88.18 11.77
N ILE A 134 5.05 89.40 12.25
CA ILE A 134 5.37 89.74 13.63
C ILE A 134 4.24 89.35 14.60
N ARG A 135 2.98 89.46 14.16
CA ARG A 135 1.86 89.12 15.04
C ARG A 135 1.99 87.73 15.64
N GLN A 136 2.67 86.82 14.94
CA GLN A 136 2.80 85.43 15.35
C GLN A 136 4.18 85.12 15.92
N ASP A 137 4.84 86.14 16.49
CA ASP A 137 6.20 86.02 17.00
C ASP A 137 6.23 86.62 18.39
N GLU A 138 6.71 85.84 19.36
CA GLU A 138 6.59 86.22 20.76
C GLU A 138 7.46 87.43 21.12
N GLN A 139 8.59 87.59 20.44
CA GLN A 139 9.52 88.67 20.75
C GLN A 139 9.31 89.93 19.92
N LEU A 140 8.50 89.89 18.87
CA LEU A 140 8.44 91.02 17.94
C LEU A 140 7.32 92.01 18.23
N SER A 141 6.19 91.55 18.78
CA SER A 141 5.08 92.46 19.04
C SER A 141 5.40 93.48 20.12
N LYS A 142 6.32 93.15 21.03
CA LYS A 142 6.65 94.02 22.16
C LYS A 142 7.14 95.40 21.74
N ILE A 143 7.47 95.59 20.47
CA ILE A 143 7.69 96.91 19.88
C ILE A 143 6.60 97.10 18.83
N PRO A 144 5.80 98.15 18.92
CA PRO A 144 4.75 98.36 17.92
C PRO A 144 5.35 98.65 16.56
N ALA A 145 4.55 98.40 15.52
CA ALA A 145 5.01 98.56 14.15
C ALA A 145 5.38 100.00 13.80
N GLU A 146 5.04 100.97 14.66
CA GLU A 146 5.40 102.35 14.37
C GLU A 146 6.91 102.54 14.34
N GLU A 147 7.58 102.30 15.46
CA GLU A 147 9.03 102.46 15.48
C GLU A 147 9.73 101.39 14.64
N TRP A 148 9.03 100.30 14.30
CA TRP A 148 9.56 99.31 13.36
C TRP A 148 9.73 99.94 11.98
N LEU A 149 8.71 100.67 11.53
CA LEU A 149 8.68 101.21 10.18
C LEU A 149 9.74 102.29 9.97
N ILE A 150 10.00 103.11 10.98
CA ILE A 150 10.87 104.27 10.80
C ILE A 150 12.31 103.81 10.53
N LEU A 151 12.79 102.82 11.29
CA LEU A 151 14.16 102.35 11.13
C LEU A 151 14.40 101.72 9.76
N GLY A 152 13.36 101.13 9.15
CA GLY A 152 13.55 100.50 7.86
C GLY A 152 13.81 101.48 6.73
N ALA A 153 13.27 102.70 6.84
CA ALA A 153 13.45 103.72 5.82
C ALA A 153 14.73 104.54 5.98
N GLU A 154 15.16 104.79 7.22
CA GLU A 154 16.30 105.67 7.49
C GLU A 154 17.62 104.92 7.60
N TYR A 155 17.60 103.78 8.28
CA TYR A 155 18.79 103.05 8.69
C TYR A 155 19.08 101.92 7.71
N SER A 156 20.37 101.67 7.48
CA SER A 156 20.75 100.45 6.77
C SER A 156 20.54 99.27 7.72
N PRO A 157 20.44 98.05 7.18
CA PRO A 157 20.05 96.90 8.03
C PRO A 157 20.93 96.62 9.23
N GLU A 158 22.26 96.64 9.08
CA GLU A 158 23.16 96.13 10.12
C GLU A 158 23.23 97.00 11.38
N GLU A 159 22.91 98.30 11.28
CA GLU A 159 22.96 99.19 12.44
C GLU A 159 21.77 99.02 13.39
N ILE A 160 20.58 98.73 12.85
CA ILE A 160 19.35 98.68 13.64
C ILE A 160 19.45 97.69 14.79
N TRP A 161 20.06 96.53 14.55
CA TRP A 161 20.02 95.44 15.54
C TRP A 161 20.69 95.83 16.86
N GLU A 162 21.69 96.71 16.81
CA GLU A 162 22.47 97.06 18.00
C GLU A 162 21.62 97.73 19.09
N GLN A 163 20.39 98.16 18.79
CA GLN A 163 19.61 98.93 19.76
C GLN A 163 18.26 98.32 20.07
N VAL A 164 17.92 97.17 19.48
CA VAL A 164 16.64 96.52 19.78
C VAL A 164 16.78 95.23 20.60
N ALA A 165 17.98 94.69 20.75
CA ALA A 165 18.11 93.40 21.41
C ALA A 165 17.78 93.44 22.91
N PRO A 166 18.19 94.45 23.68
CA PRO A 166 17.74 94.53 25.07
C PRO A 166 16.28 94.95 25.22
N ARG A 167 15.58 95.17 24.12
CA ARG A 167 14.17 95.55 24.14
C ARG A 167 13.24 94.40 23.84
N ILE A 168 13.59 93.55 22.88
CA ILE A 168 12.74 92.44 22.45
C ILE A 168 13.13 91.14 23.15
N VAL A 169 13.78 91.21 24.30
CA VAL A 169 14.20 90.00 25.01
C VAL A 169 13.01 89.43 25.76
N ASN A 170 12.98 88.11 25.87
CA ASN A 170 11.87 87.40 26.51
C ASN A 170 12.17 87.38 28.00
N VAL A 171 11.59 88.35 28.72
CA VAL A 171 11.93 88.56 30.12
C VAL A 171 11.54 87.40 31.02
N ASP A 172 10.83 86.41 30.48
CA ASP A 172 10.49 85.21 31.25
C ASP A 172 11.72 84.36 31.60
N ARG A 173 12.83 84.50 30.87
CA ARG A 173 14.00 83.67 31.16
C ARG A 173 14.62 83.99 32.52
N SER A 174 14.35 85.18 33.06
CA SER A 174 14.82 85.52 34.40
C SER A 174 13.99 84.87 35.50
N LEU A 175 12.76 84.45 35.20
CA LEU A 175 11.84 83.94 36.22
C LEU A 175 12.44 82.77 37.00
N GLY A 176 13.34 82.00 36.36
CA GLY A 176 13.98 80.90 37.07
C GLY A 176 14.94 81.37 38.14
N LYS A 177 15.78 82.35 37.83
CA LYS A 177 16.82 82.76 38.77
C LYS A 177 16.24 83.33 40.06
N GLN A 178 15.15 84.09 39.95
CA GLN A 178 14.54 84.68 41.14
C GLN A 178 14.06 83.60 42.10
N LEU A 179 13.34 82.60 41.57
CA LEU A 179 12.70 81.60 42.43
C LEU A 179 13.69 80.82 43.28
N ARG A 180 14.92 80.60 42.80
CA ARG A 180 15.89 79.87 43.62
C ARG A 180 16.23 80.62 44.90
N GLU A 181 16.54 81.91 44.78
CA GLU A 181 16.93 82.68 45.96
C GLU A 181 15.73 82.97 46.86
N ARG A 182 14.58 83.26 46.26
CA ARG A 182 13.39 83.58 47.04
C ARG A 182 12.79 82.34 47.67
N LEU A 183 13.15 81.16 47.19
CA LEU A 183 12.70 79.88 47.76
C LEU A 183 13.78 79.05 48.42
N GLY A 184 15.03 79.51 48.44
CA GLY A 184 16.09 78.73 49.01
C GLY A 184 16.20 77.34 48.40
N ILE A 185 16.15 77.26 47.07
CA ILE A 185 16.16 75.98 46.38
C ILE A 185 17.61 75.55 46.17
N LYS A 186 17.97 74.41 46.74
CA LYS A 186 19.27 73.80 46.54
C LYS A 186 19.08 72.43 45.92
N CYS A 187 19.82 72.16 44.86
CA CYS A 187 19.87 70.81 44.32
C CYS A 187 21.08 70.11 44.94
N ARG A 188 21.43 68.94 44.41
CA ARG A 188 22.57 68.25 44.98
C ARG A 188 23.88 68.78 44.40
N ARG A 189 23.93 69.00 43.08
CA ARG A 189 25.12 69.47 42.40
C ARG A 189 24.69 70.81 41.73
N PRO A 190 25.49 71.89 41.83
CA PRO A 190 25.07 73.18 41.30
C PRO A 190 25.88 74.03 40.33
N HIS A 191 27.15 73.70 40.09
CA HIS A 191 28.07 74.42 39.17
C HIS A 191 28.08 73.48 37.95
N ASP A 192 27.42 72.34 38.04
CA ASP A 192 27.43 71.33 36.97
C ASP A 192 26.27 71.60 36.01
N ALA A 193 26.58 72.23 34.86
CA ALA A 193 25.54 72.59 33.89
C ALA A 193 24.82 71.37 33.37
N GLY A 194 25.55 70.26 33.18
CA GLY A 194 24.93 69.01 32.74
C GLY A 194 23.85 68.54 33.67
N TYR A 195 24.24 68.29 34.93
CA TYR A 195 23.30 67.85 35.95
C TYR A 195 22.04 68.71 35.99
N CYS A 196 22.21 70.03 35.93
CA CYS A 196 21.06 70.94 35.95
C CYS A 196 20.26 70.85 34.64
N LYS A 197 20.89 71.16 33.51
CA LYS A 197 20.18 71.25 32.24
C LYS A 197 19.34 70.00 31.96
N ILE A 198 19.91 68.81 32.19
CA ILE A 198 19.17 67.58 32.00
C ILE A 198 17.96 67.54 32.93
N LEU A 199 18.21 67.67 34.23
CA LEU A 199 17.17 67.45 35.23
C LEU A 199 15.96 68.36 35.02
N MET A 200 16.20 69.62 34.64
CA MET A 200 15.10 70.55 34.40
C MET A 200 14.16 70.00 33.33
N GLU A 201 14.69 69.77 32.13
CA GLU A 201 13.85 69.23 31.06
C GLU A 201 13.36 67.82 31.36
N VAL A 202 14.09 67.06 32.16
CA VAL A 202 13.67 65.69 32.48
C VAL A 202 12.41 65.71 33.34
N VAL A 203 12.42 66.49 34.42
CA VAL A 203 11.22 66.59 35.25
C VAL A 203 10.08 67.18 34.44
N ALA A 204 10.37 68.24 33.67
CA ALA A 204 9.38 68.80 32.76
C ALA A 204 8.86 67.76 31.79
N ARG A 205 9.74 66.87 31.30
CA ARG A 205 9.29 65.84 30.38
C ARG A 205 8.32 64.86 31.02
N GLN A 206 8.39 64.70 32.35
CA GLN A 206 7.42 63.86 33.05
C GLN A 206 6.17 64.62 33.48
N LEU A 207 6.25 65.95 33.59
CA LEU A 207 5.14 66.75 34.08
C LEU A 207 4.15 67.11 32.97
N ARG A 208 4.63 67.71 31.88
CA ARG A 208 3.73 68.04 30.76
C ARG A 208 2.95 66.82 30.29
N SER A 209 3.50 65.62 30.48
CA SER A 209 2.75 64.41 30.23
C SER A 209 1.52 64.29 31.11
N HIS A 210 1.42 65.10 32.17
CA HIS A 210 0.26 65.11 33.04
C HIS A 210 -0.66 66.30 32.85
N ASN A 211 -0.18 67.44 32.35
CA ASN A 211 -1.07 68.60 32.21
C ASN A 211 -2.12 68.34 31.13
N GLU A 212 -1.69 67.94 29.93
CA GLU A 212 -2.65 67.74 28.84
C GLU A 212 -3.65 66.64 29.15
N THR A 213 -3.24 65.62 29.89
CA THR A 213 -4.22 64.64 30.38
C THR A 213 -5.23 65.32 31.31
N TYR A 214 -4.75 66.24 32.16
CA TYR A 214 -5.61 66.88 33.14
C TYR A 214 -6.77 67.62 32.48
N HIS A 215 -6.46 68.53 31.55
CA HIS A 215 -7.52 69.22 30.83
C HIS A 215 -8.28 68.31 29.86
N GLU A 216 -7.74 67.14 29.52
CA GLU A 216 -8.44 66.22 28.64
C GLU A 216 -9.27 65.21 29.43
N TYR A 217 -8.74 64.76 30.58
CA TYR A 217 -9.55 63.93 31.48
C TYR A 217 -10.76 64.71 31.99
N LEU A 218 -10.62 66.03 32.17
CA LEU A 218 -11.75 66.87 32.56
C LEU A 218 -12.73 67.05 31.41
N ASN A 219 -12.24 67.52 30.25
CA ASN A 219 -13.08 67.78 29.09
C ASN A 219 -13.89 66.56 28.66
N GLN A 220 -13.57 65.38 29.19
CA GLN A 220 -14.45 64.24 29.02
C GLN A 220 -15.64 64.30 29.98
N THR A 221 -15.38 64.67 31.24
CA THR A 221 -16.46 64.88 32.21
C THR A 221 -17.45 65.94 31.75
N HIS A 222 -17.03 66.86 30.88
CA HIS A 222 -17.91 67.87 30.31
C HIS A 222 -18.65 67.37 29.08
N GLU A 223 -18.06 66.44 28.33
CA GLU A 223 -18.74 65.79 27.22
C GLU A 223 -19.58 64.59 27.63
N MET A 224 -19.28 63.95 28.77
CA MET A 224 -20.10 62.84 29.22
C MET A 224 -21.40 63.27 29.88
N LYS A 225 -21.39 64.32 30.71
CA LYS A 225 -22.64 64.80 31.27
C LYS A 225 -23.46 65.62 30.29
N THR A 226 -22.94 65.84 29.08
CA THR A 226 -23.72 66.43 28.01
C THR A 226 -24.50 65.38 27.25
N LYS A 227 -23.89 64.22 26.99
CA LYS A 227 -24.52 63.19 26.18
C LYS A 227 -25.28 62.16 27.03
N VAL A 228 -25.43 62.40 28.32
CA VAL A 228 -26.35 61.63 29.16
C VAL A 228 -27.67 62.36 29.33
N ALA A 229 -27.62 63.68 29.44
CA ALA A 229 -28.81 64.51 29.58
C ALA A 229 -29.30 65.10 28.27
N ASN A 230 -28.67 64.74 27.15
CA ASN A 230 -29.21 65.12 25.85
C ASN A 230 -30.19 64.09 25.29
N ASN A 231 -30.17 62.85 25.81
CA ASN A 231 -31.04 61.79 25.31
C ASN A 231 -31.99 61.32 26.41
N LEU A 232 -32.24 62.17 27.40
CA LEU A 232 -33.22 61.87 28.43
C LEU A 232 -34.59 61.90 27.77
N THR A 233 -35.15 60.73 27.52
CA THR A 233 -36.47 60.61 26.94
C THR A 233 -37.41 60.06 27.99
N ASN A 234 -38.70 59.96 27.63
CA ASN A 234 -39.61 59.30 28.56
C ASN A 234 -39.32 57.82 28.63
N GLU A 235 -38.31 57.35 27.88
CA GLU A 235 -37.83 55.98 27.96
C GLU A 235 -36.67 55.86 28.94
N PHE A 236 -35.82 56.87 29.04
CA PHE A 236 -34.84 56.89 30.14
C PHE A 236 -35.53 57.04 31.48
N ASP A 237 -36.65 57.76 31.53
CA ASP A 237 -37.38 57.99 32.78
C ASP A 237 -37.78 56.69 33.47
N LEU A 238 -37.86 55.57 32.74
CA LEU A 238 -38.21 54.29 33.33
C LEU A 238 -37.23 53.16 33.03
N VAL A 239 -36.18 53.40 32.24
CA VAL A 239 -35.18 52.37 32.01
C VAL A 239 -34.20 52.26 33.19
N CYS A 240 -33.82 53.40 33.77
CA CYS A 240 -32.95 53.34 34.94
C CYS A 240 -33.71 52.99 36.21
N GLU A 241 -35.01 53.29 36.27
CA GLU A 241 -35.86 52.77 37.32
C GLU A 241 -35.94 51.24 37.30
N PHE A 242 -35.47 50.60 36.22
CA PHE A 242 -35.42 49.14 36.18
C PHE A 242 -34.25 48.59 36.98
N ALA A 243 -33.09 49.24 36.94
CA ALA A 243 -31.93 48.74 37.66
C ALA A 243 -31.94 49.06 39.15
N GLU A 244 -32.72 50.07 39.58
CA GLU A 244 -32.80 50.38 41.00
C GLU A 244 -33.45 49.24 41.78
N VAL A 245 -34.59 48.76 41.29
CA VAL A 245 -35.29 47.65 41.92
C VAL A 245 -34.69 46.32 41.49
N LEU A 246 -33.61 46.37 40.69
CA LEU A 246 -32.86 45.17 40.38
C LEU A 246 -31.73 44.91 41.37
N GLU A 247 -31.11 45.97 41.90
CA GLU A 247 -29.97 45.77 42.80
C GLU A 247 -30.42 45.45 44.22
N GLU A 248 -31.58 45.97 44.65
CA GLU A 248 -32.11 45.59 45.95
C GLU A 248 -32.46 44.11 45.98
N LYS A 249 -33.06 43.60 44.90
CA LYS A 249 -33.36 42.17 44.81
C LYS A 249 -32.15 41.34 44.41
N ASN A 250 -30.96 41.95 44.38
CA ASN A 250 -29.71 41.27 44.10
C ASN A 250 -29.71 40.69 42.68
N TYR A 251 -29.87 41.59 41.71
CA TYR A 251 -29.80 41.21 40.30
C TYR A 251 -29.36 42.44 39.49
N GLY A 252 -29.15 42.21 38.20
CA GLY A 252 -28.70 43.26 37.30
C GLY A 252 -29.39 43.17 35.95
N LEU A 253 -28.88 43.89 34.95
CA LEU A 253 -29.51 43.97 33.65
C LEU A 253 -28.44 43.96 32.56
N GLY A 254 -28.67 43.18 31.50
CA GLY A 254 -27.72 43.08 30.41
C GLY A 254 -28.28 43.62 29.10
N TRP A 255 -27.68 43.26 27.97
CA TRP A 255 -28.16 43.79 26.68
C TRP A 255 -29.12 42.83 25.97
N TYR A 256 -28.69 41.59 25.73
CA TYR A 256 -29.50 40.66 24.96
C TYR A 256 -30.59 40.04 25.84
N VAL A 257 -30.54 40.35 27.15
CA VAL A 257 -31.60 40.04 28.10
C VAL A 257 -32.87 40.80 27.78
N LEU A 258 -32.79 41.80 26.90
CA LEU A 258 -33.86 42.77 26.72
C LEU A 258 -34.98 42.29 25.81
N TRP A 259 -34.67 41.51 24.77
CA TRP A 259 -35.63 41.28 23.70
C TRP A 259 -36.61 40.15 23.97
N GLN A 260 -36.32 39.23 24.90
CA GLN A 260 -37.22 38.14 25.23
C GLN A 260 -38.11 38.43 26.43
N GLY A 261 -38.21 39.68 26.85
CA GLY A 261 -39.05 40.01 27.99
C GLY A 261 -40.45 40.45 27.61
N VAL A 262 -40.56 41.29 26.59
CA VAL A 262 -41.88 41.71 26.12
C VAL A 262 -42.56 40.66 25.25
N LYS A 263 -41.81 39.88 24.47
CA LYS A 263 -42.42 38.85 23.62
C LYS A 263 -43.07 37.74 24.43
N GLN A 264 -42.60 37.50 25.66
CA GLN A 264 -43.22 36.53 26.54
C GLN A 264 -44.22 37.16 27.50
N ALA A 265 -44.25 38.49 27.58
CA ALA A 265 -45.18 39.24 28.41
C ALA A 265 -46.31 39.88 27.61
N LEU A 266 -46.27 39.75 26.27
CA LEU A 266 -47.32 40.24 25.39
C LEU A 266 -48.28 39.14 24.97
N LYS A 267 -47.95 37.89 25.30
CA LYS A 267 -48.85 36.75 25.17
C LYS A 267 -48.74 36.02 26.50
N GLU A 268 -49.87 35.52 27.00
CA GLU A 268 -49.93 35.14 28.36
C GLU A 268 -48.94 33.95 28.22
N GLN A 269 -47.85 34.01 28.97
CA GLN A 269 -46.90 32.94 28.97
C GLN A 269 -46.93 32.71 30.52
N LYS A 270 -47.40 31.55 30.97
CA LYS A 270 -47.38 31.20 32.39
C LYS A 270 -46.12 30.43 32.77
N LYS A 271 -45.25 30.13 31.81
CA LYS A 271 -43.99 29.46 32.08
C LYS A 271 -42.83 30.43 31.88
N PRO A 272 -42.23 30.93 32.96
CA PRO A 272 -41.17 31.93 32.85
C PRO A 272 -39.94 31.43 32.08
N THR A 273 -39.13 32.40 31.66
CA THR A 273 -37.82 32.22 31.05
C THR A 273 -36.78 32.85 31.98
N LYS A 274 -35.54 32.92 31.51
CA LYS A 274 -34.42 33.31 32.36
C LYS A 274 -34.58 34.69 32.97
N ILE A 275 -35.50 35.51 32.46
CA ILE A 275 -35.65 36.89 32.89
C ILE A 275 -36.98 37.15 33.58
N GLN A 276 -37.50 36.16 34.31
CA GLN A 276 -38.81 36.33 34.96
C GLN A 276 -38.82 37.48 35.95
N ILE A 277 -37.71 37.74 36.65
CA ILE A 277 -37.68 38.87 37.58
C ILE A 277 -37.93 40.15 36.81
N ALA A 278 -37.56 40.19 35.53
CA ALA A 278 -37.91 41.33 34.71
C ALA A 278 -39.34 41.24 34.21
N VAL A 279 -39.77 40.03 33.82
CA VAL A 279 -41.13 39.87 33.29
C VAL A 279 -42.17 40.13 34.37
N ASP A 280 -41.89 39.72 35.62
CA ASP A 280 -42.81 40.04 36.70
C ASP A 280 -42.79 41.52 37.02
N GLN A 281 -41.64 42.17 36.83
CA GLN A 281 -41.57 43.62 36.86
C GLN A 281 -41.85 44.24 35.49
N LEU A 282 -42.08 43.43 34.46
CA LEU A 282 -42.58 43.92 33.18
C LEU A 282 -44.07 43.66 33.06
N ARG A 283 -44.74 43.30 34.17
CA ARG A 283 -46.18 43.24 34.23
C ARG A 283 -46.76 44.25 35.21
N GLN A 284 -45.92 44.86 36.04
CA GLN A 284 -46.38 45.94 36.90
C GLN A 284 -46.67 47.19 36.07
N PRO A 285 -47.56 48.06 36.54
CA PRO A 285 -47.97 49.21 35.71
C PRO A 285 -46.88 50.23 35.49
N LYS A 286 -45.94 50.40 36.42
CA LYS A 286 -44.91 51.42 36.26
C LYS A 286 -43.88 51.06 35.19
N PHE A 287 -43.81 49.79 34.78
CA PHE A 287 -42.97 49.37 33.67
C PHE A 287 -43.80 48.80 32.52
N ALA A 288 -45.11 49.04 32.54
CA ALA A 288 -45.94 48.78 31.36
C ALA A 288 -45.86 49.89 30.33
N GLY A 289 -45.31 51.05 30.70
CA GLY A 289 -44.94 52.08 29.74
C GLY A 289 -43.69 51.78 28.94
N LEU A 290 -43.04 50.64 29.21
CA LEU A 290 -41.82 50.22 28.53
C LEU A 290 -42.06 49.15 27.46
N LEU A 291 -42.99 48.22 27.71
CA LEU A 291 -43.27 47.17 26.73
C LEU A 291 -43.67 47.73 25.37
N THR A 292 -44.22 48.95 25.34
CA THR A 292 -44.75 49.55 24.13
C THR A 292 -43.77 50.52 23.46
N ALA A 293 -42.48 50.37 23.72
CA ALA A 293 -41.50 51.27 23.13
C ALA A 293 -41.11 50.77 21.74
N LYS A 294 -40.46 51.65 20.97
CA LYS A 294 -40.27 51.42 19.55
C LYS A 294 -39.03 50.57 19.25
N TRP A 295 -38.74 50.44 17.96
CA TRP A 295 -37.69 49.58 17.43
C TRP A 295 -36.29 50.11 17.72
N ARG A 296 -35.96 51.29 17.18
CA ARG A 296 -34.60 51.80 17.23
C ARG A 296 -34.40 52.83 18.34
N ALA A 297 -35.48 53.47 18.78
CA ALA A 297 -35.45 54.46 19.85
C ALA A 297 -35.09 53.86 21.21
N LEU A 298 -34.82 52.56 21.29
CA LEU A 298 -34.34 51.97 22.53
C LEU A 298 -32.87 51.56 22.48
N LYS A 299 -32.26 51.51 21.30
CA LYS A 299 -30.81 51.37 21.27
C LYS A 299 -30.13 52.66 21.68
N GLY A 300 -30.78 53.80 21.43
CA GLY A 300 -30.34 55.12 21.87
C GLY A 300 -30.74 55.51 23.27
N ALA A 301 -31.30 54.57 24.04
CA ALA A 301 -31.51 54.73 25.47
C ALA A 301 -30.82 53.65 26.27
N TYR A 302 -30.26 52.63 25.61
CA TYR A 302 -29.43 51.64 26.28
C TYR A 302 -27.99 52.13 26.43
N ASP A 303 -27.48 52.86 25.44
CA ASP A 303 -26.10 53.33 25.52
C ASP A 303 -25.95 54.44 26.56
N THR A 304 -26.96 55.29 26.71
CA THR A 304 -26.87 56.37 27.69
C THR A 304 -26.80 55.81 29.10
N TRP A 305 -27.60 54.78 29.38
CA TRP A 305 -27.52 54.09 30.65
C TRP A 305 -26.21 53.29 30.76
N LYS A 306 -25.75 52.72 29.64
CA LYS A 306 -24.43 52.12 29.61
C LYS A 306 -23.32 53.17 29.55
N LEU A 307 -23.68 54.44 29.40
CA LEU A 307 -22.75 55.56 29.45
C LEU A 307 -22.84 56.31 30.76
N LYS A 308 -24.04 56.39 31.33
CA LYS A 308 -24.21 57.07 32.61
C LYS A 308 -23.51 56.29 33.72
N LYS A 309 -23.67 54.96 33.74
CA LYS A 309 -23.02 54.13 34.74
C LYS A 309 -21.51 54.14 34.63
N ARG A 310 -20.93 54.71 33.57
CA ARG A 310 -19.49 54.90 33.52
C ARG A 310 -19.10 56.24 34.12
N LEU A 311 -20.04 57.20 34.15
CA LEU A 311 -19.82 58.47 34.82
C LEU A 311 -19.72 58.30 36.33
N GLU A 312 -20.38 57.28 36.88
CA GLU A 312 -20.39 57.09 38.33
C GLU A 312 -19.21 56.27 38.84
N LYS A 313 -18.72 55.30 38.06
CA LYS A 313 -17.52 54.57 38.44
C LYS A 313 -16.24 55.37 38.23
N ARG A 314 -16.26 56.38 37.36
CA ARG A 314 -15.10 57.23 37.14
C ARG A 314 -14.87 58.21 38.29
N LYS A 315 -13.63 58.25 38.79
CA LYS A 315 -13.21 59.24 39.77
C LYS A 315 -13.28 60.65 39.17
N ALA A 316 -13.44 61.63 40.06
CA ALA A 316 -13.57 63.02 39.62
C ALA A 316 -12.26 63.62 39.11
N PHE A 317 -11.11 63.09 39.52
CA PHE A 317 -9.82 63.67 39.17
C PHE A 317 -8.78 62.56 39.05
N PRO A 318 -7.63 62.84 38.42
CA PRO A 318 -6.61 61.78 38.24
C PRO A 318 -6.02 61.32 39.57
N TYR A 319 -5.37 60.17 39.53
CA TYR A 319 -4.61 59.75 40.69
C TYR A 319 -3.39 60.65 40.88
N MET A 320 -2.67 60.40 41.94
CA MET A 320 -1.35 60.99 42.08
C MET A 320 -0.35 60.11 41.33
N PRO A 321 0.46 60.68 40.44
CA PRO A 321 1.50 59.89 39.77
C PRO A 321 2.58 59.42 40.74
N ASN A 322 2.92 58.13 40.66
CA ASN A 322 4.00 57.59 41.47
C ASN A 322 5.32 57.84 40.74
N TRP A 323 6.25 58.51 41.40
CA TRP A 323 7.49 58.95 40.76
C TRP A 323 8.70 58.11 41.16
N ASP A 324 8.54 57.12 42.03
CA ASP A 324 9.69 56.40 42.56
C ASP A 324 10.40 55.58 41.47
N ASN A 325 9.64 55.09 40.49
CA ASN A 325 10.23 54.22 39.48
C ASN A 325 11.17 55.02 38.57
N ASP A 326 12.33 54.42 38.29
CA ASP A 326 13.37 55.07 37.50
C ASP A 326 12.88 55.44 36.11
N TYR A 327 13.20 56.66 35.68
CA TYR A 327 12.86 57.16 34.37
C TYR A 327 14.05 57.05 33.42
N GLN A 328 13.74 57.02 32.12
CA GLN A 328 14.73 56.91 31.06
C GLN A 328 15.42 58.26 30.87
N ILE A 329 16.63 58.40 31.41
CA ILE A 329 17.40 59.64 31.35
C ILE A 329 18.00 59.88 29.97
N PRO A 330 17.60 60.93 29.26
CA PRO A 330 18.24 61.24 27.98
C PRO A 330 19.36 62.28 28.11
N VAL A 331 20.37 62.09 27.27
CA VAL A 331 21.50 63.02 27.15
C VAL A 331 21.77 63.21 25.67
N GLY A 332 21.94 64.46 25.26
CA GLY A 332 22.08 64.85 23.86
C GLY A 332 23.37 65.58 23.59
N LEU A 333 23.80 65.65 22.34
CA LEU A 333 25.07 66.29 21.99
C LEU A 333 25.03 67.77 22.32
N THR A 334 24.29 68.55 21.54
CA THR A 334 24.37 69.99 21.62
C THR A 334 23.41 70.54 22.67
N GLY A 335 23.95 71.32 23.59
CA GLY A 335 23.25 72.00 24.68
C GLY A 335 23.03 71.30 26.00
N LEU A 336 22.61 70.03 25.97
CA LEU A 336 22.46 69.27 27.21
C LEU A 336 23.30 68.53 28.24
N GLY A 337 24.20 67.68 27.75
CA GLY A 337 25.07 66.92 28.61
C GLY A 337 25.98 66.74 27.40
N VAL A 338 27.19 66.26 27.68
CA VAL A 338 28.18 66.01 26.65
C VAL A 338 28.64 64.57 26.77
N PHE A 339 28.78 63.89 25.63
CA PHE A 339 29.25 62.53 25.61
C PHE A 339 29.97 62.27 24.30
N THR A 340 30.93 61.36 24.35
CA THR A 340 31.58 60.79 23.19
C THR A 340 31.42 59.28 23.25
N LEU A 341 31.83 58.61 22.17
CA LEU A 341 31.48 57.20 22.05
C LEU A 341 32.48 56.52 21.11
N GLU A 342 32.79 55.27 21.43
CA GLU A 342 33.70 54.48 20.60
C GLU A 342 33.29 53.01 20.65
N VAL A 343 33.91 52.23 19.77
CA VAL A 343 33.74 50.78 19.67
C VAL A 343 35.12 50.19 19.92
N LYS A 344 35.30 49.58 21.09
CA LYS A 344 36.61 49.19 21.61
C LYS A 344 36.68 47.67 21.61
N ARG A 345 37.42 47.12 20.64
CA ARG A 345 37.57 45.66 20.50
C ARG A 345 36.21 45.02 20.22
N THR A 346 35.44 45.69 19.35
CA THR A 346 34.03 45.40 19.07
C THR A 346 33.19 45.42 20.35
N GLU A 347 33.69 46.07 21.39
CA GLU A 347 32.92 46.29 22.61
C GLU A 347 32.73 47.80 22.81
N VAL A 348 31.48 48.22 22.98
CA VAL A 348 31.12 49.64 23.03
C VAL A 348 31.52 50.36 24.30
N VAL A 349 31.99 51.60 24.15
CA VAL A 349 32.40 52.41 25.29
C VAL A 349 31.74 53.76 25.20
N VAL A 350 31.31 54.28 26.33
CA VAL A 350 30.71 55.59 26.40
C VAL A 350 31.50 56.44 27.37
N ASP A 351 31.82 57.66 26.96
CA ASP A 351 32.59 58.57 27.81
C ASP A 351 31.81 59.85 28.10
N LEU A 352 31.67 60.21 29.37
CA LEU A 352 31.03 61.46 29.75
C LEU A 352 32.10 62.32 30.44
N LYS A 353 32.36 63.50 29.89
CA LYS A 353 33.62 64.16 30.20
C LYS A 353 33.85 64.58 31.64
N GLU A 354 32.89 65.22 32.28
CA GLU A 354 33.07 65.58 33.69
C GLU A 354 33.05 64.38 34.63
N HIS A 355 32.16 63.44 34.34
CA HIS A 355 31.78 62.38 35.26
C HIS A 355 32.21 60.95 34.92
N GLY A 356 33.27 60.79 34.13
CA GLY A 356 33.83 59.46 33.93
C GLY A 356 33.18 58.66 32.82
N LYS A 357 33.59 57.40 32.69
CA LYS A 357 33.24 56.56 31.54
C LYS A 357 32.45 55.31 31.87
N LEU A 358 31.41 55.05 31.08
CA LEU A 358 30.64 53.82 31.11
C LEU A 358 31.37 52.75 30.33
N PHE A 359 30.88 51.52 30.39
CA PHE A 359 31.41 50.43 29.56
C PHE A 359 30.27 49.63 28.93
N CYS A 360 30.51 48.93 27.84
CA CYS A 360 29.41 48.27 27.13
C CYS A 360 29.76 46.98 26.39
N SER A 361 28.72 46.23 25.97
CA SER A 361 28.93 44.90 25.39
C SER A 361 28.69 44.89 23.87
N HIS A 362 29.24 43.89 23.19
CA HIS A 362 28.99 43.66 21.77
C HIS A 362 27.56 43.11 21.66
N SER A 363 26.84 43.65 20.66
CA SER A 363 25.41 43.46 20.43
C SER A 363 25.17 42.75 19.11
N HIS A 364 24.08 41.98 19.07
CA HIS A 364 23.71 41.27 17.85
C HIS A 364 22.85 42.12 16.91
N TYR A 365 21.98 42.98 17.46
CA TYR A 365 21.16 43.81 16.59
C TYR A 365 22.01 44.72 15.73
N PHE A 366 23.08 45.27 16.30
CA PHE A 366 24.06 46.10 15.60
C PHE A 366 25.14 45.04 15.51
N GLY A 367 25.29 44.49 14.31
CA GLY A 367 26.08 43.25 14.15
C GLY A 367 27.39 43.71 13.54
N ASP A 368 27.34 44.61 12.56
CA ASP A 368 28.58 45.03 11.93
C ASP A 368 28.28 46.54 11.94
N LEU A 369 28.49 47.12 13.12
CA LEU A 369 28.21 48.52 13.39
C LEU A 369 29.50 49.29 13.15
N THR A 370 29.37 50.52 12.63
CA THR A 370 30.48 51.44 12.42
C THR A 370 30.06 52.84 12.87
N ALA A 371 31.05 53.65 13.25
CA ALA A 371 30.76 55.00 13.69
C ALA A 371 31.74 55.99 13.07
N GLU A 372 31.23 57.15 12.65
CA GLU A 372 32.05 58.27 12.19
C GLU A 372 31.37 59.56 12.65
N LYS A 373 32.11 60.40 13.39
CA LYS A 373 31.49 61.61 13.93
C LYS A 373 31.49 62.73 12.90
N HIS A 374 30.35 63.40 12.77
CA HIS A 374 30.18 64.65 12.06
C HIS A 374 29.77 65.74 13.07
N PRO A 375 30.01 67.01 12.77
CA PRO A 375 29.93 68.04 13.83
C PRO A 375 28.60 68.12 14.55
N SER A 376 27.50 67.71 13.93
CA SER A 376 26.21 67.75 14.60
C SER A 376 25.60 66.38 14.87
N ARG A 377 26.06 65.34 14.17
CA ARG A 377 25.39 64.05 14.18
C ARG A 377 26.42 62.94 14.14
N TYR A 378 26.04 61.76 14.64
CA TYR A 378 26.80 60.53 14.46
C TYR A 378 26.20 59.69 13.35
N HIS A 379 27.07 59.23 12.45
CA HIS A 379 26.65 58.47 11.29
C HIS A 379 26.94 57.00 11.54
N LEU A 380 25.90 56.17 11.46
CA LEU A 380 26.03 54.75 11.76
C LEU A 380 25.76 53.95 10.51
N LYS A 381 26.44 52.82 10.41
CA LYS A 381 26.31 51.92 9.28
C LYS A 381 26.46 50.51 9.84
N PHE A 382 25.43 49.69 9.67
CA PHE A 382 25.35 48.41 10.35
C PHE A 382 24.27 47.57 9.70
N ARG A 383 24.18 46.32 10.13
CA ARG A 383 23.19 45.39 9.61
C ARG A 383 22.78 44.44 10.72
N HIS A 384 21.72 43.69 10.45
CA HIS A 384 21.19 42.72 11.40
C HIS A 384 21.72 41.33 11.05
N LYS A 385 22.44 40.72 11.98
CA LYS A 385 22.84 39.33 11.90
C LYS A 385 21.89 38.47 12.73
N LEU A 386 22.14 37.17 12.73
CA LEU A 386 21.36 36.22 13.52
C LEU A 386 22.01 36.10 14.89
N LYS A 387 21.51 35.19 15.72
CA LYS A 387 22.07 34.93 17.04
C LYS A 387 22.70 33.55 16.98
N LEU A 388 24.00 33.47 17.26
CA LEU A 388 24.81 32.29 16.94
C LEU A 388 25.08 31.43 18.18
N ARG A 389 24.23 30.41 18.35
CA ARG A 389 24.36 29.45 19.45
C ARG A 389 25.25 28.26 19.12
N LYS A 390 25.05 27.65 17.94
CA LYS A 390 25.82 26.49 17.52
C LYS A 390 27.10 26.89 16.80
N ARG A 391 28.21 26.23 17.15
CA ARG A 391 29.50 26.45 16.49
C ARG A 391 29.91 25.73 15.20
N ASP A 392 29.41 24.50 15.01
CA ASP A 392 29.73 23.65 13.86
C ASP A 392 28.39 23.34 13.21
N SER A 393 27.45 24.28 13.19
CA SER A 393 26.18 24.09 12.49
C SER A 393 26.42 24.55 11.06
N ARG A 394 25.80 23.84 10.10
CA ARG A 394 25.91 24.20 8.71
C ARG A 394 25.16 25.51 8.39
N VAL A 395 24.52 26.03 9.44
CA VAL A 395 23.60 27.16 9.37
C VAL A 395 24.10 28.59 9.28
N GLU A 396 24.05 29.17 8.09
CA GLU A 396 24.53 30.53 7.90
C GLU A 396 23.73 31.53 8.72
N PRO A 397 24.38 32.54 9.31
CA PRO A 397 23.69 33.56 10.11
C PRO A 397 23.01 34.57 9.18
N THR A 398 21.70 34.70 9.30
CA THR A 398 20.94 35.60 8.44
C THR A 398 21.54 37.00 8.43
N ILE A 399 21.84 37.49 7.23
CA ILE A 399 22.46 38.80 7.05
C ILE A 399 21.37 39.79 6.70
N GLY A 400 21.31 40.89 7.45
CA GLY A 400 20.48 42.00 7.08
C GLY A 400 21.18 42.94 6.11
N PRO A 401 20.43 43.87 5.54
CA PRO A 401 21.05 44.89 4.69
C PRO A 401 21.72 45.98 5.53
N TRP A 402 22.63 46.71 4.89
CA TRP A 402 23.28 47.83 5.56
C TRP A 402 22.28 48.96 5.78
N ILE A 403 22.45 49.66 6.90
CA ILE A 403 21.61 50.79 7.26
C ILE A 403 22.46 52.05 7.39
N GLU A 404 22.12 53.08 6.63
CA GLU A 404 22.74 54.38 6.75
C GLU A 404 21.78 55.27 7.52
N ALA A 405 22.27 55.90 8.58
CA ALA A 405 21.39 56.57 9.52
C ALA A 405 22.15 57.68 10.23
N ALA A 406 21.46 58.34 11.15
CA ALA A 406 22.03 59.41 11.97
C ALA A 406 21.59 59.22 13.40
N LEU A 407 22.47 59.57 14.35
CA LEU A 407 22.21 59.39 15.77
C LEU A 407 22.75 60.61 16.52
N ARG A 408 21.93 61.20 17.40
CA ARG A 408 22.32 62.43 18.07
C ARG A 408 22.20 62.42 19.60
N GLU A 409 21.64 61.38 20.21
CA GLU A 409 21.56 61.33 21.68
C GLU A 409 21.37 59.89 22.12
N ILE A 410 21.43 59.68 23.45
CA ILE A 410 21.42 58.37 24.07
C ILE A 410 20.52 58.35 25.30
N THR A 411 20.02 57.16 25.64
CA THR A 411 19.13 56.96 26.79
C THR A 411 19.75 55.95 27.77
N ILE A 412 19.42 56.10 29.06
CA ILE A 412 19.96 55.26 30.13
C ILE A 412 18.82 54.86 31.07
N GLN A 413 18.83 53.60 31.55
CA GLN A 413 17.84 53.16 32.52
C GLN A 413 18.35 52.01 33.37
N LYS A 414 17.99 52.03 34.65
CA LYS A 414 18.06 50.87 35.53
C LYS A 414 16.78 50.05 35.45
N LYS A 415 16.95 48.73 35.41
CA LYS A 415 15.83 47.79 35.43
C LYS A 415 15.63 47.29 36.86
N PRO A 416 14.49 46.69 37.19
CA PRO A 416 14.27 46.25 38.58
C PRO A 416 15.29 45.22 39.06
N ASN A 417 15.99 44.54 38.14
CA ASN A 417 16.99 43.55 38.52
C ASN A 417 18.31 44.17 38.95
N GLY A 418 18.47 45.48 38.80
CA GLY A 418 19.71 46.13 39.17
C GLY A 418 20.69 46.32 38.03
N VAL A 419 20.26 46.11 36.80
CA VAL A 419 21.13 46.25 35.63
C VAL A 419 20.88 47.61 34.98
N PHE A 420 21.94 48.21 34.48
CA PHE A 420 21.89 49.45 33.73
C PHE A 420 21.92 49.09 32.25
N TYR A 421 20.96 49.61 31.50
CA TYR A 421 20.96 49.43 30.05
C TYR A 421 21.32 50.73 29.37
N LEU A 422 21.51 50.67 28.07
CA LEU A 422 21.79 51.86 27.27
C LEU A 422 21.00 51.76 25.99
N GLY A 423 20.34 52.85 25.62
CA GLY A 423 19.53 52.86 24.43
C GLY A 423 20.13 53.73 23.35
N LEU A 424 19.73 53.50 22.11
CA LEU A 424 20.20 54.28 20.97
C LEU A 424 18.99 54.75 20.18
N PRO A 425 18.46 55.94 20.49
CA PRO A 425 17.37 56.48 19.68
C PRO A 425 17.91 56.99 18.37
N TYR A 426 17.74 56.24 17.30
CA TYR A 426 18.34 56.58 16.03
C TYR A 426 17.29 57.07 15.04
N ALA A 427 17.77 57.83 14.06
CA ALA A 427 16.92 58.42 13.03
C ALA A 427 17.33 57.86 11.68
N LEU A 428 16.34 57.70 10.81
CA LEU A 428 16.52 57.04 9.52
C LEU A 428 16.26 58.05 8.42
N SER A 429 17.28 58.30 7.60
CA SER A 429 17.10 59.16 6.43
C SER A 429 16.34 58.36 5.37
N HIS A 430 15.05 58.66 5.21
CA HIS A 430 14.19 57.98 4.27
C HIS A 430 13.31 58.98 3.56
N GLY A 431 12.86 58.59 2.36
CA GLY A 431 12.01 59.48 1.57
C GLY A 431 10.72 59.79 2.28
N ILE A 432 10.36 61.07 2.31
CA ILE A 432 9.09 61.49 2.91
C ILE A 432 7.94 61.39 1.92
N ASP A 433 8.24 61.23 0.62
CA ASP A 433 7.19 61.26 -0.40
C ASP A 433 6.12 60.22 -0.11
N ASN A 434 6.53 59.01 0.29
CA ASN A 434 5.56 57.94 0.53
C ASN A 434 4.66 58.27 1.72
N PHE A 435 5.24 58.82 2.80
CA PHE A 435 4.41 59.29 3.90
C PHE A 435 3.61 60.52 3.49
N GLN A 436 4.24 61.42 2.74
CA GLN A 436 3.57 62.66 2.33
C GLN A 436 2.34 62.36 1.50
N ILE A 437 2.43 61.39 0.58
CA ILE A 437 1.26 60.94 -0.17
C ILE A 437 0.29 60.15 0.71
N ALA A 438 0.81 59.44 1.72
CA ALA A 438 -0.05 58.57 2.53
C ALA A 438 -1.15 59.35 3.25
N LYS A 439 -0.78 60.39 3.98
CA LYS A 439 -1.77 61.13 4.76
C LYS A 439 -2.66 61.99 3.86
N ARG A 440 -2.04 62.75 2.96
CA ARG A 440 -2.74 63.81 2.25
C ARG A 440 -3.60 63.28 1.10
N PHE A 441 -3.21 62.16 0.49
CA PHE A 441 -3.93 61.70 -0.69
C PHE A 441 -4.91 60.54 -0.55
N PHE A 442 -4.59 59.55 0.29
CA PHE A 442 -5.35 58.30 0.29
C PHE A 442 -6.25 58.36 1.52
N SER A 443 -5.77 58.93 2.63
CA SER A 443 -6.51 58.93 3.88
C SER A 443 -7.82 59.73 3.81
N ALA A 444 -7.79 60.87 3.12
CA ALA A 444 -8.85 61.87 3.22
C ALA A 444 -9.71 61.84 1.96
N ALA A 445 -10.84 62.55 2.03
CA ALA A 445 -11.82 62.46 0.96
C ALA A 445 -11.36 63.22 -0.27
N LYS A 446 -11.05 64.50 -0.16
CA LYS A 446 -10.60 65.29 -1.31
C LYS A 446 -9.34 66.08 -0.97
N PRO A 447 -8.21 65.76 -1.58
CA PRO A 447 -7.03 66.62 -1.43
C PRO A 447 -7.03 67.76 -2.43
N ASP A 448 -6.44 68.89 -2.02
CA ASP A 448 -6.28 70.03 -2.92
C ASP A 448 -5.62 69.59 -4.23
N LYS A 449 -5.92 70.32 -5.30
CA LYS A 449 -5.43 69.93 -6.61
C LYS A 449 -3.92 70.14 -6.75
N GLU A 450 -3.33 71.05 -5.97
CA GLU A 450 -1.88 71.17 -5.96
C GLU A 450 -1.21 70.00 -5.23
N VAL A 451 -1.99 69.17 -4.55
CA VAL A 451 -1.47 68.00 -3.87
C VAL A 451 -1.61 66.76 -4.74
N ILE A 452 -2.72 66.69 -5.48
CA ILE A 452 -2.98 65.58 -6.38
C ILE A 452 -1.90 65.52 -7.44
N ASN A 453 -1.40 66.68 -7.87
CA ASN A 453 -0.36 66.78 -8.89
C ASN A 453 1.03 66.48 -8.33
N GLY A 454 1.11 65.94 -7.11
CA GLY A 454 2.35 65.55 -6.48
C GLY A 454 2.70 64.08 -6.65
N LEU A 455 2.15 63.45 -7.68
CA LEU A 455 2.31 62.03 -7.91
C LEU A 455 3.17 61.75 -9.13
N PRO A 456 4.11 60.84 -9.05
CA PRO A 456 4.73 60.32 -10.27
C PRO A 456 3.71 59.54 -11.07
N SER A 457 4.12 59.10 -12.26
CA SER A 457 3.17 58.42 -13.15
C SER A 457 2.65 57.12 -12.54
N GLU A 458 3.55 56.24 -12.08
CA GLU A 458 3.18 54.92 -11.61
C GLU A 458 3.77 54.65 -10.23
N MET A 459 3.00 53.92 -9.42
CA MET A 459 3.41 53.51 -8.07
C MET A 459 2.66 52.23 -7.69
N VAL A 460 3.07 51.63 -6.58
CA VAL A 460 2.64 50.29 -6.19
C VAL A 460 1.92 50.35 -4.85
N VAL A 461 0.89 49.52 -4.71
CA VAL A 461 0.06 49.46 -3.52
C VAL A 461 0.02 48.03 -3.01
N GLY A 462 -0.77 47.82 -1.96
CA GLY A 462 -0.99 46.48 -1.43
C GLY A 462 -2.03 46.52 -0.33
N ALA A 463 -2.45 45.34 0.09
CA ALA A 463 -3.45 45.17 1.14
C ALA A 463 -3.54 43.70 1.48
N ALA A 464 -4.34 43.39 2.50
CA ALA A 464 -4.60 42.01 2.93
C ALA A 464 -5.77 42.02 3.90
N ASP A 465 -6.35 40.83 4.11
CA ASP A 465 -7.38 40.64 5.12
C ASP A 465 -6.82 39.68 6.17
N LEU A 466 -7.00 40.06 7.43
CA LEU A 466 -6.49 39.30 8.57
C LEU A 466 -7.62 38.95 9.53
N ASN A 467 -7.89 37.65 9.66
CA ASN A 467 -8.73 37.05 10.69
C ASN A 467 -7.91 35.92 11.31
N LEU A 468 -8.49 35.26 12.32
CA LEU A 468 -7.75 34.25 13.08
C LEU A 468 -7.42 33.04 12.22
N SER A 469 -8.03 32.91 11.05
CA SER A 469 -7.76 31.80 10.14
C SER A 469 -6.59 31.37 9.27
N ASN A 470 -6.18 32.18 8.31
CA ASN A 470 -4.92 31.87 7.61
C ASN A 470 -4.83 33.40 7.45
N ILE A 471 -3.82 33.97 8.11
CA ILE A 471 -3.87 35.37 8.54
C ILE A 471 -3.69 36.34 7.37
N VAL A 472 -2.72 36.09 6.49
CA VAL A 472 -2.30 37.12 5.52
C VAL A 472 -2.62 36.65 4.11
N ALA A 473 -3.43 37.45 3.41
CA ALA A 473 -3.75 37.23 1.99
C ALA A 473 -3.50 38.54 1.27
N PRO A 474 -2.30 38.75 0.76
CA PRO A 474 -1.96 40.03 0.11
C PRO A 474 -2.32 40.07 -1.37
N VAL A 475 -2.29 41.28 -1.92
CA VAL A 475 -2.43 41.52 -3.35
C VAL A 475 -1.61 42.75 -3.73
N LYS A 476 -0.62 42.57 -4.60
CA LYS A 476 0.13 43.68 -5.15
C LYS A 476 -0.48 44.12 -6.47
N ALA A 477 -0.34 45.41 -6.77
CA ALA A 477 -1.01 45.97 -7.92
C ALA A 477 -0.18 47.12 -8.49
N ARG A 478 -0.60 47.59 -9.65
CA ARG A 478 0.03 48.70 -10.36
C ARG A 478 -1.07 49.68 -10.76
N ILE A 479 -0.90 50.96 -10.41
CA ILE A 479 -1.88 52.01 -10.73
C ILE A 479 -1.23 53.00 -11.70
N GLY A 480 -1.99 53.39 -12.73
CA GLY A 480 -1.44 54.28 -13.75
C GLY A 480 -2.39 55.29 -14.37
N LYS A 481 -1.93 56.53 -14.55
CA LYS A 481 -2.62 57.48 -15.42
C LYS A 481 -2.68 56.95 -16.85
N GLY A 482 -1.52 56.56 -17.39
CA GLY A 482 -1.45 56.08 -18.76
C GLY A 482 -2.06 54.71 -18.94
N LEU A 483 -1.66 53.75 -18.13
CA LEU A 483 -2.16 52.39 -18.18
C LEU A 483 -3.64 52.33 -17.82
N GLU A 484 -4.42 51.65 -18.66
CA GLU A 484 -5.83 51.38 -18.42
C GLU A 484 -5.99 49.96 -17.87
N GLY A 485 -7.05 49.74 -17.10
CA GLY A 485 -7.22 48.46 -16.43
C GLY A 485 -8.54 48.26 -15.72
N PRO A 486 -8.62 47.21 -14.89
CA PRO A 486 -9.91 46.81 -14.33
C PRO A 486 -10.30 47.39 -12.97
N LEU A 487 -9.42 48.10 -12.28
CA LEU A 487 -9.75 48.69 -10.99
C LEU A 487 -9.69 50.20 -11.10
N HIS A 488 -10.70 50.88 -10.56
CA HIS A 488 -10.80 52.33 -10.65
C HIS A 488 -10.31 52.97 -9.37
N ALA A 489 -9.33 53.87 -9.50
CA ALA A 489 -8.77 54.60 -8.39
C ALA A 489 -9.14 56.07 -8.54
N LEU A 490 -9.62 56.67 -7.46
CA LEU A 490 -10.05 58.04 -7.53
C LEU A 490 -8.90 59.00 -7.75
N ASP A 491 -9.01 59.79 -8.81
CA ASP A 491 -8.12 60.94 -9.06
C ASP A 491 -6.73 60.55 -9.50
N TYR A 492 -6.46 59.25 -9.66
CA TYR A 492 -5.16 58.85 -10.15
C TYR A 492 -5.35 58.09 -11.50
N GLY A 493 -6.45 57.36 -11.63
CA GLY A 493 -6.71 56.59 -12.83
C GLY A 493 -6.95 55.12 -12.59
N TYR A 494 -6.77 54.34 -13.65
CA TYR A 494 -6.99 52.91 -13.61
C TYR A 494 -5.70 52.18 -13.26
N GLY A 495 -5.84 50.95 -12.78
CA GLY A 495 -4.70 50.13 -12.45
C GLY A 495 -4.92 48.68 -12.81
N GLU A 496 -3.81 48.01 -13.09
CA GLU A 496 -3.80 46.60 -13.49
C GLU A 496 -2.81 45.84 -12.61
N LEU A 497 -3.18 44.60 -12.26
CA LEU A 497 -2.50 43.80 -11.26
C LEU A 497 -1.36 42.83 -11.55
N ILE A 498 -0.23 43.11 -10.89
CA ILE A 498 0.97 42.28 -10.93
C ILE A 498 0.85 40.88 -10.31
N ASP A 499 0.59 40.81 -9.00
CA ASP A 499 0.47 39.52 -8.32
C ASP A 499 -0.79 39.46 -7.46
N GLY A 500 -0.99 38.37 -6.73
CA GLY A 500 -2.09 38.23 -5.80
C GLY A 500 -3.45 38.26 -6.47
N PRO A 501 -4.52 38.10 -5.68
CA PRO A 501 -4.43 37.85 -4.23
C PRO A 501 -4.28 36.38 -3.89
N LYS A 502 -3.35 36.05 -3.00
CA LYS A 502 -3.18 34.68 -2.53
C LYS A 502 -3.00 34.69 -1.01
N ILE A 503 -3.38 33.59 -0.39
CA ILE A 503 -3.06 33.35 1.01
C ILE A 503 -1.59 32.95 1.11
N LEU A 504 -0.88 33.51 2.09
CA LEU A 504 0.54 33.24 2.24
C LEU A 504 0.91 32.36 3.42
N THR A 505 0.14 32.40 4.51
CA THR A 505 0.36 31.52 5.67
C THR A 505 -0.88 30.66 5.85
N PRO A 506 -1.01 29.59 5.07
CA PRO A 506 -2.11 28.65 5.32
C PRO A 506 -1.90 27.91 6.62
N ASP A 507 -2.98 27.73 7.37
CA ASP A 507 -2.94 27.08 8.67
C ASP A 507 -2.14 25.79 8.62
N GLY A 508 -1.07 25.73 9.44
CA GLY A 508 -0.12 24.65 9.37
C GLY A 508 -0.70 23.32 9.83
N PRO A 509 0.10 22.27 9.70
CA PRO A 509 -0.38 20.91 9.96
C PRO A 509 -0.75 20.62 11.41
N ARG A 510 0.12 20.96 12.36
CA ARG A 510 -0.10 20.62 13.77
C ARG A 510 -1.33 21.28 14.35
N CYS A 511 -1.91 22.25 13.65
CA CYS A 511 -3.10 22.93 14.13
C CYS A 511 -4.28 21.96 14.26
N GLY A 512 -4.42 21.04 13.30
CA GLY A 512 -5.59 20.18 13.29
C GLY A 512 -5.79 19.35 14.53
N GLU A 513 -4.70 18.91 15.17
CA GLU A 513 -4.78 18.16 16.41
C GLU A 513 -4.61 19.04 17.65
N LEU A 514 -4.14 20.28 17.48
CA LEU A 514 -4.00 21.19 18.64
C LEU A 514 -5.33 21.83 19.00
N ILE A 515 -6.15 22.17 18.01
CA ILE A 515 -7.54 22.46 18.31
C ILE A 515 -8.21 21.26 18.95
N SER A 516 -7.93 20.06 18.41
CA SER A 516 -8.41 18.83 19.03
C SER A 516 -7.82 18.65 20.41
N LEU A 517 -6.70 19.32 20.69
CA LEU A 517 -6.14 19.34 22.04
C LEU A 517 -6.81 20.40 22.90
N LYS A 518 -7.22 21.52 22.30
CA LYS A 518 -7.99 22.51 23.03
C LYS A 518 -9.31 21.93 23.52
N ARG A 519 -9.98 21.10 22.70
CA ARG A 519 -11.22 20.50 23.14
C ARG A 519 -10.98 19.61 24.35
N ASP A 520 -9.78 19.03 24.46
CA ASP A 520 -9.47 18.21 25.61
C ASP A 520 -9.43 19.05 26.87
N ILE A 521 -8.94 20.30 26.77
CA ILE A 521 -9.02 21.23 27.88
C ILE A 521 -10.43 21.79 28.02
N VAL A 522 -11.21 21.82 26.93
CA VAL A 522 -12.57 22.34 26.99
C VAL A 522 -13.43 21.53 27.96
N GLU A 523 -13.22 20.21 27.99
CA GLU A 523 -14.01 19.35 28.85
C GLU A 523 -13.51 19.34 30.29
N ILE A 524 -12.23 19.64 30.50
CA ILE A 524 -11.70 19.63 31.87
C ILE A 524 -12.24 20.82 32.67
N LYS A 525 -12.53 21.95 32.03
CA LYS A 525 -13.08 23.07 32.78
C LYS A 525 -14.51 22.81 33.21
N SER A 526 -15.33 22.21 32.35
CA SER A 526 -16.71 21.90 32.69
C SER A 526 -16.84 20.68 33.60
N ALA A 527 -15.81 19.83 33.66
CA ALA A 527 -15.84 18.64 34.49
C ALA A 527 -15.36 18.88 35.92
N ILE A 528 -14.43 19.82 36.14
CA ILE A 528 -13.94 20.09 37.48
C ILE A 528 -15.07 20.57 38.40
N LYS A 529 -16.08 21.25 37.84
CA LYS A 529 -17.23 21.62 38.67
C LYS A 529 -18.11 20.42 38.99
N GLU A 530 -18.02 19.33 38.21
CA GLU A 530 -18.81 18.14 38.53
C GLU A 530 -18.24 17.42 39.73
N PHE A 531 -16.93 17.49 39.94
CA PHE A 531 -16.35 17.04 41.19
C PHE A 531 -16.67 18.00 42.32
N LYS A 532 -16.91 19.28 41.98
CA LYS A 532 -17.21 20.33 42.94
C LYS A 532 -18.70 20.59 43.17
N ALA A 533 -19.58 20.16 42.27
CA ALA A 533 -21.02 20.32 42.46
C ALA A 533 -21.67 19.11 43.10
N CYS A 534 -21.01 17.97 43.09
CA CYS A 534 -21.46 16.78 43.80
C CYS A 534 -20.84 16.67 45.18
N GLN A 535 -19.80 17.46 45.46
CA GLN A 535 -19.31 17.62 46.81
C GLN A 535 -20.27 18.43 47.69
N ARG A 536 -21.17 19.19 47.08
CA ARG A 536 -22.14 19.99 47.81
C ARG A 536 -23.52 19.34 47.88
N GLU A 537 -23.88 18.55 46.87
CA GLU A 537 -25.19 17.92 46.80
C GLU A 537 -25.20 16.53 47.44
N GLY A 538 -24.22 15.70 47.10
CA GLY A 538 -24.15 14.35 47.63
C GLY A 538 -24.31 13.28 46.58
N LEU A 539 -24.35 13.69 45.32
CA LEU A 539 -24.54 12.79 44.20
C LEU A 539 -23.20 12.26 43.70
N THR A 540 -23.26 11.34 42.75
CA THR A 540 -22.07 10.87 42.06
C THR A 540 -21.99 11.51 40.67
N MET A 541 -21.04 11.06 39.85
CA MET A 541 -20.71 11.72 38.60
C MET A 541 -21.44 11.08 37.42
N SER A 542 -21.52 11.83 36.32
CA SER A 542 -22.08 11.35 35.06
C SER A 542 -21.08 10.50 34.29
N GLU A 543 -21.57 9.38 33.74
CA GLU A 543 -20.71 8.44 33.05
C GLU A 543 -20.10 9.00 31.77
N GLU A 544 -20.82 9.86 31.05
CA GLU A 544 -20.29 10.35 29.78
C GLU A 544 -19.01 11.15 29.98
N THR A 545 -18.95 11.96 31.04
CA THR A 545 -17.69 12.61 31.38
C THR A 545 -16.72 11.60 31.97
N THR A 546 -17.25 10.63 32.73
CA THR A 546 -16.41 9.58 33.32
C THR A 546 -15.80 8.66 32.27
N THR A 547 -16.60 8.25 31.28
CA THR A 547 -16.09 7.39 30.21
C THR A 547 -14.92 8.05 29.49
N TRP A 548 -14.97 9.37 29.33
CA TRP A 548 -13.87 10.08 28.68
C TRP A 548 -12.61 10.02 29.53
N LEU A 549 -12.77 10.16 30.85
CA LEU A 549 -11.61 10.15 31.75
C LEU A 549 -10.86 8.83 31.67
N SER A 550 -11.56 7.73 31.41
CA SER A 550 -10.92 6.42 31.37
C SER A 550 -10.02 6.22 30.16
N GLU A 551 -10.12 7.08 29.14
CA GLU A 551 -9.31 6.94 27.93
C GLU A 551 -7.80 6.98 28.14
N VAL A 552 -7.36 7.26 29.36
CA VAL A 552 -5.95 7.24 29.73
C VAL A 552 -5.50 5.96 30.44
N GLU A 553 -4.23 5.60 30.23
CA GLU A 553 -3.62 4.49 30.97
C GLU A 553 -3.44 5.23 32.30
N SER A 554 -4.38 4.96 33.20
CA SER A 554 -4.38 5.55 34.54
C SER A 554 -4.34 4.35 35.47
N PRO A 555 -3.32 4.20 36.31
CA PRO A 555 -3.25 3.03 37.19
C PRO A 555 -4.33 3.01 38.27
N SER A 556 -5.21 4.01 38.34
CA SER A 556 -6.30 4.04 39.32
C SER A 556 -7.58 4.51 38.69
N ASP A 557 -8.65 3.74 38.89
CA ASP A 557 -10.00 4.11 38.47
C ASP A 557 -10.61 5.22 39.32
N SER A 558 -9.89 5.74 40.31
CA SER A 558 -10.42 6.81 41.15
C SER A 558 -10.79 8.02 40.29
N PRO A 559 -11.97 8.61 40.50
CA PRO A 559 -12.35 9.81 39.72
C PRO A 559 -11.40 10.98 39.87
N ARG A 560 -10.77 11.12 41.04
CA ARG A 560 -9.88 12.26 41.25
C ARG A 560 -8.64 12.18 40.35
N CYS A 561 -7.91 11.06 40.44
CA CYS A 561 -6.60 10.99 39.79
C CYS A 561 -6.69 10.82 38.28
N MET A 562 -7.76 10.20 37.77
CA MET A 562 -7.92 10.12 36.33
C MET A 562 -8.07 11.49 35.69
N ILE A 563 -8.63 12.45 36.43
CA ILE A 563 -8.62 13.84 35.98
C ILE A 563 -7.18 14.31 35.79
N GLN A 564 -6.32 13.98 36.75
CA GLN A 564 -4.94 14.43 36.73
C GLN A 564 -4.15 13.80 35.59
N SER A 565 -4.47 12.55 35.21
CA SER A 565 -3.74 11.91 34.13
C SER A 565 -4.13 12.42 32.76
N ARG A 566 -5.39 12.86 32.57
CA ARG A 566 -5.76 13.50 31.33
C ARG A 566 -5.12 14.89 31.19
N ILE A 567 -4.70 15.48 32.31
CA ILE A 567 -4.08 16.81 32.28
C ILE A 567 -2.56 16.71 32.19
N ALA A 568 -1.95 15.78 32.92
CA ALA A 568 -0.53 15.51 32.75
C ALA A 568 -0.24 15.01 31.34
N ASP A 569 -1.12 14.15 30.81
CA ASP A 569 -1.02 13.79 29.40
C ASP A 569 -1.29 14.98 28.50
N THR A 570 -2.02 16.00 28.99
CA THR A 570 -2.26 17.21 28.21
C THR A 570 -1.09 18.18 28.33
N SER A 571 -0.55 18.33 29.53
CA SER A 571 0.63 19.18 29.73
C SER A 571 1.83 18.65 28.95
N ARG A 572 2.00 17.32 28.91
CA ARG A 572 3.10 16.74 28.13
C ARG A 572 2.97 17.08 26.65
N ARG A 573 1.75 16.98 26.11
CA ARG A 573 1.49 17.42 24.74
C ARG A 573 1.93 18.86 24.53
N LEU A 574 1.56 19.75 25.46
CA LEU A 574 2.03 21.13 25.36
C LEU A 574 3.54 21.22 25.59
N ASN A 575 4.04 20.51 26.61
CA ASN A 575 5.48 20.48 26.86
C ASN A 575 6.25 19.92 25.67
N SER A 576 5.71 18.89 25.01
CA SER A 576 6.42 18.26 23.91
C SER A 576 6.46 19.18 22.68
N PHE A 577 5.29 19.52 22.15
CA PHE A 577 5.23 20.44 21.01
C PHE A 577 5.85 21.80 21.32
N LYS A 578 5.96 22.17 22.59
CA LYS A 578 6.81 23.30 22.94
C LYS A 578 8.22 23.06 22.44
N TYR A 579 8.79 21.88 22.77
CA TYR A 579 10.17 21.58 22.41
C TYR A 579 10.36 21.48 20.89
N GLN A 580 9.56 20.64 20.22
CA GLN A 580 9.80 20.40 18.79
C GLN A 580 9.51 21.63 17.94
N MET A 581 8.74 22.60 18.44
CA MET A 581 8.62 23.89 17.77
C MET A 581 9.71 24.86 18.18
N ASN A 582 10.28 24.68 19.37
CA ASN A 582 11.41 25.51 19.78
C ASN A 582 12.64 25.21 18.92
N LYS A 583 12.70 24.01 18.33
CA LYS A 583 13.76 23.69 17.38
C LYS A 583 13.76 24.67 16.21
N GLU A 584 12.58 25.05 15.75
CA GLU A 584 12.46 25.86 14.53
C GLU A 584 12.62 27.35 14.80
N GLY A 585 12.25 27.82 15.97
CA GLY A 585 12.11 29.25 16.18
C GLY A 585 10.76 29.79 15.80
N TYR A 586 9.77 28.91 15.59
CA TYR A 586 8.36 29.28 15.36
C TYR A 586 8.16 29.87 13.96
N GLN A 587 8.68 29.16 12.93
CA GLN A 587 8.63 29.70 11.58
C GLN A 587 7.25 29.63 10.93
N ASP A 588 6.29 28.94 11.54
CA ASP A 588 4.90 28.96 11.08
C ASP A 588 4.05 29.67 12.13
N LEU A 589 3.77 30.95 11.90
CA LEU A 589 2.85 31.70 12.75
C LEU A 589 1.51 30.97 12.90
N ALA A 590 0.89 30.62 11.77
CA ALA A 590 -0.40 29.92 11.80
C ALA A 590 -0.37 28.70 12.71
N GLU A 591 0.78 28.03 12.81
CA GLU A 591 0.92 26.92 13.74
C GLU A 591 0.92 27.42 15.18
N ALA A 592 1.83 28.35 15.49
CA ALA A 592 1.97 28.85 16.85
C ALA A 592 0.71 29.57 17.34
N LEU A 593 -0.12 30.06 16.44
CA LEU A 593 -1.33 30.75 16.84
C LEU A 593 -2.26 29.84 17.64
N ARG A 594 -2.74 28.76 17.00
CA ARG A 594 -3.59 27.81 17.72
C ARG A 594 -2.83 27.15 18.88
N LEU A 595 -1.49 27.26 18.89
CA LEU A 595 -0.70 26.86 20.03
C LEU A 595 -0.72 27.93 21.12
N LEU A 596 -0.63 29.19 20.72
CA LEU A 596 -0.71 30.29 21.68
C LEU A 596 -2.00 30.19 22.49
N ASP A 597 -3.12 30.04 21.80
CA ASP A 597 -4.40 29.83 22.51
C ASP A 597 -4.39 28.53 23.29
N ALA A 598 -3.63 27.53 22.83
CA ALA A 598 -3.49 26.30 23.59
C ALA A 598 -2.63 26.53 24.83
N MET A 599 -1.60 27.38 24.72
CA MET A 599 -0.87 27.81 25.89
C MET A 599 -1.73 28.64 26.82
N ASP A 600 -2.81 29.22 26.29
CA ASP A 600 -3.69 30.07 27.08
C ASP A 600 -4.65 29.24 27.92
N SER A 601 -5.36 28.30 27.27
CA SER A 601 -6.33 27.49 27.99
C SER A 601 -5.68 26.57 29.02
N TYR A 602 -4.39 26.25 28.85
CA TYR A 602 -3.69 25.47 29.87
C TYR A 602 -3.41 26.30 31.12
N ASN A 603 -2.85 27.49 30.94
CA ASN A 603 -2.73 28.43 32.06
C ASN A 603 -4.10 28.85 32.57
N SER A 604 -5.11 28.89 31.70
CA SER A 604 -6.47 29.17 32.14
C SER A 604 -7.11 28.00 32.87
N LEU A 605 -6.51 26.80 32.81
CA LEU A 605 -7.01 25.64 33.50
C LEU A 605 -6.38 25.45 34.87
N LEU A 606 -5.08 25.73 35.01
CA LEU A 606 -4.39 25.55 36.29
C LEU A 606 -4.94 26.45 37.39
N GLU A 607 -5.71 27.47 37.03
CA GLU A 607 -6.35 28.32 38.04
C GLU A 607 -7.67 27.76 38.53
N SER A 608 -8.17 26.68 37.93
CA SER A 608 -9.33 25.98 38.46
C SER A 608 -8.96 24.67 39.15
N TYR A 609 -7.76 24.15 38.95
CA TYR A 609 -7.32 22.98 39.71
C TYR A 609 -6.71 23.39 41.06
N GLN A 610 -6.10 24.58 41.14
CA GLN A 610 -5.69 25.13 42.43
C GLN A 610 -6.87 25.54 43.29
N ARG A 611 -8.05 25.68 42.71
CA ARG A 611 -9.23 26.13 43.43
C ARG A 611 -10.32 25.07 43.39
N MET A 612 -9.91 23.80 43.29
CA MET A 612 -10.84 22.68 43.31
C MET A 612 -11.32 22.41 44.73
N HIS A 613 -10.39 22.37 45.69
CA HIS A 613 -10.72 21.97 47.06
C HIS A 613 -11.55 23.01 47.78
N LEU A 614 -11.55 24.25 47.29
CA LEU A 614 -12.10 25.37 48.04
C LEU A 614 -13.57 25.14 48.36
N SER A 615 -13.88 25.08 49.65
CA SER A 615 -15.26 25.02 50.07
C SER A 615 -15.96 26.32 49.70
N PRO A 616 -17.27 26.29 49.52
CA PRO A 616 -17.98 27.50 49.06
C PRO A 616 -17.80 28.70 49.97
N GLY A 617 -17.15 29.75 49.43
CA GLY A 617 -16.99 31.02 50.09
C GLY A 617 -15.60 31.41 50.55
N GLU A 618 -14.58 30.58 50.35
CA GLU A 618 -13.21 30.96 50.67
C GLU A 618 -12.38 30.82 49.40
N GLN A 619 -11.55 31.83 49.12
CA GLN A 619 -10.80 31.96 47.88
C GLN A 619 -9.30 31.75 48.08
N SER A 620 -8.59 31.87 46.97
CA SER A 620 -7.14 31.81 46.89
C SER A 620 -6.67 33.10 46.24
N PRO A 621 -5.88 33.92 46.93
CA PRO A 621 -5.43 35.23 46.39
C PRO A 621 -4.24 35.06 45.45
N LYS A 622 -4.55 34.57 44.24
CA LYS A 622 -3.52 34.25 43.27
C LYS A 622 -2.65 35.47 43.02
N GLU A 623 -1.35 35.31 43.26
CA GLU A 623 -0.42 36.42 43.23
C GLU A 623 0.29 36.46 41.88
N ALA A 624 0.95 37.59 41.61
CA ALA A 624 1.74 37.72 40.40
C ALA A 624 3.05 36.96 40.56
N LYS A 625 3.20 35.89 39.80
CA LYS A 625 4.47 35.18 39.70
C LYS A 625 5.37 35.83 38.67
N PHE A 626 4.95 36.99 38.14
CA PHE A 626 5.71 37.74 37.15
C PHE A 626 6.10 36.69 36.13
N ASP A 627 5.09 36.07 35.53
CA ASP A 627 5.28 35.10 34.47
C ASP A 627 5.75 36.12 33.44
N THR A 628 6.97 35.89 32.93
CA THR A 628 7.62 36.79 31.99
C THR A 628 7.32 36.24 30.60
N LYS A 629 6.78 35.03 30.54
CA LYS A 629 6.61 34.35 29.27
C LYS A 629 5.38 34.86 28.52
N ARG A 630 4.21 34.74 29.15
CA ARG A 630 2.97 35.01 28.42
C ARG A 630 2.90 36.45 27.93
N ALA A 631 3.54 37.38 28.63
CA ALA A 631 3.64 38.76 28.15
C ALA A 631 4.58 38.90 26.95
N SER A 632 5.84 38.51 27.13
CA SER A 632 6.87 38.72 26.11
C SER A 632 6.83 37.68 24.99
N PHE A 633 5.84 36.79 24.99
CA PHE A 633 5.65 35.83 23.90
C PHE A 633 4.66 36.37 22.89
N ARG A 634 3.45 36.71 23.34
CA ARG A 634 2.43 37.20 22.43
C ARG A 634 2.85 38.50 21.76
N ASP A 635 3.88 39.18 22.29
CA ASP A 635 4.51 40.27 21.56
C ASP A 635 5.35 39.72 20.41
N LEU A 636 6.19 38.72 20.69
CA LEU A 636 7.06 38.15 19.69
C LEU A 636 6.29 37.68 18.45
N LEU A 637 5.10 37.11 18.64
CA LEU A 637 4.32 36.69 17.48
C LEU A 637 3.86 37.88 16.64
N ARG A 638 3.58 39.01 17.29
CA ARG A 638 3.17 40.20 16.56
C ARG A 638 4.35 40.82 15.83
N ARG A 639 5.50 40.91 16.51
CA ARG A 639 6.71 41.39 15.85
C ARG A 639 7.30 40.35 14.90
N ARG A 640 6.68 39.17 14.83
CA ARG A 640 6.96 38.18 13.80
C ARG A 640 5.95 38.22 12.66
N VAL A 641 4.73 38.71 12.91
CA VAL A 641 3.77 38.95 11.84
C VAL A 641 4.29 40.04 10.91
N ALA A 642 5.10 40.96 11.44
CA ALA A 642 5.72 41.96 10.57
C ALA A 642 6.54 41.28 9.50
N HIS A 643 7.44 40.38 9.89
CA HIS A 643 8.42 39.83 8.95
C HIS A 643 7.74 39.11 7.79
N THR A 644 6.65 38.39 8.05
CA THR A 644 5.95 37.75 6.93
C THR A 644 5.18 38.79 6.11
N ILE A 645 4.73 39.87 6.75
CA ILE A 645 4.01 40.93 6.04
C ILE A 645 4.95 41.92 5.36
N VAL A 646 6.15 42.14 5.92
CA VAL A 646 7.11 43.03 5.28
C VAL A 646 7.74 42.38 4.05
N GLU A 647 8.06 41.08 4.14
CA GLU A 647 8.76 40.40 3.06
C GLU A 647 8.03 40.51 1.73
N TYR A 648 6.71 40.39 1.76
CA TYR A 648 5.90 40.46 0.55
C TYR A 648 5.52 41.88 0.16
N PHE A 649 5.76 42.85 1.04
CA PHE A 649 5.42 44.24 0.77
C PHE A 649 6.63 45.17 0.71
N ASP A 650 7.85 44.64 0.63
CA ASP A 650 9.03 45.50 0.53
C ASP A 650 8.96 46.41 -0.69
N ASP A 651 8.75 45.84 -1.88
CA ASP A 651 8.79 46.62 -3.11
C ASP A 651 7.61 47.57 -3.26
N CYS A 652 6.65 47.53 -2.35
CA CYS A 652 5.51 48.43 -2.42
C CYS A 652 5.88 49.81 -1.87
N ASP A 653 5.11 50.81 -2.24
CA ASP A 653 5.27 52.16 -1.70
C ASP A 653 4.22 52.49 -0.67
N ILE A 654 3.04 51.87 -0.76
CA ILE A 654 1.93 52.10 0.16
C ILE A 654 1.29 50.75 0.44
N VAL A 655 0.68 50.63 1.63
CA VAL A 655 0.00 49.41 2.03
C VAL A 655 -1.36 49.80 2.59
N PHE A 656 -2.26 48.83 2.63
CA PHE A 656 -3.60 49.04 3.15
C PHE A 656 -3.95 47.88 4.06
N PHE A 657 -4.85 48.12 5.00
CA PHE A 657 -5.20 47.09 5.98
C PHE A 657 -6.64 47.26 6.44
N GLU A 658 -7.12 46.21 7.10
CA GLU A 658 -8.45 46.16 7.66
C GLU A 658 -8.37 46.58 9.13
N ASP A 659 -8.90 47.76 9.45
CA ASP A 659 -8.87 48.27 10.83
C ASP A 659 -10.04 47.67 11.59
N LEU A 660 -9.79 46.55 12.29
CA LEU A 660 -10.87 45.86 13.01
C LEU A 660 -11.25 46.53 14.33
N ASP A 661 -10.61 47.62 14.72
CA ASP A 661 -11.02 48.41 15.88
C ASP A 661 -11.62 49.75 15.44
N GLY A 662 -12.88 49.71 15.02
CA GLY A 662 -13.62 50.89 14.64
C GLY A 662 -15.10 50.59 14.79
N PRO A 663 -15.97 51.25 14.03
CA PRO A 663 -17.39 50.96 14.21
C PRO A 663 -17.79 49.74 13.42
N SER A 664 -17.65 48.57 14.05
CA SER A 664 -17.98 47.29 13.42
C SER A 664 -19.39 46.86 13.78
N ASP A 665 -19.83 45.74 13.21
CA ASP A 665 -21.13 45.19 13.54
C ASP A 665 -21.08 44.49 14.90
N SER A 666 -22.21 43.87 15.27
CA SER A 666 -22.41 43.45 16.67
C SER A 666 -21.60 42.27 17.17
N ASP A 667 -21.11 41.41 16.28
CA ASP A 667 -20.42 40.19 16.70
C ASP A 667 -18.95 40.34 17.05
N SER A 668 -18.45 41.59 17.03
CA SER A 668 -17.06 41.87 17.37
C SER A 668 -16.59 42.23 18.78
N ARG A 669 -17.31 41.77 19.80
CA ARG A 669 -16.84 41.81 21.19
C ARG A 669 -16.37 40.44 21.65
N ASN A 670 -17.11 39.39 21.30
CA ASN A 670 -16.74 38.02 21.64
C ASN A 670 -15.65 37.49 20.71
N ASN A 671 -15.43 38.18 19.58
CA ASN A 671 -14.42 37.76 18.62
C ASN A 671 -13.06 37.63 19.29
N ALA A 672 -12.31 36.62 18.86
CA ALA A 672 -11.02 36.31 19.46
C ALA A 672 -9.92 37.30 19.09
N LEU A 673 -10.03 38.00 17.96
CA LEU A 673 -8.92 38.86 17.54
C LEU A 673 -8.74 40.06 18.46
N VAL A 674 -9.83 40.70 18.88
CA VAL A 674 -9.69 41.75 19.90
C VAL A 674 -9.18 41.14 21.20
N LYS A 675 -9.43 39.85 21.42
CA LYS A 675 -8.91 39.11 22.57
C LYS A 675 -7.51 38.53 22.35
N LEU A 676 -7.24 37.93 21.19
CA LEU A 676 -5.97 37.24 21.02
C LEU A 676 -4.81 38.18 20.72
N LEU A 677 -4.92 39.00 19.67
CA LEU A 677 -3.80 39.84 19.27
C LEU A 677 -4.36 41.20 18.82
N SER A 678 -3.83 42.27 19.41
CA SER A 678 -4.41 43.60 19.17
C SER A 678 -4.47 43.91 17.69
N PRO A 679 -5.55 44.46 17.20
CA PRO A 679 -5.55 44.91 15.81
C PRO A 679 -4.56 46.05 15.61
N ARG A 680 -4.68 47.11 16.40
CA ARG A 680 -3.88 48.30 16.13
C ARG A 680 -2.43 48.07 16.49
N THR A 681 -2.17 47.36 17.59
CA THR A 681 -0.80 47.02 17.91
C THR A 681 -0.20 46.19 16.79
N LEU A 682 -0.98 45.28 16.20
CA LEU A 682 -0.52 44.55 15.02
C LEU A 682 -0.41 45.48 13.81
N LEU A 683 -1.45 46.26 13.53
CA LEU A 683 -1.33 47.24 12.46
C LEU A 683 -0.20 48.25 12.74
N LEU A 684 -0.07 48.73 13.98
CA LEU A 684 1.06 49.63 14.26
C LEU A 684 2.40 48.91 14.16
N TYR A 685 2.50 47.67 14.67
CA TYR A 685 3.76 46.94 14.55
C TYR A 685 4.11 46.70 13.10
N ILE A 686 3.10 46.63 12.24
CA ILE A 686 3.35 46.65 10.80
C ILE A 686 3.80 48.02 10.38
N ARG A 687 3.12 49.06 10.84
CA ARG A 687 3.52 50.43 10.52
C ARG A 687 4.95 50.69 10.97
N GLN A 688 5.31 50.28 12.18
CA GLN A 688 6.66 50.56 12.66
C GLN A 688 7.71 49.83 11.82
N ALA A 689 7.39 48.62 11.36
CA ALA A 689 8.32 47.90 10.49
C ALA A 689 8.15 48.33 9.03
N LEU A 690 7.03 48.96 8.70
CA LEU A 690 6.85 49.54 7.38
C LEU A 690 7.49 50.93 7.31
N GLU A 691 7.27 51.76 8.33
CA GLU A 691 7.96 53.06 8.35
C GLU A 691 9.47 52.86 8.22
N LYS A 692 10.00 51.83 8.89
CA LYS A 692 11.42 51.54 8.83
C LYS A 692 11.93 51.49 7.40
N ARG A 693 11.12 51.00 6.46
CA ARG A 693 11.50 50.91 5.06
C ARG A 693 10.89 52.02 4.21
N GLY A 694 10.47 53.12 4.83
CA GLY A 694 9.95 54.26 4.07
C GLY A 694 8.76 53.90 3.22
N ILE A 695 7.86 53.07 3.74
CA ILE A 695 6.68 52.62 3.02
C ILE A 695 5.47 53.06 3.84
N GLY A 696 4.64 53.92 3.25
CA GLY A 696 3.47 54.41 3.94
C GLY A 696 2.43 53.34 4.18
N MET A 697 1.59 53.58 5.18
CA MET A 697 0.48 52.70 5.51
C MET A 697 -0.73 53.56 5.83
N VAL A 698 -1.87 53.24 5.23
CA VAL A 698 -3.12 53.96 5.42
C VAL A 698 -4.24 52.95 5.63
N GLU A 699 -4.87 53.01 6.79
CA GLU A 699 -6.01 52.15 7.04
C GLU A 699 -7.25 52.67 6.30
N VAL A 700 -8.22 51.77 6.16
CA VAL A 700 -9.53 52.08 5.61
C VAL A 700 -10.56 51.31 6.41
N ALA A 701 -11.84 51.60 6.15
CA ALA A 701 -12.92 51.12 6.98
C ALA A 701 -13.01 49.59 6.99
N LYS A 702 -13.69 49.10 8.02
CA LYS A 702 -13.86 47.68 8.34
C LYS A 702 -15.30 47.25 8.15
N ASP A 703 -16.13 48.15 7.64
CA ASP A 703 -17.55 47.91 7.52
C ASP A 703 -17.83 47.03 6.30
N GLY A 704 -17.99 45.74 6.55
CA GLY A 704 -18.40 44.79 5.51
C GLY A 704 -17.45 44.68 4.34
N THR A 705 -16.15 44.67 4.60
CA THR A 705 -15.16 44.48 3.54
C THR A 705 -15.14 43.03 3.06
N SER A 706 -15.36 42.08 3.98
CA SER A 706 -15.42 40.67 3.61
C SER A 706 -16.73 40.34 2.90
N GLN A 707 -17.78 41.12 3.11
CA GLN A 707 -19.10 40.77 2.60
C GLN A 707 -19.23 41.04 1.10
N ASN A 708 -18.86 42.24 0.65
CA ASN A 708 -19.17 42.68 -0.70
C ASN A 708 -18.41 41.88 -1.74
N ASN A 709 -18.99 41.84 -2.96
CA ASN A 709 -18.33 41.19 -4.10
C ASN A 709 -17.35 42.16 -4.76
N PRO A 710 -16.15 41.70 -5.10
CA PRO A 710 -15.21 42.59 -5.80
C PRO A 710 -15.55 42.82 -7.26
N ILE A 711 -16.30 41.92 -7.87
CA ILE A 711 -16.55 42.00 -9.31
C ILE A 711 -17.83 42.78 -9.59
N SER A 712 -18.91 42.47 -8.87
CA SER A 712 -20.22 43.06 -9.11
C SER A 712 -20.78 43.85 -7.95
N GLY A 713 -20.13 43.84 -6.79
CA GLY A 713 -20.65 44.58 -5.66
C GLY A 713 -21.85 43.93 -4.98
N HIS A 714 -22.52 43.01 -5.66
CA HIS A 714 -23.65 42.29 -5.07
C HIS A 714 -23.24 41.62 -3.78
N VAL A 715 -24.23 41.21 -2.98
CA VAL A 715 -23.94 40.72 -1.63
C VAL A 715 -23.47 39.28 -1.72
N GLY A 716 -22.84 38.80 -0.65
CA GLY A 716 -22.44 37.42 -0.56
C GLY A 716 -22.80 36.86 0.81
N TRP A 717 -22.45 35.58 0.98
CA TRP A 717 -22.74 34.89 2.22
C TRP A 717 -21.47 34.21 2.71
N ARG A 718 -20.95 34.67 3.84
CA ARG A 718 -19.82 34.00 4.49
C ARG A 718 -20.39 32.76 5.16
N ASN A 719 -20.10 31.58 4.60
CA ASN A 719 -20.70 30.34 5.09
C ASN A 719 -20.50 30.20 6.59
N LYS A 720 -21.60 30.04 7.32
CA LYS A 720 -21.57 30.09 8.77
C LYS A 720 -20.90 28.88 9.38
N GLN A 721 -20.66 27.83 8.60
CA GLN A 721 -19.89 26.67 9.06
C GLN A 721 -18.46 26.65 8.53
N ASN A 722 -18.21 27.23 7.34
CA ASN A 722 -16.89 27.30 6.72
C ASN A 722 -16.63 28.76 6.34
N LYS A 723 -15.97 29.49 7.25
CA LYS A 723 -15.72 30.92 7.05
C LYS A 723 -14.73 31.22 5.93
N SER A 724 -14.06 30.21 5.36
CA SER A 724 -13.07 30.47 4.32
C SER A 724 -13.69 30.63 2.94
N GLU A 725 -14.93 30.19 2.74
CA GLU A 725 -15.59 30.29 1.45
C GLU A 725 -16.76 31.26 1.54
N ILE A 726 -17.09 31.87 0.40
CA ILE A 726 -18.14 32.89 0.33
C ILE A 726 -18.79 32.80 -1.04
N TYR A 727 -20.10 33.05 -1.08
CA TYR A 727 -20.91 32.73 -2.25
C TYR A 727 -21.52 34.00 -2.84
N PHE A 728 -21.80 33.96 -4.15
CA PHE A 728 -22.31 35.14 -4.83
C PHE A 728 -23.30 34.73 -5.92
N TYR A 729 -24.30 35.58 -6.18
CA TYR A 729 -25.32 35.35 -7.21
C TYR A 729 -25.32 36.47 -8.24
N GLU A 730 -24.74 36.22 -9.41
CA GLU A 730 -24.72 37.16 -10.52
C GLU A 730 -24.99 36.43 -11.83
N ASP A 731 -25.66 37.14 -12.75
CA ASP A 731 -25.80 36.70 -14.14
C ASP A 731 -26.60 35.40 -14.24
N LYS A 732 -27.50 35.18 -13.28
CA LYS A 732 -28.30 33.96 -13.19
C LYS A 732 -27.42 32.71 -13.06
N GLU A 733 -26.27 32.85 -12.42
CA GLU A 733 -25.32 31.76 -12.24
C GLU A 733 -24.65 31.92 -10.88
N LEU A 734 -24.66 30.85 -10.08
CA LEU A 734 -24.08 30.93 -8.76
C LEU A 734 -22.56 30.81 -8.85
N LEU A 735 -21.87 31.50 -7.95
CA LEU A 735 -20.41 31.52 -7.93
C LEU A 735 -19.92 31.35 -6.50
N VAL A 736 -18.60 31.25 -6.35
CA VAL A 736 -18.00 31.04 -5.04
C VAL A 736 -16.52 31.39 -5.11
N MET A 737 -15.99 31.91 -4.02
CA MET A 737 -14.58 32.29 -3.95
C MET A 737 -14.13 32.13 -2.50
N ASP A 738 -12.99 32.72 -2.16
CA ASP A 738 -12.46 32.65 -0.80
C ASP A 738 -12.64 33.98 -0.09
N ALA A 739 -13.30 33.94 1.08
CA ALA A 739 -13.65 35.14 1.82
C ALA A 739 -12.42 35.99 2.16
N ASP A 740 -11.48 35.42 2.92
CA ASP A 740 -10.31 36.19 3.32
C ASP A 740 -9.40 36.55 2.15
N GLU A 741 -9.61 35.98 0.98
CA GLU A 741 -9.08 36.57 -0.25
C GLU A 741 -9.95 37.73 -0.70
N VAL A 742 -11.27 37.51 -0.77
CA VAL A 742 -12.23 38.55 -1.15
C VAL A 742 -11.96 39.83 -0.39
N GLY A 743 -11.69 39.73 0.91
CA GLY A 743 -11.46 40.93 1.70
C GLY A 743 -10.25 41.70 1.22
N ALA A 744 -9.21 41.00 0.74
CA ALA A 744 -8.03 41.67 0.26
C ALA A 744 -8.33 42.58 -0.93
N MET A 745 -9.25 42.14 -1.80
CA MET A 745 -9.66 42.97 -2.92
C MET A 745 -10.53 44.14 -2.48
N ASN A 746 -11.48 43.89 -1.57
CA ASN A 746 -12.36 44.97 -1.13
C ASN A 746 -11.58 46.03 -0.35
N ILE A 747 -10.48 45.65 0.30
CA ILE A 747 -9.63 46.64 0.95
C ILE A 747 -8.78 47.36 -0.08
N LEU A 748 -8.28 46.63 -1.09
CA LEU A 748 -7.59 47.28 -2.19
C LEU A 748 -8.56 48.17 -2.96
N CYS A 749 -9.81 47.74 -3.10
CA CYS A 749 -10.83 48.55 -3.76
C CYS A 749 -11.08 49.83 -2.98
N ARG A 750 -11.53 49.68 -1.72
CA ARG A 750 -11.85 50.84 -0.88
C ARG A 750 -10.64 51.76 -0.69
N GLY A 751 -9.42 51.23 -0.75
CA GLY A 751 -8.26 52.07 -0.59
C GLY A 751 -8.10 53.09 -1.70
N LEU A 752 -8.21 52.63 -2.95
CA LEU A 752 -8.16 53.51 -4.10
C LEU A 752 -9.42 54.36 -4.26
N ASN A 753 -10.40 54.21 -3.36
CA ASN A 753 -11.59 55.04 -3.34
C ASN A 753 -11.56 56.05 -2.20
N HIS A 754 -10.46 56.12 -1.44
CA HIS A 754 -10.34 57.02 -0.30
C HIS A 754 -11.43 56.76 0.74
N SER A 755 -11.90 55.52 0.81
CA SER A 755 -12.97 55.07 1.70
C SER A 755 -14.28 55.83 1.47
N VAL A 756 -14.40 56.57 0.36
CA VAL A 756 -15.59 57.40 0.13
C VAL A 756 -16.81 56.54 -0.12
N CYS A 757 -16.67 55.47 -0.91
CA CYS A 757 -17.82 54.66 -1.29
C CYS A 757 -18.36 53.92 -0.06
N PRO A 758 -19.56 54.23 0.41
CA PRO A 758 -20.04 53.73 1.69
C PRO A 758 -20.62 52.33 1.60
N TYR A 759 -20.75 51.72 2.78
CA TYR A 759 -21.46 50.46 2.95
C TYR A 759 -22.83 50.65 3.59
N SER A 760 -22.91 51.44 4.67
CA SER A 760 -24.18 51.68 5.36
C SER A 760 -24.10 52.99 6.12
N PHE A 761 -25.16 53.79 6.03
CA PHE A 761 -25.22 55.06 6.73
C PHE A 761 -26.64 55.34 7.20
N VAL A 762 -26.79 56.43 7.95
CA VAL A 762 -28.03 56.81 8.62
C VAL A 762 -28.55 58.11 8.02
N THR A 763 -29.83 58.13 7.66
CA THR A 763 -30.41 59.27 6.98
C THR A 763 -30.82 60.36 7.98
N LYS A 764 -31.06 61.56 7.44
CA LYS A 764 -31.54 62.73 8.18
C LYS A 764 -32.43 63.54 7.26
N ALA A 765 -32.89 64.70 7.73
CA ALA A 765 -33.79 65.56 6.95
C ALA A 765 -33.08 66.82 6.49
N PRO A 766 -32.86 67.01 5.17
CA PRO A 766 -32.31 68.21 4.53
C PRO A 766 -33.06 69.49 4.88
N GLY A 776 -27.25 66.86 13.04
CA GLY A 776 -27.34 65.59 12.36
C GLY A 776 -26.89 65.65 10.91
N ASP A 777 -25.58 65.74 10.72
CA ASP A 777 -24.98 65.81 9.39
C ASP A 777 -24.04 64.62 9.20
N TYR A 778 -23.83 64.27 7.93
CA TYR A 778 -22.91 63.20 7.59
C TYR A 778 -21.47 63.70 7.63
N GLY A 779 -20.54 62.76 7.82
CA GLY A 779 -19.14 63.10 7.81
C GLY A 779 -18.64 63.43 6.41
N LYS A 780 -17.51 64.15 6.38
CA LYS A 780 -16.94 64.61 5.12
C LYS A 780 -16.56 63.46 4.20
N ARG A 781 -16.44 62.25 4.72
CA ARG A 781 -16.12 61.11 3.87
C ARG A 781 -17.36 60.44 3.30
N VAL A 782 -18.53 60.92 3.70
CA VAL A 782 -19.77 60.38 3.15
C VAL A 782 -20.29 61.27 2.02
N LYS A 783 -20.00 62.57 2.11
CA LYS A 783 -20.52 63.53 1.15
C LYS A 783 -20.08 63.21 -0.28
N ARG A 784 -18.78 63.07 -0.52
CA ARG A 784 -18.26 62.99 -1.88
C ARG A 784 -18.90 61.86 -2.69
N PHE A 785 -19.65 60.97 -2.06
CA PHE A 785 -20.37 59.96 -2.81
C PHE A 785 -21.68 60.51 -3.39
N LEU A 786 -22.51 61.14 -2.55
CA LEU A 786 -23.77 61.70 -3.04
C LEU A 786 -23.55 62.85 -4.02
N LYS A 787 -22.50 63.66 -3.83
CA LYS A 787 -22.28 64.76 -4.76
C LYS A 787 -21.81 64.25 -6.11
N ASP A 788 -20.91 63.26 -6.11
CA ASP A 788 -20.29 62.80 -7.35
C ASP A 788 -21.25 62.00 -8.22
N ARG A 789 -22.16 61.24 -7.63
CA ARG A 789 -23.02 60.36 -8.41
C ARG A 789 -24.39 60.98 -8.69
N TYR A 790 -25.13 61.34 -7.65
CA TYR A 790 -26.53 61.70 -7.81
C TYR A 790 -26.76 63.19 -7.95
N GLY A 791 -25.87 64.03 -7.42
CA GLY A 791 -25.91 65.44 -7.73
C GLY A 791 -25.65 66.42 -6.60
N SER A 792 -26.01 66.10 -5.36
CA SER A 792 -25.73 67.01 -4.26
C SER A 792 -25.72 66.25 -2.94
N SER A 793 -25.44 66.99 -1.86
CA SER A 793 -25.51 66.45 -0.51
C SER A 793 -26.89 66.53 0.12
N ASN A 794 -27.69 67.56 -0.22
CA ASN A 794 -28.98 67.76 0.44
C ASN A 794 -30.06 67.04 -0.37
N VAL A 795 -30.18 65.74 -0.12
CA VAL A 795 -31.03 64.85 -0.90
C VAL A 795 -31.74 63.92 0.07
N ARG A 796 -33.04 63.74 -0.13
CA ARG A 796 -33.80 62.73 0.57
C ARG A 796 -33.94 61.50 -0.31
N PHE A 797 -34.52 60.44 0.25
CA PHE A 797 -34.48 59.12 -0.37
C PHE A 797 -35.89 58.56 -0.35
N LEU A 798 -36.31 57.96 -1.47
CA LEU A 798 -37.66 57.43 -1.64
C LEU A 798 -37.63 55.93 -1.81
N VAL A 799 -38.53 55.24 -1.10
CA VAL A 799 -38.84 53.85 -1.40
C VAL A 799 -39.63 53.80 -2.71
N ALA A 800 -39.28 52.84 -3.58
CA ALA A 800 -39.81 52.83 -4.94
C ALA A 800 -40.07 51.39 -5.36
N SER A 801 -40.38 51.22 -6.65
CA SER A 801 -40.77 49.93 -7.22
C SER A 801 -39.80 48.82 -6.86
N MET A 802 -40.36 47.67 -6.44
CA MET A 802 -39.67 46.47 -5.98
C MET A 802 -39.07 46.63 -4.59
N GLY A 803 -39.27 47.76 -3.92
CA GLY A 803 -38.62 48.01 -2.64
C GLY A 803 -37.17 48.38 -2.76
N PHE A 804 -36.82 49.17 -3.78
CA PHE A 804 -35.51 49.78 -3.91
C PHE A 804 -35.50 51.13 -3.21
N VAL A 805 -34.50 51.96 -3.49
CA VAL A 805 -34.41 53.33 -2.99
C VAL A 805 -34.06 54.21 -4.17
N THR A 806 -34.62 55.42 -4.20
CA THR A 806 -34.28 56.43 -5.20
C THR A 806 -33.80 57.70 -4.51
N VAL A 807 -32.88 58.38 -5.17
CA VAL A 807 -32.38 59.68 -4.74
C VAL A 807 -33.14 60.76 -5.49
N THR A 808 -33.79 61.66 -4.76
CA THR A 808 -34.61 62.69 -5.37
C THR A 808 -33.98 64.06 -5.14
N THR A 809 -34.02 64.90 -6.18
CA THR A 809 -33.40 66.20 -6.08
C THR A 809 -34.32 67.22 -5.42
N LYS A 810 -35.61 66.92 -5.36
CA LYS A 810 -36.50 67.65 -4.49
C LYS A 810 -36.36 67.05 -3.09
N ARG A 811 -36.93 67.74 -2.10
CA ARG A 811 -36.81 67.32 -0.70
C ARG A 811 -38.22 67.12 -0.13
N PRO A 812 -38.89 66.04 -0.49
CA PRO A 812 -40.24 65.79 0.04
C PRO A 812 -40.23 65.20 1.44
N LYS A 813 -41.43 65.10 2.01
CA LYS A 813 -41.63 64.62 3.37
C LYS A 813 -42.27 63.24 3.46
N ASP A 814 -42.69 62.66 2.32
CA ASP A 814 -43.27 61.32 2.37
C ASP A 814 -42.22 60.28 2.68
N ALA A 815 -40.99 60.54 2.24
CA ALA A 815 -39.90 59.57 2.19
C ALA A 815 -39.44 59.11 3.58
N LEU A 816 -38.67 58.02 3.56
CA LEU A 816 -38.04 57.47 4.75
C LEU A 816 -36.88 58.36 5.20
N VAL A 817 -36.85 58.70 6.49
CA VAL A 817 -35.77 59.50 7.06
C VAL A 817 -35.39 58.94 8.43
N GLY A 818 -34.09 58.89 8.69
CA GLY A 818 -33.58 58.31 9.93
C GLY A 818 -33.54 56.80 9.94
N LYS A 819 -33.19 56.17 8.81
CA LYS A 819 -33.17 54.71 8.66
C LYS A 819 -31.78 54.25 8.22
N ARG A 820 -31.66 53.07 7.59
CA ARG A 820 -30.35 52.56 7.24
C ARG A 820 -30.39 51.78 5.93
N LEU A 821 -29.27 51.82 5.19
CA LEU A 821 -29.21 51.33 3.83
C LEU A 821 -27.96 50.47 3.61
N TYR A 822 -27.81 50.00 2.37
CA TYR A 822 -26.71 49.19 1.89
C TYR A 822 -26.50 49.54 0.42
N TYR A 823 -25.28 49.34 -0.07
CA TYR A 823 -24.89 49.78 -1.40
C TYR A 823 -24.36 48.60 -2.21
N HIS A 824 -24.97 48.33 -3.37
CA HIS A 824 -24.62 47.16 -4.17
C HIS A 824 -24.60 47.46 -5.66
N GLY A 825 -23.42 47.47 -6.25
CA GLY A 825 -23.28 47.56 -7.70
C GLY A 825 -23.65 48.89 -8.32
N GLY A 826 -23.99 49.89 -7.51
CA GLY A 826 -24.44 51.18 -8.01
C GLY A 826 -25.79 51.58 -7.47
N GLU A 827 -26.58 50.61 -7.01
CA GLU A 827 -27.94 50.84 -6.58
C GLU A 827 -27.96 51.03 -5.08
N LEU A 828 -28.68 52.05 -4.62
CA LEU A 828 -28.92 52.22 -3.19
C LEU A 828 -30.13 51.35 -2.84
N VAL A 829 -29.92 50.34 -2.01
CA VAL A 829 -30.98 49.46 -1.56
C VAL A 829 -31.23 49.68 -0.08
N THR A 830 -32.34 49.13 0.41
CA THR A 830 -32.75 49.33 1.78
C THR A 830 -32.37 48.10 2.62
N HIS A 831 -32.79 48.11 3.89
CA HIS A 831 -32.40 47.05 4.82
C HIS A 831 -33.27 45.81 4.63
N ASP A 832 -34.59 45.98 4.57
CA ASP A 832 -35.46 44.83 4.32
C ASP A 832 -35.21 44.20 2.96
N LEU A 833 -34.43 44.84 2.09
CA LEU A 833 -33.96 44.21 0.87
C LEU A 833 -32.59 43.57 1.01
N HIS A 834 -31.68 44.17 1.78
CA HIS A 834 -30.37 43.56 2.02
C HIS A 834 -30.49 42.24 2.77
N ASN A 835 -31.51 42.09 3.60
CA ASN A 835 -31.87 40.76 4.10
C ASN A 835 -32.36 39.90 2.94
N ARG A 836 -33.30 40.44 2.15
CA ARG A 836 -33.80 39.71 0.99
C ARG A 836 -32.68 39.34 0.02
N MET A 837 -31.70 40.23 -0.15
CA MET A 837 -30.60 39.96 -1.08
C MET A 837 -29.70 38.85 -0.56
N LYS A 838 -29.36 38.90 0.73
CA LYS A 838 -28.73 37.75 1.38
C LYS A 838 -29.60 36.51 1.25
N ASP A 839 -30.90 36.69 1.50
CA ASP A 839 -31.87 35.61 1.34
C ASP A 839 -31.90 35.02 -0.06
N GLU A 840 -31.39 35.74 -1.06
CA GLU A 840 -31.39 35.22 -2.42
C GLU A 840 -30.31 34.17 -2.61
N ILE A 841 -29.12 34.42 -2.07
CA ILE A 841 -28.03 33.44 -2.11
C ILE A 841 -28.25 32.33 -1.09
N LYS A 842 -28.61 32.74 0.15
CA LYS A 842 -28.84 31.79 1.24
C LYS A 842 -29.71 30.61 0.82
N TYR A 843 -30.80 30.88 0.10
CA TYR A 843 -31.70 29.78 -0.28
C TYR A 843 -31.11 28.89 -1.37
N LEU A 844 -30.44 29.49 -2.37
CA LEU A 844 -29.89 28.69 -3.47
C LEU A 844 -28.86 27.69 -2.97
N VAL A 845 -28.08 28.05 -1.96
CA VAL A 845 -27.10 27.10 -1.41
C VAL A 845 -27.81 25.97 -0.69
N GLU A 846 -28.84 26.30 0.08
CA GLU A 846 -29.54 25.31 0.88
C GLU A 846 -30.18 24.22 0.01
N LYS A 847 -30.66 24.58 -1.19
CA LYS A 847 -31.29 23.63 -2.09
C LYS A 847 -30.30 22.73 -2.83
N GLU A 848 -29.02 22.79 -2.43
CA GLU A 848 -27.99 21.88 -2.94
C GLU A 848 -27.74 22.05 -4.44
N VAL A 849 -27.50 23.29 -4.87
CA VAL A 849 -27.17 23.57 -6.24
C VAL A 849 -25.65 23.63 -6.39
N LEU A 850 -25.16 23.59 -7.62
CA LEU A 850 -23.73 23.61 -7.92
C LEU A 850 -23.28 24.98 -8.40
N ALA A 851 -22.17 25.45 -7.83
CA ALA A 851 -21.63 26.79 -8.08
C ALA A 851 -20.31 26.69 -8.83
N ARG A 852 -19.81 27.84 -9.27
CA ARG A 852 -18.59 27.92 -10.07
C ARG A 852 -17.59 28.78 -9.31
N ARG A 853 -16.49 28.17 -8.90
CA ARG A 853 -15.40 28.91 -8.27
C ARG A 853 -14.77 29.86 -9.27
N VAL A 854 -14.49 31.08 -8.82
CA VAL A 854 -13.96 32.14 -9.68
C VAL A 854 -12.77 32.75 -8.95
N SER A 855 -11.57 32.40 -9.40
CA SER A 855 -10.37 33.08 -8.94
C SER A 855 -10.36 34.52 -9.45
N LEU A 856 -9.74 35.41 -8.68
CA LEU A 856 -9.71 36.83 -9.00
C LEU A 856 -8.41 37.22 -9.69
N SER A 857 -7.48 36.27 -9.89
CA SER A 857 -6.25 36.39 -10.68
C SER A 857 -6.52 36.35 -12.18
N ASP A 858 -7.81 36.34 -12.54
CA ASP A 858 -8.23 36.16 -13.93
C ASP A 858 -8.06 37.44 -14.73
N SER A 859 -8.00 37.26 -16.05
CA SER A 859 -7.91 38.37 -16.99
C SER A 859 -9.19 38.59 -17.77
N THR A 860 -10.14 37.66 -17.70
CA THR A 860 -11.42 37.87 -18.39
C THR A 860 -12.22 39.01 -17.79
N ILE A 861 -11.88 39.41 -16.56
CA ILE A 861 -12.55 40.53 -15.91
C ILE A 861 -12.10 41.82 -16.57
N LYS A 862 -13.09 42.61 -17.03
CA LYS A 862 -12.77 43.88 -17.67
C LYS A 862 -12.60 44.99 -16.65
N SER A 863 -13.52 45.06 -15.68
CA SER A 863 -13.47 46.08 -14.65
C SER A 863 -14.14 45.56 -13.40
N TYR A 864 -13.53 45.83 -12.24
CA TYR A 864 -14.16 45.54 -10.96
C TYR A 864 -15.10 46.69 -10.61
N LYS A 865 -16.36 46.37 -10.36
CA LYS A 865 -17.40 47.38 -10.18
C LYS A 865 -17.67 47.71 -8.72
N SER A 866 -16.86 47.19 -7.80
CA SER A 866 -17.10 47.40 -6.38
C SER A 866 -16.42 48.67 -5.90
N PHE A 867 -17.14 49.48 -5.15
CA PHE A 867 -16.61 50.71 -4.54
C PHE A 867 -16.03 51.66 -5.58
N ALA A 868 -16.67 51.72 -6.74
CA ALA A 868 -16.33 52.68 -7.77
C ALA A 868 -17.60 53.26 -8.38
N HIS A 869 -17.55 54.55 -8.73
CA HIS A 869 -18.69 55.22 -9.35
C HIS A 869 -18.21 56.09 -10.50
N VAL A 870 -18.61 55.74 -11.72
CA VAL A 870 -18.18 56.41 -12.95
C VAL A 870 -19.27 56.28 -14.01
N MET E 1 -0.70 -12.66 -12.90
CA MET E 1 -1.73 -13.62 -12.53
C MET E 1 -3.03 -13.36 -13.26
N LYS E 2 -3.91 -14.35 -13.29
CA LYS E 2 -5.29 -14.10 -13.72
C LYS E 2 -6.03 -13.36 -12.62
N VAL E 3 -6.71 -12.28 -12.98
CA VAL E 3 -7.56 -11.56 -12.06
C VAL E 3 -9.01 -11.81 -12.45
N HIS E 4 -9.93 -11.33 -11.62
CA HIS E 4 -11.34 -11.38 -11.97
C HIS E 4 -11.93 -10.12 -11.36
N GLU E 5 -12.40 -9.22 -12.22
CA GLU E 5 -12.86 -7.93 -11.79
C GLU E 5 -14.35 -7.95 -11.51
N ILE E 6 -14.77 -7.07 -10.62
CA ILE E 6 -16.16 -7.03 -10.16
C ILE E 6 -16.59 -5.58 -10.29
N PRO E 7 -17.68 -5.32 -11.01
CA PRO E 7 -18.08 -3.92 -11.24
C PRO E 7 -18.88 -3.38 -10.06
N ARG E 8 -18.35 -2.35 -9.44
CA ARG E 8 -19.00 -1.70 -8.31
C ARG E 8 -18.81 -0.20 -8.49
N SER E 9 -19.67 0.57 -7.81
CA SER E 9 -19.57 2.03 -7.91
C SER E 9 -20.36 2.66 -6.76
N GLN E 10 -19.80 3.75 -6.22
CA GLN E 10 -20.48 4.53 -5.20
C GLN E 10 -20.43 6.00 -5.59
N LEU E 11 -21.52 6.71 -5.29
CA LEU E 11 -21.72 8.09 -5.72
C LEU E 11 -20.71 9.01 -5.05
N LEU E 12 -20.70 10.25 -5.53
CA LEU E 12 -19.93 11.32 -4.89
C LEU E 12 -20.69 12.61 -5.17
N LYS E 13 -21.20 13.22 -4.11
CA LYS E 13 -21.98 14.45 -4.25
C LYS E 13 -21.04 15.60 -4.56
N ILE E 14 -21.26 16.27 -5.68
CA ILE E 14 -20.38 17.36 -6.09
C ILE E 14 -20.78 18.64 -5.37
N LYS E 15 -19.77 19.35 -4.84
CA LYS E 15 -19.97 20.57 -4.07
C LYS E 15 -19.67 21.83 -4.85
N GLN E 16 -18.70 21.78 -5.77
CA GLN E 16 -18.09 22.96 -6.34
C GLN E 16 -17.38 22.55 -7.62
N TYR E 17 -17.43 23.39 -8.66
CA TYR E 17 -16.66 23.07 -9.85
C TYR E 17 -15.89 24.30 -10.30
N GLU E 18 -15.07 24.12 -11.34
CA GLU E 18 -14.33 25.20 -11.96
C GLU E 18 -14.40 25.04 -13.47
N GLY E 19 -13.96 26.08 -14.18
CA GLY E 19 -13.78 26.04 -15.61
C GLY E 19 -15.05 25.80 -16.44
N SER E 20 -14.81 25.37 -17.68
CA SER E 20 -15.87 25.16 -18.68
C SER E 20 -16.39 23.72 -18.66
N PHE E 21 -17.08 23.35 -17.58
CA PHE E 21 -17.66 22.01 -17.50
C PHE E 21 -19.15 21.97 -17.82
N VAL E 22 -19.95 22.91 -17.33
CA VAL E 22 -21.40 22.81 -17.46
C VAL E 22 -21.82 22.91 -18.92
N GLU E 23 -21.19 23.81 -19.69
CA GLU E 23 -21.45 23.87 -21.11
C GLU E 23 -21.03 22.59 -21.81
N TRP E 24 -19.98 21.94 -21.31
CA TRP E 24 -19.52 20.67 -21.86
C TRP E 24 -20.57 19.57 -21.68
N TYR E 25 -21.00 19.34 -20.44
CA TYR E 25 -22.05 18.35 -20.18
C TYR E 25 -23.32 18.68 -20.94
N ARG E 26 -23.82 19.92 -20.82
CA ARG E 26 -25.08 20.29 -21.45
C ARG E 26 -25.02 20.14 -22.97
N ASP E 27 -23.82 20.26 -23.56
CA ASP E 27 -23.68 20.05 -25.00
C ASP E 27 -23.89 18.58 -25.37
N LEU E 28 -23.43 17.65 -24.54
CA LEU E 28 -23.60 16.24 -24.87
C LEU E 28 -25.05 15.83 -24.80
N GLN E 29 -25.78 16.31 -23.79
CA GLN E 29 -27.18 15.96 -23.69
C GLN E 29 -28.01 16.65 -24.78
N GLU E 30 -27.37 17.44 -25.63
CA GLU E 30 -27.96 17.98 -26.85
C GLU E 30 -27.45 17.26 -28.09
N ASP E 31 -26.19 16.82 -28.10
CA ASP E 31 -25.67 15.99 -29.19
C ASP E 31 -26.12 14.54 -29.09
N ARG E 32 -26.10 13.95 -27.90
CA ARG E 32 -26.58 12.58 -27.70
C ARG E 32 -28.03 12.44 -28.15
N LYS E 33 -28.94 13.16 -27.51
CA LYS E 33 -30.35 13.23 -27.90
C LYS E 33 -30.51 13.40 -29.40
N LYS E 34 -29.59 14.17 -30.00
CA LYS E 34 -29.71 14.54 -31.40
C LYS E 34 -29.44 13.36 -32.31
N PHE E 35 -28.42 12.56 -31.99
CA PHE E 35 -28.00 11.46 -32.84
C PHE E 35 -28.62 10.13 -32.44
N ALA E 36 -28.95 9.95 -31.16
CA ALA E 36 -29.75 8.79 -30.77
C ALA E 36 -31.09 8.77 -31.48
N SER E 37 -31.72 9.95 -31.58
CA SER E 37 -32.99 10.07 -32.30
C SER E 37 -32.81 10.04 -33.81
N LEU E 38 -31.60 10.13 -34.34
CA LEU E 38 -31.37 10.02 -35.77
C LEU E 38 -30.98 8.61 -36.22
N LEU E 39 -30.03 7.98 -35.53
CA LEU E 39 -29.64 6.62 -35.87
C LEU E 39 -30.75 5.61 -35.59
N PHE E 40 -31.72 5.98 -34.73
CA PHE E 40 -32.84 5.09 -34.46
C PHE E 40 -33.47 4.58 -35.74
N ARG E 41 -33.62 5.47 -36.73
CA ARG E 41 -34.31 5.14 -37.96
C ARG E 41 -33.41 4.43 -38.95
N TRP E 42 -32.09 4.59 -38.83
CA TRP E 42 -31.15 4.10 -39.83
C TRP E 42 -31.05 2.58 -39.87
N ALA E 43 -31.28 1.91 -38.74
CA ALA E 43 -31.19 0.47 -38.69
C ALA E 43 -32.49 -0.22 -39.07
N ALA E 44 -33.44 0.54 -39.62
CA ALA E 44 -34.75 0.03 -40.02
C ALA E 44 -35.38 -0.74 -38.86
N PHE E 45 -35.77 0.05 -37.86
CA PHE E 45 -36.36 -0.49 -36.63
C PHE E 45 -37.86 -0.28 -36.70
N GLY E 46 -38.61 -1.38 -36.77
CA GLY E 46 -40.05 -1.29 -36.65
C GLY E 46 -40.40 -1.09 -35.19
N TYR E 47 -41.20 -0.07 -34.91
CA TYR E 47 -41.56 0.23 -33.54
C TYR E 47 -43.02 0.61 -33.49
N ALA E 48 -43.67 0.26 -32.39
CA ALA E 48 -44.97 0.80 -32.09
C ALA E 48 -44.77 2.27 -31.80
N ALA E 49 -45.71 3.09 -32.23
CA ALA E 49 -45.63 4.52 -32.03
C ALA E 49 -45.84 4.86 -30.57
N ARG E 50 -45.38 6.02 -30.16
CA ARG E 50 -45.49 6.42 -28.76
C ARG E 50 -46.85 7.01 -28.44
N GLU E 51 -47.86 6.17 -28.41
CA GLU E 51 -49.16 6.61 -27.90
C GLU E 51 -49.37 5.83 -26.61
N ASP E 52 -49.48 6.54 -25.50
CA ASP E 52 -49.44 5.88 -24.20
C ASP E 52 -50.60 4.90 -23.94
N ASP E 53 -51.82 5.33 -24.26
CA ASP E 53 -52.98 4.49 -24.01
C ASP E 53 -52.93 3.23 -24.86
N GLY E 54 -52.55 3.42 -26.11
CA GLY E 54 -52.52 2.35 -27.07
C GLY E 54 -51.49 2.65 -28.13
N ALA E 55 -51.05 1.62 -28.83
CA ALA E 55 -49.99 1.81 -29.79
C ALA E 55 -50.51 1.79 -31.20
N THR E 56 -50.26 2.87 -31.92
CA THR E 56 -50.46 2.91 -33.35
C THR E 56 -49.34 2.04 -33.87
N TYR E 57 -49.49 1.50 -35.07
CA TYR E 57 -48.46 0.61 -35.61
C TYR E 57 -47.67 1.28 -36.71
N ILE E 58 -46.34 1.19 -36.62
CA ILE E 58 -45.49 1.63 -37.74
C ILE E 58 -44.86 0.39 -38.35
N SER E 59 -44.69 0.40 -39.67
CA SER E 59 -44.20 -0.86 -40.20
C SER E 59 -42.70 -0.80 -40.42
N PRO E 60 -42.04 -1.96 -40.46
CA PRO E 60 -40.60 -1.97 -40.79
C PRO E 60 -40.34 -1.58 -42.22
N SER E 61 -41.18 -2.01 -43.15
CA SER E 61 -40.99 -1.63 -44.55
C SER E 61 -41.20 -0.14 -44.73
N GLN E 62 -42.08 0.45 -43.91
CA GLN E 62 -42.24 1.91 -43.89
C GLN E 62 -41.04 2.58 -43.22
N ALA E 63 -40.21 1.82 -42.53
CA ALA E 63 -38.94 2.30 -41.99
C ALA E 63 -37.75 1.94 -42.88
N LEU E 64 -37.76 0.75 -43.50
CA LEU E 64 -36.77 0.49 -44.55
C LEU E 64 -36.95 1.47 -45.70
N LEU E 65 -38.16 1.97 -45.89
CA LEU E 65 -38.39 3.07 -46.82
C LEU E 65 -37.80 4.37 -46.27
N GLU E 66 -38.10 4.68 -45.00
CA GLU E 66 -37.52 5.88 -44.42
C GLU E 66 -36.02 5.72 -44.18
N ARG E 67 -35.50 4.51 -44.34
CA ARG E 67 -34.07 4.34 -44.53
C ARG E 67 -33.66 4.86 -45.90
N ARG E 68 -34.39 4.43 -46.94
CA ARG E 68 -34.21 4.91 -48.31
C ARG E 68 -34.83 6.29 -48.52
N LEU E 69 -35.70 6.73 -47.61
CA LEU E 69 -36.22 8.10 -47.65
C LEU E 69 -35.27 9.09 -46.98
N LEU E 70 -34.19 8.61 -46.37
CA LEU E 70 -33.15 9.47 -45.83
C LEU E 70 -31.78 9.16 -46.41
N LEU E 71 -31.54 7.92 -46.85
CA LEU E 71 -30.27 7.51 -47.45
C LEU E 71 -30.59 6.52 -48.56
N GLY E 72 -30.41 6.94 -49.80
CA GLY E 72 -30.67 6.05 -50.93
C GLY E 72 -29.43 5.23 -51.26
N ASP E 73 -28.27 5.78 -50.89
CA ASP E 73 -26.96 5.25 -51.23
C ASP E 73 -26.11 4.93 -50.02
N ALA E 74 -26.30 5.63 -48.91
CA ALA E 74 -25.57 5.30 -47.69
C ALA E 74 -26.03 3.97 -47.12
N GLU E 75 -27.05 3.37 -47.74
CA GLU E 75 -27.49 2.04 -47.36
C GLU E 75 -26.31 1.07 -47.41
N ASP E 76 -25.60 1.03 -48.53
CA ASP E 76 -24.43 0.16 -48.64
C ASP E 76 -23.34 0.55 -47.65
N VAL E 77 -23.44 1.74 -47.06
CA VAL E 77 -22.51 2.20 -46.04
C VAL E 77 -23.11 2.11 -44.65
N ALA E 78 -24.39 2.46 -44.50
CA ALA E 78 -25.00 2.50 -43.17
C ALA E 78 -25.07 1.12 -42.53
N ILE E 79 -25.47 0.09 -43.28
CA ILE E 79 -25.57 -1.24 -42.69
C ILE E 79 -24.19 -1.80 -42.38
N LYS E 80 -23.21 -1.59 -43.27
CA LYS E 80 -21.84 -1.98 -42.96
C LYS E 80 -21.32 -1.24 -41.75
N PHE E 81 -21.85 -0.05 -41.49
CA PHE E 81 -21.56 0.64 -40.24
C PHE E 81 -22.43 0.11 -39.10
N LEU E 82 -23.69 -0.24 -39.42
CA LEU E 82 -24.59 -0.77 -38.39
C LEU E 82 -24.01 -2.02 -37.75
N ASP E 83 -23.49 -2.94 -38.57
CA ASP E 83 -22.85 -4.13 -38.05
C ASP E 83 -21.71 -3.79 -37.10
N VAL E 84 -20.78 -2.93 -37.53
CA VAL E 84 -19.60 -2.61 -36.74
C VAL E 84 -19.90 -1.82 -35.48
N LEU E 85 -21.15 -1.36 -35.31
CA LEU E 85 -21.59 -0.81 -34.03
C LEU E 85 -22.48 -1.76 -33.25
N PHE E 86 -23.27 -2.58 -33.94
CA PHE E 86 -24.08 -3.58 -33.26
C PHE E 86 -23.20 -4.71 -32.75
N LYS E 87 -22.11 -5.00 -33.45
CA LYS E 87 -21.11 -5.94 -32.95
C LYS E 87 -20.31 -5.31 -31.82
N GLY E 88 -19.88 -4.06 -32.04
CA GLY E 88 -19.17 -3.23 -31.09
C GLY E 88 -17.82 -3.81 -30.72
N GLY E 89 -17.42 -3.55 -29.48
CA GLY E 89 -16.16 -3.98 -28.90
C GLY E 89 -14.93 -3.33 -29.50
N ALA E 90 -14.15 -4.10 -30.27
CA ALA E 90 -12.94 -3.59 -30.91
C ALA E 90 -13.21 -3.09 -32.32
N PRO E 91 -14.11 -3.71 -33.10
CA PRO E 91 -14.44 -3.12 -34.39
C PRO E 91 -15.10 -1.75 -34.29
N SER E 92 -15.83 -1.48 -33.21
CA SER E 92 -16.31 -0.21 -32.99
C SER E 92 -15.19 0.94 -32.86
N SER E 93 -13.92 0.54 -32.88
CA SER E 93 -12.83 1.38 -32.64
C SER E 93 -12.86 2.73 -33.55
N SER E 94 -13.26 2.58 -34.81
CA SER E 94 -13.29 3.71 -35.72
C SER E 94 -14.71 4.13 -36.03
N CYS E 95 -15.64 3.90 -35.10
CA CYS E 95 -16.96 4.48 -35.20
C CYS E 95 -16.96 5.91 -34.69
N TYR E 96 -15.97 6.29 -33.87
CA TYR E 96 -15.88 7.67 -33.40
C TYR E 96 -15.51 8.62 -34.53
N SER E 97 -14.98 8.09 -35.64
CA SER E 97 -14.38 8.93 -36.66
C SER E 97 -15.39 9.87 -37.33
N LEU E 98 -16.66 9.46 -37.45
CA LEU E 98 -17.59 10.27 -38.21
C LEU E 98 -17.89 11.60 -37.51
N PHE E 99 -17.88 11.61 -36.18
CA PHE E 99 -18.13 12.86 -35.47
C PHE E 99 -16.95 13.80 -35.60
N TYR E 100 -15.73 13.25 -35.55
CA TYR E 100 -14.50 14.03 -35.61
C TYR E 100 -14.25 14.49 -37.04
N GLU E 101 -14.12 15.79 -37.23
CA GLU E 101 -13.97 16.31 -38.58
C GLU E 101 -12.54 16.18 -39.09
N ASP E 102 -11.56 16.34 -38.22
CA ASP E 102 -10.15 16.20 -38.58
C ASP E 102 -9.64 14.77 -38.46
N PHE E 103 -10.52 13.77 -38.42
CA PHE E 103 -10.10 12.39 -38.30
C PHE E 103 -9.19 12.00 -39.47
N ALA E 104 -7.96 11.60 -39.15
CA ALA E 104 -7.07 11.02 -40.15
C ALA E 104 -7.17 9.50 -40.08
N LEU E 105 -6.87 8.84 -41.19
CA LEU E 105 -6.82 7.39 -41.24
C LEU E 105 -5.38 6.95 -41.41
N ARG E 106 -4.98 5.88 -40.72
CA ARG E 106 -3.72 5.22 -40.98
C ARG E 106 -3.98 3.86 -41.59
N ASP E 107 -3.04 3.40 -42.41
CA ASP E 107 -3.21 2.18 -43.19
C ASP E 107 -2.42 0.98 -42.66
N LYS E 108 -1.75 1.12 -41.53
CA LYS E 108 -0.91 0.05 -41.01
C LYS E 108 -1.66 -0.59 -39.86
N ALA E 109 -1.62 -1.93 -39.80
CA ALA E 109 -2.28 -2.63 -38.71
C ALA E 109 -1.44 -2.58 -37.45
N LYS E 110 -2.10 -2.67 -36.32
CA LYS E 110 -1.41 -2.55 -35.05
C LYS E 110 -0.71 -3.86 -34.71
N TYR E 111 0.49 -3.75 -34.13
CA TYR E 111 1.28 -4.92 -33.78
C TYR E 111 0.79 -5.48 -32.44
N SER E 112 -0.30 -6.23 -32.51
CA SER E 112 -0.84 -6.94 -31.37
C SER E 112 -0.12 -8.26 -31.20
N GLY E 113 -0.19 -8.83 -30.00
CA GLY E 113 0.60 -10.01 -29.69
C GLY E 113 0.29 -11.21 -30.59
N ALA E 114 -1.00 -11.50 -30.78
CA ALA E 114 -1.37 -12.59 -31.68
C ALA E 114 -1.10 -12.24 -33.15
N LYS E 115 -0.96 -10.96 -33.48
CA LYS E 115 -0.47 -10.54 -34.78
C LYS E 115 1.04 -10.47 -34.80
N ARG E 116 1.68 -10.44 -33.63
CA ARG E 116 3.12 -10.52 -33.47
C ARG E 116 3.60 -11.97 -33.45
N GLU E 117 2.97 -12.80 -32.62
CA GLU E 117 3.32 -14.21 -32.52
C GLU E 117 3.13 -14.93 -33.84
N PHE E 118 2.21 -14.47 -34.68
CA PHE E 118 1.99 -15.17 -35.95
C PHE E 118 3.17 -14.94 -36.88
N ILE E 119 3.97 -13.92 -36.61
CA ILE E 119 5.16 -13.65 -37.39
C ILE E 119 6.37 -14.34 -36.76
N GLU E 120 6.43 -14.36 -35.43
CA GLU E 120 7.51 -15.02 -34.69
C GLU E 120 7.24 -16.52 -34.71
N GLY E 121 7.61 -17.15 -35.81
CA GLY E 121 7.41 -18.59 -35.92
C GLY E 121 6.69 -19.05 -37.17
N LEU E 122 6.88 -18.34 -38.28
CA LEU E 122 6.27 -18.78 -39.53
C LEU E 122 7.04 -19.92 -40.16
N ALA E 123 8.29 -20.14 -39.73
CA ALA E 123 9.06 -21.26 -40.24
C ALA E 123 8.56 -22.58 -39.66
N THR E 124 8.31 -22.63 -38.36
CA THR E 124 8.04 -23.88 -37.67
C THR E 124 6.57 -24.14 -37.39
N MET E 125 5.73 -23.12 -37.35
CA MET E 125 4.35 -23.32 -36.92
C MET E 125 3.64 -24.26 -37.89
N PRO E 126 3.01 -25.33 -37.41
CA PRO E 126 2.31 -26.25 -38.32
C PRO E 126 1.11 -25.57 -38.95
N LEU E 127 0.86 -25.92 -40.22
CA LEU E 127 -0.23 -25.27 -40.95
C LEU E 127 -1.60 -25.59 -40.37
N ASP E 128 -1.71 -26.65 -39.58
CA ASP E 128 -2.99 -26.98 -38.96
C ASP E 128 -3.21 -26.23 -37.65
N LYS E 129 -2.22 -25.45 -37.18
CA LYS E 129 -2.47 -24.50 -36.11
C LYS E 129 -2.31 -23.04 -36.54
N ILE E 130 -1.56 -22.77 -37.60
CA ILE E 130 -1.46 -21.41 -38.11
C ILE E 130 -2.72 -21.01 -38.85
N ILE E 131 -3.34 -21.94 -39.57
CA ILE E 131 -4.51 -21.61 -40.38
C ILE E 131 -5.81 -21.66 -39.59
N GLU E 132 -5.86 -22.42 -38.47
CA GLU E 132 -7.04 -22.44 -37.63
C GLU E 132 -7.04 -21.38 -36.54
N ARG E 133 -5.88 -20.77 -36.26
CA ARG E 133 -5.83 -19.64 -35.35
C ARG E 133 -6.19 -18.35 -36.05
N ILE E 134 -5.78 -18.21 -37.32
CA ILE E 134 -6.02 -16.99 -38.08
C ILE E 134 -7.41 -17.00 -38.72
N ARG E 135 -7.93 -18.20 -39.06
CA ARG E 135 -9.23 -18.34 -39.72
C ARG E 135 -10.36 -17.55 -39.07
N GLN E 136 -10.28 -17.29 -37.76
CA GLN E 136 -11.38 -16.67 -37.03
C GLN E 136 -11.14 -15.18 -36.78
N ASP E 137 -10.37 -14.55 -37.65
CA ASP E 137 -10.02 -13.14 -37.52
C ASP E 137 -10.20 -12.48 -38.88
N GLU E 138 -10.96 -11.37 -38.90
CA GLU E 138 -11.33 -10.76 -40.18
C GLU E 138 -10.13 -10.17 -40.90
N GLN E 139 -9.10 -9.75 -40.16
CA GLN E 139 -7.90 -9.19 -40.77
C GLN E 139 -6.88 -10.24 -41.13
N LEU E 140 -7.05 -11.48 -40.66
CA LEU E 140 -6.10 -12.55 -40.90
C LEU E 140 -6.51 -13.46 -42.05
N SER E 141 -7.81 -13.65 -42.27
CA SER E 141 -8.25 -14.53 -43.35
C SER E 141 -7.99 -13.92 -44.74
N LYS E 142 -7.94 -12.58 -44.83
CA LYS E 142 -7.78 -11.90 -46.12
C LYS E 142 -6.50 -12.26 -46.85
N ILE E 143 -5.54 -12.91 -46.21
CA ILE E 143 -4.38 -13.47 -46.89
C ILE E 143 -4.46 -14.98 -46.78
N PRO E 144 -4.48 -15.71 -47.90
CA PRO E 144 -4.54 -17.17 -47.84
C PRO E 144 -3.26 -17.77 -47.28
N ALA E 145 -3.37 -19.00 -46.81
CA ALA E 145 -2.24 -19.71 -46.21
C ALA E 145 -1.11 -19.95 -47.18
N GLU E 146 -1.34 -19.71 -48.48
CA GLU E 146 -0.30 -19.92 -49.49
C GLU E 146 0.91 -19.02 -49.26
N GLU E 147 0.71 -17.71 -49.34
CA GLU E 147 1.78 -16.73 -49.19
C GLU E 147 2.34 -16.62 -47.78
N TRP E 148 1.69 -17.20 -46.76
CA TRP E 148 2.26 -17.15 -45.42
C TRP E 148 3.60 -17.84 -45.35
N LEU E 149 3.67 -19.09 -45.82
CA LEU E 149 4.87 -19.89 -45.65
C LEU E 149 6.02 -19.42 -46.55
N ILE E 150 5.71 -18.98 -47.77
CA ILE E 150 6.77 -18.69 -48.72
C ILE E 150 7.57 -17.46 -48.28
N LEU E 151 6.88 -16.40 -47.87
CA LEU E 151 7.59 -15.24 -47.34
C LEU E 151 8.29 -15.59 -46.03
N GLY E 152 7.75 -16.55 -45.27
CA GLY E 152 8.36 -16.91 -44.01
C GLY E 152 9.71 -17.56 -44.20
N ALA E 153 9.90 -18.25 -45.32
CA ALA E 153 11.20 -18.85 -45.63
C ALA E 153 12.15 -17.86 -46.30
N GLU E 154 11.62 -16.98 -47.16
CA GLU E 154 12.45 -16.04 -47.89
C GLU E 154 12.55 -14.69 -47.18
N TYR E 155 11.45 -14.15 -46.68
CA TYR E 155 11.43 -12.81 -46.13
C TYR E 155 11.55 -12.94 -44.61
N SER E 156 12.30 -12.02 -44.01
CA SER E 156 12.38 -11.96 -42.57
C SER E 156 11.09 -11.37 -41.99
N PRO E 157 10.86 -11.52 -40.68
CA PRO E 157 9.61 -10.99 -40.11
C PRO E 157 9.42 -9.52 -40.42
N GLU E 158 10.50 -8.74 -40.32
CA GLU E 158 10.41 -7.31 -40.59
C GLU E 158 10.17 -7.04 -42.07
N GLU E 159 10.52 -8.00 -42.95
CA GLU E 159 10.24 -7.87 -44.37
C GLU E 159 8.76 -8.09 -44.65
N ILE E 160 8.16 -9.07 -43.97
CA ILE E 160 6.75 -9.36 -44.19
C ILE E 160 5.91 -8.13 -43.89
N TRP E 161 6.24 -7.44 -42.78
CA TRP E 161 5.41 -6.34 -42.31
C TRP E 161 5.37 -5.17 -43.26
N GLU E 162 6.45 -4.91 -44.01
CA GLU E 162 6.50 -3.69 -44.81
C GLU E 162 5.48 -3.69 -45.93
N GLN E 163 5.13 -4.85 -46.49
CA GLN E 163 4.15 -4.85 -47.57
C GLN E 163 3.04 -5.89 -47.44
N VAL E 164 2.82 -6.45 -46.26
CA VAL E 164 1.58 -7.18 -46.04
C VAL E 164 0.65 -6.39 -45.12
N ALA E 165 1.15 -5.38 -44.41
CA ALA E 165 0.40 -4.51 -43.51
C ALA E 165 -0.48 -3.55 -44.31
N PRO E 166 0.01 -2.94 -45.41
CA PRO E 166 -0.89 -2.13 -46.24
C PRO E 166 -1.87 -2.96 -47.04
N ARG E 167 -1.87 -4.28 -46.88
CA ARG E 167 -2.81 -5.18 -47.53
C ARG E 167 -3.92 -5.63 -46.59
N ILE E 168 -3.58 -5.97 -45.34
CA ILE E 168 -4.60 -6.43 -44.42
C ILE E 168 -4.72 -5.08 -43.73
N VAL E 169 -5.82 -4.41 -43.97
CA VAL E 169 -6.01 -3.12 -43.31
C VAL E 169 -7.52 -3.23 -43.34
N ASN E 170 -8.15 -2.89 -42.23
CA ASN E 170 -9.57 -3.17 -42.06
C ASN E 170 -10.34 -2.01 -42.67
N VAL E 171 -10.79 -2.17 -43.92
CA VAL E 171 -11.41 -1.07 -44.65
C VAL E 171 -12.75 -0.65 -44.07
N ASP E 172 -13.28 -1.41 -43.09
CA ASP E 172 -14.48 -0.98 -42.40
C ASP E 172 -14.25 0.27 -41.55
N ARG E 173 -13.00 0.55 -41.19
CA ARG E 173 -12.68 1.71 -40.36
C ARG E 173 -12.92 3.04 -41.06
N SER E 174 -12.98 3.05 -42.40
CA SER E 174 -13.21 4.26 -43.17
C SER E 174 -14.66 4.71 -43.17
N LEU E 175 -15.61 3.81 -42.85
CA LEU E 175 -17.03 4.13 -42.94
C LEU E 175 -17.38 5.40 -42.17
N GLY E 176 -16.64 5.71 -41.11
CA GLY E 176 -16.89 6.95 -40.40
C GLY E 176 -16.54 8.17 -41.23
N LYS E 177 -15.39 8.15 -41.91
CA LYS E 177 -14.98 9.32 -42.70
C LYS E 177 -15.96 9.60 -43.82
N GLN E 178 -16.47 8.55 -44.48
CA GLN E 178 -17.43 8.75 -45.55
C GLN E 178 -18.71 9.38 -45.01
N LEU E 179 -19.26 8.81 -43.94
CA LEU E 179 -20.56 9.26 -43.46
C LEU E 179 -20.55 10.74 -43.04
N ARG E 180 -19.44 11.20 -42.44
CA ARG E 180 -19.41 12.60 -42.02
C ARG E 180 -19.38 13.55 -43.22
N GLU E 181 -18.39 13.38 -44.10
CA GLU E 181 -18.21 14.32 -45.20
C GLU E 181 -19.26 14.12 -46.28
N ARG E 182 -19.68 12.89 -46.54
CA ARG E 182 -20.69 12.65 -47.56
C ARG E 182 -22.08 13.10 -47.10
N LEU E 183 -22.28 13.27 -45.80
CA LEU E 183 -23.52 13.82 -45.25
C LEU E 183 -23.32 15.17 -44.57
N GLY E 184 -22.11 15.72 -44.58
CA GLY E 184 -21.85 17.01 -43.94
C GLY E 184 -22.20 17.07 -42.47
N ILE E 185 -21.74 16.10 -41.69
CA ILE E 185 -22.12 15.96 -40.28
C ILE E 185 -21.23 16.84 -39.42
N LYS E 186 -21.85 17.76 -38.68
CA LYS E 186 -21.18 18.59 -37.69
C LYS E 186 -21.82 18.32 -36.33
N CYS E 187 -20.99 18.11 -35.31
CA CYS E 187 -21.47 18.01 -33.94
C CYS E 187 -21.32 19.35 -33.25
N ARG E 188 -21.41 19.37 -31.91
CA ARG E 188 -21.29 20.63 -31.19
C ARG E 188 -19.84 21.07 -31.09
N ARG E 189 -18.94 20.16 -30.73
CA ARG E 189 -17.51 20.44 -30.72
C ARG E 189 -16.86 19.38 -31.60
N PRO E 190 -16.53 19.70 -32.85
CA PRO E 190 -15.96 18.70 -33.77
C PRO E 190 -14.45 18.66 -33.82
N HIS E 191 -13.74 19.33 -32.91
CA HIS E 191 -12.29 19.32 -32.89
C HIS E 191 -11.70 18.68 -31.65
N ASP E 192 -12.50 18.46 -30.61
CA ASP E 192 -12.05 17.80 -29.38
C ASP E 192 -12.42 16.32 -29.49
N ALA E 193 -11.41 15.49 -29.76
CA ALA E 193 -11.67 14.06 -29.98
C ALA E 193 -12.36 13.42 -28.79
N GLY E 194 -12.09 13.92 -27.58
CA GLY E 194 -12.77 13.43 -26.40
C GLY E 194 -14.27 13.53 -26.59
N TYR E 195 -14.76 14.76 -26.79
CA TYR E 195 -16.18 14.97 -27.02
C TYR E 195 -16.71 13.98 -28.06
N CYS E 196 -15.98 13.80 -29.15
CA CYS E 196 -16.40 12.83 -30.17
C CYS E 196 -16.27 11.40 -29.64
N LYS E 197 -15.05 10.99 -29.25
CA LYS E 197 -14.81 9.60 -28.82
C LYS E 197 -15.81 9.18 -27.75
N ILE E 198 -16.06 10.03 -26.76
CA ILE E 198 -17.06 9.75 -25.74
C ILE E 198 -18.44 9.60 -26.39
N LEU E 199 -18.86 10.62 -27.13
CA LEU E 199 -20.22 10.66 -27.64
C LEU E 199 -20.52 9.44 -28.51
N MET E 200 -19.57 9.04 -29.35
CA MET E 200 -19.77 7.86 -30.18
C MET E 200 -20.04 6.63 -29.32
N GLU E 201 -19.10 6.30 -28.42
CA GLU E 201 -19.32 5.18 -27.54
C GLU E 201 -20.54 5.42 -26.64
N VAL E 202 -20.82 6.69 -26.30
CA VAL E 202 -21.98 6.97 -25.45
C VAL E 202 -23.27 6.77 -26.22
N VAL E 203 -23.35 7.32 -27.44
CA VAL E 203 -24.54 7.09 -28.27
C VAL E 203 -24.68 5.61 -28.57
N ALA E 204 -23.57 4.95 -28.93
CA ALA E 204 -23.59 3.50 -29.15
C ALA E 204 -24.06 2.72 -27.93
N ARG E 205 -23.72 3.19 -26.73
CA ARG E 205 -24.06 2.43 -25.52
C ARG E 205 -25.56 2.32 -25.30
N GLN E 206 -26.34 3.27 -25.81
CA GLN E 206 -27.78 3.15 -25.72
C GLN E 206 -28.38 2.37 -26.88
N LEU E 207 -27.61 2.18 -27.96
CA LEU E 207 -28.14 1.53 -29.16
C LEU E 207 -28.15 0.01 -29.02
N ARG E 208 -27.01 -0.59 -28.71
CA ARG E 208 -26.95 -2.03 -28.56
C ARG E 208 -27.96 -2.55 -27.53
N SER E 209 -28.30 -1.74 -26.53
CA SER E 209 -29.33 -2.10 -25.57
C SER E 209 -30.72 -2.21 -26.21
N HIS E 210 -30.92 -1.61 -27.39
CA HIS E 210 -32.17 -1.77 -28.11
C HIS E 210 -32.02 -2.64 -29.35
N ASN E 211 -30.84 -2.69 -29.97
CA ASN E 211 -30.66 -3.51 -31.17
C ASN E 211 -30.78 -4.98 -30.82
N GLU E 212 -29.97 -5.45 -29.87
CA GLU E 212 -30.07 -6.85 -29.47
C GLU E 212 -31.43 -7.15 -28.86
N THR E 213 -32.04 -6.15 -28.20
CA THR E 213 -33.44 -6.28 -27.77
C THR E 213 -34.37 -6.47 -28.96
N TYR E 214 -34.13 -5.72 -30.04
CA TYR E 214 -35.00 -5.80 -31.21
C TYR E 214 -34.99 -7.20 -31.81
N HIS E 215 -33.79 -7.75 -32.04
CA HIS E 215 -33.69 -9.11 -32.55
C HIS E 215 -34.18 -10.13 -31.54
N GLU E 216 -34.34 -9.75 -30.28
CA GLU E 216 -34.76 -10.67 -29.23
C GLU E 216 -36.27 -10.68 -28.99
N TYR E 217 -36.92 -9.52 -29.04
CA TYR E 217 -38.38 -9.48 -28.90
C TYR E 217 -39.05 -10.24 -30.05
N LEU E 218 -38.43 -10.25 -31.23
CA LEU E 218 -38.94 -11.05 -32.34
C LEU E 218 -38.78 -12.54 -32.06
N ASN E 219 -37.57 -12.98 -31.73
CA ASN E 219 -37.34 -14.41 -31.51
C ASN E 219 -38.24 -15.00 -30.43
N GLN E 220 -38.80 -14.16 -29.54
CA GLN E 220 -39.89 -14.63 -28.70
C GLN E 220 -41.23 -14.48 -29.42
N THR E 221 -41.44 -13.36 -30.13
CA THR E 221 -42.64 -13.21 -30.94
C THR E 221 -42.76 -14.34 -31.95
N HIS E 222 -41.62 -14.92 -32.34
CA HIS E 222 -41.59 -16.11 -33.18
C HIS E 222 -41.62 -17.39 -32.35
N GLU E 223 -41.15 -17.34 -31.10
CA GLU E 223 -41.26 -18.49 -30.21
C GLU E 223 -42.63 -18.60 -29.56
N MET E 224 -43.35 -17.50 -29.45
CA MET E 224 -44.72 -17.55 -28.93
C MET E 224 -45.65 -18.07 -30.01
N LYS E 225 -45.42 -17.67 -31.26
CA LYS E 225 -46.14 -18.21 -32.41
C LYS E 225 -45.66 -19.59 -32.81
N THR E 226 -44.63 -20.12 -32.14
CA THR E 226 -44.17 -21.48 -32.42
C THR E 226 -44.99 -22.52 -31.66
N LYS E 227 -45.25 -22.28 -30.38
CA LYS E 227 -46.00 -23.22 -29.55
C LYS E 227 -47.49 -22.92 -29.52
N VAL E 228 -47.97 -22.06 -30.40
CA VAL E 228 -49.41 -21.87 -30.55
C VAL E 228 -49.98 -22.76 -31.66
N ALA E 229 -49.24 -22.92 -32.76
CA ALA E 229 -49.66 -23.77 -33.86
C ALA E 229 -49.08 -25.18 -33.75
N ASN E 230 -48.39 -25.47 -32.66
CA ASN E 230 -47.91 -26.82 -32.35
C ASN E 230 -48.88 -27.62 -31.51
N ASN E 231 -49.88 -26.97 -30.90
CA ASN E 231 -50.75 -27.60 -29.93
C ASN E 231 -52.20 -27.67 -30.41
N LEU E 232 -52.41 -27.73 -31.71
CA LEU E 232 -53.75 -27.79 -32.29
C LEU E 232 -54.40 -29.12 -31.93
N THR E 233 -55.33 -29.08 -30.97
CA THR E 233 -56.12 -30.24 -30.58
C THR E 233 -57.59 -30.00 -30.95
N ASN E 234 -58.40 -31.06 -30.82
CA ASN E 234 -59.83 -30.95 -31.06
C ASN E 234 -60.56 -30.21 -29.93
N GLU E 235 -59.84 -29.81 -28.88
CA GLU E 235 -60.43 -29.05 -27.79
C GLU E 235 -60.25 -27.54 -27.92
N PHE E 236 -59.16 -27.09 -28.57
CA PHE E 236 -59.01 -25.67 -28.86
C PHE E 236 -60.10 -25.18 -29.81
N ASP E 237 -60.60 -26.04 -30.70
CA ASP E 237 -61.68 -25.65 -31.61
C ASP E 237 -62.92 -25.15 -30.87
N LEU E 238 -63.11 -25.58 -29.62
CA LEU E 238 -64.24 -25.08 -28.85
C LEU E 238 -63.92 -24.44 -27.49
N VAL E 239 -62.89 -24.93 -26.81
CA VAL E 239 -62.57 -24.39 -25.49
C VAL E 239 -62.17 -22.93 -25.62
N CYS E 240 -61.35 -22.65 -26.62
CA CYS E 240 -60.91 -21.28 -26.92
C CYS E 240 -62.10 -20.42 -27.35
N GLU E 241 -63.01 -21.03 -28.10
CA GLU E 241 -64.26 -20.37 -28.45
C GLU E 241 -64.99 -20.09 -27.15
N PHE E 242 -64.84 -21.00 -26.20
CA PHE E 242 -65.51 -20.92 -24.90
C PHE E 242 -65.09 -19.65 -24.15
N ALA E 243 -63.81 -19.29 -24.22
CA ALA E 243 -63.33 -18.06 -23.61
C ALA E 243 -63.99 -16.84 -24.26
N GLU E 244 -64.16 -16.91 -25.58
CA GLU E 244 -64.75 -15.83 -26.36
C GLU E 244 -66.19 -15.56 -25.92
N VAL E 245 -66.94 -16.63 -25.67
CA VAL E 245 -68.31 -16.49 -25.20
C VAL E 245 -68.38 -15.79 -23.86
N LEU E 246 -67.42 -16.10 -22.98
CA LEU E 246 -67.41 -15.55 -21.62
C LEU E 246 -67.30 -14.03 -21.62
N GLU E 247 -66.46 -13.48 -22.49
CA GLU E 247 -66.41 -12.04 -22.63
C GLU E 247 -67.79 -11.64 -23.11
N GLU E 248 -68.33 -12.44 -24.03
CA GLU E 248 -69.71 -12.32 -24.43
C GLU E 248 -70.55 -12.63 -23.20
N LYS E 249 -70.08 -13.61 -22.43
CA LYS E 249 -70.71 -13.97 -21.16
C LYS E 249 -70.63 -12.83 -20.15
N ASN E 250 -69.51 -12.12 -20.15
CA ASN E 250 -69.32 -10.94 -19.30
C ASN E 250 -68.86 -11.26 -17.89
N TYR E 251 -68.62 -12.54 -17.63
CA TYR E 251 -68.03 -12.99 -16.39
C TYR E 251 -66.75 -13.72 -16.78
N GLY E 252 -65.64 -13.43 -16.11
CA GLY E 252 -64.36 -13.95 -16.54
C GLY E 252 -64.21 -15.46 -16.48
N LEU E 253 -63.51 -16.02 -17.47
CA LEU E 253 -63.19 -17.43 -17.52
C LEU E 253 -61.82 -17.59 -16.91
N GLY E 254 -61.73 -18.43 -15.88
CA GLY E 254 -60.65 -18.34 -14.93
C GLY E 254 -59.84 -19.60 -14.78
N TRP E 255 -59.06 -19.71 -13.71
CA TRP E 255 -58.31 -20.92 -13.51
C TRP E 255 -58.98 -21.91 -12.57
N TYR E 256 -59.25 -21.51 -11.35
CA TYR E 256 -59.68 -22.52 -10.38
C TYR E 256 -60.86 -22.84 -11.30
N VAL E 257 -60.86 -24.10 -11.76
CA VAL E 257 -61.94 -24.67 -12.57
C VAL E 257 -62.38 -25.84 -11.68
N LEU E 258 -61.56 -26.26 -10.72
CA LEU E 258 -61.79 -27.55 -10.07
C LEU E 258 -62.84 -27.50 -8.96
N TRP E 259 -62.93 -26.42 -8.20
CA TRP E 259 -63.70 -26.52 -6.95
C TRP E 259 -65.20 -26.36 -7.17
N GLN E 260 -65.62 -25.61 -8.19
CA GLN E 260 -67.02 -25.58 -8.58
C GLN E 260 -67.28 -26.37 -9.84
N GLY E 261 -66.26 -27.04 -10.37
CA GLY E 261 -66.37 -27.84 -11.57
C GLY E 261 -66.53 -29.30 -11.19
N VAL E 262 -65.72 -29.73 -10.21
CA VAL E 262 -65.88 -31.07 -9.67
C VAL E 262 -67.11 -31.12 -8.78
N LYS E 263 -67.45 -30.01 -8.13
CA LYS E 263 -68.70 -29.94 -7.39
C LYS E 263 -69.88 -30.04 -8.35
N GLN E 264 -69.67 -29.66 -9.61
CA GLN E 264 -70.65 -29.82 -10.68
C GLN E 264 -70.42 -31.08 -11.51
N ALA E 265 -69.30 -31.77 -11.35
CA ALA E 265 -69.01 -32.97 -12.14
C ALA E 265 -69.26 -34.27 -11.38
N LEU E 266 -69.58 -34.20 -10.08
CA LEU E 266 -69.98 -35.39 -9.35
C LEU E 266 -71.48 -35.47 -9.10
N LYS E 267 -72.21 -34.38 -9.31
CA LYS E 267 -73.67 -34.42 -9.23
C LYS E 267 -74.27 -33.13 -9.77
N GLU E 268 -75.38 -33.28 -10.50
CA GLU E 268 -76.09 -32.14 -11.08
C GLU E 268 -76.79 -31.47 -9.92
N GLN E 269 -76.05 -30.58 -9.25
CA GLN E 269 -76.55 -29.95 -8.04
C GLN E 269 -77.75 -29.05 -8.32
N LYS E 270 -78.81 -29.27 -7.54
CA LYS E 270 -80.00 -28.44 -7.61
C LYS E 270 -79.80 -27.13 -6.86
N LYS E 271 -78.64 -26.98 -6.22
CA LYS E 271 -78.18 -25.71 -5.70
C LYS E 271 -77.00 -25.29 -6.57
N PRO E 272 -77.17 -24.33 -7.48
CA PRO E 272 -76.09 -23.99 -8.41
C PRO E 272 -74.83 -23.52 -7.69
N THR E 273 -73.73 -23.48 -8.44
CA THR E 273 -72.47 -22.97 -7.93
C THR E 273 -72.12 -21.69 -8.69
N LYS E 274 -70.96 -21.12 -8.33
CA LYS E 274 -70.58 -19.82 -8.86
C LYS E 274 -70.39 -19.83 -10.37
N ILE E 275 -70.25 -21.00 -10.99
CA ILE E 275 -70.00 -21.09 -12.42
C ILE E 275 -71.20 -21.69 -13.13
N GLN E 276 -72.40 -21.46 -12.61
CA GLN E 276 -73.60 -22.06 -13.18
C GLN E 276 -73.84 -21.59 -14.62
N ILE E 277 -73.55 -20.31 -14.90
CA ILE E 277 -73.74 -19.78 -16.24
C ILE E 277 -72.83 -20.46 -17.25
N ALA E 278 -71.69 -21.00 -16.79
CA ALA E 278 -70.79 -21.72 -17.70
C ALA E 278 -71.31 -23.12 -17.99
N VAL E 279 -71.89 -23.78 -16.99
CA VAL E 279 -72.43 -25.12 -17.19
C VAL E 279 -73.60 -25.08 -18.17
N ASP E 280 -74.39 -24.00 -18.14
CA ASP E 280 -75.50 -23.88 -19.09
C ASP E 280 -75.00 -23.70 -20.52
N GLN E 281 -73.86 -23.03 -20.70
CA GLN E 281 -73.19 -22.99 -21.99
C GLN E 281 -72.22 -24.13 -22.21
N LEU E 282 -72.07 -25.03 -21.24
CA LEU E 282 -71.29 -26.25 -21.43
C LEU E 282 -72.15 -27.49 -21.68
N ARG E 283 -73.44 -27.32 -21.98
CA ARG E 283 -74.26 -28.43 -22.42
C ARG E 283 -74.78 -28.29 -23.84
N GLN E 284 -74.48 -27.19 -24.54
CA GLN E 284 -74.91 -27.02 -25.91
C GLN E 284 -74.30 -28.11 -26.79
N PRO E 285 -74.98 -28.48 -27.89
CA PRO E 285 -74.49 -29.64 -28.68
C PRO E 285 -73.16 -29.41 -29.36
N LYS E 286 -72.85 -28.18 -29.78
CA LYS E 286 -71.56 -27.91 -30.41
C LYS E 286 -70.42 -27.84 -29.41
N PHE E 287 -70.71 -27.79 -28.11
CA PHE E 287 -69.69 -27.88 -27.06
C PHE E 287 -69.83 -29.16 -26.24
N ALA E 288 -70.56 -30.14 -26.75
CA ALA E 288 -70.51 -31.48 -26.20
C ALA E 288 -69.28 -32.24 -26.68
N GLY E 289 -68.57 -31.72 -27.69
CA GLY E 289 -67.25 -32.19 -28.03
C GLY E 289 -66.16 -31.76 -27.07
N LEU E 290 -66.50 -30.95 -26.06
CA LEU E 290 -65.56 -30.53 -25.03
C LEU E 290 -65.78 -31.27 -23.72
N LEU E 291 -67.04 -31.54 -23.35
CA LEU E 291 -67.32 -32.31 -22.14
C LEU E 291 -66.63 -33.66 -22.15
N THR E 292 -66.32 -34.19 -23.33
CA THR E 292 -65.77 -35.52 -23.48
C THR E 292 -64.25 -35.49 -23.55
N ALA E 293 -63.64 -34.47 -22.95
CA ALA E 293 -62.18 -34.35 -22.85
C ALA E 293 -61.65 -34.46 -21.40
N LYS E 294 -60.59 -35.25 -21.21
CA LYS E 294 -59.96 -35.49 -19.91
C LYS E 294 -59.25 -34.27 -19.29
N TRP E 295 -59.32 -34.12 -17.96
CA TRP E 295 -58.84 -32.91 -17.28
C TRP E 295 -57.34 -32.61 -17.38
N ARG E 296 -56.49 -33.61 -17.18
CA ARG E 296 -55.05 -33.37 -17.16
C ARG E 296 -54.50 -32.86 -18.49
N ALA E 297 -54.96 -33.43 -19.59
CA ALA E 297 -54.38 -33.11 -20.89
C ALA E 297 -54.55 -31.64 -21.20
N LEU E 298 -55.73 -31.12 -20.89
CA LEU E 298 -56.06 -29.72 -21.12
C LEU E 298 -55.22 -28.77 -20.27
N LYS E 299 -54.68 -29.27 -19.16
CA LYS E 299 -54.08 -28.42 -18.14
C LYS E 299 -52.99 -27.60 -18.76
N GLY E 300 -52.22 -28.20 -19.66
CA GLY E 300 -51.23 -27.46 -20.40
C GLY E 300 -51.94 -26.40 -21.22
N ALA E 301 -53.09 -26.79 -21.77
CA ALA E 301 -53.87 -25.91 -22.63
C ALA E 301 -54.31 -24.66 -21.88
N TYR E 302 -54.69 -24.83 -20.63
CA TYR E 302 -55.06 -23.69 -19.79
C TYR E 302 -53.81 -22.83 -19.73
N ASP E 303 -52.65 -23.49 -19.65
CA ASP E 303 -51.39 -22.80 -19.69
C ASP E 303 -51.18 -22.09 -21.03
N THR E 304 -51.57 -22.74 -22.12
CA THR E 304 -51.41 -22.17 -23.45
C THR E 304 -52.21 -20.88 -23.71
N TRP E 305 -53.44 -20.82 -23.20
CA TRP E 305 -54.32 -19.69 -23.50
C TRP E 305 -53.71 -18.40 -23.02
N LYS E 306 -53.08 -18.44 -21.86
CA LYS E 306 -52.46 -17.25 -21.30
C LYS E 306 -51.44 -16.82 -22.34
N LEU E 307 -50.74 -17.79 -22.92
CA LEU E 307 -49.86 -17.52 -24.06
C LEU E 307 -50.68 -17.03 -25.23
N LYS E 308 -51.83 -17.66 -25.46
CA LYS E 308 -52.67 -17.27 -26.59
C LYS E 308 -53.20 -15.84 -26.45
N LYS E 309 -53.64 -15.50 -25.24
CA LYS E 309 -54.14 -14.16 -24.95
C LYS E 309 -53.05 -13.11 -25.10
N ARG E 310 -51.84 -13.47 -24.67
CA ARG E 310 -50.74 -12.53 -24.59
C ARG E 310 -50.40 -11.96 -25.95
N LEU E 311 -50.47 -12.79 -26.97
CA LEU E 311 -49.96 -12.41 -28.27
C LEU E 311 -50.65 -11.21 -28.93
N GLU E 312 -51.98 -11.17 -28.92
CA GLU E 312 -52.66 -10.02 -29.53
C GLU E 312 -52.43 -8.71 -28.79
N LYS E 313 -52.51 -8.75 -27.47
CA LYS E 313 -52.22 -7.56 -26.67
C LYS E 313 -50.76 -7.18 -26.80
N ARG E 314 -49.90 -8.20 -26.79
CA ARG E 314 -48.46 -8.00 -26.89
C ARG E 314 -48.20 -7.07 -28.06
N LYS E 315 -47.52 -5.95 -27.81
CA LYS E 315 -47.20 -5.07 -28.92
C LYS E 315 -46.26 -5.78 -29.88
N ALA E 316 -46.41 -5.47 -31.18
CA ALA E 316 -45.63 -6.14 -32.20
C ALA E 316 -44.18 -5.68 -32.17
N PHE E 317 -43.92 -4.51 -31.60
CA PHE E 317 -42.59 -3.92 -31.62
C PHE E 317 -42.42 -3.10 -30.35
N PRO E 318 -41.18 -2.78 -29.98
CA PRO E 318 -40.97 -1.95 -28.78
C PRO E 318 -41.48 -0.53 -29.01
N TYR E 319 -41.61 0.18 -27.89
CA TYR E 319 -41.93 1.59 -27.91
C TYR E 319 -40.77 2.43 -28.44
N MET E 320 -40.98 3.75 -28.42
CA MET E 320 -39.93 4.70 -28.69
C MET E 320 -38.98 4.78 -27.50
N PRO E 321 -37.66 4.73 -27.73
CA PRO E 321 -36.73 4.98 -26.62
C PRO E 321 -36.88 6.42 -26.14
N ASN E 322 -37.07 6.59 -24.83
CA ASN E 322 -37.22 7.92 -24.24
C ASN E 322 -35.82 8.45 -23.91
N TRP E 323 -35.21 9.09 -24.90
CA TRP E 323 -33.83 9.58 -24.77
C TRP E 323 -33.72 10.78 -23.84
N ASP E 324 -34.82 11.24 -23.25
CA ASP E 324 -34.82 12.52 -22.55
C ASP E 324 -33.99 12.48 -21.27
N ASN E 325 -33.99 11.34 -20.57
CA ASN E 325 -33.30 11.27 -19.28
C ASN E 325 -31.79 11.25 -19.46
N ASP E 326 -31.11 12.05 -18.63
CA ASP E 326 -29.66 12.13 -18.69
C ASP E 326 -29.05 10.76 -18.42
N TYR E 327 -28.07 10.38 -19.24
CA TYR E 327 -27.38 9.12 -19.08
C TYR E 327 -26.07 9.39 -18.32
N GLN E 328 -25.59 8.37 -17.63
CA GLN E 328 -24.40 8.51 -16.79
C GLN E 328 -23.19 8.54 -17.71
N ILE E 329 -22.68 9.75 -17.98
CA ILE E 329 -21.54 9.94 -18.89
C ILE E 329 -20.25 9.51 -18.20
N PRO E 330 -19.58 8.49 -18.72
CA PRO E 330 -18.30 8.06 -18.15
C PRO E 330 -17.09 8.70 -18.84
N VAL E 331 -16.05 8.90 -18.05
CA VAL E 331 -14.81 9.48 -18.52
C VAL E 331 -13.63 8.69 -18.00
N GLY E 332 -12.60 8.52 -18.82
CA GLY E 332 -11.57 7.54 -18.57
C GLY E 332 -10.11 7.92 -18.68
N LEU E 333 -9.26 7.11 -18.07
CA LEU E 333 -7.85 7.33 -18.03
C LEU E 333 -7.17 7.34 -19.38
N THR E 334 -7.78 6.65 -20.33
CA THR E 334 -7.16 6.30 -21.59
C THR E 334 -7.62 7.37 -22.59
N GLY E 335 -7.30 7.16 -23.86
CA GLY E 335 -7.66 8.10 -24.89
C GLY E 335 -9.06 8.70 -24.97
N LEU E 336 -10.07 7.98 -24.50
CA LEU E 336 -11.45 8.47 -24.56
C LEU E 336 -11.80 9.07 -23.22
N GLY E 337 -11.74 10.39 -23.16
CA GLY E 337 -11.91 11.13 -21.94
C GLY E 337 -10.52 11.25 -21.36
N VAL E 338 -10.25 12.29 -20.58
CA VAL E 338 -8.95 12.41 -19.97
C VAL E 338 -9.13 12.96 -18.58
N PHE E 339 -8.37 12.46 -17.61
CA PHE E 339 -8.44 13.03 -16.29
C PHE E 339 -7.25 12.75 -15.38
N THR E 340 -7.10 13.62 -14.40
CA THR E 340 -6.15 13.46 -13.31
C THR E 340 -6.95 13.62 -12.02
N LEU E 341 -6.31 13.37 -10.87
CA LEU E 341 -7.09 13.30 -9.65
C LEU E 341 -6.18 13.56 -8.46
N GLU E 342 -6.73 14.21 -7.44
CA GLU E 342 -5.99 14.52 -6.22
C GLU E 342 -6.94 14.44 -5.04
N VAL E 343 -6.37 14.37 -3.84
CA VAL E 343 -7.13 14.29 -2.59
C VAL E 343 -6.68 15.44 -1.69
N LYS E 344 -7.49 16.48 -1.58
CA LYS E 344 -7.14 17.71 -0.87
C LYS E 344 -8.12 17.87 0.30
N ARG E 345 -7.63 17.64 1.52
CA ARG E 345 -8.44 17.78 2.74
C ARG E 345 -9.55 16.73 2.82
N THR E 346 -9.22 15.47 2.49
CA THR E 346 -10.19 14.38 2.40
C THR E 346 -11.33 14.70 1.43
N GLU E 347 -11.07 15.64 0.52
CA GLU E 347 -11.99 16.02 -0.54
C GLU E 347 -11.43 15.60 -1.88
N VAL E 348 -12.29 15.57 -2.89
CA VAL E 348 -12.00 14.96 -4.18
C VAL E 348 -11.87 16.07 -5.21
N VAL E 349 -10.86 15.96 -6.06
CA VAL E 349 -10.60 16.93 -7.12
C VAL E 349 -10.40 16.19 -8.43
N VAL E 350 -11.21 16.54 -9.44
CA VAL E 350 -11.13 15.96 -10.77
C VAL E 350 -10.81 17.08 -11.75
N ASP E 351 -9.75 16.90 -12.53
CA ASP E 351 -9.35 17.87 -13.54
C ASP E 351 -9.60 17.33 -14.93
N LEU E 352 -10.15 18.18 -15.79
CA LEU E 352 -10.29 17.91 -17.21
C LEU E 352 -9.60 19.07 -17.93
N LYS E 353 -8.44 18.80 -18.52
CA LYS E 353 -7.53 19.89 -18.85
C LYS E 353 -8.17 20.87 -19.82
N GLU E 354 -8.88 20.35 -20.82
CA GLU E 354 -9.55 21.19 -21.80
C GLU E 354 -10.88 21.71 -21.28
N HIS E 355 -11.52 21.00 -20.36
CA HIS E 355 -12.87 21.32 -19.92
C HIS E 355 -12.93 21.73 -18.45
N GLY E 356 -11.81 22.14 -17.87
CA GLY E 356 -11.79 22.73 -16.55
C GLY E 356 -11.58 21.72 -15.43
N LYS E 357 -11.73 22.22 -14.21
CA LYS E 357 -11.46 21.43 -13.02
C LYS E 357 -12.76 21.20 -12.27
N LEU E 358 -12.92 20.00 -11.72
CA LEU E 358 -14.00 19.73 -10.79
C LEU E 358 -13.47 19.73 -9.37
N PHE E 359 -14.38 19.96 -8.43
CA PHE E 359 -14.15 19.83 -7.00
C PHE E 359 -15.29 18.94 -6.54
N CYS E 360 -15.07 18.09 -5.55
CA CYS E 360 -16.16 17.16 -5.36
C CYS E 360 -16.10 16.58 -3.95
N SER E 361 -16.95 15.61 -3.63
CA SER E 361 -17.40 15.47 -2.27
C SER E 361 -16.82 15.49 -0.87
N HIS E 362 -17.53 16.19 0.01
CA HIS E 362 -17.47 16.00 1.46
C HIS E 362 -18.04 14.61 1.33
N SER E 363 -17.28 13.59 1.76
CA SER E 363 -17.68 12.21 1.50
C SER E 363 -16.93 11.38 2.52
N HIS E 364 -17.70 10.58 3.25
CA HIS E 364 -17.24 9.64 4.26
C HIS E 364 -17.15 8.19 3.78
N TYR E 365 -18.01 7.78 2.85
CA TYR E 365 -18.13 6.37 2.47
C TYR E 365 -16.80 5.79 1.97
N PHE E 366 -16.00 6.57 1.25
CA PHE E 366 -14.62 6.19 0.90
C PHE E 366 -13.91 7.03 1.94
N GLY E 367 -13.53 6.37 3.03
CA GLY E 367 -13.07 7.09 4.21
C GLY E 367 -11.59 6.78 4.20
N ASP E 368 -10.80 7.78 4.61
CA ASP E 368 -9.34 7.71 4.61
C ASP E 368 -8.82 7.30 3.23
N LEU E 369 -9.39 7.89 2.17
CA LEU E 369 -9.02 7.51 0.82
C LEU E 369 -7.65 8.08 0.47
N THR E 370 -6.90 7.32 -0.34
CA THR E 370 -5.60 7.75 -0.83
C THR E 370 -5.52 7.38 -2.30
N ALA E 371 -4.67 8.09 -3.04
CA ALA E 371 -4.49 7.85 -4.45
C ALA E 371 -3.00 7.79 -4.76
N GLU E 372 -2.65 6.84 -5.64
CA GLU E 372 -1.29 6.70 -6.14
C GLU E 372 -1.39 6.36 -7.62
N LYS E 373 -0.76 7.17 -8.47
CA LYS E 373 -0.88 6.91 -9.90
C LYS E 373 0.10 5.86 -10.35
N HIS E 374 -0.40 4.92 -11.15
CA HIS E 374 0.39 4.05 -11.97
C HIS E 374 0.03 4.39 -13.41
N PRO E 375 0.92 4.16 -14.38
CA PRO E 375 0.73 4.77 -15.70
C PRO E 375 -0.60 4.46 -16.37
N SER E 376 -1.26 3.36 -16.02
CA SER E 376 -2.54 3.02 -16.63
C SER E 376 -3.73 3.09 -15.68
N ARG E 377 -3.51 3.10 -14.38
CA ARG E 377 -4.63 3.00 -13.44
C ARG E 377 -4.33 3.86 -12.22
N TYR E 378 -5.39 4.27 -11.53
CA TYR E 378 -5.28 4.92 -10.22
C TYR E 378 -5.52 3.89 -9.14
N HIS E 379 -4.63 3.86 -8.14
CA HIS E 379 -4.66 2.85 -7.09
C HIS E 379 -5.26 3.48 -5.84
N LEU E 380 -6.32 2.87 -5.30
CA LEU E 380 -7.09 3.46 -4.23
C LEU E 380 -6.93 2.64 -2.95
N LYS E 381 -7.01 3.35 -1.82
CA LYS E 381 -6.85 2.73 -0.51
C LYS E 381 -7.78 3.45 0.46
N PHE E 382 -8.69 2.71 1.08
CA PHE E 382 -9.76 3.33 1.85
C PHE E 382 -10.51 2.27 2.64
N ARG E 383 -11.42 2.74 3.49
CA ARG E 383 -12.32 1.87 4.22
C ARG E 383 -13.64 2.59 4.45
N HIS E 384 -14.63 1.83 4.90
CA HIS E 384 -15.94 2.37 5.24
C HIS E 384 -16.02 2.61 6.74
N LYS E 385 -16.26 3.85 7.13
CA LYS E 385 -16.63 4.16 8.51
C LYS E 385 -18.15 4.26 8.57
N LEU E 386 -18.66 4.42 9.79
CA LEU E 386 -20.09 4.54 9.93
C LEU E 386 -20.49 6.02 9.91
N LYS E 387 -21.77 6.30 10.09
CA LYS E 387 -22.27 7.67 10.17
C LYS E 387 -22.79 7.94 11.57
N LEU E 388 -22.15 8.90 12.25
CA LEU E 388 -22.44 9.26 13.62
C LEU E 388 -23.12 10.63 13.59
N ARG E 389 -24.44 10.65 13.72
CA ARG E 389 -25.17 11.91 13.63
C ARG E 389 -25.00 12.72 14.90
N LYS E 390 -25.12 12.08 16.06
CA LYS E 390 -24.84 12.76 17.31
C LYS E 390 -23.35 12.65 17.58
N ARG E 391 -22.73 13.78 17.92
CA ARG E 391 -21.33 13.76 18.30
C ARG E 391 -21.00 13.46 19.75
N ASP E 392 -22.02 13.30 20.58
CA ASP E 392 -21.84 13.05 22.01
C ASP E 392 -22.58 11.72 22.18
N SER E 393 -22.55 10.86 21.17
CA SER E 393 -22.99 9.49 21.32
C SER E 393 -21.77 8.64 21.67
N ARG E 394 -21.84 7.92 22.78
CA ARG E 394 -20.71 7.12 23.25
C ARG E 394 -20.65 5.84 22.40
N VAL E 395 -20.36 6.05 21.11
CA VAL E 395 -20.38 5.01 20.11
C VAL E 395 -19.03 5.10 19.38
N GLU E 396 -18.07 4.32 19.83
CA GLU E 396 -16.74 4.36 19.23
C GLU E 396 -16.83 3.96 17.76
N PRO E 397 -16.07 4.58 16.87
CA PRO E 397 -16.29 4.42 15.44
C PRO E 397 -15.80 3.04 14.93
N THR E 398 -16.77 2.21 14.55
CA THR E 398 -16.44 0.89 14.00
C THR E 398 -15.56 1.03 12.78
N ILE E 399 -14.40 0.39 12.81
CA ILE E 399 -13.46 0.42 11.70
C ILE E 399 -13.66 -0.84 10.89
N GLY E 400 -13.85 -0.68 9.58
CA GLY E 400 -13.82 -1.84 8.71
C GLY E 400 -12.41 -2.21 8.36
N PRO E 401 -12.25 -3.38 7.75
CA PRO E 401 -10.92 -3.76 7.28
C PRO E 401 -10.57 -2.96 6.06
N TRP E 402 -9.26 -2.85 5.81
CA TRP E 402 -8.82 -2.11 4.63
C TRP E 402 -9.15 -2.93 3.39
N ILE E 403 -9.61 -2.24 2.34
CA ILE E 403 -9.83 -2.85 1.04
C ILE E 403 -9.02 -2.04 0.03
N GLU E 404 -8.11 -2.72 -0.66
CA GLU E 404 -7.27 -2.11 -1.67
C GLU E 404 -7.82 -2.46 -3.05
N ALA E 405 -7.91 -1.46 -3.92
CA ALA E 405 -8.55 -1.67 -5.21
C ALA E 405 -7.91 -0.74 -6.22
N ALA E 406 -8.40 -0.84 -7.45
CA ALA E 406 -7.89 -0.06 -8.57
C ALA E 406 -9.07 0.43 -9.39
N LEU E 407 -8.90 1.61 -9.99
CA LEU E 407 -9.96 2.25 -10.75
C LEU E 407 -9.33 2.87 -12.00
N ARG E 408 -9.97 2.65 -13.14
CA ARG E 408 -9.44 3.08 -14.42
C ARG E 408 -10.38 4.00 -15.19
N GLU E 409 -11.56 4.30 -14.64
CA GLU E 409 -12.51 5.19 -15.29
C GLU E 409 -13.38 5.84 -14.22
N ILE E 410 -14.12 6.87 -14.63
CA ILE E 410 -14.98 7.63 -13.74
C ILE E 410 -16.27 7.95 -14.48
N THR E 411 -17.36 8.09 -13.74
CA THR E 411 -18.66 8.38 -14.32
C THR E 411 -19.21 9.68 -13.74
N ILE E 412 -20.00 10.37 -14.57
CA ILE E 412 -20.60 11.66 -14.22
C ILE E 412 -22.05 11.64 -14.65
N GLN E 413 -22.94 12.20 -13.82
CA GLN E 413 -24.35 12.27 -14.15
C GLN E 413 -24.98 13.47 -13.45
N LYS E 414 -25.89 14.15 -14.16
CA LYS E 414 -26.82 15.06 -13.50
C LYS E 414 -28.07 14.30 -13.10
N LYS E 415 -28.55 14.57 -11.89
CA LYS E 415 -29.78 13.96 -11.43
C LYS E 415 -30.96 14.88 -11.67
N PRO E 416 -32.18 14.36 -11.69
CA PRO E 416 -33.34 15.23 -11.95
C PRO E 416 -33.56 16.32 -10.92
N ASN E 417 -33.01 16.19 -9.71
CA ASN E 417 -33.22 17.21 -8.69
C ASN E 417 -32.35 18.44 -8.90
N GLY E 418 -31.42 18.41 -9.87
CA GLY E 418 -30.57 19.54 -10.16
C GLY E 418 -29.21 19.52 -9.50
N VAL E 419 -28.86 18.44 -8.82
CA VAL E 419 -27.53 18.25 -8.23
C VAL E 419 -26.77 17.31 -9.14
N PHE E 420 -25.47 17.56 -9.31
CA PHE E 420 -24.61 16.66 -10.05
C PHE E 420 -23.87 15.79 -9.05
N TYR E 421 -23.87 14.48 -9.30
CA TYR E 421 -23.10 13.52 -8.53
C TYR E 421 -21.92 13.04 -9.37
N LEU E 422 -21.08 12.22 -8.75
CA LEU E 422 -19.92 11.65 -9.42
C LEU E 422 -19.81 10.19 -9.03
N GLY E 423 -19.59 9.32 -10.01
CA GLY E 423 -19.51 7.90 -9.76
C GLY E 423 -18.09 7.38 -9.88
N LEU E 424 -17.81 6.24 -9.28
CA LEU E 424 -16.48 5.63 -9.31
C LEU E 424 -16.53 4.17 -9.69
N PRO E 425 -16.36 3.82 -10.96
CA PRO E 425 -16.27 2.40 -11.33
C PRO E 425 -14.90 1.81 -11.02
N TYR E 426 -14.81 1.08 -9.92
CA TYR E 426 -13.58 0.49 -9.43
C TYR E 426 -13.63 -1.03 -9.53
N ALA E 427 -12.46 -1.64 -9.55
CA ALA E 427 -12.31 -3.09 -9.70
C ALA E 427 -11.68 -3.68 -8.45
N LEU E 428 -12.05 -4.93 -8.15
CA LEU E 428 -11.65 -5.62 -6.93
C LEU E 428 -10.78 -6.82 -7.27
N SER E 429 -9.56 -6.84 -6.72
CA SER E 429 -8.62 -7.94 -6.90
C SER E 429 -9.05 -9.16 -6.09
N HIS E 430 -9.59 -10.19 -6.77
CA HIS E 430 -9.96 -11.41 -6.08
C HIS E 430 -9.58 -12.63 -6.92
N GLY E 431 -9.41 -13.74 -6.22
CA GLY E 431 -9.03 -15.00 -6.83
C GLY E 431 -10.08 -15.47 -7.82
N ILE E 432 -9.64 -15.91 -9.00
CA ILE E 432 -10.61 -16.39 -9.99
C ILE E 432 -11.02 -17.82 -9.68
N ASP E 433 -10.25 -18.54 -8.86
CA ASP E 433 -10.50 -19.95 -8.62
C ASP E 433 -11.89 -20.21 -8.05
N ASN E 434 -12.31 -19.41 -7.07
CA ASN E 434 -13.56 -19.68 -6.37
C ASN E 434 -14.76 -19.54 -7.31
N PHE E 435 -14.77 -18.51 -8.16
CA PHE E 435 -15.85 -18.38 -9.12
C PHE E 435 -15.79 -19.51 -10.15
N GLN E 436 -14.58 -19.80 -10.65
CA GLN E 436 -14.39 -20.81 -11.69
C GLN E 436 -14.80 -22.20 -11.21
N ILE E 437 -14.49 -22.54 -9.96
CA ILE E 437 -14.94 -23.83 -9.43
C ILE E 437 -16.46 -23.87 -9.39
N ALA E 438 -17.07 -22.73 -9.09
CA ALA E 438 -18.53 -22.64 -9.07
C ALA E 438 -19.10 -22.80 -10.48
N LYS E 439 -18.54 -22.06 -11.45
CA LYS E 439 -19.12 -22.00 -12.79
C LYS E 439 -18.94 -23.30 -13.57
N ARG E 440 -17.72 -23.81 -13.68
CA ARG E 440 -17.49 -24.94 -14.58
C ARG E 440 -17.91 -26.27 -13.95
N PHE E 441 -17.79 -26.39 -12.64
CA PHE E 441 -18.04 -27.66 -11.95
C PHE E 441 -19.41 -27.68 -11.28
N PHE E 442 -19.65 -26.75 -10.35
CA PHE E 442 -20.81 -26.86 -9.48
C PHE E 442 -22.11 -26.52 -10.21
N SER E 443 -22.07 -25.57 -11.14
CA SER E 443 -23.28 -25.20 -11.86
C SER E 443 -23.78 -26.35 -12.74
N ALA E 444 -22.86 -27.05 -13.40
CA ALA E 444 -23.18 -28.01 -14.43
C ALA E 444 -22.96 -29.43 -13.94
N ALA E 445 -23.44 -30.39 -14.74
CA ALA E 445 -23.43 -31.80 -14.37
C ALA E 445 -22.06 -32.46 -14.59
N LYS E 446 -21.41 -32.19 -15.72
CA LYS E 446 -20.18 -32.91 -16.09
C LYS E 446 -18.96 -32.01 -16.07
N PRO E 447 -18.05 -32.17 -15.12
CA PRO E 447 -16.78 -31.46 -15.18
C PRO E 447 -15.71 -32.20 -15.98
N ASP E 448 -15.15 -31.56 -17.00
CA ASP E 448 -13.95 -32.08 -17.61
C ASP E 448 -12.85 -32.21 -16.55
N LYS E 449 -11.89 -33.09 -16.81
CA LYS E 449 -10.83 -33.28 -15.83
C LYS E 449 -9.97 -32.04 -15.70
N GLU E 450 -10.10 -31.08 -16.62
CA GLU E 450 -9.42 -29.80 -16.50
C GLU E 450 -9.90 -28.99 -15.30
N VAL E 451 -11.01 -29.38 -14.67
CA VAL E 451 -11.57 -28.64 -13.55
C VAL E 451 -11.27 -29.30 -12.22
N ILE E 452 -11.34 -30.64 -12.16
CA ILE E 452 -11.24 -31.36 -10.90
C ILE E 452 -9.91 -31.11 -10.20
N ASN E 453 -8.81 -31.03 -10.95
CA ASN E 453 -7.50 -30.88 -10.32
C ASN E 453 -7.25 -29.47 -9.84
N GLY E 454 -8.25 -28.60 -9.86
CA GLY E 454 -8.11 -27.27 -9.32
C GLY E 454 -8.69 -27.17 -7.92
N LEU E 455 -8.90 -28.31 -7.27
CA LEU E 455 -9.53 -28.31 -5.96
C LEU E 455 -8.51 -28.77 -4.90
N PRO E 456 -8.30 -27.97 -3.86
CA PRO E 456 -7.49 -28.42 -2.72
C PRO E 456 -8.16 -29.48 -1.87
N SER E 457 -7.42 -29.98 -0.88
CA SER E 457 -7.97 -30.97 0.03
C SER E 457 -9.14 -30.38 0.83
N GLU E 458 -8.94 -29.19 1.38
CA GLU E 458 -9.93 -28.58 2.25
C GLU E 458 -10.56 -27.38 1.57
N MET E 459 -11.87 -27.22 1.74
CA MET E 459 -12.59 -26.03 1.34
C MET E 459 -13.88 -26.00 2.13
N VAL E 460 -14.55 -24.86 2.11
CA VAL E 460 -15.72 -24.64 2.95
C VAL E 460 -16.88 -24.27 2.05
N VAL E 461 -18.06 -24.78 2.39
CA VAL E 461 -19.29 -24.54 1.67
C VAL E 461 -20.32 -24.01 2.64
N GLY E 462 -21.51 -23.75 2.11
CA GLY E 462 -22.64 -23.34 2.92
C GLY E 462 -23.88 -23.22 2.06
N ALA E 463 -25.00 -23.02 2.74
CA ALA E 463 -26.28 -22.88 2.07
C ALA E 463 -27.29 -22.45 3.12
N ALA E 464 -28.50 -22.16 2.65
CA ALA E 464 -29.60 -21.81 3.54
C ALA E 464 -30.89 -21.91 2.72
N ASP E 465 -32.00 -22.02 3.43
CA ASP E 465 -33.33 -22.00 2.84
C ASP E 465 -34.02 -20.74 3.32
N LEU E 466 -34.81 -20.13 2.43
CA LEU E 466 -35.41 -18.84 2.71
C LEU E 466 -36.93 -18.97 2.71
N ASN E 467 -37.52 -18.85 3.89
CA ASN E 467 -38.96 -18.64 4.03
C ASN E 467 -39.18 -17.53 5.05
N LEU E 468 -40.40 -16.98 5.05
CA LEU E 468 -40.66 -15.82 5.89
C LEU E 468 -40.67 -16.16 7.38
N SER E 469 -41.10 -17.37 7.74
CA SER E 469 -41.15 -17.68 9.19
C SER E 469 -40.03 -17.88 10.10
N ASN E 470 -39.08 -18.72 9.75
CA ASN E 470 -37.73 -18.66 10.48
C ASN E 470 -36.99 -18.15 9.28
N ILE E 471 -36.38 -16.98 9.46
CA ILE E 471 -35.96 -16.23 8.29
C ILE E 471 -34.76 -16.92 7.63
N VAL E 472 -33.69 -17.14 8.39
CA VAL E 472 -32.43 -17.65 7.85
C VAL E 472 -31.98 -18.83 8.71
N ALA E 473 -31.78 -19.99 8.09
CA ALA E 473 -31.23 -21.16 8.79
C ALA E 473 -30.07 -21.70 7.98
N PRO E 474 -28.84 -21.27 8.27
CA PRO E 474 -27.68 -21.67 7.48
C PRO E 474 -27.07 -22.99 7.94
N VAL E 475 -26.18 -23.51 7.09
CA VAL E 475 -25.36 -24.68 7.43
C VAL E 475 -24.00 -24.56 6.75
N LYS E 476 -22.96 -24.45 7.56
CA LYS E 476 -21.58 -24.49 7.09
C LYS E 476 -21.01 -25.90 7.23
N ALA E 477 -20.12 -26.26 6.31
CA ALA E 477 -19.56 -27.60 6.26
C ALA E 477 -18.15 -27.50 5.68
N ARG E 478 -17.42 -28.59 5.78
CA ARG E 478 -16.08 -28.70 5.20
C ARG E 478 -15.97 -30.04 4.47
N ILE E 479 -15.57 -29.99 3.20
CA ILE E 479 -15.45 -31.18 2.37
C ILE E 479 -13.99 -31.44 2.06
N GLY E 480 -13.59 -32.71 2.14
CA GLY E 480 -12.21 -33.10 1.90
C GLY E 480 -12.08 -34.44 1.21
N LYS E 481 -11.19 -34.56 0.23
CA LYS E 481 -10.78 -35.89 -0.23
C LYS E 481 -10.22 -36.71 0.94
N GLY E 482 -9.38 -36.11 1.76
CA GLY E 482 -8.76 -36.83 2.86
C GLY E 482 -9.76 -37.17 3.93
N LEU E 483 -10.46 -36.16 4.46
CA LEU E 483 -11.37 -36.33 5.58
C LEU E 483 -12.49 -37.30 5.21
N GLU E 484 -12.77 -38.23 6.10
CA GLU E 484 -13.88 -39.15 5.94
C GLU E 484 -15.06 -38.63 6.75
N GLY E 485 -16.27 -38.94 6.29
CA GLY E 485 -17.45 -38.40 6.92
C GLY E 485 -18.78 -38.86 6.34
N PRO E 486 -19.86 -38.16 6.73
CA PRO E 486 -21.21 -38.59 6.39
C PRO E 486 -21.78 -38.02 5.10
N LEU E 487 -21.02 -37.20 4.38
CA LEU E 487 -21.51 -36.50 3.20
C LEU E 487 -20.89 -37.06 1.94
N HIS E 488 -21.73 -37.34 0.95
CA HIS E 488 -21.27 -37.85 -0.35
C HIS E 488 -21.36 -36.72 -1.37
N ALA E 489 -20.22 -36.38 -1.97
CA ALA E 489 -20.14 -35.34 -2.99
C ALA E 489 -19.68 -35.94 -4.30
N LEU E 490 -20.31 -35.53 -5.40
CA LEU E 490 -19.93 -36.05 -6.70
C LEU E 490 -18.58 -35.53 -7.18
N ASP E 491 -17.60 -36.44 -7.23
CA ASP E 491 -16.31 -36.22 -7.87
C ASP E 491 -15.31 -35.56 -6.93
N TYR E 492 -15.77 -35.01 -5.80
CA TYR E 492 -14.78 -34.53 -4.82
C TYR E 492 -14.52 -35.53 -3.72
N GLY E 493 -15.55 -35.98 -3.02
CA GLY E 493 -15.34 -36.88 -1.89
C GLY E 493 -16.24 -36.62 -0.70
N TYR E 494 -15.78 -36.98 0.50
CA TYR E 494 -16.56 -36.85 1.71
C TYR E 494 -16.36 -35.48 2.37
N GLY E 495 -17.33 -35.13 3.20
CA GLY E 495 -17.27 -33.91 4.00
C GLY E 495 -17.91 -34.13 5.34
N GLU E 496 -17.44 -33.37 6.33
CA GLU E 496 -17.99 -33.42 7.69
C GLU E 496 -18.41 -32.00 8.10
N LEU E 497 -19.55 -31.92 8.79
CA LEU E 497 -20.19 -30.67 9.07
C LEU E 497 -19.84 -29.81 10.31
N ILE E 498 -19.41 -28.57 10.05
CA ILE E 498 -19.03 -27.68 11.10
C ILE E 498 -20.01 -26.96 12.10
N ASP E 499 -20.93 -26.15 11.57
CA ASP E 499 -21.86 -25.42 12.43
C ASP E 499 -23.21 -25.36 11.71
N GLY E 500 -24.21 -25.99 12.31
CA GLY E 500 -25.54 -25.98 11.76
C GLY E 500 -26.10 -27.39 11.65
N PRO E 501 -27.35 -27.51 11.19
CA PRO E 501 -28.15 -26.34 10.83
C PRO E 501 -28.87 -25.74 12.05
N LYS E 502 -28.79 -24.42 12.18
CA LYS E 502 -29.48 -23.70 13.25
C LYS E 502 -30.17 -22.47 12.66
N ILE E 503 -31.24 -22.05 13.32
CA ILE E 503 -31.91 -20.80 12.99
C ILE E 503 -31.07 -19.65 13.52
N LEU E 504 -30.86 -18.63 12.69
CA LEU E 504 -30.03 -17.49 13.07
C LEU E 504 -30.81 -16.21 13.27
N THR E 505 -31.92 -16.02 12.57
CA THR E 505 -32.76 -14.84 12.70
C THR E 505 -34.14 -15.23 13.21
N PRO E 506 -34.28 -15.49 14.51
CA PRO E 506 -35.62 -15.71 15.08
C PRO E 506 -36.39 -14.41 15.21
N ASP E 507 -37.69 -14.45 14.90
CA ASP E 507 -38.57 -13.29 15.03
C ASP E 507 -38.42 -12.64 16.40
N GLY E 508 -37.98 -11.37 16.42
CA GLY E 508 -37.69 -10.68 17.64
C GLY E 508 -38.94 -10.43 18.48
N PRO E 509 -38.74 -9.80 19.65
CA PRO E 509 -39.89 -9.62 20.56
C PRO E 509 -40.99 -8.75 19.98
N ARG E 510 -40.64 -7.62 19.37
CA ARG E 510 -41.65 -6.68 18.89
C ARG E 510 -42.52 -7.27 17.77
N CYS E 511 -42.10 -8.38 17.17
CA CYS E 511 -42.91 -9.01 16.12
C CYS E 511 -44.24 -9.52 16.66
N GLY E 512 -44.24 -10.14 17.84
CA GLY E 512 -45.45 -10.73 18.38
C GLY E 512 -46.58 -9.73 18.52
N GLU E 513 -46.27 -8.46 18.78
CA GLU E 513 -47.25 -7.40 18.87
C GLU E 513 -47.42 -6.64 17.56
N LEU E 514 -46.51 -6.81 16.59
CA LEU E 514 -46.69 -6.20 15.28
C LEU E 514 -47.61 -7.03 14.38
N ILE E 515 -47.56 -8.36 14.50
CA ILE E 515 -48.59 -9.20 13.88
C ILE E 515 -49.96 -8.83 14.41
N SER E 516 -50.06 -8.59 15.71
CA SER E 516 -51.31 -8.12 16.31
C SER E 516 -51.76 -6.78 15.74
N LEU E 517 -50.85 -6.05 15.09
CA LEU E 517 -51.23 -4.78 14.47
C LEU E 517 -51.83 -4.98 13.08
N LYS E 518 -51.32 -5.96 12.32
CA LYS E 518 -51.90 -6.23 11.01
C LYS E 518 -53.35 -6.70 11.11
N ARG E 519 -53.65 -7.53 12.11
CA ARG E 519 -55.03 -8.00 12.26
C ARG E 519 -55.98 -6.83 12.50
N ASP E 520 -55.48 -5.75 13.12
CA ASP E 520 -56.31 -4.57 13.34
C ASP E 520 -56.58 -3.86 12.02
N ILE E 521 -55.61 -3.87 11.10
CA ILE E 521 -55.83 -3.29 9.78
C ILE E 521 -56.69 -4.22 8.94
N VAL E 522 -56.66 -5.51 9.22
CA VAL E 522 -57.46 -6.46 8.45
C VAL E 522 -58.95 -6.22 8.64
N GLU E 523 -59.37 -5.89 9.86
CA GLU E 523 -60.79 -5.77 10.15
C GLU E 523 -61.40 -4.41 9.81
N ILE E 524 -60.62 -3.33 9.84
CA ILE E 524 -61.18 -2.02 9.52
C ILE E 524 -61.48 -1.90 8.02
N LYS E 525 -60.73 -2.61 7.19
CA LYS E 525 -61.00 -2.57 5.75
C LYS E 525 -62.32 -3.25 5.42
N SER E 526 -62.67 -4.30 6.16
CA SER E 526 -63.95 -4.96 5.93
C SER E 526 -65.12 -4.13 6.44
N ALA E 527 -64.87 -3.14 7.31
CA ALA E 527 -65.91 -2.26 7.79
C ALA E 527 -66.15 -1.09 6.86
N ILE E 528 -65.10 -0.61 6.17
CA ILE E 528 -65.29 0.40 5.16
C ILE E 528 -66.18 -0.13 4.04
N LYS E 529 -66.12 -1.44 3.80
CA LYS E 529 -67.02 -2.05 2.82
C LYS E 529 -68.43 -2.21 3.39
N GLU E 530 -68.58 -2.34 4.71
CA GLU E 530 -69.93 -2.39 5.28
C GLU E 530 -70.54 -1.00 5.41
N PHE E 531 -69.71 0.02 5.66
CA PHE E 531 -70.21 1.38 5.61
C PHE E 531 -70.51 1.81 4.18
N LYS E 532 -69.87 1.18 3.20
CA LYS E 532 -70.12 1.49 1.79
C LYS E 532 -71.17 0.58 1.17
N ALA E 533 -71.45 -0.58 1.75
CA ALA E 533 -72.52 -1.45 1.28
C ALA E 533 -73.81 -1.31 2.07
N CYS E 534 -73.76 -0.75 3.28
CA CYS E 534 -74.99 -0.46 3.99
C CYS E 534 -75.46 0.97 3.73
N GLN E 535 -74.57 1.82 3.22
CA GLN E 535 -74.98 3.05 2.55
C GLN E 535 -75.54 2.74 1.17
N ARG E 536 -75.27 1.53 0.67
CA ARG E 536 -75.71 1.07 -0.63
C ARG E 536 -77.03 0.30 -0.54
N GLU E 537 -77.26 -0.40 0.57
CA GLU E 537 -78.52 -1.08 0.82
C GLU E 537 -79.47 -0.24 1.68
N GLY E 538 -78.97 0.36 2.74
CA GLY E 538 -79.83 1.11 3.64
C GLY E 538 -79.86 0.49 5.02
N LEU E 539 -78.95 -0.45 5.26
CA LEU E 539 -78.94 -1.25 6.47
C LEU E 539 -78.20 -0.55 7.62
N THR E 540 -78.27 -1.19 8.78
CA THR E 540 -77.54 -0.84 9.99
C THR E 540 -76.35 -1.78 10.16
N MET E 541 -75.73 -1.76 11.34
CA MET E 541 -74.48 -2.45 11.56
C MET E 541 -74.71 -3.85 12.13
N SER E 542 -73.69 -4.69 11.98
CA SER E 542 -73.65 -5.97 12.67
C SER E 542 -73.20 -5.73 14.10
N GLU E 543 -73.82 -6.44 15.05
CA GLU E 543 -73.55 -6.16 16.45
C GLU E 543 -72.08 -6.40 16.80
N GLU E 544 -71.43 -7.36 16.13
CA GLU E 544 -70.02 -7.62 16.40
C GLU E 544 -69.14 -6.43 16.03
N THR E 545 -69.48 -5.74 14.93
CA THR E 545 -68.69 -4.57 14.53
C THR E 545 -68.87 -3.41 15.50
N THR E 546 -70.08 -3.24 16.05
CA THR E 546 -70.29 -2.19 17.03
C THR E 546 -69.48 -2.47 18.29
N THR E 547 -69.47 -3.72 18.73
CA THR E 547 -68.67 -4.12 19.88
C THR E 547 -67.19 -3.82 19.68
N TRP E 548 -66.69 -4.00 18.45
CA TRP E 548 -65.26 -3.81 18.21
C TRP E 548 -64.85 -2.34 18.27
N LEU E 549 -65.57 -1.46 17.56
CA LEU E 549 -65.17 -0.07 17.51
C LEU E 549 -65.27 0.61 18.87
N SER E 550 -66.21 0.19 19.71
CA SER E 550 -66.38 0.83 21.01
C SER E 550 -65.22 0.56 21.96
N GLU E 551 -64.36 -0.41 21.67
CA GLU E 551 -63.18 -0.72 22.50
C GLU E 551 -62.16 0.40 22.51
N VAL E 552 -62.45 1.56 21.93
CA VAL E 552 -61.53 2.69 21.92
C VAL E 552 -62.16 3.74 22.81
N GLU E 553 -61.34 4.69 23.25
CA GLU E 553 -61.82 5.83 24.04
C GLU E 553 -62.06 6.87 22.95
N SER E 554 -63.18 6.65 22.24
CA SER E 554 -63.59 7.49 21.12
C SER E 554 -64.57 8.56 21.57
N PRO E 555 -64.30 9.84 21.32
CA PRO E 555 -65.22 10.89 21.79
C PRO E 555 -66.56 10.90 21.07
N SER E 556 -66.80 10.02 20.11
CA SER E 556 -68.10 9.93 19.44
C SER E 556 -68.46 8.48 19.17
N ASP E 557 -69.67 8.09 19.58
CA ASP E 557 -70.20 6.77 19.26
C ASP E 557 -70.62 6.61 17.81
N SER E 558 -70.43 7.62 16.97
CA SER E 558 -70.81 7.53 15.57
C SER E 558 -70.09 6.36 14.91
N PRO E 559 -70.80 5.52 14.14
CA PRO E 559 -70.13 4.40 13.46
C PRO E 559 -69.03 4.87 12.52
N ARG E 560 -69.21 6.04 11.92
CA ARG E 560 -68.19 6.59 11.02
C ARG E 560 -66.93 6.98 11.78
N CYS E 561 -67.08 7.81 12.80
CA CYS E 561 -65.93 8.42 13.47
C CYS E 561 -65.19 7.44 14.37
N MET E 562 -65.88 6.41 14.88
CA MET E 562 -65.19 5.39 15.66
C MET E 562 -64.14 4.67 14.81
N ILE E 563 -64.40 4.51 13.51
CA ILE E 563 -63.38 4.01 12.60
C ILE E 563 -62.17 4.94 12.57
N GLN E 564 -62.41 6.26 12.51
CA GLN E 564 -61.29 7.19 12.45
C GLN E 564 -60.46 7.16 13.73
N SER E 565 -61.09 6.88 14.87
CA SER E 565 -60.36 6.77 16.12
C SER E 565 -59.59 5.46 16.21
N ARG E 566 -60.07 4.41 15.54
CA ARG E 566 -59.32 3.16 15.49
C ARG E 566 -58.05 3.24 14.67
N ILE E 567 -57.95 4.22 13.77
CA ILE E 567 -56.75 4.34 12.94
C ILE E 567 -55.74 5.28 13.57
N ALA E 568 -56.21 6.39 14.16
CA ALA E 568 -55.32 7.27 14.92
C ALA E 568 -54.67 6.55 16.09
N ASP E 569 -55.44 5.72 16.80
CA ASP E 569 -54.83 4.88 17.82
C ASP E 569 -53.91 3.84 17.21
N THR E 570 -54.15 3.45 15.96
CA THR E 570 -53.33 2.47 15.25
C THR E 570 -52.14 3.10 14.56
N SER E 571 -52.34 4.22 13.87
CA SER E 571 -51.23 4.91 13.22
C SER E 571 -50.23 5.43 14.25
N ARG E 572 -50.72 5.94 15.39
CA ARG E 572 -49.82 6.40 16.44
C ARG E 572 -48.95 5.25 16.96
N ARG E 573 -49.53 4.05 17.12
CA ARG E 573 -48.70 2.87 17.36
C ARG E 573 -47.64 2.72 16.28
N LEU E 574 -48.03 2.87 15.02
CA LEU E 574 -47.06 2.81 13.93
C LEU E 574 -46.08 3.97 14.04
N ASN E 575 -46.57 5.16 14.41
CA ASN E 575 -45.68 6.28 14.68
C ASN E 575 -44.64 5.91 15.73
N SER E 576 -45.04 5.16 16.76
CA SER E 576 -44.13 4.78 17.83
C SER E 576 -43.13 3.72 17.36
N PHE E 577 -43.64 2.57 16.90
CA PHE E 577 -42.76 1.49 16.46
C PHE E 577 -41.86 1.90 15.30
N LYS E 578 -42.27 2.89 14.50
CA LYS E 578 -41.35 3.46 13.53
C LYS E 578 -40.15 4.11 14.21
N TYR E 579 -40.42 5.03 15.14
CA TYR E 579 -39.34 5.77 15.80
C TYR E 579 -38.49 4.85 16.66
N GLN E 580 -39.12 4.05 17.51
CA GLN E 580 -38.38 3.25 18.47
C GLN E 580 -37.49 2.22 17.80
N MET E 581 -37.76 1.89 16.53
CA MET E 581 -36.81 1.10 15.74
C MET E 581 -35.79 1.97 15.02
N ASN E 582 -36.13 3.23 14.71
CA ASN E 582 -35.14 4.15 14.15
C ASN E 582 -34.10 4.53 15.19
N LYS E 583 -34.47 4.52 16.47
CA LYS E 583 -33.51 4.78 17.53
C LYS E 583 -32.41 3.73 17.53
N GLU E 584 -32.78 2.47 17.32
CA GLU E 584 -31.86 1.35 17.42
C GLU E 584 -31.07 1.08 16.15
N GLY E 585 -31.61 1.44 14.98
CA GLY E 585 -31.02 1.04 13.71
C GLY E 585 -31.52 -0.25 13.12
N TYR E 586 -32.64 -0.80 13.62
CA TYR E 586 -33.33 -1.95 13.03
C TYR E 586 -32.52 -3.24 13.25
N GLN E 587 -32.12 -3.49 14.50
CA GLN E 587 -31.20 -4.60 14.75
C GLN E 587 -31.85 -5.97 14.61
N ASP E 588 -33.17 -6.05 14.48
CA ASP E 588 -33.86 -7.30 14.16
C ASP E 588 -34.53 -7.19 12.79
N LEU E 589 -33.90 -7.80 11.77
CA LEU E 589 -34.51 -7.89 10.44
C LEU E 589 -35.91 -8.47 10.51
N ALA E 590 -36.05 -9.64 11.14
CA ALA E 590 -37.36 -10.27 11.26
C ALA E 590 -38.38 -9.31 11.84
N GLU E 591 -37.95 -8.42 12.73
CA GLU E 591 -38.85 -7.38 13.23
C GLU E 591 -39.15 -6.35 12.15
N ALA E 592 -38.11 -5.78 11.56
CA ALA E 592 -38.30 -4.75 10.56
C ALA E 592 -39.08 -5.26 9.35
N LEU E 593 -39.01 -6.56 9.08
CA LEU E 593 -39.78 -7.14 7.97
C LEU E 593 -41.27 -6.98 8.21
N ARG E 594 -41.77 -7.61 9.27
CA ARG E 594 -43.18 -7.50 9.64
C ARG E 594 -43.59 -6.06 9.92
N LEU E 595 -42.62 -5.15 10.06
CA LEU E 595 -42.94 -3.73 10.10
C LEU E 595 -43.23 -3.19 8.70
N LEU E 596 -42.44 -3.60 7.71
CA LEU E 596 -42.70 -3.19 6.33
C LEU E 596 -44.08 -3.62 5.87
N ASP E 597 -44.40 -4.91 6.03
CA ASP E 597 -45.72 -5.38 5.62
C ASP E 597 -46.81 -4.67 6.38
N ALA E 598 -46.53 -4.24 7.62
CA ALA E 598 -47.47 -3.38 8.33
C ALA E 598 -47.50 -1.98 7.74
N MET E 599 -46.33 -1.48 7.33
CA MET E 599 -46.28 -0.22 6.60
C MET E 599 -46.90 -0.31 5.21
N ASP E 600 -46.97 -1.52 4.64
CA ASP E 600 -47.52 -1.69 3.31
C ASP E 600 -49.04 -1.76 3.35
N SER E 601 -49.59 -2.61 4.20
CA SER E 601 -51.04 -2.76 4.30
C SER E 601 -51.72 -1.49 4.81
N TYR E 602 -50.97 -0.62 5.50
CA TYR E 602 -51.56 0.65 5.93
C TYR E 602 -51.77 1.59 4.74
N ASN E 603 -50.77 1.68 3.85
CA ASN E 603 -50.99 2.39 2.59
C ASN E 603 -52.12 1.75 1.77
N SER E 604 -52.32 0.44 1.94
CA SER E 604 -53.46 -0.22 1.34
C SER E 604 -54.77 0.15 2.03
N LEU E 605 -54.68 0.77 3.21
CA LEU E 605 -55.83 1.25 3.97
C LEU E 605 -56.15 2.71 3.65
N LEU E 606 -55.13 3.55 3.51
CA LEU E 606 -55.34 4.97 3.23
C LEU E 606 -55.95 5.24 1.86
N GLU E 607 -55.93 4.27 0.95
CA GLU E 607 -56.56 4.49 -0.35
C GLU E 607 -58.05 4.18 -0.38
N SER E 608 -58.61 3.62 0.70
CA SER E 608 -60.06 3.46 0.76
C SER E 608 -60.74 4.53 1.61
N TYR E 609 -59.99 5.27 2.42
CA TYR E 609 -60.57 6.41 3.11
C TYR E 609 -60.55 7.66 2.22
N GLN E 610 -59.56 7.75 1.32
CA GLN E 610 -59.53 8.79 0.31
C GLN E 610 -60.62 8.61 -0.74
N ARG E 611 -61.23 7.42 -0.81
CA ARG E 611 -62.24 7.09 -1.81
C ARG E 611 -63.56 6.67 -1.17
N MET E 612 -63.88 7.23 0.00
CA MET E 612 -65.09 6.82 0.71
C MET E 612 -66.36 7.36 0.06
N HIS E 613 -66.39 8.64 -0.28
CA HIS E 613 -67.63 9.23 -0.78
C HIS E 613 -68.01 8.76 -2.17
N LEU E 614 -67.12 8.05 -2.87
CA LEU E 614 -67.27 7.79 -4.29
C LEU E 614 -68.64 7.24 -4.64
N SER E 615 -69.36 8.00 -5.45
CA SER E 615 -70.64 7.55 -5.98
C SER E 615 -70.43 6.36 -6.91
N PRO E 616 -71.45 5.51 -7.09
CA PRO E 616 -71.27 4.31 -7.93
C PRO E 616 -70.85 4.69 -9.34
N GLY E 617 -69.64 4.27 -9.71
CA GLY E 617 -69.10 4.50 -11.04
C GLY E 617 -68.00 5.53 -11.10
N GLU E 618 -67.47 5.98 -9.96
CA GLU E 618 -66.47 7.04 -9.92
C GLU E 618 -65.14 6.53 -9.37
N GLN E 619 -64.07 6.91 -10.04
CA GLN E 619 -62.70 6.56 -9.68
C GLN E 619 -61.98 7.83 -9.22
N SER E 620 -60.80 7.64 -8.64
CA SER E 620 -59.96 8.76 -8.22
C SER E 620 -58.55 8.54 -8.76
N PRO E 621 -58.04 9.39 -9.64
CA PRO E 621 -56.66 9.19 -10.13
C PRO E 621 -55.68 9.82 -9.17
N LYS E 622 -55.61 9.22 -7.97
CA LYS E 622 -54.79 9.76 -6.89
C LYS E 622 -53.33 9.80 -7.29
N GLU E 623 -52.70 10.94 -7.06
CA GLU E 623 -51.32 11.15 -7.48
C GLU E 623 -50.40 10.76 -6.32
N ALA E 624 -50.31 9.44 -6.12
CA ALA E 624 -49.37 8.93 -5.14
C ALA E 624 -47.98 9.08 -5.75
N LYS E 625 -47.16 9.93 -5.13
CA LYS E 625 -45.87 10.25 -5.70
C LYS E 625 -44.86 9.12 -5.53
N PHE E 626 -43.64 9.41 -5.97
CA PHE E 626 -42.49 8.55 -5.75
C PHE E 626 -42.45 8.78 -4.25
N ASP E 627 -42.66 7.72 -3.48
CA ASP E 627 -42.57 7.78 -2.02
C ASP E 627 -41.21 7.14 -1.82
N THR E 628 -40.19 8.00 -1.67
CA THR E 628 -38.81 7.55 -1.56
C THR E 628 -38.59 6.66 -0.35
N LYS E 629 -39.57 6.53 0.53
CA LYS E 629 -39.39 5.76 1.76
C LYS E 629 -39.51 4.27 1.47
N ARG E 630 -40.66 3.85 0.95
CA ARG E 630 -40.95 2.42 0.81
C ARG E 630 -39.95 1.77 -0.14
N ALA E 631 -39.46 2.50 -1.12
CA ALA E 631 -38.39 2.00 -1.97
C ALA E 631 -37.09 1.92 -1.19
N SER E 632 -36.66 3.05 -0.61
CA SER E 632 -35.39 3.14 0.09
C SER E 632 -35.44 2.56 1.50
N PHE E 633 -36.57 2.00 1.94
CA PHE E 633 -36.61 1.23 3.18
C PHE E 633 -36.47 -0.26 2.88
N ARG E 634 -37.39 -0.81 2.08
CA ARG E 634 -37.33 -2.22 1.72
C ARG E 634 -36.10 -2.55 0.90
N ASP E 635 -35.41 -1.55 0.38
CA ASP E 635 -34.09 -1.77 -0.18
C ASP E 635 -33.07 -2.03 0.92
N LEU E 636 -33.05 -1.16 1.95
CA LEU E 636 -32.09 -1.30 3.04
C LEU E 636 -32.20 -2.65 3.72
N LEU E 637 -33.42 -3.19 3.87
CA LEU E 637 -33.58 -4.48 4.53
C LEU E 637 -32.93 -5.61 3.73
N ARG E 638 -32.89 -5.49 2.40
CA ARG E 638 -32.28 -6.54 1.60
C ARG E 638 -30.77 -6.54 1.73
N ARG E 639 -30.14 -5.40 1.58
CA ARG E 639 -28.69 -5.33 1.72
C ARG E 639 -28.23 -5.34 3.17
N ARG E 640 -29.14 -5.46 4.13
CA ARG E 640 -28.80 -5.86 5.49
C ARG E 640 -29.03 -7.34 5.74
N VAL E 641 -29.95 -7.96 4.99
CA VAL E 641 -30.07 -9.42 4.99
C VAL E 641 -28.83 -10.03 4.37
N ALA E 642 -28.22 -9.35 3.40
CA ALA E 642 -26.97 -9.81 2.81
C ALA E 642 -25.87 -9.89 3.86
N HIS E 643 -25.63 -8.78 4.56
CA HIS E 643 -24.47 -8.69 5.45
C HIS E 643 -24.54 -9.71 6.58
N THR E 644 -25.75 -9.99 7.07
CA THR E 644 -25.87 -11.01 8.11
C THR E 644 -25.55 -12.40 7.55
N ILE E 645 -25.76 -12.60 6.25
CA ILE E 645 -25.40 -13.87 5.62
C ILE E 645 -23.92 -13.94 5.27
N VAL E 646 -23.28 -12.80 4.98
CA VAL E 646 -21.85 -12.81 4.67
C VAL E 646 -21.02 -13.01 5.94
N GLU E 647 -21.40 -12.33 7.04
CA GLU E 647 -20.63 -12.42 8.27
C GLU E 647 -20.48 -13.85 8.76
N TYR E 648 -21.54 -14.65 8.63
CA TYR E 648 -21.51 -16.03 9.06
C TYR E 648 -20.90 -16.93 8.02
N PHE E 649 -20.70 -16.41 6.79
CA PHE E 649 -20.06 -17.12 5.69
C PHE E 649 -18.75 -16.46 5.27
N ASP E 650 -18.18 -15.60 6.13
CA ASP E 650 -16.89 -14.97 5.85
C ASP E 650 -15.82 -16.02 5.54
N ASP E 651 -15.65 -16.97 6.45
CA ASP E 651 -14.62 -17.99 6.34
C ASP E 651 -14.89 -19.04 5.25
N CYS E 652 -16.05 -18.99 4.61
CA CYS E 652 -16.38 -19.95 3.55
C CYS E 652 -15.74 -19.53 2.22
N ASP E 653 -15.67 -20.51 1.31
CA ASP E 653 -15.21 -20.24 -0.04
C ASP E 653 -16.34 -20.22 -1.05
N ILE E 654 -17.40 -21.02 -0.84
CA ILE E 654 -18.55 -21.12 -1.72
C ILE E 654 -19.81 -21.29 -0.87
N VAL E 655 -20.95 -20.86 -1.41
CA VAL E 655 -22.25 -20.99 -0.77
C VAL E 655 -23.26 -21.46 -1.80
N PHE E 656 -24.40 -21.96 -1.33
CA PHE E 656 -25.48 -22.45 -2.17
C PHE E 656 -26.80 -21.85 -1.73
N PHE E 657 -27.75 -21.77 -2.67
CA PHE E 657 -29.07 -21.19 -2.37
C PHE E 657 -30.12 -21.87 -3.25
N GLU E 658 -31.39 -21.69 -2.87
CA GLU E 658 -32.52 -22.23 -3.60
C GLU E 658 -33.08 -21.17 -4.56
N ASP E 659 -33.04 -21.49 -5.85
CA ASP E 659 -33.51 -20.63 -6.93
C ASP E 659 -35.02 -20.75 -7.08
N LEU E 660 -35.78 -19.80 -6.50
CA LEU E 660 -37.23 -19.81 -6.64
C LEU E 660 -37.71 -19.33 -8.00
N ASP E 661 -36.80 -19.08 -8.95
CA ASP E 661 -37.16 -18.82 -10.34
C ASP E 661 -37.01 -20.06 -11.23
N GLY E 662 -36.89 -21.23 -10.62
CA GLY E 662 -36.82 -22.46 -11.37
C GLY E 662 -38.20 -23.03 -11.58
N PRO E 663 -38.30 -24.35 -11.67
CA PRO E 663 -39.61 -24.98 -11.87
C PRO E 663 -40.34 -25.09 -10.54
N SER E 664 -41.15 -24.09 -10.22
CA SER E 664 -41.86 -24.11 -8.96
C SER E 664 -43.26 -24.68 -9.11
N ASP E 665 -43.88 -24.94 -7.97
CA ASP E 665 -45.28 -25.27 -7.93
C ASP E 665 -46.04 -23.96 -7.62
N SER E 666 -47.37 -24.02 -7.56
CA SER E 666 -48.13 -22.78 -7.52
C SER E 666 -47.87 -21.64 -6.55
N ASP E 667 -47.19 -21.89 -5.42
CA ASP E 667 -47.18 -20.96 -4.30
C ASP E 667 -45.96 -20.04 -4.29
N SER E 668 -45.48 -19.62 -5.46
CA SER E 668 -44.45 -18.63 -5.55
C SER E 668 -44.93 -17.18 -5.75
N ARG E 669 -46.22 -17.03 -6.08
CA ARG E 669 -46.87 -15.74 -6.23
C ARG E 669 -47.75 -15.22 -5.11
N ASN E 670 -48.55 -16.12 -4.53
CA ASN E 670 -49.42 -15.74 -3.42
C ASN E 670 -48.64 -15.64 -2.11
N ASN E 671 -47.48 -16.29 -2.04
CA ASN E 671 -46.63 -16.22 -0.86
C ASN E 671 -46.22 -14.77 -0.59
N ALA E 672 -46.14 -14.40 0.68
CA ALA E 672 -45.86 -13.01 1.02
C ALA E 672 -44.41 -12.64 0.76
N LEU E 673 -43.48 -13.60 0.85
CA LEU E 673 -42.07 -13.26 0.69
C LEU E 673 -41.74 -12.93 -0.76
N VAL E 674 -42.29 -13.69 -1.72
CA VAL E 674 -42.10 -13.36 -3.14
C VAL E 674 -42.73 -12.00 -3.44
N LYS E 675 -43.73 -11.61 -2.66
CA LYS E 675 -44.26 -10.25 -2.73
C LYS E 675 -43.39 -9.30 -1.91
N LEU E 676 -42.89 -9.76 -0.77
CA LEU E 676 -42.11 -8.87 0.09
C LEU E 676 -40.72 -8.66 -0.50
N LEU E 677 -39.99 -9.74 -0.75
CA LEU E 677 -38.65 -9.64 -1.34
C LEU E 677 -38.50 -10.82 -2.28
N SER E 678 -38.39 -10.56 -3.59
CA SER E 678 -38.25 -11.67 -4.50
C SER E 678 -36.95 -12.41 -4.18
N PRO E 679 -36.92 -13.71 -4.40
CA PRO E 679 -35.68 -14.45 -4.17
C PRO E 679 -34.51 -13.89 -4.95
N ARG E 680 -34.69 -13.58 -6.24
CA ARG E 680 -33.55 -13.22 -7.05
C ARG E 680 -33.05 -11.82 -6.72
N THR E 681 -33.94 -10.87 -6.46
CA THR E 681 -33.47 -9.55 -6.00
C THR E 681 -32.67 -9.71 -4.72
N LEU E 682 -33.14 -10.58 -3.82
CA LEU E 682 -32.34 -10.95 -2.66
C LEU E 682 -31.13 -11.78 -3.07
N LEU E 683 -31.31 -12.73 -4.00
CA LEU E 683 -30.19 -13.51 -4.51
C LEU E 683 -29.14 -12.61 -5.15
N LEU E 684 -29.58 -11.66 -5.97
CA LEU E 684 -28.63 -10.74 -6.59
C LEU E 684 -27.98 -9.85 -5.54
N TYR E 685 -28.76 -9.31 -4.60
CA TYR E 685 -28.18 -8.48 -3.55
C TYR E 685 -27.19 -9.28 -2.69
N ILE E 686 -27.42 -10.58 -2.52
CA ILE E 686 -26.44 -11.43 -1.85
C ILE E 686 -25.25 -11.70 -2.74
N ARG E 687 -25.49 -12.03 -4.02
CA ARG E 687 -24.40 -12.30 -4.94
C ARG E 687 -23.42 -11.13 -4.99
N GLN E 688 -23.95 -9.90 -5.02
CA GLN E 688 -23.09 -8.73 -5.06
C GLN E 688 -22.32 -8.56 -3.76
N ALA E 689 -22.91 -8.95 -2.64
CA ALA E 689 -22.24 -8.85 -1.34
C ALA E 689 -21.34 -10.04 -1.02
N LEU E 690 -21.51 -11.18 -1.70
CA LEU E 690 -20.59 -12.29 -1.49
C LEU E 690 -19.32 -12.14 -2.31
N GLU E 691 -19.47 -11.78 -3.59
CA GLU E 691 -18.32 -11.54 -4.46
C GLU E 691 -17.39 -10.49 -3.87
N LYS E 692 -17.93 -9.55 -3.10
CA LYS E 692 -17.12 -8.56 -2.39
C LYS E 692 -15.98 -9.21 -1.61
N ARG E 693 -16.23 -10.38 -1.01
CA ARG E 693 -15.22 -11.14 -0.29
C ARG E 693 -14.72 -12.36 -1.07
N GLY E 694 -14.87 -12.35 -2.40
CA GLY E 694 -14.36 -13.44 -3.21
C GLY E 694 -14.96 -14.79 -2.90
N ILE E 695 -16.28 -14.83 -2.70
CA ILE E 695 -17.01 -16.04 -2.37
C ILE E 695 -18.03 -16.28 -3.47
N GLY E 696 -17.90 -17.40 -4.16
CA GLY E 696 -18.84 -17.73 -5.20
C GLY E 696 -20.22 -18.01 -4.64
N MET E 697 -21.22 -17.88 -5.49
CA MET E 697 -22.59 -18.18 -5.11
C MET E 697 -23.24 -18.99 -6.22
N VAL E 698 -23.87 -20.10 -5.85
CA VAL E 698 -24.49 -20.98 -6.83
C VAL E 698 -25.87 -21.36 -6.31
N GLU E 699 -26.90 -21.00 -7.07
CA GLU E 699 -28.25 -21.44 -6.78
C GLU E 699 -28.40 -22.89 -7.24
N VAL E 700 -29.41 -23.56 -6.71
CA VAL E 700 -29.74 -24.92 -7.11
C VAL E 700 -31.26 -25.02 -7.17
N ALA E 701 -31.74 -26.13 -7.75
CA ALA E 701 -33.16 -26.25 -7.99
C ALA E 701 -33.90 -26.32 -6.66
N LYS E 702 -35.17 -25.90 -6.68
CA LYS E 702 -35.98 -25.88 -5.48
C LYS E 702 -37.17 -26.83 -5.63
N ASP E 703 -36.99 -27.89 -6.41
CA ASP E 703 -38.10 -28.79 -6.72
C ASP E 703 -38.38 -29.63 -5.48
N GLY E 704 -39.33 -29.18 -4.67
CA GLY E 704 -39.71 -29.94 -3.49
C GLY E 704 -38.57 -30.14 -2.54
N THR E 705 -37.72 -29.10 -2.37
CA THR E 705 -36.61 -29.24 -1.43
C THR E 705 -37.10 -29.24 0.01
N SER E 706 -38.16 -28.51 0.33
CA SER E 706 -38.68 -28.54 1.68
C SER E 706 -39.39 -29.85 2.02
N GLN E 707 -39.93 -30.55 1.02
CA GLN E 707 -40.73 -31.74 1.29
C GLN E 707 -39.87 -32.97 1.61
N ASN E 708 -38.87 -33.24 0.79
CA ASN E 708 -38.13 -34.50 0.86
C ASN E 708 -37.33 -34.59 2.17
N ASN E 709 -37.03 -35.82 2.56
CA ASN E 709 -36.24 -36.02 3.77
C ASN E 709 -34.76 -35.84 3.46
N PRO E 710 -34.02 -35.12 4.31
CA PRO E 710 -32.58 -34.92 4.08
C PRO E 710 -31.73 -36.14 4.39
N ILE E 711 -32.20 -36.98 5.31
CA ILE E 711 -31.43 -38.13 5.78
C ILE E 711 -31.82 -39.43 5.05
N SER E 712 -33.11 -39.65 4.82
CA SER E 712 -33.58 -40.94 4.32
C SER E 712 -34.16 -40.89 2.92
N GLY E 713 -34.30 -39.72 2.31
CA GLY E 713 -34.82 -39.64 0.95
C GLY E 713 -36.31 -39.88 0.79
N HIS E 714 -36.92 -40.56 1.76
CA HIS E 714 -38.35 -40.73 1.79
C HIS E 714 -39.06 -39.38 1.81
N VAL E 715 -40.35 -39.38 1.49
CA VAL E 715 -41.06 -38.12 1.38
C VAL E 715 -41.58 -37.74 2.75
N GLY E 716 -41.93 -36.47 2.90
CA GLY E 716 -42.55 -36.01 4.12
C GLY E 716 -43.71 -35.07 3.86
N TRP E 717 -44.27 -34.51 4.92
CA TRP E 717 -45.38 -33.58 4.80
C TRP E 717 -45.06 -32.32 5.58
N ARG E 718 -44.85 -31.21 4.89
CA ARG E 718 -44.70 -29.93 5.57
C ARG E 718 -46.06 -29.74 6.21
N ASN E 719 -46.10 -29.22 7.42
CA ASN E 719 -47.38 -29.06 8.09
C ASN E 719 -47.98 -27.74 7.66
N LYS E 720 -48.99 -27.80 6.78
CA LYS E 720 -49.59 -26.60 6.22
C LYS E 720 -50.29 -25.73 7.26
N GLN E 721 -50.98 -26.36 8.20
CA GLN E 721 -51.68 -25.59 9.21
C GLN E 721 -50.68 -24.78 10.03
N ASN E 722 -49.57 -25.42 10.41
CA ASN E 722 -48.48 -24.73 11.09
C ASN E 722 -47.15 -24.96 10.39
N LYS E 723 -46.60 -23.90 9.81
CA LYS E 723 -45.46 -23.99 8.88
C LYS E 723 -44.11 -24.48 9.38
N SER E 724 -43.71 -24.09 10.57
CA SER E 724 -42.33 -24.35 10.99
C SER E 724 -41.98 -25.84 11.08
N GLU E 725 -42.87 -26.63 11.66
CA GLU E 725 -42.60 -28.04 11.86
C GLU E 725 -42.87 -28.91 10.63
N ILE E 726 -42.17 -30.03 10.52
CA ILE E 726 -42.27 -30.93 9.39
C ILE E 726 -42.24 -32.38 9.87
N TYR E 727 -42.75 -33.30 9.07
CA TYR E 727 -42.96 -34.67 9.52
C TYR E 727 -42.31 -35.72 8.61
N PHE E 728 -42.11 -36.92 9.14
CA PHE E 728 -41.50 -37.99 8.34
C PHE E 728 -41.86 -39.33 8.94
N TYR E 729 -41.90 -40.37 8.10
CA TYR E 729 -42.23 -41.74 8.51
C TYR E 729 -41.08 -42.71 8.29
N GLU E 730 -40.41 -43.08 9.38
CA GLU E 730 -39.32 -44.06 9.33
C GLU E 730 -39.47 -45.02 10.51
N ASP E 731 -39.23 -46.31 10.24
CA ASP E 731 -39.11 -47.35 11.27
C ASP E 731 -40.40 -47.51 12.08
N LYS E 732 -41.54 -47.17 11.49
CA LYS E 732 -42.84 -47.22 12.16
C LYS E 732 -42.85 -46.38 13.44
N GLU E 733 -42.12 -45.27 13.40
CA GLU E 733 -42.05 -44.30 14.50
C GLU E 733 -42.01 -42.93 13.84
N LEU E 734 -42.89 -42.04 14.26
CA LEU E 734 -43.01 -40.74 13.62
C LEU E 734 -41.89 -39.81 14.07
N LEU E 735 -41.50 -38.91 13.17
CA LEU E 735 -40.43 -37.95 13.43
C LEU E 735 -40.91 -36.58 13.01
N VAL E 736 -40.11 -35.58 13.37
CA VAL E 736 -40.42 -34.18 13.11
C VAL E 736 -39.14 -33.39 13.32
N MET E 737 -38.98 -32.30 12.59
CA MET E 737 -37.77 -31.47 12.69
C MET E 737 -38.19 -30.03 12.52
N ASP E 738 -37.23 -29.17 12.25
CA ASP E 738 -37.50 -27.76 11.99
C ASP E 738 -37.41 -27.55 10.49
N ALA E 739 -38.48 -27.00 9.89
CA ALA E 739 -38.57 -26.92 8.43
C ALA E 739 -37.36 -26.24 7.82
N ASP E 740 -37.14 -24.97 8.14
CA ASP E 740 -36.00 -24.28 7.55
C ASP E 740 -34.66 -24.80 8.03
N GLU E 741 -34.66 -25.66 9.06
CA GLU E 741 -33.49 -26.49 9.30
C GLU E 741 -33.43 -27.62 8.27
N VAL E 742 -34.55 -28.33 8.11
CA VAL E 742 -34.66 -29.38 7.10
C VAL E 742 -34.19 -28.86 5.74
N GLY E 743 -34.61 -27.65 5.38
CA GLY E 743 -34.24 -27.08 4.09
C GLY E 743 -32.77 -26.82 3.93
N ALA E 744 -32.09 -26.47 5.03
CA ALA E 744 -30.66 -26.15 4.94
C ALA E 744 -29.85 -27.32 4.41
N MET E 745 -30.24 -28.54 4.78
CA MET E 745 -29.60 -29.73 4.21
C MET E 745 -30.04 -29.94 2.76
N ASN E 746 -31.30 -29.65 2.47
CA ASN E 746 -31.85 -29.91 1.14
C ASN E 746 -31.18 -29.06 0.06
N ILE E 747 -30.72 -27.87 0.42
CA ILE E 747 -29.99 -27.03 -0.53
C ILE E 747 -28.51 -27.41 -0.60
N LEU E 748 -27.90 -27.75 0.55
CA LEU E 748 -26.53 -28.25 0.53
C LEU E 748 -26.40 -29.57 -0.23
N CYS E 749 -27.40 -30.45 -0.12
CA CYS E 749 -27.32 -31.75 -0.77
C CYS E 749 -27.31 -31.60 -2.30
N ARG E 750 -28.36 -31.01 -2.86
CA ARG E 750 -28.44 -30.85 -4.31
C ARG E 750 -27.24 -30.07 -4.86
N GLY E 751 -26.66 -29.19 -4.05
CA GLY E 751 -25.45 -28.51 -4.49
C GLY E 751 -24.28 -29.46 -4.61
N LEU E 752 -24.05 -30.26 -3.55
CA LEU E 752 -22.98 -31.25 -3.59
C LEU E 752 -23.31 -32.45 -4.46
N ASN E 753 -24.52 -32.53 -5.01
CA ASN E 753 -24.88 -33.53 -6.00
C ASN E 753 -25.06 -32.90 -7.37
N HIS E 754 -24.79 -31.59 -7.48
CA HIS E 754 -24.99 -30.81 -8.70
C HIS E 754 -26.44 -30.86 -9.16
N SER E 755 -27.36 -31.04 -8.22
CA SER E 755 -28.80 -31.10 -8.45
C SER E 755 -29.20 -32.16 -9.46
N VAL E 756 -28.32 -33.13 -9.74
CA VAL E 756 -28.60 -34.12 -10.77
C VAL E 756 -29.78 -35.00 -10.37
N CYS E 757 -29.85 -35.38 -9.10
CA CYS E 757 -30.92 -36.26 -8.66
C CYS E 757 -32.27 -35.57 -8.77
N PRO E 758 -33.18 -36.04 -9.63
CA PRO E 758 -34.41 -35.29 -9.89
C PRO E 758 -35.44 -35.56 -8.80
N TYR E 759 -36.42 -34.67 -8.76
CA TYR E 759 -37.59 -34.88 -7.90
C TYR E 759 -38.80 -35.33 -8.69
N SER E 760 -39.12 -34.67 -9.80
CA SER E 760 -40.26 -35.05 -10.62
C SER E 760 -40.02 -34.57 -12.03
N PHE E 761 -40.24 -35.46 -13.00
CA PHE E 761 -40.10 -35.14 -14.40
C PHE E 761 -41.15 -35.95 -15.17
N VAL E 762 -41.23 -35.72 -16.47
CA VAL E 762 -42.25 -36.33 -17.31
C VAL E 762 -41.56 -37.39 -18.16
N THR E 763 -42.11 -38.60 -18.17
CA THR E 763 -41.41 -39.69 -18.83
C THR E 763 -41.65 -39.63 -20.34
N LYS E 764 -40.82 -40.36 -21.06
CA LYS E 764 -40.89 -40.47 -22.51
C LYS E 764 -40.44 -41.89 -22.89
N ALA E 765 -40.29 -42.13 -24.17
CA ALA E 765 -39.92 -43.47 -24.61
C ALA E 765 -38.46 -43.50 -25.04
N PRO E 766 -37.73 -44.55 -24.63
CA PRO E 766 -36.33 -44.67 -25.01
C PRO E 766 -36.10 -44.48 -26.51
N GLU E 767 -35.25 -43.51 -26.82
CA GLU E 767 -34.85 -43.21 -28.18
C GLU E 767 -33.79 -44.20 -28.64
N LYS E 768 -33.75 -44.47 -29.93
CA LYS E 768 -32.90 -45.52 -30.46
C LYS E 768 -31.52 -44.94 -30.79
N LYS E 769 -30.74 -45.64 -31.60
CA LYS E 769 -29.33 -45.33 -31.80
C LYS E 769 -28.76 -44.96 -33.16
N ASN E 770 -29.48 -45.26 -34.25
CA ASN E 770 -28.97 -45.01 -35.60
C ASN E 770 -30.26 -44.42 -36.18
N ASP E 771 -30.75 -43.34 -35.58
CA ASP E 771 -31.97 -42.67 -36.03
C ASP E 771 -31.86 -41.30 -35.39
N GLU E 772 -32.86 -40.44 -35.62
CA GLU E 772 -32.86 -39.08 -35.12
C GLU E 772 -32.84 -38.75 -33.63
N LYS E 773 -32.61 -37.46 -33.35
CA LYS E 773 -32.68 -36.94 -31.98
C LYS E 773 -34.06 -36.35 -31.77
N LYS E 774 -35.03 -37.22 -31.54
CA LYS E 774 -36.40 -36.79 -31.32
C LYS E 774 -36.49 -35.97 -30.04
N GLU E 775 -37.45 -35.04 -30.01
CA GLU E 775 -37.49 -33.98 -29.01
C GLU E 775 -37.77 -34.48 -27.60
N GLY E 776 -38.45 -35.61 -27.45
CA GLY E 776 -38.89 -36.04 -26.12
C GLY E 776 -37.84 -36.74 -25.29
N ASP E 777 -36.85 -36.00 -24.80
CA ASP E 777 -35.80 -36.54 -23.94
C ASP E 777 -35.78 -35.76 -22.63
N TYR E 778 -35.22 -36.39 -21.60
CA TYR E 778 -35.03 -35.67 -20.35
C TYR E 778 -33.85 -34.72 -20.50
N GLY E 779 -33.83 -33.70 -19.65
CA GLY E 779 -32.72 -32.78 -19.68
C GLY E 779 -31.43 -33.40 -19.18
N LYS E 780 -30.31 -32.76 -19.54
CA LYS E 780 -28.99 -33.28 -19.20
C LYS E 780 -28.79 -33.43 -17.70
N ARG E 781 -29.61 -32.78 -16.88
CA ARG E 781 -29.56 -32.97 -15.44
C ARG E 781 -30.25 -34.25 -15.00
N VAL E 782 -30.92 -34.93 -15.92
CA VAL E 782 -31.56 -36.21 -15.63
C VAL E 782 -30.64 -37.34 -16.11
N LYS E 783 -29.83 -37.08 -17.13
CA LYS E 783 -28.98 -38.12 -17.68
C LYS E 783 -28.03 -38.68 -16.63
N ARG E 784 -27.23 -37.82 -16.01
CA ARG E 784 -26.25 -38.31 -15.04
C ARG E 784 -26.91 -39.00 -13.85
N PHE E 785 -28.23 -38.89 -13.72
CA PHE E 785 -28.95 -39.60 -12.66
C PHE E 785 -29.21 -41.06 -13.03
N LEU E 786 -29.82 -41.30 -14.20
CA LEU E 786 -30.08 -42.68 -14.64
C LEU E 786 -28.79 -43.42 -14.97
N LYS E 787 -27.80 -42.73 -15.52
CA LYS E 787 -26.59 -43.39 -15.99
C LYS E 787 -25.71 -43.88 -14.84
N ASP E 788 -25.54 -43.08 -13.79
CA ASP E 788 -24.63 -43.46 -12.71
C ASP E 788 -25.21 -44.59 -11.86
N ARG E 789 -26.52 -44.61 -11.66
CA ARG E 789 -27.17 -45.57 -10.78
C ARG E 789 -27.78 -46.74 -11.55
N TYR E 790 -28.62 -46.47 -12.55
CA TYR E 790 -29.44 -47.50 -13.17
C TYR E 790 -28.80 -48.13 -14.41
N GLY E 791 -28.11 -47.37 -15.24
CA GLY E 791 -27.36 -48.01 -16.31
C GLY E 791 -27.39 -47.35 -17.67
N SER E 792 -28.44 -46.62 -18.00
CA SER E 792 -28.51 -45.94 -19.29
C SER E 792 -29.43 -44.74 -19.19
N SER E 793 -29.49 -43.97 -20.28
CA SER E 793 -30.43 -42.86 -20.40
C SER E 793 -31.77 -43.29 -20.97
N ASN E 794 -31.75 -44.26 -21.89
CA ASN E 794 -32.94 -44.76 -22.58
C ASN E 794 -33.40 -46.05 -21.91
N VAL E 795 -34.26 -45.90 -20.90
CA VAL E 795 -34.66 -46.99 -20.02
C VAL E 795 -36.17 -46.93 -19.82
N ARG E 796 -36.82 -48.08 -19.88
CA ARG E 796 -38.22 -48.18 -19.50
C ARG E 796 -38.37 -48.66 -18.06
N PHE E 797 -39.61 -48.59 -17.57
CA PHE E 797 -39.91 -48.64 -16.14
C PHE E 797 -41.08 -49.55 -15.88
N LEU E 798 -41.10 -50.20 -14.72
CA LEU E 798 -42.14 -51.17 -14.38
C LEU E 798 -43.04 -50.65 -13.26
N VAL E 799 -44.35 -50.64 -13.51
CA VAL E 799 -45.32 -50.68 -12.42
C VAL E 799 -45.48 -52.12 -12.00
N ALA E 800 -45.42 -52.38 -10.70
CA ALA E 800 -45.39 -53.75 -10.22
C ALA E 800 -46.05 -53.78 -8.85
N SER E 801 -45.95 -54.94 -8.19
CA SER E 801 -46.49 -55.12 -6.86
C SER E 801 -46.00 -53.99 -5.94
N MET E 802 -46.93 -53.44 -5.16
CA MET E 802 -46.79 -52.28 -4.27
C MET E 802 -46.78 -50.98 -5.06
N GLY E 803 -46.77 -51.03 -6.38
CA GLY E 803 -46.68 -49.81 -7.17
C GLY E 803 -45.33 -49.14 -7.08
N PHE E 804 -44.25 -49.92 -6.98
CA PHE E 804 -42.90 -49.38 -7.06
C PHE E 804 -42.43 -49.40 -8.51
N VAL E 805 -41.16 -49.10 -8.74
CA VAL E 805 -40.56 -49.21 -10.07
C VAL E 805 -39.16 -49.78 -9.96
N THR E 806 -38.78 -50.60 -10.93
CA THR E 806 -37.41 -51.03 -11.14
C THR E 806 -37.04 -50.66 -12.56
N VAL E 807 -35.81 -50.22 -12.76
CA VAL E 807 -35.31 -49.85 -14.09
C VAL E 807 -34.45 -50.99 -14.63
N THR E 808 -34.85 -51.51 -15.79
CA THR E 808 -34.15 -52.59 -16.46
C THR E 808 -33.67 -52.06 -17.80
N THR E 809 -32.53 -52.58 -18.27
CA THR E 809 -31.93 -52.05 -19.48
C THR E 809 -32.63 -52.51 -20.75
N LYS E 810 -33.53 -53.47 -20.66
CA LYS E 810 -34.41 -53.78 -21.78
C LYS E 810 -35.58 -52.79 -21.82
N ARG E 811 -36.31 -52.80 -22.93
CA ARG E 811 -37.40 -51.84 -23.17
C ARG E 811 -38.72 -52.56 -23.43
N PRO E 812 -39.48 -52.91 -22.37
CA PRO E 812 -40.77 -53.58 -22.59
C PRO E 812 -41.82 -52.64 -23.16
N LYS E 813 -43.04 -53.11 -23.43
CA LYS E 813 -44.00 -52.32 -24.20
C LYS E 813 -45.04 -51.60 -23.36
N ASP E 814 -45.75 -52.31 -22.48
CA ASP E 814 -46.71 -51.70 -21.57
C ASP E 814 -46.05 -50.89 -20.48
N ALA E 815 -44.73 -50.89 -20.42
CA ALA E 815 -43.95 -50.28 -19.35
C ALA E 815 -44.26 -48.79 -19.25
N LEU E 816 -43.75 -48.16 -18.20
CA LEU E 816 -44.06 -46.76 -17.95
C LEU E 816 -43.51 -45.89 -19.07
N VAL E 817 -44.43 -45.25 -19.79
CA VAL E 817 -44.13 -44.25 -20.82
C VAL E 817 -45.26 -43.23 -20.79
N GLY E 818 -44.92 -41.95 -20.78
CA GLY E 818 -45.93 -40.91 -20.67
C GLY E 818 -46.51 -40.74 -19.30
N LYS E 819 -45.69 -40.85 -18.25
CA LYS E 819 -46.15 -40.78 -16.88
C LYS E 819 -45.37 -39.69 -16.15
N ARG E 820 -45.36 -39.78 -14.81
CA ARG E 820 -44.55 -38.92 -13.96
C ARG E 820 -44.16 -39.74 -12.73
N LEU E 821 -42.94 -39.50 -12.24
CA LEU E 821 -42.36 -40.38 -11.21
C LEU E 821 -41.69 -39.53 -10.13
N TYR E 822 -41.11 -40.24 -9.16
CA TYR E 822 -40.39 -39.66 -8.03
C TYR E 822 -39.30 -40.64 -7.59
N TYR E 823 -38.24 -40.12 -6.99
CA TYR E 823 -37.09 -40.92 -6.60
C TYR E 823 -36.85 -40.74 -5.10
N HIS E 824 -36.89 -41.85 -4.35
CA HIS E 824 -36.78 -41.82 -2.90
C HIS E 824 -35.88 -42.97 -2.49
N GLY E 825 -34.66 -42.65 -2.06
CA GLY E 825 -33.79 -43.71 -1.62
C GLY E 825 -33.36 -44.53 -2.83
N GLY E 826 -33.09 -45.80 -2.59
CA GLY E 826 -32.63 -46.66 -3.67
C GLY E 826 -33.75 -47.01 -4.64
N GLU E 827 -35.00 -47.01 -4.17
CA GLU E 827 -36.16 -47.42 -4.96
C GLU E 827 -36.88 -46.21 -5.55
N LEU E 828 -37.18 -46.29 -6.85
CA LEU E 828 -37.96 -45.29 -7.55
C LEU E 828 -39.45 -45.57 -7.38
N VAL E 829 -40.20 -44.58 -6.90
CA VAL E 829 -41.63 -44.72 -6.67
C VAL E 829 -42.38 -43.97 -7.77
N THR E 830 -43.69 -44.19 -7.83
CA THR E 830 -44.54 -43.63 -8.89
C THR E 830 -45.25 -42.37 -8.39
N HIS E 831 -46.11 -41.81 -9.23
CA HIS E 831 -46.77 -40.55 -8.88
C HIS E 831 -47.95 -40.76 -7.93
N ASP E 832 -48.87 -41.66 -8.30
CA ASP E 832 -49.97 -41.98 -7.40
C ASP E 832 -49.49 -42.70 -6.15
N LEU E 833 -48.22 -43.09 -6.09
CA LEU E 833 -47.62 -43.60 -4.85
C LEU E 833 -47.02 -42.49 -4.00
N HIS E 834 -46.49 -41.45 -4.63
CA HIS E 834 -46.06 -40.29 -3.86
C HIS E 834 -47.22 -39.65 -3.11
N ASN E 835 -48.42 -39.71 -3.70
CA ASN E 835 -49.63 -39.39 -2.95
C ASN E 835 -49.94 -40.47 -1.91
N ARG E 836 -49.97 -41.73 -2.33
CA ARG E 836 -50.30 -42.82 -1.40
C ARG E 836 -49.33 -42.87 -0.23
N MET E 837 -48.04 -42.61 -0.48
CA MET E 837 -47.07 -42.64 0.62
C MET E 837 -47.28 -41.44 1.53
N LYS E 838 -47.52 -40.27 0.93
CA LYS E 838 -47.93 -39.10 1.71
C LYS E 838 -49.19 -39.38 2.52
N ASP E 839 -50.19 -40.03 1.90
CA ASP E 839 -51.43 -40.34 2.59
C ASP E 839 -51.18 -41.16 3.85
N GLU E 840 -50.09 -41.92 3.90
CA GLU E 840 -49.81 -42.68 5.12
C GLU E 840 -49.14 -41.82 6.18
N ILE E 841 -48.24 -40.93 5.76
CA ILE E 841 -47.57 -40.06 6.73
C ILE E 841 -48.56 -39.05 7.29
N LYS E 842 -49.30 -38.37 6.42
CA LYS E 842 -50.36 -37.47 6.86
C LYS E 842 -51.31 -38.16 7.83
N TYR E 843 -51.63 -39.43 7.56
CA TYR E 843 -52.57 -40.18 8.40
C TYR E 843 -51.97 -40.48 9.76
N LEU E 844 -50.69 -40.88 9.81
CA LEU E 844 -50.07 -41.16 11.10
C LEU E 844 -49.99 -39.91 11.96
N VAL E 845 -49.80 -38.74 11.34
CA VAL E 845 -49.79 -37.49 12.11
C VAL E 845 -51.20 -37.17 12.61
N GLU E 846 -52.22 -37.42 11.79
CA GLU E 846 -53.59 -37.03 12.14
C GLU E 846 -54.03 -37.64 13.46
N LYS E 847 -53.57 -38.84 13.79
CA LYS E 847 -53.93 -39.45 15.06
C LYS E 847 -53.16 -38.83 16.23
N GLU E 848 -52.31 -37.84 15.96
CA GLU E 848 -51.54 -37.15 17.00
C GLU E 848 -50.75 -38.17 17.81
N VAL E 849 -49.91 -38.91 17.12
CA VAL E 849 -49.12 -39.96 17.74
C VAL E 849 -47.90 -39.30 18.36
N LEU E 850 -47.13 -40.04 19.13
CA LEU E 850 -46.02 -39.48 19.88
C LEU E 850 -44.78 -39.54 19.00
N ALA E 851 -44.18 -38.39 18.74
CA ALA E 851 -43.11 -38.24 17.77
C ALA E 851 -41.83 -37.83 18.46
N ARG E 852 -40.75 -37.83 17.70
CA ARG E 852 -39.42 -37.49 18.22
C ARG E 852 -38.82 -36.36 17.39
N ARG E 853 -38.63 -35.21 18.00
CA ARG E 853 -37.79 -34.18 17.39
C ARG E 853 -36.36 -34.70 17.41
N VAL E 854 -35.61 -34.43 16.33
CA VAL E 854 -34.27 -34.99 16.18
C VAL E 854 -33.31 -33.85 15.91
N SER E 855 -32.54 -33.48 16.92
CA SER E 855 -31.46 -32.52 16.73
C SER E 855 -30.39 -33.09 15.82
N LEU E 856 -29.78 -32.22 15.02
CA LEU E 856 -28.77 -32.59 14.05
C LEU E 856 -27.36 -32.21 14.46
N SER E 857 -27.18 -31.59 15.63
CA SER E 857 -25.82 -31.31 16.08
C SER E 857 -25.08 -32.55 16.55
N ASP E 858 -25.75 -33.70 16.55
CA ASP E 858 -25.17 -34.98 16.96
C ASP E 858 -24.47 -35.61 15.76
N SER E 859 -23.68 -36.65 16.03
CA SER E 859 -22.99 -37.41 15.00
C SER E 859 -23.70 -38.71 14.67
N THR E 860 -24.85 -38.97 15.29
CA THR E 860 -25.55 -40.23 15.10
C THR E 860 -25.92 -40.48 13.64
N ILE E 861 -25.92 -39.44 12.81
CA ILE E 861 -26.18 -39.66 11.39
C ILE E 861 -24.95 -40.34 10.79
N LYS E 862 -25.16 -41.48 10.15
CA LYS E 862 -24.08 -42.26 9.56
C LYS E 862 -23.85 -41.86 8.11
N SER E 863 -24.91 -41.75 7.31
CA SER E 863 -24.81 -41.40 5.91
C SER E 863 -26.10 -40.71 5.49
N TYR E 864 -25.98 -39.62 4.75
CA TYR E 864 -27.13 -38.98 4.14
C TYR E 864 -27.38 -39.64 2.78
N LYS E 865 -28.56 -40.25 2.63
CA LYS E 865 -28.91 -40.97 1.43
C LYS E 865 -29.82 -40.15 0.51
N SER E 866 -30.03 -38.87 0.82
CA SER E 866 -30.98 -38.07 0.08
C SER E 866 -30.34 -37.47 -1.15
N PHE E 867 -31.02 -37.61 -2.29
CA PHE E 867 -30.58 -37.03 -3.56
C PHE E 867 -29.18 -37.50 -3.92
N ALA E 868 -28.91 -38.77 -3.65
CA ALA E 868 -27.65 -39.40 -4.02
C ALA E 868 -27.92 -40.74 -4.66
N HIS E 869 -27.09 -41.07 -5.65
CA HIS E 869 -27.19 -42.33 -6.41
C HIS E 869 -25.79 -42.93 -6.53
N VAL E 870 -25.34 -43.55 -5.44
CA VAL E 870 -24.01 -44.15 -5.34
C VAL E 870 -24.05 -45.18 -4.22
N MET I 1 24.70 -60.32 -27.17
CA MET I 1 25.01 -60.12 -25.76
C MET I 1 24.44 -58.81 -25.20
N LYS I 2 24.58 -58.66 -23.89
CA LYS I 2 24.22 -57.41 -23.22
C LYS I 2 25.16 -56.30 -23.68
N VAL I 3 24.58 -55.15 -24.03
CA VAL I 3 25.37 -53.99 -24.43
C VAL I 3 25.32 -52.95 -23.31
N HIS I 4 26.20 -51.95 -23.41
CA HIS I 4 26.23 -50.88 -22.43
C HIS I 4 26.81 -49.65 -23.10
N GLU I 5 26.10 -48.52 -23.03
CA GLU I 5 26.55 -47.33 -23.73
C GLU I 5 27.51 -46.52 -22.86
N ILE I 6 28.38 -45.75 -23.52
CA ILE I 6 29.49 -45.09 -22.83
C ILE I 6 29.51 -43.58 -23.13
N PRO I 7 29.53 -42.72 -22.10
CA PRO I 7 29.45 -41.26 -22.35
C PRO I 7 30.79 -40.60 -22.62
N ARG I 8 30.97 -40.06 -23.83
CA ARG I 8 32.19 -39.36 -24.21
C ARG I 8 31.84 -38.19 -25.11
N SER I 9 32.75 -37.21 -25.19
CA SER I 9 32.58 -36.10 -26.12
C SER I 9 33.89 -35.35 -26.28
N GLN I 10 34.18 -34.93 -27.50
CA GLN I 10 35.32 -34.03 -27.75
C GLN I 10 34.86 -32.90 -28.65
N LEU I 11 35.39 -31.70 -28.39
CA LEU I 11 34.92 -30.45 -28.96
C LEU I 11 35.18 -30.33 -30.46
N LEU I 12 34.60 -29.25 -31.00
CA LEU I 12 34.80 -28.80 -32.36
C LEU I 12 34.66 -27.28 -32.36
N LYS I 13 35.73 -26.57 -32.73
CA LYS I 13 35.70 -25.11 -32.70
C LYS I 13 34.74 -24.61 -33.77
N ILE I 14 33.74 -23.84 -33.38
CA ILE I 14 32.78 -23.37 -34.37
C ILE I 14 33.35 -22.13 -35.04
N LYS I 15 33.36 -22.15 -36.37
CA LYS I 15 33.92 -21.09 -37.21
C LYS I 15 32.86 -20.24 -37.89
N GLN I 16 31.70 -20.80 -38.20
CA GLN I 16 30.86 -20.21 -39.23
C GLN I 16 29.42 -20.65 -38.99
N TYR I 17 28.48 -19.72 -39.17
CA TYR I 17 27.06 -20.05 -39.10
C TYR I 17 26.35 -19.37 -40.27
N GLU I 18 25.04 -19.65 -40.37
CA GLU I 18 24.17 -18.99 -41.32
C GLU I 18 22.89 -18.61 -40.59
N GLY I 19 22.11 -17.71 -41.20
CA GLY I 19 20.80 -17.44 -40.64
C GLY I 19 20.86 -16.89 -39.22
N SER I 20 19.73 -17.04 -38.52
CA SER I 20 19.60 -16.52 -37.19
C SER I 20 19.88 -17.48 -35.97
N PHE I 21 21.15 -17.68 -35.67
CA PHE I 21 21.57 -18.47 -34.56
C PHE I 21 22.00 -17.84 -33.22
N VAL I 22 22.71 -16.71 -33.30
CA VAL I 22 23.23 -16.08 -32.08
C VAL I 22 22.10 -15.57 -31.23
N GLU I 23 21.07 -14.98 -31.85
CA GLU I 23 19.89 -14.59 -31.09
C GLU I 23 19.20 -15.81 -30.51
N TRP I 24 19.24 -16.95 -31.21
CA TRP I 24 18.68 -18.18 -30.68
C TRP I 24 19.41 -18.59 -29.42
N TYR I 25 20.74 -18.72 -29.51
CA TYR I 25 21.57 -18.99 -28.34
C TYR I 25 21.40 -17.90 -27.28
N ARG I 26 21.58 -16.63 -27.66
CA ARG I 26 21.51 -15.55 -26.68
C ARG I 26 20.17 -15.50 -25.98
N ASP I 27 19.09 -15.92 -26.66
CA ASP I 27 17.79 -15.94 -26.01
C ASP I 27 17.73 -17.04 -24.97
N LEU I 28 18.37 -18.18 -25.25
CA LEU I 28 18.32 -19.30 -24.31
C LEU I 28 19.14 -19.02 -23.06
N GLN I 29 20.32 -18.41 -23.22
CA GLN I 29 21.13 -18.11 -22.04
C GLN I 29 20.58 -16.96 -21.21
N GLU I 30 19.51 -16.30 -21.63
CA GLU I 30 18.80 -15.35 -20.80
C GLU I 30 17.43 -15.83 -20.33
N ASP I 31 16.73 -16.65 -21.12
CA ASP I 31 15.49 -17.24 -20.63
C ASP I 31 15.77 -18.32 -19.58
N ARG I 32 16.85 -19.09 -19.77
CA ARG I 32 17.28 -20.01 -18.73
C ARG I 32 17.49 -19.27 -17.41
N LYS I 33 18.43 -18.34 -17.42
CA LYS I 33 18.76 -17.45 -16.32
C LYS I 33 17.51 -16.88 -15.64
N LYS I 34 16.51 -16.52 -16.44
CA LYS I 34 15.34 -15.81 -15.92
C LYS I 34 14.39 -16.73 -15.17
N PHE I 35 14.16 -17.94 -15.69
CA PHE I 35 13.15 -18.81 -15.10
C PHE I 35 13.73 -19.77 -14.09
N ALA I 36 15.01 -20.12 -14.24
CA ALA I 36 15.70 -20.80 -13.15
C ALA I 36 15.64 -19.95 -11.89
N SER I 37 15.79 -18.63 -12.05
CA SER I 37 15.65 -17.68 -10.96
C SER I 37 14.21 -17.50 -10.50
N LEU I 38 13.23 -18.02 -11.26
CA LEU I 38 11.84 -17.98 -10.82
C LEU I 38 11.39 -19.29 -10.18
N LEU I 39 11.68 -20.42 -10.81
CA LEU I 39 11.28 -21.70 -10.22
C LEU I 39 12.00 -21.94 -8.91
N PHE I 40 13.09 -21.22 -8.66
CA PHE I 40 13.82 -21.31 -7.40
C PHE I 40 12.88 -21.12 -6.21
N ARG I 41 11.98 -20.14 -6.29
CA ARG I 41 11.15 -19.77 -5.14
C ARG I 41 9.91 -20.65 -4.96
N TRP I 42 9.44 -21.34 -6.00
CA TRP I 42 8.13 -21.97 -5.94
C TRP I 42 8.10 -23.08 -4.90
N ALA I 43 9.23 -23.77 -4.72
CA ALA I 43 9.41 -24.73 -3.64
C ALA I 43 9.88 -23.91 -2.44
N ALA I 44 9.85 -24.51 -1.27
CA ALA I 44 10.25 -23.83 -0.04
C ALA I 44 11.75 -24.04 0.09
N PHE I 45 12.55 -23.24 -0.63
CA PHE I 45 14.00 -23.41 -0.64
C PHE I 45 14.67 -22.40 0.30
N GLY I 46 15.32 -22.92 1.33
CA GLY I 46 16.16 -22.10 2.19
C GLY I 46 17.50 -21.84 1.53
N TYR I 47 17.89 -20.57 1.46
CA TYR I 47 19.13 -20.19 0.79
C TYR I 47 19.82 -19.09 1.58
N ALA I 48 21.16 -19.14 1.60
CA ALA I 48 21.96 -18.05 2.15
C ALA I 48 22.27 -17.03 1.06
N ALA I 49 23.10 -16.06 1.39
CA ALA I 49 23.40 -14.96 0.47
C ALA I 49 24.72 -15.09 -0.27
N ARG I 50 24.72 -14.77 -1.56
CA ARG I 50 25.91 -14.86 -2.37
C ARG I 50 26.80 -13.61 -2.38
N GLU I 51 27.50 -13.35 -1.27
CA GLU I 51 28.56 -12.34 -1.28
C GLU I 51 29.85 -13.02 -0.83
N ASP I 52 30.92 -12.83 -1.58
CA ASP I 52 32.16 -13.50 -1.23
C ASP I 52 32.65 -13.03 0.14
N ASP I 53 32.53 -11.73 0.40
CA ASP I 53 33.00 -11.15 1.65
C ASP I 53 31.94 -11.07 2.75
N GLY I 54 30.73 -11.54 2.46
CA GLY I 54 29.63 -11.46 3.42
C GLY I 54 28.82 -12.73 3.58
N ALA I 55 28.17 -12.87 4.72
CA ALA I 55 27.29 -14.01 4.96
C ALA I 55 25.97 -13.60 5.62
N THR I 56 24.91 -14.35 5.33
CA THR I 56 23.57 -14.10 5.85
C THR I 56 22.74 -15.33 5.60
N TYR I 57 21.71 -15.55 6.40
CA TYR I 57 20.90 -16.76 6.21
C TYR I 57 19.38 -16.58 6.21
N ILE I 58 18.77 -16.57 5.03
CA ILE I 58 17.31 -16.59 4.89
C ILE I 58 16.79 -17.99 5.18
N SER I 59 15.58 -18.07 5.77
CA SER I 59 14.97 -19.32 6.23
C SER I 59 13.97 -19.85 5.21
N PRO I 60 13.60 -21.13 5.31
CA PRO I 60 12.59 -21.68 4.38
C PRO I 60 11.21 -21.06 4.52
N SER I 61 10.77 -20.75 5.74
CA SER I 61 9.44 -20.17 5.92
C SER I 61 9.37 -18.78 5.30
N GLN I 62 10.48 -18.05 5.25
CA GLN I 62 10.50 -16.78 4.54
C GLN I 62 10.40 -16.97 3.03
N ALA I 63 10.57 -18.19 2.55
CA ALA I 63 10.27 -18.56 1.17
C ALA I 63 8.88 -19.15 1.04
N LEU I 64 8.44 -19.88 2.06
CA LEU I 64 7.02 -20.23 2.18
C LEU I 64 6.16 -18.98 2.29
N LEU I 65 6.73 -17.87 2.74
CA LEU I 65 6.00 -16.61 2.77
C LEU I 65 5.73 -16.11 1.35
N GLU I 66 6.80 -15.93 0.56
CA GLU I 66 6.63 -15.52 -0.84
C GLU I 66 6.15 -16.66 -1.74
N ARG I 67 6.01 -17.88 -1.23
CA ARG I 67 5.32 -18.90 -2.01
C ARG I 67 3.86 -18.52 -2.22
N ARG I 68 3.15 -18.23 -1.13
CA ARG I 68 1.79 -17.72 -1.23
C ARG I 68 1.72 -16.22 -1.49
N LEU I 69 2.80 -15.47 -1.26
CA LEU I 69 2.84 -14.05 -1.54
C LEU I 69 3.21 -13.73 -2.99
N LEU I 70 3.47 -14.75 -3.80
CA LEU I 70 3.66 -14.59 -5.23
C LEU I 70 2.60 -15.33 -6.03
N LEU I 71 1.98 -16.35 -5.42
CA LEU I 71 0.94 -17.15 -6.06
C LEU I 71 -0.09 -17.46 -4.98
N GLY I 72 -1.27 -16.88 -5.12
CA GLY I 72 -2.31 -17.12 -4.13
C GLY I 72 -3.09 -18.39 -4.39
N ASP I 73 -3.12 -18.81 -5.64
CA ASP I 73 -3.89 -19.96 -6.07
C ASP I 73 -3.06 -21.06 -6.71
N ALA I 74 -1.92 -20.71 -7.30
CA ALA I 74 -1.04 -21.70 -7.92
C ALA I 74 -0.39 -22.63 -6.90
N GLU I 75 -0.61 -22.43 -5.60
CA GLU I 75 0.00 -23.28 -4.58
C GLU I 75 -0.32 -24.75 -4.81
N ASP I 76 -1.61 -25.10 -4.78
CA ASP I 76 -2.04 -26.48 -4.90
C ASP I 76 -1.80 -27.10 -6.28
N VAL I 77 -1.52 -26.29 -7.30
CA VAL I 77 -1.23 -26.81 -8.63
C VAL I 77 0.27 -26.81 -8.92
N ALA I 78 0.98 -25.74 -8.57
CA ALA I 78 2.42 -25.72 -8.80
C ALA I 78 3.13 -26.79 -7.99
N ILE I 79 2.65 -27.04 -6.77
CA ILE I 79 3.27 -28.07 -5.94
C ILE I 79 3.03 -29.45 -6.55
N LYS I 80 1.80 -29.72 -7.01
CA LYS I 80 1.57 -30.92 -7.80
C LYS I 80 2.34 -30.87 -9.12
N PHE I 81 2.64 -29.67 -9.60
CA PHE I 81 3.51 -29.52 -10.77
C PHE I 81 4.98 -29.71 -10.39
N LEU I 82 5.39 -29.14 -9.26
CA LEU I 82 6.75 -29.34 -8.78
C LEU I 82 7.01 -30.81 -8.44
N ASP I 83 6.02 -31.46 -7.84
CA ASP I 83 6.12 -32.89 -7.53
C ASP I 83 6.49 -33.71 -8.77
N VAL I 84 5.76 -33.50 -9.87
CA VAL I 84 5.99 -34.21 -11.12
C VAL I 84 7.30 -33.74 -11.76
N LEU I 85 7.98 -32.77 -11.14
CA LEU I 85 9.29 -32.37 -11.61
C LEU I 85 10.43 -32.95 -10.78
N PHE I 86 10.23 -33.18 -9.47
CA PHE I 86 11.26 -33.83 -8.68
C PHE I 86 11.38 -35.32 -9.01
N LYS I 87 10.29 -35.94 -9.48
CA LYS I 87 10.36 -37.33 -9.92
C LYS I 87 11.18 -37.47 -11.21
N GLY I 88 10.95 -36.56 -12.16
CA GLY I 88 11.73 -36.56 -13.38
C GLY I 88 11.50 -37.80 -14.22
N GLY I 89 12.56 -38.25 -14.90
CA GLY I 89 12.42 -39.38 -15.79
C GLY I 89 11.60 -39.04 -17.02
N ALA I 90 10.81 -40.01 -17.47
CA ALA I 90 9.94 -39.85 -18.63
C ALA I 90 8.54 -39.30 -18.34
N PRO I 91 7.92 -39.51 -17.17
CA PRO I 91 6.61 -38.89 -16.93
C PRO I 91 6.63 -37.37 -16.90
N SER I 92 7.75 -36.76 -16.50
CA SER I 92 7.84 -35.30 -16.62
C SER I 92 7.91 -34.80 -18.05
N SER I 93 7.83 -35.67 -19.06
CA SER I 93 8.00 -35.22 -20.44
C SER I 93 6.84 -34.34 -20.88
N SER I 94 5.64 -34.62 -20.38
CA SER I 94 4.47 -33.87 -20.81
C SER I 94 4.24 -32.62 -19.97
N CYS I 95 5.12 -32.36 -18.99
CA CYS I 95 5.11 -31.11 -18.25
C CYS I 95 5.78 -29.96 -19.02
N TYR I 96 6.48 -30.26 -20.12
CA TYR I 96 7.17 -29.22 -20.88
C TYR I 96 6.21 -28.20 -21.48
N SER I 97 4.91 -28.52 -21.50
CA SER I 97 3.91 -27.70 -22.18
C SER I 97 3.86 -26.27 -21.65
N LEU I 98 4.36 -26.04 -20.43
CA LEU I 98 4.13 -24.77 -19.75
C LEU I 98 4.68 -23.57 -20.53
N PHE I 99 5.85 -23.72 -21.17
CA PHE I 99 6.34 -22.59 -21.94
C PHE I 99 5.61 -22.46 -23.28
N TYR I 100 5.33 -23.59 -23.93
CA TYR I 100 4.72 -23.60 -25.27
C TYR I 100 3.22 -23.34 -25.21
N GLU I 101 2.75 -22.33 -25.96
CA GLU I 101 1.34 -21.95 -25.91
C GLU I 101 0.45 -22.83 -26.79
N ASP I 102 0.95 -23.34 -27.91
CA ASP I 102 0.11 -24.11 -28.81
C ASP I 102 0.01 -25.58 -28.42
N PHE I 103 0.35 -25.91 -27.17
CA PHE I 103 0.21 -27.27 -26.68
C PHE I 103 -1.24 -27.74 -26.78
N ALA I 104 -1.48 -28.81 -27.52
CA ALA I 104 -2.78 -29.45 -27.62
C ALA I 104 -2.90 -30.57 -26.59
N LEU I 105 -4.15 -30.92 -26.28
CA LEU I 105 -4.45 -32.03 -25.38
C LEU I 105 -4.91 -33.22 -26.21
N ARG I 106 -4.56 -34.42 -25.77
CA ARG I 106 -5.07 -35.63 -26.38
C ARG I 106 -6.15 -36.26 -25.52
N ASP I 107 -7.01 -37.03 -26.19
CA ASP I 107 -8.04 -37.79 -25.50
C ASP I 107 -7.68 -39.26 -25.41
N LYS I 108 -6.52 -39.65 -25.97
CA LYS I 108 -6.05 -41.01 -25.99
C LYS I 108 -4.68 -41.11 -25.32
N ALA I 109 -4.51 -42.15 -24.51
CA ALA I 109 -3.23 -42.49 -23.90
C ALA I 109 -2.38 -43.30 -24.89
N LYS I 110 -1.08 -43.35 -24.62
CA LYS I 110 -0.19 -44.14 -25.47
C LYS I 110 -0.36 -45.62 -25.20
N TYR I 111 -0.30 -46.43 -26.27
CA TYR I 111 -0.35 -47.89 -26.14
C TYR I 111 1.08 -48.39 -25.95
N SER I 112 1.57 -48.31 -24.71
CA SER I 112 2.93 -48.72 -24.39
C SER I 112 3.06 -50.22 -24.12
N GLY I 113 4.30 -50.72 -24.28
CA GLY I 113 4.55 -52.15 -24.20
C GLY I 113 4.22 -52.76 -22.85
N ALA I 114 4.64 -52.10 -21.77
CA ALA I 114 4.30 -52.62 -20.44
C ALA I 114 2.80 -52.53 -20.18
N LYS I 115 2.11 -51.68 -20.95
CA LYS I 115 0.66 -51.70 -21.02
C LYS I 115 0.14 -52.60 -22.14
N ARG I 116 1.00 -53.01 -23.07
CA ARG I 116 0.56 -53.92 -24.13
C ARG I 116 0.49 -55.35 -23.62
N GLU I 117 1.51 -55.79 -22.90
CA GLU I 117 1.51 -57.14 -22.34
C GLU I 117 0.31 -57.36 -21.41
N PHE I 118 -0.15 -56.29 -20.74
CA PHE I 118 -1.22 -56.40 -19.75
C PHE I 118 -2.63 -56.46 -20.36
N ILE I 119 -2.81 -56.01 -21.60
CA ILE I 119 -4.15 -55.92 -22.17
C ILE I 119 -4.61 -57.20 -22.89
N GLU I 120 -3.69 -57.94 -23.51
CA GLU I 120 -4.12 -59.04 -24.37
C GLU I 120 -4.73 -60.20 -23.58
N GLY I 121 -4.05 -60.64 -22.52
CA GLY I 121 -4.46 -61.80 -21.74
C GLY I 121 -5.11 -61.54 -20.38
N LEU I 122 -5.96 -60.52 -20.28
CA LEU I 122 -6.56 -60.18 -18.99
C LEU I 122 -7.62 -61.18 -18.53
N ALA I 123 -8.06 -62.08 -19.40
CA ALA I 123 -9.04 -63.09 -19.00
C ALA I 123 -8.44 -64.08 -18.02
N THR I 124 -7.20 -64.51 -18.25
CA THR I 124 -6.59 -65.61 -17.52
C THR I 124 -5.73 -65.15 -16.35
N MET I 125 -5.33 -63.87 -16.33
CA MET I 125 -4.37 -63.40 -15.33
C MET I 125 -4.96 -63.57 -13.93
N PRO I 126 -4.22 -64.17 -12.99
CA PRO I 126 -4.77 -64.39 -11.65
C PRO I 126 -4.99 -63.09 -10.88
N LEU I 127 -6.06 -63.08 -10.09
CA LEU I 127 -6.46 -61.87 -9.36
C LEU I 127 -5.50 -61.50 -8.23
N ASP I 128 -4.77 -62.47 -7.67
CA ASP I 128 -3.78 -62.17 -6.65
C ASP I 128 -2.40 -61.88 -7.21
N LYS I 129 -2.24 -61.88 -8.54
CA LYS I 129 -1.04 -61.39 -9.21
C LYS I 129 -1.24 -60.06 -9.90
N ILE I 130 -2.50 -59.66 -10.13
CA ILE I 130 -2.77 -58.34 -10.67
C ILE I 130 -2.43 -57.28 -9.63
N ILE I 131 -2.54 -57.61 -8.35
CA ILE I 131 -2.35 -56.60 -7.31
C ILE I 131 -0.87 -56.32 -7.09
N GLU I 132 0.02 -57.25 -7.45
CA GLU I 132 1.44 -56.94 -7.44
C GLU I 132 1.92 -56.38 -8.77
N ARG I 133 1.11 -56.50 -9.84
CA ARG I 133 1.40 -55.81 -11.09
C ARG I 133 0.92 -54.37 -11.06
N ILE I 134 -0.23 -54.11 -10.45
CA ILE I 134 -0.74 -52.75 -10.43
C ILE I 134 -0.10 -51.94 -9.31
N ARG I 135 0.26 -52.60 -8.18
CA ARG I 135 0.91 -51.91 -7.06
C ARG I 135 2.07 -51.07 -7.52
N GLN I 136 2.79 -51.53 -8.55
CA GLN I 136 4.00 -50.89 -9.02
C GLN I 136 3.82 -50.19 -10.37
N ASP I 137 2.59 -49.80 -10.70
CA ASP I 137 2.30 -49.16 -11.98
C ASP I 137 1.48 -47.91 -11.71
N GLU I 138 2.02 -46.76 -12.12
CA GLU I 138 1.43 -45.48 -11.73
C GLU I 138 0.15 -45.14 -12.50
N GLN I 139 0.03 -45.58 -13.76
CA GLN I 139 -1.15 -45.28 -14.55
C GLN I 139 -2.26 -46.33 -14.46
N LEU I 140 -1.96 -47.50 -13.90
CA LEU I 140 -2.91 -48.61 -13.88
C LEU I 140 -3.69 -48.73 -12.58
N SER I 141 -3.13 -48.25 -11.46
CA SER I 141 -3.79 -48.42 -10.17
C SER I 141 -5.13 -47.71 -10.09
N LYS I 142 -5.36 -46.69 -10.90
CA LYS I 142 -6.61 -45.94 -10.86
C LYS I 142 -7.83 -46.82 -11.12
N ILE I 143 -7.65 -48.03 -11.63
CA ILE I 143 -8.72 -49.01 -11.75
C ILE I 143 -8.39 -50.19 -10.84
N PRO I 144 -9.24 -50.53 -9.87
CA PRO I 144 -8.95 -51.67 -9.00
C PRO I 144 -9.03 -53.00 -9.74
N ALA I 145 -8.34 -54.01 -9.19
CA ALA I 145 -8.32 -55.33 -9.82
C ALA I 145 -9.68 -56.00 -9.81
N GLU I 146 -10.62 -55.51 -9.01
CA GLU I 146 -11.98 -56.06 -8.99
C GLU I 146 -12.67 -55.82 -10.33
N GLU I 147 -12.78 -54.56 -10.73
CA GLU I 147 -13.40 -54.23 -12.03
C GLU I 147 -12.56 -54.74 -13.19
N TRP I 148 -11.28 -55.07 -12.95
CA TRP I 148 -10.44 -55.67 -13.99
C TRP I 148 -10.96 -57.04 -14.41
N LEU I 149 -11.46 -57.84 -13.46
CA LEU I 149 -11.83 -59.21 -13.77
C LEU I 149 -12.92 -59.28 -14.83
N ILE I 150 -13.86 -58.34 -14.80
CA ILE I 150 -14.98 -58.38 -15.76
C ILE I 150 -14.49 -58.01 -17.16
N LEU I 151 -13.65 -56.98 -17.28
CA LEU I 151 -13.18 -56.57 -18.60
C LEU I 151 -12.34 -57.64 -19.27
N GLY I 152 -11.59 -58.42 -18.49
CA GLY I 152 -10.71 -59.41 -19.08
C GLY I 152 -11.41 -60.61 -19.68
N ALA I 153 -12.54 -61.01 -19.11
CA ALA I 153 -13.24 -62.21 -19.58
C ALA I 153 -14.14 -61.93 -20.78
N GLU I 154 -14.74 -60.74 -20.85
CA GLU I 154 -15.72 -60.45 -21.89
C GLU I 154 -15.11 -59.77 -23.12
N TYR I 155 -14.21 -58.82 -22.91
CA TYR I 155 -13.82 -57.88 -23.94
C TYR I 155 -12.53 -58.28 -24.64
N SER I 156 -12.51 -58.07 -25.96
CA SER I 156 -11.32 -58.21 -26.79
C SER I 156 -10.37 -57.03 -26.60
N PRO I 157 -9.12 -57.16 -27.02
CA PRO I 157 -8.15 -56.07 -26.76
C PRO I 157 -8.54 -54.74 -27.40
N GLU I 158 -8.94 -54.74 -28.68
CA GLU I 158 -9.23 -53.48 -29.35
C GLU I 158 -10.51 -52.83 -28.87
N GLU I 159 -11.46 -53.59 -28.29
CA GLU I 159 -12.65 -52.95 -27.75
C GLU I 159 -12.33 -52.22 -26.47
N ILE I 160 -11.51 -52.84 -25.61
CA ILE I 160 -11.14 -52.21 -24.34
C ILE I 160 -10.43 -50.90 -24.62
N TRP I 161 -9.58 -50.87 -25.66
CA TRP I 161 -8.78 -49.69 -25.93
C TRP I 161 -9.65 -48.50 -26.28
N GLU I 162 -10.76 -48.75 -26.98
CA GLU I 162 -11.67 -47.69 -27.39
C GLU I 162 -12.42 -47.09 -26.21
N GLN I 163 -12.46 -47.78 -25.05
CA GLN I 163 -13.31 -47.36 -23.94
C GLN I 163 -12.61 -47.18 -22.59
N VAL I 164 -11.35 -47.58 -22.44
CA VAL I 164 -10.62 -47.34 -21.18
C VAL I 164 -9.49 -46.33 -21.29
N ALA I 165 -9.10 -45.96 -22.50
CA ALA I 165 -7.99 -45.03 -22.65
C ALA I 165 -8.38 -43.66 -22.10
N PRO I 166 -9.60 -43.15 -22.37
CA PRO I 166 -10.02 -41.90 -21.71
C PRO I 166 -10.34 -42.07 -20.24
N ARG I 167 -10.13 -43.27 -19.67
CA ARG I 167 -10.33 -43.47 -18.23
C ARG I 167 -9.01 -43.44 -17.47
N ILE I 168 -7.99 -44.11 -18.00
CA ILE I 168 -6.66 -44.13 -17.41
C ILE I 168 -5.82 -43.14 -18.20
N VAL I 169 -5.35 -42.09 -17.54
CA VAL I 169 -4.56 -41.05 -18.20
C VAL I 169 -3.79 -40.27 -17.15
N ASN I 170 -2.64 -39.72 -17.56
CA ASN I 170 -1.72 -39.00 -16.69
C ASN I 170 -2.24 -37.56 -16.56
N VAL I 171 -3.00 -37.30 -15.49
CA VAL I 171 -3.66 -36.01 -15.34
C VAL I 171 -2.68 -34.85 -15.13
N ASP I 172 -1.40 -35.15 -14.95
CA ASP I 172 -0.38 -34.14 -14.84
C ASP I 172 -0.19 -33.34 -16.12
N ARG I 173 -0.64 -33.88 -17.27
CA ARG I 173 -0.39 -33.24 -18.55
C ARG I 173 -1.12 -31.92 -18.72
N SER I 174 -2.23 -31.69 -17.99
CA SER I 174 -2.85 -30.38 -18.02
C SER I 174 -2.13 -29.39 -17.10
N LEU I 175 -1.44 -29.90 -16.08
CA LEU I 175 -0.78 -29.02 -15.12
C LEU I 175 0.25 -28.14 -15.79
N GLY I 176 0.87 -28.63 -16.87
CA GLY I 176 1.80 -27.78 -17.61
C GLY I 176 1.07 -26.66 -18.31
N LYS I 177 -0.03 -27.00 -19.00
CA LYS I 177 -0.80 -26.01 -19.73
C LYS I 177 -1.47 -25.02 -18.79
N GLN I 178 -1.94 -25.48 -17.63
CA GLN I 178 -2.65 -24.62 -16.70
C GLN I 178 -1.78 -23.47 -16.22
N LEU I 179 -0.59 -23.78 -15.70
CA LEU I 179 0.25 -22.74 -15.10
C LEU I 179 0.66 -21.69 -16.12
N ARG I 180 0.76 -22.06 -17.40
CA ARG I 180 1.12 -21.07 -18.41
C ARG I 180 0.08 -19.96 -18.49
N GLU I 181 -1.19 -20.34 -18.69
CA GLU I 181 -2.25 -19.34 -18.85
C GLU I 181 -2.68 -18.75 -17.51
N ARG I 182 -2.72 -19.56 -16.44
CA ARG I 182 -3.19 -19.03 -15.17
C ARG I 182 -2.20 -18.08 -14.52
N LEU I 183 -0.94 -18.09 -14.92
CA LEU I 183 0.03 -17.10 -14.46
C LEU I 183 0.53 -16.21 -15.57
N GLY I 184 0.03 -16.40 -16.80
CA GLY I 184 0.45 -15.61 -17.94
C GLY I 184 1.95 -15.61 -18.18
N ILE I 185 2.57 -16.79 -18.12
CA ILE I 185 4.02 -16.91 -18.23
C ILE I 185 4.38 -16.99 -19.70
N LYS I 186 5.20 -16.05 -20.15
CA LYS I 186 5.62 -15.95 -21.53
C LYS I 186 7.13 -16.06 -21.64
N CYS I 187 7.59 -16.87 -22.58
CA CYS I 187 9.00 -16.95 -22.94
C CYS I 187 9.25 -16.03 -24.13
N ARG I 188 10.43 -16.16 -24.76
CA ARG I 188 10.74 -15.29 -25.88
C ARG I 188 10.10 -15.77 -27.18
N ARG I 189 10.18 -17.07 -27.47
CA ARG I 189 9.54 -17.65 -28.65
C ARG I 189 8.67 -18.82 -28.21
N PRO I 190 7.36 -18.63 -28.07
CA PRO I 190 6.49 -19.71 -27.60
C PRO I 190 5.84 -20.51 -28.72
N HIS I 191 6.26 -20.29 -29.98
CA HIS I 191 5.74 -21.02 -31.13
C HIS I 191 6.80 -21.89 -31.80
N ASP I 192 8.07 -21.73 -31.45
CA ASP I 192 9.15 -22.57 -31.97
C ASP I 192 9.28 -23.69 -30.95
N ALA I 193 8.72 -24.86 -31.27
CA ALA I 193 8.65 -25.95 -30.31
C ALA I 193 10.03 -26.36 -29.82
N GLY I 194 11.04 -26.23 -30.66
CA GLY I 194 12.40 -26.50 -30.22
C GLY I 194 12.74 -25.63 -29.01
N TYR I 195 12.66 -24.32 -29.22
CA TYR I 195 12.99 -23.34 -28.17
C TYR I 195 12.37 -23.70 -26.82
N CYS I 196 11.06 -23.98 -26.80
CA CYS I 196 10.39 -24.29 -25.54
C CYS I 196 10.79 -25.66 -24.99
N LYS I 197 10.60 -26.71 -25.78
CA LYS I 197 10.82 -28.09 -25.36
C LYS I 197 12.13 -28.26 -24.61
N ILE I 198 13.17 -27.59 -25.10
CA ILE I 198 14.49 -27.64 -24.46
C ILE I 198 14.40 -27.09 -23.03
N LEU I 199 13.85 -25.89 -22.88
CA LEU I 199 13.91 -25.17 -21.61
C LEU I 199 13.36 -25.96 -20.42
N MET I 200 12.31 -26.75 -20.63
CA MET I 200 11.75 -27.52 -19.52
C MET I 200 12.80 -28.42 -18.89
N GLU I 201 13.34 -29.35 -19.67
CA GLU I 201 14.37 -30.25 -19.14
C GLU I 201 15.67 -29.53 -18.80
N VAL I 202 15.96 -28.42 -19.48
CA VAL I 202 17.21 -27.71 -19.20
C VAL I 202 17.19 -27.10 -17.81
N VAL I 203 16.15 -26.33 -17.50
CA VAL I 203 16.03 -25.79 -16.15
C VAL I 203 15.87 -26.94 -15.15
N ALA I 204 15.04 -27.93 -15.50
CA ALA I 204 14.88 -29.11 -14.65
C ALA I 204 16.22 -29.75 -14.30
N ARG I 205 17.15 -29.78 -15.26
CA ARG I 205 18.47 -30.35 -14.96
C ARG I 205 19.19 -29.50 -13.93
N GLN I 206 18.88 -28.21 -13.88
CA GLN I 206 19.50 -27.31 -12.93
C GLN I 206 18.76 -27.24 -11.61
N LEU I 207 17.49 -27.66 -11.57
CA LEU I 207 16.71 -27.56 -10.32
C LEU I 207 17.00 -28.75 -9.42
N ARG I 208 16.79 -29.96 -9.93
CA ARG I 208 17.16 -31.15 -9.17
C ARG I 208 18.63 -31.12 -8.79
N SER I 209 19.45 -30.44 -9.60
CA SER I 209 20.85 -30.21 -9.25
C SER I 209 20.98 -29.42 -7.96
N HIS I 210 19.92 -28.72 -7.56
CA HIS I 210 19.85 -28.10 -6.25
C HIS I 210 18.86 -28.79 -5.33
N ASN I 211 17.85 -29.46 -5.87
CA ASN I 211 16.86 -30.13 -5.03
C ASN I 211 17.45 -31.28 -4.25
N GLU I 212 17.97 -32.28 -4.96
CA GLU I 212 18.52 -33.44 -4.27
C GLU I 212 19.74 -33.05 -3.44
N THR I 213 20.52 -32.06 -3.90
CA THR I 213 21.59 -31.52 -3.08
C THR I 213 21.05 -30.85 -1.83
N TYR I 214 19.96 -30.08 -1.95
CA TYR I 214 19.38 -29.38 -0.80
C TYR I 214 18.91 -30.36 0.26
N HIS I 215 18.09 -31.34 -0.14
CA HIS I 215 17.61 -32.34 0.81
C HIS I 215 18.75 -33.22 1.31
N GLU I 216 19.89 -33.20 0.64
CA GLU I 216 21.06 -33.96 1.05
C GLU I 216 21.99 -33.14 1.93
N TYR I 217 22.09 -31.84 1.64
CA TYR I 217 22.89 -30.95 2.49
C TYR I 217 22.33 -30.92 3.91
N LEU I 218 21.02 -31.05 4.06
CA LEU I 218 20.45 -31.10 5.41
C LEU I 218 20.72 -32.43 6.11
N ASN I 219 20.29 -33.55 5.51
CA ASN I 219 20.44 -34.83 6.20
C ASN I 219 21.90 -35.15 6.52
N GLN I 220 22.85 -34.46 5.90
CA GLN I 220 24.22 -34.53 6.37
C GLN I 220 24.43 -33.65 7.60
N THR I 221 23.88 -32.43 7.58
CA THR I 221 23.93 -31.56 8.75
C THR I 221 23.24 -32.21 9.95
N HIS I 222 22.27 -33.08 9.71
CA HIS I 222 21.63 -33.81 10.82
C HIS I 222 22.32 -35.13 11.12
N GLU I 223 23.00 -35.74 10.14
CA GLU I 223 23.79 -36.92 10.45
C GLU I 223 25.10 -36.54 11.10
N MET I 224 25.54 -35.30 10.90
CA MET I 224 26.67 -34.76 11.63
C MET I 224 26.26 -34.37 13.04
N LYS I 225 25.07 -33.78 13.19
CA LYS I 225 24.50 -33.43 14.49
C LYS I 225 23.91 -34.62 15.23
N THR I 226 23.85 -35.81 14.61
CA THR I 226 23.37 -37.00 15.29
C THR I 226 24.48 -37.74 16.03
N LYS I 227 25.65 -37.88 15.41
CA LYS I 227 26.74 -38.66 15.98
C LYS I 227 27.67 -37.82 16.84
N VAL I 228 27.29 -36.59 17.17
CA VAL I 228 28.04 -35.78 18.12
C VAL I 228 27.47 -35.93 19.52
N ALA I 229 26.16 -36.05 19.63
CA ALA I 229 25.48 -36.19 20.91
C ALA I 229 25.26 -37.64 21.31
N ASN I 230 25.82 -38.59 20.54
CA ASN I 230 25.82 -39.99 20.93
C ASN I 230 27.04 -40.36 21.75
N ASN I 231 28.10 -39.55 21.70
CA ASN I 231 29.35 -39.86 22.37
C ASN I 231 29.73 -38.77 23.38
N LEU I 232 28.76 -38.03 23.88
CA LEU I 232 29.02 -36.98 24.87
C LEU I 232 29.46 -37.60 26.18
N THR I 233 30.74 -37.48 26.48
CA THR I 233 31.32 -37.94 27.74
C THR I 233 31.70 -36.73 28.56
N ASN I 234 32.08 -36.96 29.83
CA ASN I 234 32.58 -35.87 30.63
C ASN I 234 33.98 -35.45 30.20
N GLU I 235 34.54 -36.12 29.20
CA GLU I 235 35.84 -35.74 28.66
C GLU I 235 35.74 -34.83 27.45
N PHE I 236 34.71 -34.97 26.61
CA PHE I 236 34.44 -33.91 25.65
C PHE I 236 33.96 -32.66 26.36
N ASP I 237 33.28 -32.82 27.50
CA ASP I 237 32.88 -31.69 28.33
C ASP I 237 34.08 -30.84 28.72
N LEU I 238 35.28 -31.39 28.60
CA LEU I 238 36.51 -30.69 28.91
C LEU I 238 37.47 -30.69 27.71
N VAL I 239 37.09 -31.28 26.58
CA VAL I 239 37.88 -31.14 25.35
C VAL I 239 37.63 -29.78 24.71
N CYS I 240 36.39 -29.31 24.71
CA CYS I 240 36.14 -27.96 24.22
C CYS I 240 36.48 -26.92 25.28
N GLU I 241 36.31 -27.24 26.57
CA GLU I 241 36.89 -26.41 27.62
C GLU I 241 38.41 -26.45 27.59
N PHE I 242 38.99 -27.43 26.88
CA PHE I 242 40.42 -27.42 26.58
C PHE I 242 40.71 -26.40 25.50
N ALA I 243 39.77 -26.22 24.57
CA ALA I 243 39.88 -25.20 23.54
C ALA I 243 39.46 -23.83 24.04
N GLU I 244 38.72 -23.76 25.15
CA GLU I 244 38.32 -22.46 25.71
C GLU I 244 39.52 -21.66 26.17
N VAL I 245 40.40 -22.28 26.96
CA VAL I 245 41.60 -21.59 27.43
C VAL I 245 42.72 -21.59 26.39
N LEU I 246 42.48 -22.12 25.20
CA LEU I 246 43.42 -22.01 24.10
C LEU I 246 43.15 -20.80 23.21
N GLU I 247 41.87 -20.43 23.04
CA GLU I 247 41.49 -19.38 22.11
C GLU I 247 41.64 -17.98 22.70
N GLU I 248 41.52 -17.84 24.02
CA GLU I 248 41.65 -16.53 24.66
C GLU I 248 43.06 -15.95 24.49
N LYS I 249 44.07 -16.77 24.75
CA LYS I 249 45.46 -16.36 24.66
C LYS I 249 46.05 -16.41 23.24
N ASN I 250 45.20 -16.48 22.21
CA ASN I 250 45.66 -16.45 20.82
C ASN I 250 46.45 -17.69 20.47
N TYR I 251 45.78 -18.85 20.52
CA TYR I 251 46.37 -20.11 20.13
C TYR I 251 45.27 -21.01 19.59
N GLY I 252 45.66 -22.18 19.10
CA GLY I 252 44.76 -23.10 18.44
C GLY I 252 45.00 -24.54 18.84
N LEU I 253 44.49 -25.48 18.04
CA LEU I 253 44.57 -26.89 18.42
C LEU I 253 44.96 -27.75 17.22
N GLY I 254 45.98 -28.58 17.40
CA GLY I 254 46.49 -29.50 16.40
C GLY I 254 46.45 -30.93 16.93
N TRP I 255 47.21 -31.84 16.32
CA TRP I 255 47.22 -33.20 16.86
C TRP I 255 48.39 -33.40 17.82
N TYR I 256 49.61 -33.09 17.37
CA TYR I 256 50.76 -33.34 18.22
C TYR I 256 50.90 -32.27 19.29
N VAL I 257 49.91 -31.39 19.38
CA VAL I 257 49.79 -30.49 20.52
C VAL I 257 49.33 -31.28 21.74
N LEU I 258 48.67 -32.42 21.51
CA LEU I 258 48.01 -33.21 22.53
C LEU I 258 48.92 -34.24 23.20
N TRP I 259 49.81 -34.86 22.44
CA TRP I 259 50.49 -36.05 22.96
C TRP I 259 51.69 -35.71 23.82
N GLN I 260 52.25 -34.53 23.66
CA GLN I 260 53.35 -34.08 24.49
C GLN I 260 52.86 -33.19 25.64
N GLY I 261 51.55 -33.16 25.88
CA GLY I 261 50.98 -32.34 26.93
C GLY I 261 50.78 -33.07 28.24
N VAL I 262 50.22 -34.28 28.17
CA VAL I 262 50.08 -35.08 29.38
C VAL I 262 51.41 -35.70 29.78
N LYS I 263 52.27 -36.01 28.82
CA LYS I 263 53.60 -36.52 29.15
C LYS I 263 54.46 -35.48 29.85
N GLN I 264 54.17 -34.19 29.64
CA GLN I 264 54.92 -33.12 30.30
C GLN I 264 54.23 -32.56 31.54
N ALA I 265 52.97 -32.89 31.79
CA ALA I 265 52.27 -32.38 32.97
C ALA I 265 52.11 -33.40 34.09
N LEU I 266 52.52 -34.66 33.85
CA LEU I 266 52.56 -35.69 34.88
C LEU I 266 53.97 -35.92 35.41
N LYS I 267 54.97 -35.26 34.81
CA LYS I 267 56.34 -35.28 35.31
C LYS I 267 56.83 -33.84 35.36
N GLU I 268 57.52 -33.50 36.44
CA GLU I 268 57.94 -32.13 36.71
C GLU I 268 59.11 -31.78 35.79
N GLN I 269 58.78 -31.39 34.56
CA GLN I 269 59.79 -31.01 33.60
C GLN I 269 60.45 -29.71 34.02
N LYS I 270 61.76 -29.74 34.26
CA LYS I 270 62.50 -28.53 34.58
C LYS I 270 63.04 -27.83 33.34
N LYS I 271 62.88 -28.43 32.16
CA LYS I 271 63.16 -27.79 30.89
C LYS I 271 61.84 -27.60 30.14
N PRO I 272 61.28 -26.40 30.09
CA PRO I 272 60.00 -26.21 29.41
C PRO I 272 60.09 -26.58 27.94
N THR I 273 58.93 -26.83 27.33
CA THR I 273 58.88 -27.12 25.90
C THR I 273 58.08 -26.05 25.15
N LYS I 274 58.03 -26.21 23.82
CA LYS I 274 57.46 -25.21 22.94
C LYS I 274 55.95 -25.05 23.09
N ILE I 275 55.26 -26.03 23.64
CA ILE I 275 53.81 -25.97 23.79
C ILE I 275 53.46 -25.92 25.27
N GLN I 276 54.35 -25.29 26.06
CA GLN I 276 54.19 -25.25 27.51
C GLN I 276 52.87 -24.60 27.92
N ILE I 277 52.38 -23.65 27.13
CA ILE I 277 51.13 -22.96 27.46
C ILE I 277 49.97 -23.95 27.58
N ALA I 278 50.02 -25.06 26.85
CA ALA I 278 48.99 -26.08 27.02
C ALA I 278 49.27 -26.96 28.24
N VAL I 279 50.54 -27.32 28.44
CA VAL I 279 50.90 -28.16 29.57
C VAL I 279 50.74 -27.41 30.89
N ASP I 280 51.11 -26.12 30.92
CA ASP I 280 51.01 -25.34 32.15
C ASP I 280 49.57 -25.01 32.51
N GLN I 281 48.69 -24.86 31.52
CA GLN I 281 47.28 -24.74 31.81
C GLN I 281 46.60 -26.10 31.98
N LEU I 282 47.38 -27.17 31.90
CA LEU I 282 46.96 -28.51 32.28
C LEU I 282 47.45 -28.87 33.68
N ARG I 283 47.86 -27.86 34.44
CA ARG I 283 48.22 -28.01 35.84
C ARG I 283 47.23 -27.33 36.79
N GLN I 284 46.27 -26.57 36.26
CA GLN I 284 45.25 -25.95 37.09
C GLN I 284 44.36 -27.03 37.70
N PRO I 285 43.74 -26.76 38.86
CA PRO I 285 42.98 -27.82 39.53
C PRO I 285 41.75 -28.26 38.76
N LYS I 286 41.09 -27.34 38.06
CA LYS I 286 39.95 -27.71 37.23
C LYS I 286 40.35 -28.37 35.92
N PHE I 287 41.64 -28.30 35.55
CA PHE I 287 42.17 -29.00 34.39
C PHE I 287 43.23 -30.02 34.75
N ALA I 288 43.35 -30.38 36.03
CA ALA I 288 44.10 -31.55 36.43
C ALA I 288 43.29 -32.83 36.25
N GLY I 289 41.99 -32.70 36.04
CA GLY I 289 41.10 -33.75 35.62
C GLY I 289 41.26 -34.18 34.18
N LEU I 290 42.22 -33.61 33.45
CA LEU I 290 42.43 -33.95 32.04
C LEU I 290 43.56 -34.94 31.83
N LEU I 291 44.66 -34.82 32.59
CA LEU I 291 45.76 -35.76 32.49
C LEU I 291 45.37 -37.21 32.77
N THR I 292 44.28 -37.45 33.50
CA THR I 292 43.96 -38.77 34.02
C THR I 292 43.06 -39.60 33.10
N ALA I 293 42.94 -39.23 31.83
CA ALA I 293 42.16 -40.01 30.89
C ALA I 293 43.03 -41.02 30.17
N LYS I 294 42.38 -42.02 29.56
CA LYS I 294 43.10 -43.10 28.90
C LYS I 294 43.36 -42.73 27.44
N TRP I 295 43.93 -43.67 26.69
CA TRP I 295 44.32 -43.38 25.31
C TRP I 295 43.14 -43.31 24.36
N ARG I 296 42.35 -44.39 24.29
CA ARG I 296 41.42 -44.55 23.18
C ARG I 296 40.05 -43.92 23.41
N ALA I 297 39.62 -43.77 24.67
CA ALA I 297 38.33 -43.11 24.86
C ALA I 297 38.36 -41.63 24.51
N LEU I 298 39.52 -41.10 24.11
CA LEU I 298 39.64 -39.72 23.63
C LEU I 298 40.01 -39.59 22.15
N LYS I 299 40.33 -40.69 21.46
CA LYS I 299 40.49 -40.57 20.02
C LYS I 299 39.18 -40.24 19.34
N GLY I 300 38.06 -40.64 19.94
CA GLY I 300 36.74 -40.24 19.54
C GLY I 300 36.30 -38.91 20.11
N ALA I 301 37.22 -38.18 20.72
CA ALA I 301 36.99 -36.80 21.13
C ALA I 301 37.97 -35.82 20.49
N TYR I 302 38.95 -36.33 19.72
CA TYR I 302 39.78 -35.46 18.90
C TYR I 302 39.05 -35.05 17.64
N ASP I 303 38.32 -35.99 17.05
CA ASP I 303 37.49 -35.68 15.90
C ASP I 303 36.25 -34.91 16.31
N THR I 304 35.76 -35.15 17.53
CA THR I 304 34.54 -34.51 18.00
C THR I 304 34.71 -33.00 18.12
N TRP I 305 35.85 -32.53 18.63
CA TRP I 305 36.08 -31.09 18.64
C TRP I 305 36.30 -30.54 17.24
N LYS I 306 36.93 -31.33 16.37
CA LYS I 306 37.18 -30.92 14.99
C LYS I 306 35.90 -30.82 14.17
N LEU I 307 34.77 -31.24 14.72
CA LEU I 307 33.48 -31.12 14.06
C LEU I 307 32.55 -30.06 14.64
N LYS I 308 32.57 -29.83 15.96
CA LYS I 308 31.66 -28.85 16.54
C LYS I 308 31.96 -27.44 16.09
N LYS I 309 33.23 -27.04 16.16
CA LYS I 309 33.58 -25.69 15.71
C LYS I 309 33.44 -25.53 14.21
N ARG I 310 33.27 -26.63 13.47
CA ARG I 310 32.97 -26.62 12.06
C ARG I 310 31.49 -26.70 11.73
N LEU I 311 30.67 -27.31 12.59
CA LEU I 311 29.23 -27.31 12.35
C LEU I 311 28.64 -25.92 12.46
N GLU I 312 29.29 -25.05 13.25
CA GLU I 312 28.83 -23.68 13.39
C GLU I 312 29.37 -22.81 12.27
N LYS I 313 30.60 -23.11 11.81
CA LYS I 313 31.12 -22.50 10.60
C LYS I 313 30.53 -23.10 9.32
N ARG I 314 29.97 -24.30 9.39
CA ARG I 314 29.25 -24.85 8.24
C ARG I 314 27.98 -24.04 8.01
N LYS I 315 27.76 -23.61 6.77
CA LYS I 315 26.56 -22.84 6.48
C LYS I 315 25.32 -23.67 6.79
N ALA I 316 24.26 -22.98 7.23
CA ALA I 316 23.03 -23.68 7.57
C ALA I 316 22.27 -24.12 6.33
N PHE I 317 22.50 -23.44 5.21
CA PHE I 317 21.76 -23.71 3.97
C PHE I 317 22.67 -23.38 2.80
N PRO I 318 22.37 -23.88 1.61
CA PRO I 318 23.24 -23.61 0.45
C PRO I 318 23.23 -22.14 0.06
N TYR I 319 24.19 -21.77 -0.79
CA TYR I 319 24.16 -20.46 -1.41
C TYR I 319 22.99 -20.39 -2.40
N MET I 320 22.82 -19.24 -3.01
CA MET I 320 21.91 -19.20 -4.15
C MET I 320 22.63 -19.74 -5.37
N PRO I 321 22.01 -20.64 -6.13
CA PRO I 321 22.64 -21.08 -7.38
C PRO I 321 22.78 -19.90 -8.35
N ASN I 322 23.98 -19.72 -8.87
CA ASN I 322 24.23 -18.66 -9.85
C ASN I 322 23.90 -19.17 -11.25
N TRP I 323 23.73 -18.23 -12.18
CA TRP I 323 23.37 -18.60 -13.55
C TRP I 323 24.08 -17.78 -14.62
N ASP I 324 24.99 -16.87 -14.26
CA ASP I 324 25.59 -16.00 -15.27
C ASP I 324 26.41 -16.80 -16.28
N ASN I 325 27.03 -17.90 -15.85
CA ASN I 325 27.88 -18.68 -16.73
C ASN I 325 27.03 -19.47 -17.73
N ASP I 326 27.50 -19.48 -18.98
CA ASP I 326 26.80 -20.15 -20.07
C ASP I 326 26.63 -21.63 -19.77
N TYR I 327 25.43 -22.15 -20.04
CA TYR I 327 25.16 -23.56 -19.80
C TYR I 327 25.24 -24.37 -21.11
N GLN I 328 25.45 -25.66 -20.95
CA GLN I 328 25.59 -26.63 -22.04
C GLN I 328 24.23 -26.90 -22.67
N ILE I 329 23.98 -26.35 -23.85
CA ILE I 329 22.71 -26.58 -24.52
C ILE I 329 22.70 -27.99 -25.10
N PRO I 330 21.81 -28.87 -24.64
CA PRO I 330 21.72 -30.18 -25.31
C PRO I 330 20.69 -30.06 -26.41
N VAL I 331 21.00 -30.70 -27.54
CA VAL I 331 20.09 -30.71 -28.70
C VAL I 331 20.06 -32.12 -29.25
N GLY I 332 18.86 -32.66 -29.40
CA GLY I 332 18.70 -34.02 -29.86
C GLY I 332 17.83 -34.09 -31.08
N LEU I 333 18.06 -35.13 -31.88
CA LEU I 333 17.22 -35.36 -33.07
C LEU I 333 15.87 -35.99 -32.77
N THR I 334 15.56 -36.21 -31.51
CA THR I 334 14.44 -37.02 -31.05
C THR I 334 13.47 -36.08 -30.35
N GLY I 335 13.27 -34.85 -30.84
CA GLY I 335 12.34 -33.92 -30.25
C GLY I 335 12.99 -32.70 -29.60
N LEU I 336 14.18 -32.88 -29.02
CA LEU I 336 14.88 -31.82 -28.28
C LEU I 336 15.45 -30.76 -29.20
N GLY I 337 15.19 -30.82 -30.49
CA GLY I 337 15.83 -29.92 -31.43
C GLY I 337 15.85 -30.55 -32.81
N VAL I 338 16.31 -29.75 -33.77
CA VAL I 338 16.42 -30.21 -35.14
C VAL I 338 17.85 -29.97 -35.62
N PHE I 339 18.48 -31.00 -36.18
CA PHE I 339 19.79 -30.83 -36.80
C PHE I 339 20.06 -31.96 -37.79
N THR I 340 20.81 -31.62 -38.83
CA THR I 340 21.41 -32.59 -39.74
C THR I 340 22.91 -32.30 -39.81
N LEU I 341 23.66 -33.16 -40.49
CA LEU I 341 25.11 -33.06 -40.47
C LEU I 341 25.70 -33.76 -41.68
N GLU I 342 26.83 -33.23 -42.15
CA GLU I 342 27.59 -33.80 -43.27
C GLU I 342 29.07 -33.58 -42.98
N VAL I 343 29.92 -34.30 -43.71
CA VAL I 343 31.38 -34.24 -43.56
C VAL I 343 31.97 -33.83 -44.89
N LYS I 344 32.44 -32.59 -44.98
CA LYS I 344 32.85 -31.97 -46.24
C LYS I 344 34.35 -31.71 -46.18
N ARG I 345 35.14 -32.53 -46.87
CA ARG I 345 36.60 -32.39 -46.91
C ARG I 345 37.20 -32.58 -45.53
N THR I 346 36.69 -33.58 -44.79
CA THR I 346 37.00 -33.80 -43.38
C THR I 346 36.73 -32.55 -42.53
N GLU I 347 35.88 -31.67 -43.03
CA GLU I 347 35.39 -30.51 -42.28
C GLU I 347 33.92 -30.70 -42.00
N VAL I 348 33.42 -29.99 -41.00
CA VAL I 348 32.13 -30.26 -40.40
C VAL I 348 31.14 -29.14 -40.71
N VAL I 349 29.91 -29.53 -41.05
CA VAL I 349 28.81 -28.62 -41.30
C VAL I 349 27.62 -29.14 -40.49
N VAL I 350 27.06 -28.29 -39.63
CA VAL I 350 25.92 -28.66 -38.81
C VAL I 350 24.74 -27.79 -39.21
N ASP I 351 23.63 -28.42 -39.57
CA ASP I 351 22.47 -27.68 -40.03
C ASP I 351 21.39 -27.71 -38.96
N LEU I 352 20.73 -26.56 -38.77
CA LEU I 352 19.56 -26.44 -37.91
C LEU I 352 18.44 -25.90 -38.80
N LYS I 353 17.43 -26.73 -39.07
CA LYS I 353 16.58 -26.49 -40.23
C LYS I 353 15.87 -25.16 -40.13
N GLU I 354 15.36 -24.81 -38.95
CA GLU I 354 14.64 -23.56 -38.76
C GLU I 354 15.56 -22.38 -38.49
N HIS I 355 16.74 -22.61 -37.91
CA HIS I 355 17.60 -21.53 -37.44
C HIS I 355 18.91 -21.43 -38.23
N GLY I 356 18.95 -21.97 -39.44
CA GLY I 356 20.11 -21.76 -40.29
C GLY I 356 21.12 -22.88 -40.13
N LYS I 357 22.30 -22.62 -40.68
CA LYS I 357 23.34 -23.64 -40.72
C LYS I 357 24.46 -23.24 -39.76
N LEU I 358 24.99 -24.22 -39.06
CA LEU I 358 26.23 -24.03 -38.31
C LEU I 358 27.33 -24.63 -39.17
N PHE I 359 28.55 -24.13 -39.01
CA PHE I 359 29.70 -24.70 -39.71
C PHE I 359 30.81 -24.84 -38.69
N CYS I 360 31.53 -25.95 -38.71
CA CYS I 360 32.49 -26.20 -37.66
C CYS I 360 33.84 -26.54 -38.27
N SER I 361 34.69 -27.20 -37.47
CA SER I 361 36.13 -27.16 -37.66
C SER I 361 36.64 -28.39 -38.40
N HIS I 362 37.87 -28.25 -38.87
CA HIS I 362 38.74 -29.33 -39.31
C HIS I 362 39.44 -29.85 -38.05
N SER I 363 39.10 -31.07 -37.61
CA SER I 363 39.61 -31.60 -36.35
C SER I 363 40.51 -32.79 -36.60
N HIS I 364 41.57 -32.90 -35.79
CA HIS I 364 42.48 -34.04 -35.91
C HIS I 364 42.08 -35.20 -35.01
N TYR I 365 41.52 -34.91 -33.83
CA TYR I 365 41.04 -36.01 -32.98
C TYR I 365 40.00 -36.82 -33.73
N PHE I 366 39.16 -36.15 -34.51
CA PHE I 366 38.24 -36.82 -35.44
C PHE I 366 38.99 -36.43 -36.70
N GLY I 367 39.88 -37.32 -37.14
CA GLY I 367 40.77 -37.04 -38.26
C GLY I 367 40.33 -38.10 -39.21
N ASP I 368 39.99 -37.69 -40.44
CA ASP I 368 39.43 -38.60 -41.44
C ASP I 368 38.08 -39.15 -40.99
N LEU I 369 37.23 -38.26 -40.46
CA LEU I 369 35.93 -38.67 -39.93
C LEU I 369 34.95 -38.96 -41.06
N THR I 370 34.07 -39.92 -40.82
CA THR I 370 32.98 -40.27 -41.74
C THR I 370 31.72 -40.49 -40.93
N ALA I 371 30.58 -40.32 -41.60
CA ALA I 371 29.27 -40.43 -40.96
C ALA I 371 28.33 -41.28 -41.80
N GLU I 372 27.50 -42.07 -41.13
CA GLU I 372 26.46 -42.88 -41.77
C GLU I 372 25.19 -42.80 -40.92
N LYS I 373 24.09 -42.36 -41.52
CA LYS I 373 22.84 -42.16 -40.78
C LYS I 373 22.03 -43.45 -40.67
N HIS I 374 21.51 -43.70 -39.48
CA HIS I 374 20.49 -44.70 -39.18
C HIS I 374 19.22 -44.01 -38.69
N PRO I 375 18.05 -44.66 -38.84
CA PRO I 375 16.77 -43.96 -38.60
C PRO I 375 16.63 -43.34 -37.21
N SER I 376 17.38 -43.84 -36.22
CA SER I 376 17.32 -43.30 -34.86
C SER I 376 18.57 -42.56 -34.43
N ARG I 377 19.69 -42.79 -35.11
CA ARG I 377 20.99 -42.31 -34.68
C ARG I 377 21.85 -41.99 -35.90
N TYR I 378 22.86 -41.15 -35.69
CA TYR I 378 23.91 -40.95 -36.67
C TYR I 378 25.04 -41.87 -36.23
N HIS I 379 25.55 -42.70 -37.15
CA HIS I 379 26.53 -43.71 -36.78
C HIS I 379 27.90 -43.27 -37.27
N LEU I 380 28.90 -43.40 -36.39
CA LEU I 380 30.20 -42.79 -36.57
C LEU I 380 31.27 -43.81 -36.94
N LYS I 381 32.24 -43.33 -37.71
CA LYS I 381 33.39 -44.09 -38.17
C LYS I 381 34.56 -43.12 -38.27
N PHE I 382 35.63 -43.35 -37.50
CA PHE I 382 36.70 -42.36 -37.40
C PHE I 382 37.91 -42.98 -36.72
N ARG I 383 38.99 -42.19 -36.66
CA ARG I 383 40.23 -42.63 -36.04
C ARG I 383 40.93 -41.43 -35.38
N HIS I 384 41.96 -41.74 -34.59
CA HIS I 384 42.78 -40.72 -33.93
C HIS I 384 44.06 -40.51 -34.73
N LYS I 385 44.27 -39.29 -35.22
CA LYS I 385 45.54 -38.90 -35.85
C LYS I 385 46.41 -38.08 -34.90
N LEU I 386 47.62 -37.77 -35.38
CA LEU I 386 48.56 -36.93 -34.66
C LEU I 386 48.42 -35.49 -35.16
N LYS I 387 49.24 -34.59 -34.62
CA LYS I 387 49.28 -33.20 -35.07
C LYS I 387 50.66 -32.90 -35.63
N LEU I 388 50.72 -32.45 -36.89
CA LEU I 388 51.96 -32.29 -37.65
C LEU I 388 52.32 -30.81 -37.68
N ARG I 389 53.23 -30.40 -36.79
CA ARG I 389 53.60 -28.99 -36.72
C ARG I 389 54.67 -28.64 -37.74
N LYS I 390 55.78 -29.37 -37.74
CA LYS I 390 56.81 -29.18 -38.76
C LYS I 390 56.58 -30.13 -39.92
N ARG I 391 56.69 -29.61 -41.14
CA ARG I 391 56.60 -30.43 -42.33
C ARG I 391 57.82 -31.22 -42.77
N ASP I 392 59.02 -30.83 -42.30
CA ASP I 392 60.23 -31.52 -42.72
C ASP I 392 60.70 -32.22 -41.45
N SER I 393 59.77 -32.62 -40.58
CA SER I 393 60.08 -33.52 -39.48
C SER I 393 59.72 -34.91 -39.99
N ARG I 394 60.62 -35.88 -39.82
CA ARG I 394 60.34 -37.25 -40.25
C ARG I 394 59.62 -37.93 -39.09
N VAL I 395 58.36 -37.52 -38.93
CA VAL I 395 57.52 -37.93 -37.81
C VAL I 395 56.32 -38.60 -38.45
N GLU I 396 56.41 -39.92 -38.60
CA GLU I 396 55.32 -40.65 -39.20
C GLU I 396 54.11 -40.50 -38.29
N PRO I 397 52.94 -40.17 -38.83
CA PRO I 397 51.80 -39.96 -37.94
C PRO I 397 51.19 -41.30 -37.53
N THR I 398 51.55 -41.77 -36.33
CA THR I 398 51.00 -43.03 -35.84
C THR I 398 49.49 -42.89 -35.71
N ILE I 399 48.77 -43.75 -36.41
CA ILE I 399 47.31 -43.76 -36.40
C ILE I 399 46.83 -44.85 -35.44
N GLY I 400 45.87 -44.51 -34.61
CA GLY I 400 45.22 -45.49 -33.77
C GLY I 400 44.20 -46.29 -34.57
N PRO I 401 43.61 -47.28 -33.90
CA PRO I 401 42.61 -48.12 -34.58
C PRO I 401 41.33 -47.33 -34.85
N TRP I 402 40.53 -47.87 -35.78
CA TRP I 402 39.26 -47.25 -36.12
C TRP I 402 38.27 -47.40 -34.97
N ILE I 403 37.44 -46.38 -34.76
CA ILE I 403 36.40 -46.40 -33.74
C ILE I 403 35.04 -46.22 -34.40
N GLU I 404 34.15 -47.16 -34.16
CA GLU I 404 32.77 -47.10 -34.61
C GLU I 404 31.89 -46.78 -33.41
N ALA I 405 31.02 -45.77 -33.55
CA ALA I 405 30.24 -45.29 -32.41
C ALA I 405 28.94 -44.70 -32.93
N ALA I 406 28.10 -44.27 -31.99
CA ALA I 406 26.78 -43.70 -32.28
C ALA I 406 26.49 -42.50 -31.38
N LEU I 407 25.74 -41.53 -31.91
CA LEU I 407 25.37 -40.32 -31.19
C LEU I 407 23.94 -39.94 -31.56
N ARG I 408 23.16 -39.52 -30.56
CA ARG I 408 21.77 -39.14 -30.78
C ARG I 408 21.52 -37.69 -30.44
N GLU I 409 22.53 -36.97 -29.96
CA GLU I 409 22.40 -35.55 -29.64
C GLU I 409 23.78 -34.92 -29.71
N ILE I 410 23.81 -33.59 -29.64
CA ILE I 410 25.04 -32.82 -29.71
C ILE I 410 24.92 -31.67 -28.72
N THR I 411 26.07 -31.19 -28.24
CA THR I 411 26.11 -30.09 -27.30
C THR I 411 26.85 -28.91 -27.92
N ILE I 412 26.45 -27.72 -27.52
CA ILE I 412 27.01 -26.46 -28.03
C ILE I 412 27.26 -25.56 -26.84
N GLN I 413 28.36 -24.81 -26.88
CA GLN I 413 28.65 -23.90 -25.78
C GLN I 413 29.46 -22.70 -26.26
N LYS I 414 29.11 -21.54 -25.71
CA LYS I 414 29.94 -20.35 -25.78
C LYS I 414 30.88 -20.31 -24.59
N LYS I 415 32.12 -19.94 -24.83
CA LYS I 415 33.07 -19.80 -23.74
C LYS I 415 33.15 -18.35 -23.31
N PRO I 416 33.66 -18.07 -22.11
CA PRO I 416 33.73 -16.67 -21.65
C PRO I 416 34.59 -15.78 -22.52
N ASN I 417 35.51 -16.35 -23.31
CA ASN I 417 36.38 -15.56 -24.17
C ASN I 417 35.72 -15.10 -25.46
N GLY I 418 34.50 -15.56 -25.74
CA GLY I 418 33.78 -15.17 -26.93
C GLY I 418 33.84 -16.12 -28.10
N VAL I 419 34.41 -17.32 -27.91
CA VAL I 419 34.43 -18.36 -28.94
C VAL I 419 33.39 -19.42 -28.57
N PHE I 420 32.71 -19.95 -29.59
CA PHE I 420 31.75 -21.04 -29.42
C PHE I 420 32.40 -22.36 -29.81
N TYR I 421 32.24 -23.37 -28.96
CA TYR I 421 32.66 -24.72 -29.30
C TYR I 421 31.42 -25.57 -29.58
N LEU I 422 31.68 -26.79 -30.07
CA LEU I 422 30.62 -27.74 -30.38
C LEU I 422 31.05 -29.11 -29.88
N GLY I 423 30.14 -29.80 -29.21
CA GLY I 423 30.47 -31.09 -28.66
C GLY I 423 29.82 -32.23 -29.41
N LEU I 424 30.38 -33.44 -29.26
CA LEU I 424 29.85 -34.64 -29.89
C LEU I 424 29.70 -35.71 -28.82
N PRO I 425 28.54 -35.78 -28.15
CA PRO I 425 28.31 -36.84 -27.15
C PRO I 425 27.95 -38.17 -27.77
N TYR I 426 28.90 -39.09 -27.80
CA TYR I 426 28.71 -40.39 -28.45
C TYR I 426 28.68 -41.51 -27.42
N ALA I 427 28.07 -42.62 -27.83
CA ALA I 427 27.96 -43.83 -27.03
C ALA I 427 28.68 -44.96 -27.76
N LEU I 428 29.27 -45.86 -27.00
CA LEU I 428 30.12 -46.92 -27.55
C LEU I 428 29.48 -48.28 -27.30
N SER I 429 29.22 -49.02 -28.37
CA SER I 429 28.70 -50.37 -28.27
C SER I 429 29.84 -51.26 -27.80
N HIS I 430 29.88 -51.59 -26.52
CA HIS I 430 30.92 -52.45 -25.98
C HIS I 430 30.33 -53.40 -24.94
N GLY I 431 31.01 -54.52 -24.74
CA GLY I 431 30.57 -55.57 -23.83
C GLY I 431 30.50 -55.21 -22.37
N ILE I 432 29.41 -55.59 -21.71
CA ILE I 432 29.24 -55.37 -20.27
C ILE I 432 29.85 -56.49 -19.44
N ASP I 433 30.21 -57.62 -20.06
CA ASP I 433 30.64 -58.80 -19.32
C ASP I 433 31.74 -58.47 -18.32
N ASN I 434 32.70 -57.66 -18.74
CA ASN I 434 33.84 -57.33 -17.90
C ASN I 434 33.41 -56.51 -16.68
N PHE I 435 32.52 -55.54 -16.88
CA PHE I 435 31.97 -54.75 -15.78
C PHE I 435 31.09 -55.57 -14.86
N GLN I 436 30.34 -56.53 -15.41
CA GLN I 436 29.42 -57.30 -14.58
C GLN I 436 30.15 -57.93 -13.39
N ILE I 437 31.36 -58.43 -13.63
CA ILE I 437 32.19 -58.89 -12.53
C ILE I 437 32.68 -57.73 -11.67
N ALA I 438 32.99 -56.59 -12.32
CA ALA I 438 33.55 -55.46 -11.59
C ALA I 438 32.55 -54.92 -10.57
N LYS I 439 31.35 -54.60 -11.00
CA LYS I 439 30.35 -54.04 -10.09
C LYS I 439 29.82 -55.11 -9.14
N ARG I 440 29.40 -56.26 -9.69
CA ARG I 440 28.67 -57.24 -8.91
C ARG I 440 29.56 -58.16 -8.07
N PHE I 441 30.76 -58.51 -8.54
CA PHE I 441 31.52 -59.57 -7.88
C PHE I 441 32.66 -59.06 -6.99
N PHE I 442 33.62 -58.32 -7.56
CA PHE I 442 34.87 -58.07 -6.85
C PHE I 442 34.70 -57.15 -5.64
N SER I 443 33.74 -56.22 -5.69
CA SER I 443 33.59 -55.31 -4.56
C SER I 443 33.19 -56.04 -3.30
N ALA I 444 32.29 -57.02 -3.41
CA ALA I 444 31.65 -57.61 -2.24
C ALA I 444 32.18 -59.01 -1.95
N ALA I 445 31.90 -59.48 -0.73
CA ALA I 445 32.38 -60.78 -0.28
C ALA I 445 31.45 -61.91 -0.73
N LYS I 446 30.14 -61.77 -0.51
CA LYS I 446 29.18 -62.81 -0.85
C LYS I 446 28.13 -62.25 -1.80
N PRO I 447 28.27 -62.49 -3.10
CA PRO I 447 27.17 -62.27 -4.04
C PRO I 447 26.34 -63.54 -4.18
N ASP I 448 25.13 -63.38 -4.70
CA ASP I 448 24.32 -64.54 -5.02
C ASP I 448 25.11 -65.49 -5.91
N LYS I 449 24.80 -66.78 -5.79
CA LYS I 449 25.54 -67.80 -6.51
C LYS I 449 25.28 -67.77 -8.02
N GLU I 450 24.21 -67.10 -8.47
CA GLU I 450 23.94 -66.92 -9.89
C GLU I 450 24.96 -66.05 -10.61
N VAL I 451 25.95 -65.50 -9.90
CA VAL I 451 26.91 -64.59 -10.50
C VAL I 451 28.18 -65.32 -10.95
N ILE I 452 28.64 -66.32 -10.20
CA ILE I 452 29.89 -67.00 -10.52
C ILE I 452 29.80 -67.72 -11.85
N ASN I 453 28.65 -68.35 -12.13
CA ASN I 453 28.49 -69.21 -13.30
C ASN I 453 28.21 -68.48 -14.60
N GLY I 454 28.31 -67.16 -14.65
CA GLY I 454 28.09 -66.46 -15.90
C GLY I 454 29.37 -66.14 -16.65
N LEU I 455 30.45 -66.82 -16.30
CA LEU I 455 31.77 -66.54 -16.82
C LEU I 455 32.28 -67.69 -17.66
N PRO I 456 32.87 -67.45 -18.82
CA PRO I 456 33.61 -68.51 -19.51
C PRO I 456 34.86 -68.87 -18.71
N SER I 457 35.52 -69.93 -19.17
CA SER I 457 36.70 -70.44 -18.46
C SER I 457 37.81 -69.40 -18.43
N GLU I 458 38.11 -68.77 -19.57
CA GLU I 458 39.30 -67.95 -19.67
C GLU I 458 38.96 -66.48 -19.47
N MET I 459 39.83 -65.80 -18.73
CA MET I 459 39.76 -64.37 -18.53
C MET I 459 41.13 -63.91 -18.07
N VAL I 460 41.34 -62.59 -18.11
CA VAL I 460 42.64 -62.00 -17.86
C VAL I 460 42.49 -60.98 -16.76
N VAL I 461 43.50 -60.86 -15.90
CA VAL I 461 43.45 -59.92 -14.80
C VAL I 461 44.64 -59.00 -14.90
N GLY I 462 44.74 -58.07 -13.94
CA GLY I 462 45.88 -57.19 -13.87
C GLY I 462 45.78 -56.34 -12.63
N ALA I 463 46.85 -55.59 -12.37
CA ALA I 463 46.95 -54.73 -11.21
C ALA I 463 48.22 -53.88 -11.34
N ALA I 464 48.40 -52.99 -10.38
CA ALA I 464 49.59 -52.16 -10.26
C ALA I 464 49.59 -51.55 -8.87
N ASP I 465 50.76 -51.09 -8.43
CA ASP I 465 50.89 -50.32 -7.21
C ASP I 465 51.37 -48.95 -7.60
N LEU I 466 50.82 -47.92 -6.97
CA LEU I 466 51.13 -46.55 -7.32
C LEU I 466 51.71 -45.85 -6.11
N ASN I 467 52.99 -45.47 -6.20
CA ASN I 467 53.61 -44.53 -5.28
C ASN I 467 54.38 -43.53 -6.13
N LEU I 468 54.78 -42.41 -5.51
CA LEU I 468 55.37 -41.32 -6.27
C LEU I 468 56.74 -41.72 -6.83
N SER I 469 57.49 -42.55 -6.12
CA SER I 469 58.83 -42.93 -6.56
C SER I 469 59.19 -43.98 -7.60
N ASN I 470 58.45 -45.09 -7.62
CA ASN I 470 58.59 -46.06 -8.70
C ASN I 470 57.11 -46.01 -9.04
N ILE I 471 56.78 -45.51 -10.23
CA ILE I 471 55.41 -45.07 -10.47
C ILE I 471 54.48 -46.26 -10.70
N VAL I 472 54.83 -47.13 -11.64
CA VAL I 472 53.94 -48.18 -12.12
C VAL I 472 54.66 -49.52 -12.04
N ALA I 473 54.06 -50.46 -11.32
CA ALA I 473 54.56 -51.84 -11.26
C ALA I 473 53.37 -52.73 -11.58
N PRO I 474 53.15 -53.05 -12.85
CA PRO I 474 52.00 -53.86 -13.23
C PRO I 474 52.27 -55.35 -13.14
N VAL I 475 51.19 -56.12 -13.16
CA VAL I 475 51.24 -57.57 -13.29
C VAL I 475 50.01 -58.03 -14.07
N LYS I 476 50.22 -58.52 -15.28
CA LYS I 476 49.14 -59.19 -16.00
C LYS I 476 49.32 -60.68 -15.78
N ALA I 477 48.21 -61.40 -15.73
CA ALA I 477 48.23 -62.78 -15.28
C ALA I 477 47.12 -63.54 -15.95
N ARG I 478 47.07 -64.85 -15.70
CA ARG I 478 45.99 -65.69 -16.20
C ARG I 478 45.39 -66.44 -15.02
N ILE I 479 44.08 -66.30 -14.85
CA ILE I 479 43.34 -66.95 -13.78
C ILE I 479 42.40 -67.96 -14.42
N GLY I 480 42.29 -69.13 -13.78
CA GLY I 480 41.52 -70.18 -14.41
C GLY I 480 40.66 -71.00 -13.47
N LYS I 481 39.46 -71.32 -13.96
CA LYS I 481 38.69 -72.36 -13.32
C LYS I 481 39.52 -73.64 -13.27
N GLY I 482 40.13 -74.00 -14.38
CA GLY I 482 40.94 -75.19 -14.51
C GLY I 482 42.41 -75.62 -14.45
N LEU I 483 43.30 -74.65 -14.24
CA LEU I 483 44.75 -74.85 -14.35
C LEU I 483 45.06 -74.32 -12.96
N GLU I 484 45.86 -75.09 -12.24
CA GLU I 484 46.33 -74.79 -10.89
C GLU I 484 47.70 -74.12 -10.93
N GLY I 485 47.99 -73.37 -9.88
CA GLY I 485 49.17 -72.53 -9.83
C GLY I 485 49.40 -71.92 -8.46
N PRO I 486 50.24 -70.88 -8.40
CA PRO I 486 50.72 -70.37 -7.11
C PRO I 486 49.84 -69.34 -6.41
N LEU I 487 48.78 -68.86 -7.07
CA LEU I 487 47.87 -67.89 -6.48
C LEU I 487 46.52 -68.54 -6.28
N HIS I 488 45.96 -68.41 -5.08
CA HIS I 488 44.65 -68.92 -4.75
C HIS I 488 43.69 -67.74 -4.69
N ALA I 489 42.62 -67.81 -5.47
CA ALA I 489 41.59 -66.79 -5.46
C ALA I 489 40.36 -67.44 -4.88
N LEU I 490 39.71 -66.74 -3.94
CA LEU I 490 38.57 -67.33 -3.24
C LEU I 490 37.38 -67.47 -4.17
N ASP I 491 36.91 -68.71 -4.28
CA ASP I 491 35.63 -69.08 -4.88
C ASP I 491 35.71 -69.16 -6.41
N TYR I 492 36.82 -68.73 -7.02
CA TYR I 492 36.99 -68.97 -8.46
C TYR I 492 37.96 -70.12 -8.65
N GLY I 493 39.15 -70.02 -8.07
CA GLY I 493 40.18 -71.00 -8.32
C GLY I 493 41.57 -70.41 -8.36
N TYR I 494 42.47 -71.06 -9.08
CA TYR I 494 43.88 -70.72 -9.08
C TYR I 494 44.24 -69.77 -10.22
N GLY I 495 45.34 -69.05 -10.03
CA GLY I 495 45.85 -68.13 -11.05
C GLY I 495 47.36 -68.14 -11.06
N GLU I 496 47.93 -67.81 -12.23
CA GLU I 496 49.37 -67.75 -12.42
C GLU I 496 49.81 -66.42 -13.00
N LEU I 497 50.94 -65.89 -12.53
CA LEU I 497 51.43 -64.64 -13.06
C LEU I 497 52.29 -64.75 -14.33
N ILE I 498 51.92 -64.02 -15.36
CA ILE I 498 52.65 -64.01 -16.60
C ILE I 498 53.79 -62.98 -16.83
N ASP I 499 53.51 -61.70 -16.64
CA ASP I 499 54.46 -60.65 -17.03
C ASP I 499 54.97 -59.69 -15.94
N GLY I 500 54.79 -60.03 -14.66
CA GLY I 500 55.30 -59.20 -13.60
C GLY I 500 55.74 -59.90 -12.32
N PRO I 501 56.09 -59.11 -11.29
CA PRO I 501 56.10 -57.64 -11.29
C PRO I 501 57.40 -57.01 -11.79
N LYS I 502 57.28 -55.98 -12.63
CA LYS I 502 58.43 -55.20 -13.09
C LYS I 502 58.09 -53.72 -13.01
N ILE I 503 59.11 -52.89 -12.83
CA ILE I 503 58.93 -51.45 -12.98
C ILE I 503 58.83 -51.11 -14.46
N LEU I 504 57.89 -50.23 -14.80
CA LEU I 504 57.72 -49.84 -16.19
C LEU I 504 58.20 -48.44 -16.48
N THR I 505 58.12 -47.53 -15.51
CA THR I 505 58.64 -46.17 -15.61
C THR I 505 59.70 -45.98 -14.53
N PRO I 506 60.93 -46.44 -14.76
CA PRO I 506 62.00 -46.15 -13.80
C PRO I 506 62.31 -44.66 -13.88
N ASP I 507 62.51 -44.06 -12.70
CA ASP I 507 62.83 -42.63 -12.62
C ASP I 507 63.93 -42.25 -13.60
N GLY I 508 63.63 -41.34 -14.51
CA GLY I 508 64.53 -41.04 -15.59
C GLY I 508 65.82 -40.40 -15.13
N PRO I 509 66.75 -40.19 -16.07
CA PRO I 509 68.08 -39.70 -15.68
C PRO I 509 68.04 -38.31 -15.05
N ARG I 510 67.35 -37.36 -15.69
CA ARG I 510 67.35 -35.99 -15.20
C ARG I 510 66.74 -35.84 -13.81
N CYS I 511 66.07 -36.86 -13.28
CA CYS I 511 65.48 -36.77 -11.95
C CYS I 511 66.56 -36.52 -10.88
N GLY I 512 67.69 -37.22 -10.98
CA GLY I 512 68.75 -37.01 -10.01
C GLY I 512 69.24 -35.58 -9.98
N GLU I 513 69.20 -34.91 -11.13
CA GLU I 513 69.54 -33.50 -11.25
C GLU I 513 68.32 -32.58 -11.21
N LEU I 514 67.10 -33.13 -11.36
CA LEU I 514 65.90 -32.31 -11.20
C LEU I 514 65.52 -32.18 -9.73
N ILE I 515 65.72 -33.25 -8.94
CA ILE I 515 65.61 -33.12 -7.50
C ILE I 515 66.55 -32.03 -7.01
N SER I 516 67.78 -32.00 -7.56
CA SER I 516 68.72 -30.94 -7.22
C SER I 516 68.18 -29.56 -7.59
N LEU I 517 67.18 -29.47 -8.46
CA LEU I 517 66.58 -28.18 -8.76
C LEU I 517 65.55 -27.81 -7.70
N LYS I 518 64.79 -28.80 -7.23
CA LYS I 518 63.95 -28.59 -6.05
C LYS I 518 64.80 -28.33 -4.82
N ARG I 519 65.89 -29.09 -4.70
CA ARG I 519 66.82 -28.97 -3.59
C ARG I 519 67.53 -27.62 -3.56
N ASP I 520 67.81 -27.03 -4.72
CA ASP I 520 68.42 -25.70 -4.75
C ASP I 520 67.43 -24.58 -4.44
N ILE I 521 66.18 -24.73 -4.87
CA ILE I 521 65.16 -23.72 -4.59
C ILE I 521 64.70 -23.76 -3.14
N VAL I 522 64.85 -24.90 -2.47
CA VAL I 522 64.46 -25.00 -1.07
C VAL I 522 65.27 -24.02 -0.22
N GLU I 523 66.54 -23.82 -0.56
CA GLU I 523 67.40 -22.96 0.24
C GLU I 523 67.21 -21.47 -0.05
N ILE I 524 66.73 -21.11 -1.24
CA ILE I 524 66.46 -19.70 -1.52
C ILE I 524 65.25 -19.25 -0.72
N LYS I 525 64.35 -20.18 -0.39
CA LYS I 525 63.21 -19.86 0.45
C LYS I 525 63.64 -19.56 1.88
N SER I 526 64.64 -20.29 2.39
CA SER I 526 65.15 -20.04 3.73
C SER I 526 65.99 -18.78 3.78
N ALA I 527 66.48 -18.32 2.63
CA ALA I 527 67.23 -17.08 2.55
C ALA I 527 66.33 -15.87 2.40
N ILE I 528 65.17 -16.03 1.76
CA ILE I 528 64.23 -14.92 1.69
C ILE I 528 63.78 -14.51 3.08
N LYS I 529 63.67 -15.47 4.01
CA LYS I 529 63.38 -15.09 5.38
C LYS I 529 64.61 -14.55 6.10
N GLU I 530 65.82 -14.89 5.65
CA GLU I 530 67.01 -14.34 6.29
C GLU I 530 67.27 -12.90 5.87
N PHE I 531 66.92 -12.53 4.64
CA PHE I 531 66.94 -11.11 4.30
C PHE I 531 65.77 -10.36 4.95
N LYS I 532 64.68 -11.08 5.25
CA LYS I 532 63.51 -10.44 5.85
C LYS I 532 63.54 -10.47 7.37
N ALA I 533 64.35 -11.34 7.97
CA ALA I 533 64.56 -11.33 9.41
C ALA I 533 65.79 -10.54 9.81
N CYS I 534 66.69 -10.26 8.87
CA CYS I 534 67.82 -9.38 9.14
C CYS I 534 67.55 -7.93 8.74
N GLN I 535 66.53 -7.70 7.90
CA GLN I 535 65.99 -6.36 7.70
C GLN I 535 65.10 -5.89 8.84
N ARG I 536 64.58 -6.81 9.66
CA ARG I 536 63.66 -6.48 10.74
C ARG I 536 64.29 -6.51 12.14
N GLU I 537 65.31 -7.33 12.39
CA GLU I 537 65.86 -7.42 13.75
C GLU I 537 66.96 -6.40 14.00
N GLY I 538 67.91 -6.29 13.07
CA GLY I 538 69.04 -5.40 13.24
C GLY I 538 70.33 -6.17 13.28
N LEU I 539 70.26 -7.48 13.05
CA LEU I 539 71.43 -8.34 13.02
C LEU I 539 71.94 -8.34 11.59
N THR I 540 73.07 -8.99 11.35
CA THR I 540 73.51 -9.21 9.99
C THR I 540 73.18 -10.66 9.60
N MET I 541 73.63 -11.07 8.42
CA MET I 541 73.26 -12.35 7.85
C MET I 541 74.31 -13.40 8.16
N SER I 542 73.95 -14.67 7.99
CA SER I 542 74.93 -15.74 8.14
C SER I 542 75.82 -15.77 6.91
N GLU I 543 77.13 -15.84 7.16
CA GLU I 543 78.11 -15.75 6.07
C GLU I 543 78.04 -16.95 5.13
N GLU I 544 77.61 -18.12 5.64
CA GLU I 544 77.59 -19.33 4.83
C GLU I 544 76.77 -19.17 3.56
N THR I 545 75.68 -18.40 3.63
CA THR I 545 74.86 -18.16 2.45
C THR I 545 75.57 -17.33 1.39
N THR I 546 76.43 -16.40 1.80
CA THR I 546 77.12 -15.54 0.83
C THR I 546 78.07 -16.33 -0.05
N THR I 547 78.90 -17.20 0.54
CA THR I 547 79.78 -18.03 -0.26
C THR I 547 78.97 -18.89 -1.23
N TRP I 548 77.80 -19.35 -0.79
CA TRP I 548 76.93 -20.12 -1.66
C TRP I 548 76.38 -19.25 -2.79
N LEU I 549 75.88 -18.06 -2.44
CA LEU I 549 75.32 -17.16 -3.45
C LEU I 549 76.37 -16.68 -4.42
N SER I 550 77.61 -16.53 -3.94
CA SER I 550 78.72 -16.05 -4.75
C SER I 550 79.17 -17.08 -5.79
N GLU I 551 78.68 -18.31 -5.70
CA GLU I 551 79.12 -19.39 -6.58
C GLU I 551 78.78 -19.14 -8.05
N VAL I 552 78.17 -17.98 -8.32
CA VAL I 552 77.94 -17.50 -9.67
C VAL I 552 78.59 -16.13 -9.73
N GLU I 553 79.12 -15.76 -10.91
CA GLU I 553 79.70 -14.44 -11.02
C GLU I 553 78.38 -13.69 -10.86
N SER I 554 78.31 -12.83 -9.85
CA SER I 554 77.12 -12.03 -9.65
C SER I 554 77.84 -10.68 -9.69
N PRO I 555 77.50 -9.79 -10.62
CA PRO I 555 78.27 -8.55 -10.77
C PRO I 555 78.15 -7.61 -9.58
N SER I 556 77.45 -8.01 -8.52
CA SER I 556 77.40 -7.24 -7.27
C SER I 556 77.52 -8.21 -6.11
N ASP I 557 78.47 -7.95 -5.20
CA ASP I 557 78.61 -8.75 -4.00
C ASP I 557 77.50 -8.48 -2.98
N SER I 558 76.56 -7.61 -3.30
CA SER I 558 75.45 -7.33 -2.41
C SER I 558 74.68 -8.61 -2.12
N PRO I 559 74.31 -8.87 -0.85
CA PRO I 559 73.51 -10.06 -0.56
C PRO I 559 72.19 -10.12 -1.30
N ARG I 560 71.59 -8.97 -1.64
CA ARG I 560 70.32 -8.97 -2.35
C ARG I 560 70.47 -9.55 -3.76
N CYS I 561 71.37 -8.96 -4.56
CA CYS I 561 71.41 -9.32 -5.98
C CYS I 561 72.06 -10.67 -6.21
N MET I 562 72.93 -11.11 -5.30
CA MET I 562 73.50 -12.45 -5.42
C MET I 562 72.41 -13.52 -5.29
N ILE I 563 71.40 -13.27 -4.47
CA ILE I 563 70.21 -14.11 -4.47
C ILE I 563 69.50 -14.01 -5.81
N GLN I 564 69.36 -12.78 -6.32
CA GLN I 564 68.67 -12.53 -7.58
C GLN I 564 69.44 -13.12 -8.76
N SER I 565 70.76 -13.16 -8.67
CA SER I 565 71.55 -13.74 -9.75
C SER I 565 71.44 -15.26 -9.75
N ARG I 566 71.17 -15.85 -8.58
CA ARG I 566 70.90 -17.28 -8.49
C ARG I 566 69.56 -17.64 -9.13
N ILE I 567 68.67 -16.66 -9.33
CA ILE I 567 67.35 -16.94 -9.90
C ILE I 567 67.38 -16.86 -11.42
N ALA I 568 68.12 -15.90 -11.97
CA ALA I 568 68.36 -15.92 -13.42
C ALA I 568 69.05 -17.22 -13.81
N ASP I 569 70.00 -17.69 -12.99
CA ASP I 569 70.55 -19.02 -13.18
C ASP I 569 69.52 -20.12 -12.93
N THR I 570 68.51 -19.85 -12.10
CA THR I 570 67.49 -20.85 -11.81
C THR I 570 66.34 -20.81 -12.79
N SER I 571 65.84 -19.61 -13.12
CA SER I 571 64.76 -19.53 -14.10
C SER I 571 65.21 -20.02 -15.47
N ARG I 572 66.41 -19.60 -15.90
CA ARG I 572 66.95 -20.10 -17.16
C ARG I 572 67.19 -21.61 -17.10
N ARG I 573 67.70 -22.09 -15.97
CA ARG I 573 67.82 -23.52 -15.72
C ARG I 573 66.50 -24.23 -15.99
N LEU I 574 65.42 -23.69 -15.43
CA LEU I 574 64.09 -24.22 -15.70
C LEU I 574 63.65 -23.89 -17.13
N ASN I 575 63.94 -22.67 -17.59
CA ASN I 575 63.62 -22.29 -18.97
C ASN I 575 64.22 -23.28 -19.96
N SER I 576 65.42 -23.76 -19.68
CA SER I 576 66.04 -24.76 -20.55
C SER I 576 65.33 -26.10 -20.42
N PHE I 577 65.23 -26.60 -19.17
CA PHE I 577 64.54 -27.86 -18.92
C PHE I 577 63.07 -27.82 -19.36
N LYS I 578 62.47 -26.63 -19.37
CA LYS I 578 61.14 -26.47 -19.97
C LYS I 578 61.16 -26.82 -21.46
N TYR I 579 62.02 -26.14 -22.22
CA TYR I 579 62.06 -26.34 -23.66
C TYR I 579 62.55 -27.74 -24.01
N GLN I 580 63.65 -28.16 -23.39
CA GLN I 580 64.27 -29.43 -23.75
C GLN I 580 63.33 -30.61 -23.54
N MET I 581 62.37 -30.46 -22.65
CA MET I 581 61.28 -31.42 -22.52
C MET I 581 60.08 -31.08 -23.39
N ASN I 582 59.89 -29.79 -23.71
CA ASN I 582 58.76 -29.41 -24.57
C ASN I 582 58.93 -29.92 -25.99
N LYS I 583 60.17 -30.06 -26.47
CA LYS I 583 60.40 -30.67 -27.76
C LYS I 583 59.98 -32.14 -27.77
N GLU I 584 60.21 -32.84 -26.66
CA GLU I 584 60.05 -34.30 -26.64
C GLU I 584 58.60 -34.72 -26.55
N GLY I 585 57.76 -33.90 -25.95
CA GLY I 585 56.45 -34.34 -25.52
C GLY I 585 56.44 -34.98 -24.15
N TYR I 586 57.55 -34.90 -23.42
CA TYR I 586 57.61 -35.26 -22.00
C TYR I 586 57.47 -36.78 -21.82
N GLN I 587 58.26 -37.53 -22.59
CA GLN I 587 58.09 -38.97 -22.68
C GLN I 587 58.55 -39.73 -21.44
N ASP I 588 59.24 -39.11 -20.49
CA ASP I 588 59.51 -39.74 -19.20
C ASP I 588 58.70 -38.96 -18.17
N LEU I 589 57.54 -39.51 -17.83
CA LEU I 589 56.69 -38.94 -16.78
C LEU I 589 57.46 -38.69 -15.49
N ALA I 590 58.19 -39.68 -15.02
CA ALA I 590 58.96 -39.52 -13.78
C ALA I 590 59.78 -38.23 -13.78
N GLU I 591 60.26 -37.80 -14.95
CA GLU I 591 60.96 -36.53 -15.05
C GLU I 591 60.00 -35.36 -14.88
N ALA I 592 58.96 -35.31 -15.71
CA ALA I 592 58.04 -34.17 -15.69
C ALA I 592 57.33 -34.05 -14.34
N LEU I 593 57.20 -35.14 -13.60
CA LEU I 593 56.56 -35.08 -12.29
C LEU I 593 57.39 -34.22 -11.34
N ARG I 594 58.63 -34.66 -11.05
CA ARG I 594 59.53 -33.84 -10.25
C ARG I 594 59.87 -32.52 -10.93
N LEU I 595 59.60 -32.40 -12.23
CA LEU I 595 59.71 -31.12 -12.91
C LEU I 595 58.49 -30.25 -12.64
N LEU I 596 57.30 -30.85 -12.71
CA LEU I 596 56.08 -30.13 -12.39
C LEU I 596 56.13 -29.56 -10.97
N ASP I 597 56.46 -30.41 -9.99
CA ASP I 597 56.59 -29.94 -8.62
C ASP I 597 57.71 -28.91 -8.51
N ALA I 598 58.71 -28.98 -9.39
CA ALA I 598 59.75 -27.95 -9.40
C ALA I 598 59.21 -26.62 -9.93
N MET I 599 58.30 -26.67 -10.91
CA MET I 599 57.62 -25.45 -11.35
C MET I 599 56.73 -24.86 -10.26
N ASP I 600 56.32 -25.68 -9.29
CA ASP I 600 55.43 -25.21 -8.23
C ASP I 600 56.21 -24.52 -7.11
N SER I 601 57.24 -25.18 -6.56
CA SER I 601 58.03 -24.58 -5.50
C SER I 601 58.76 -23.34 -5.97
N TYR I 602 59.00 -23.23 -7.28
CA TYR I 602 59.55 -22.01 -7.86
C TYR I 602 58.53 -20.89 -7.82
N ASN I 603 57.27 -21.19 -8.17
CA ASN I 603 56.18 -20.24 -7.99
C ASN I 603 56.03 -19.86 -6.51
N SER I 604 56.38 -20.76 -5.60
CA SER I 604 56.36 -20.45 -4.17
C SER I 604 57.51 -19.53 -3.78
N LEU I 605 58.50 -19.35 -4.66
CA LEU I 605 59.60 -18.46 -4.35
C LEU I 605 59.32 -17.04 -4.83
N LEU I 606 58.83 -16.89 -6.07
CA LEU I 606 58.49 -15.56 -6.59
C LEU I 606 57.26 -14.99 -5.90
N GLU I 607 56.47 -15.81 -5.22
CA GLU I 607 55.38 -15.27 -4.43
C GLU I 607 55.88 -14.83 -3.05
N SER I 608 57.11 -15.19 -2.71
CA SER I 608 57.81 -14.64 -1.56
C SER I 608 58.95 -13.71 -1.96
N TYR I 609 59.40 -13.76 -3.22
CA TYR I 609 60.42 -12.83 -3.69
C TYR I 609 59.84 -11.49 -4.12
N GLN I 610 58.63 -11.48 -4.67
CA GLN I 610 57.92 -10.23 -4.90
C GLN I 610 57.45 -9.60 -3.60
N ARG I 611 57.53 -10.32 -2.49
CA ARG I 611 57.09 -9.88 -1.18
C ARG I 611 58.25 -9.84 -0.18
N MET I 612 59.46 -9.62 -0.68
CA MET I 612 60.64 -9.54 0.18
C MET I 612 60.73 -8.20 0.89
N HIS I 613 60.62 -7.10 0.14
CA HIS I 613 60.82 -5.76 0.67
C HIS I 613 59.68 -5.29 1.56
N LEU I 614 58.53 -5.99 1.53
CA LEU I 614 57.33 -5.50 2.18
C LEU I 614 57.61 -5.17 3.63
N SER I 615 57.34 -3.92 4.01
CA SER I 615 57.53 -3.54 5.40
C SER I 615 56.57 -4.33 6.29
N PRO I 616 56.96 -4.60 7.53
CA PRO I 616 56.09 -5.38 8.42
C PRO I 616 54.76 -4.67 8.59
N GLY I 617 53.69 -5.32 8.17
CA GLY I 617 52.37 -4.75 8.28
C GLY I 617 51.68 -4.41 6.97
N GLU I 618 52.24 -4.80 5.84
CA GLU I 618 51.61 -4.60 4.55
C GLU I 618 51.30 -5.96 3.95
N GLN I 619 50.08 -6.15 3.46
CA GLN I 619 49.70 -7.40 2.85
C GLN I 619 49.52 -7.16 1.36
N SER I 620 49.60 -8.23 0.57
CA SER I 620 49.40 -8.13 -0.86
C SER I 620 48.47 -9.24 -1.34
N PRO I 621 47.28 -8.92 -1.81
CA PRO I 621 46.35 -9.93 -2.34
C PRO I 621 46.60 -10.20 -3.82
N LYS I 622 47.70 -10.90 -4.11
CA LYS I 622 48.12 -11.11 -5.49
C LYS I 622 47.02 -11.81 -6.29
N GLU I 623 46.59 -11.15 -7.37
CA GLU I 623 45.47 -11.65 -8.18
C GLU I 623 46.03 -12.30 -9.44
N ALA I 624 46.09 -13.62 -9.44
CA ALA I 624 46.42 -14.39 -10.62
C ALA I 624 45.20 -14.66 -11.51
N LYS I 625 45.07 -13.98 -12.65
CA LYS I 625 43.91 -14.25 -13.48
C LYS I 625 43.81 -15.69 -14.01
N PHE I 626 44.70 -16.07 -14.91
CA PHE I 626 44.74 -17.46 -15.38
C PHE I 626 46.17 -17.85 -15.68
N ASP I 627 46.73 -18.72 -14.85
CA ASP I 627 47.94 -19.45 -15.24
C ASP I 627 47.41 -20.60 -16.09
N THR I 628 47.33 -20.37 -17.41
CA THR I 628 46.69 -21.33 -18.29
C THR I 628 47.38 -22.67 -18.13
N LYS I 629 48.70 -22.69 -17.93
CA LYS I 629 49.44 -23.94 -17.95
C LYS I 629 49.07 -25.01 -16.93
N ARG I 630 49.28 -24.73 -15.65
CA ARG I 630 49.27 -25.80 -14.64
C ARG I 630 47.93 -26.49 -14.56
N ALA I 631 46.84 -25.79 -14.89
CA ALA I 631 45.55 -26.45 -15.00
C ALA I 631 45.59 -27.42 -16.18
N SER I 632 45.90 -26.90 -17.37
CA SER I 632 45.97 -27.70 -18.58
C SER I 632 47.30 -28.44 -18.71
N PHE I 633 48.21 -28.31 -17.74
CA PHE I 633 49.47 -29.05 -17.73
C PHE I 633 49.39 -30.27 -16.81
N ARG I 634 49.08 -30.06 -15.53
CA ARG I 634 49.01 -31.18 -14.60
C ARG I 634 47.90 -32.16 -14.98
N ASP I 635 47.01 -31.75 -15.90
CA ASP I 635 46.08 -32.68 -16.53
C ASP I 635 46.80 -33.59 -17.51
N LEU I 636 47.61 -33.01 -18.40
CA LEU I 636 48.29 -33.80 -19.42
C LEU I 636 49.11 -34.93 -18.82
N LEU I 637 49.73 -34.68 -17.66
CA LEU I 637 50.48 -35.74 -16.98
C LEU I 637 49.56 -36.86 -16.52
N ARG I 638 48.32 -36.53 -16.15
CA ARG I 638 47.41 -37.56 -15.67
C ARG I 638 46.88 -38.43 -16.81
N ARG I 639 46.37 -37.80 -17.87
CA ARG I 639 45.84 -38.57 -18.99
C ARG I 639 46.92 -39.15 -19.88
N ARG I 640 48.19 -38.92 -19.58
CA ARG I 640 49.25 -39.71 -20.17
C ARG I 640 49.71 -40.82 -19.25
N VAL I 641 49.56 -40.61 -17.94
CA VAL I 641 49.71 -41.70 -16.98
C VAL I 641 48.55 -42.68 -17.14
N ALA I 642 47.37 -42.16 -17.49
CA ALA I 642 46.23 -43.04 -17.71
C ALA I 642 46.49 -44.00 -18.87
N HIS I 643 46.76 -43.46 -20.07
CA HIS I 643 46.80 -44.31 -21.26
C HIS I 643 47.95 -45.32 -21.20
N THR I 644 49.07 -44.96 -20.57
CA THR I 644 50.20 -45.88 -20.44
C THR I 644 49.86 -47.05 -19.54
N ILE I 645 48.97 -46.86 -18.58
CA ILE I 645 48.51 -47.99 -17.78
C ILE I 645 47.43 -48.75 -18.55
N VAL I 646 46.69 -48.05 -19.41
CA VAL I 646 45.70 -48.72 -20.25
C VAL I 646 46.40 -49.46 -21.39
N GLU I 647 47.40 -48.84 -22.01
CA GLU I 647 48.09 -49.48 -23.13
C GLU I 647 48.67 -50.83 -22.73
N TYR I 648 49.20 -50.92 -21.50
CA TYR I 648 49.75 -52.19 -21.01
C TYR I 648 48.66 -53.11 -20.49
N PHE I 649 47.44 -52.61 -20.34
CA PHE I 649 46.31 -53.41 -19.89
C PHE I 649 45.23 -53.53 -20.95
N ASP I 650 45.55 -53.20 -22.21
CA ASP I 650 44.61 -53.39 -23.30
C ASP I 650 44.12 -54.83 -23.34
N ASP I 651 45.07 -55.78 -23.41
CA ASP I 651 44.73 -57.19 -23.53
C ASP I 651 44.15 -57.77 -22.24
N CYS I 652 44.14 -57.01 -21.15
CA CYS I 652 43.57 -57.53 -19.92
C CYS I 652 42.06 -57.38 -19.93
N ASP I 653 41.40 -58.17 -19.09
CA ASP I 653 39.96 -58.07 -18.89
C ASP I 653 39.57 -57.43 -17.56
N ILE I 654 40.40 -57.52 -16.52
CA ILE I 654 40.10 -56.96 -15.21
C ILE I 654 41.39 -56.37 -14.65
N VAL I 655 41.24 -55.32 -13.83
CA VAL I 655 42.37 -54.63 -13.22
C VAL I 655 42.10 -54.41 -11.73
N PHE I 656 43.17 -54.13 -10.99
CA PHE I 656 43.11 -53.81 -9.56
C PHE I 656 44.00 -52.61 -9.28
N PHE I 657 43.69 -51.87 -8.21
CA PHE I 657 44.45 -50.68 -7.88
C PHE I 657 44.45 -50.46 -6.37
N GLU I 658 45.35 -49.59 -5.92
CA GLU I 658 45.45 -49.24 -4.51
C GLU I 658 44.57 -48.01 -4.27
N ASP I 659 43.50 -48.19 -3.50
CA ASP I 659 42.56 -47.11 -3.23
C ASP I 659 43.13 -46.25 -2.11
N LEU I 660 43.85 -45.18 -2.47
CA LEU I 660 44.42 -44.22 -1.51
C LEU I 660 43.38 -43.31 -0.93
N ASP I 661 42.12 -43.61 -1.21
CA ASP I 661 41.00 -42.86 -0.66
C ASP I 661 40.55 -43.56 0.62
N GLY I 662 40.49 -42.81 1.71
CA GLY I 662 40.02 -43.36 2.95
C GLY I 662 41.08 -43.43 4.04
N PRO I 663 40.97 -44.46 4.88
CA PRO I 663 41.86 -44.58 6.04
C PRO I 663 43.23 -45.21 5.75
N SER I 664 44.23 -44.38 5.48
CA SER I 664 45.60 -44.85 5.29
C SER I 664 46.35 -44.70 6.61
N ASP I 665 47.58 -45.21 6.64
CA ASP I 665 48.43 -45.04 7.83
C ASP I 665 49.05 -43.64 7.87
N ARG I 669 47.46 -35.46 4.22
CA ARG I 669 47.45 -34.06 3.83
C ARG I 669 48.82 -33.64 3.29
N ASN I 670 49.85 -34.07 4.01
CA ASN I 670 51.22 -33.66 3.77
C ASN I 670 51.92 -34.37 2.61
N ASN I 671 51.44 -35.54 2.20
CA ASN I 671 52.13 -36.27 1.13
C ASN I 671 52.24 -35.44 -0.15
N ALA I 672 53.40 -35.55 -0.81
CA ALA I 672 53.63 -34.77 -2.02
C ALA I 672 52.84 -35.33 -3.20
N LEU I 673 52.52 -36.63 -3.15
CA LEU I 673 51.77 -37.24 -4.24
C LEU I 673 50.35 -36.69 -4.27
N VAL I 674 49.76 -36.48 -3.09
CA VAL I 674 48.44 -35.88 -2.99
C VAL I 674 48.43 -34.49 -3.61
N LYS I 675 49.57 -33.80 -3.59
CA LYS I 675 49.69 -32.55 -4.32
C LYS I 675 50.04 -32.76 -5.79
N LEU I 676 50.92 -33.73 -6.09
CA LEU I 676 51.40 -33.91 -7.45
C LEU I 676 50.34 -34.61 -8.31
N LEU I 677 49.83 -35.74 -7.85
CA LEU I 677 48.89 -36.54 -8.63
C LEU I 677 47.78 -37.04 -7.72
N SER I 678 46.55 -36.76 -8.12
CA SER I 678 45.38 -37.03 -7.31
C SER I 678 45.29 -38.50 -6.92
N PRO I 679 44.89 -38.80 -5.68
CA PRO I 679 44.64 -40.22 -5.36
C PRO I 679 43.47 -40.81 -6.15
N ARG I 680 42.30 -40.18 -6.12
CA ARG I 680 41.15 -40.74 -6.82
C ARG I 680 40.99 -40.28 -8.28
N THR I 681 41.23 -39.00 -8.57
CA THR I 681 41.05 -38.52 -9.94
C THR I 681 41.88 -39.32 -10.93
N LEU I 682 43.08 -39.76 -10.51
CA LEU I 682 43.84 -40.68 -11.35
C LEU I 682 43.12 -42.02 -11.47
N LEU I 683 42.53 -42.51 -10.37
CA LEU I 683 41.72 -43.72 -10.46
C LEU I 683 40.59 -43.54 -11.46
N LEU I 684 39.91 -42.40 -11.40
CA LEU I 684 38.90 -42.11 -12.40
C LEU I 684 39.51 -41.97 -13.80
N TYR I 685 40.65 -41.27 -13.88
CA TYR I 685 41.32 -41.09 -15.17
C TYR I 685 41.72 -42.42 -15.79
N ILE I 686 42.03 -43.42 -14.97
CA ILE I 686 42.25 -44.76 -15.50
C ILE I 686 40.92 -45.39 -15.88
N ARG I 687 39.91 -45.27 -15.02
CA ARG I 687 38.57 -45.74 -15.38
C ARG I 687 38.07 -45.08 -16.66
N GLN I 688 38.31 -43.78 -16.80
CA GLN I 688 37.81 -43.05 -17.96
C GLN I 688 38.44 -43.55 -19.25
N ALA I 689 39.72 -43.93 -19.20
CA ALA I 689 40.41 -44.49 -20.36
C ALA I 689 40.22 -46.00 -20.49
N LEU I 690 39.78 -46.66 -19.41
CA LEU I 690 39.50 -48.10 -19.50
C LEU I 690 38.13 -48.38 -20.08
N GLU I 691 37.10 -47.69 -19.60
CA GLU I 691 35.77 -47.84 -20.19
C GLU I 691 35.80 -47.54 -21.68
N LYS I 692 36.63 -46.57 -22.07
CA LYS I 692 36.81 -46.23 -23.48
C LYS I 692 37.13 -47.45 -24.31
N ARG I 693 37.89 -48.39 -23.74
CA ARG I 693 38.23 -49.65 -24.40
C ARG I 693 37.42 -50.83 -23.85
N GLY I 694 36.31 -50.55 -23.18
CA GLY I 694 35.44 -51.61 -22.67
C GLY I 694 36.13 -52.56 -21.73
N ILE I 695 36.96 -52.05 -20.83
CA ILE I 695 37.76 -52.85 -19.92
C ILE I 695 37.37 -52.47 -18.49
N GLY I 696 36.91 -53.46 -17.73
CA GLY I 696 36.49 -53.19 -16.36
C GLY I 696 37.63 -52.76 -15.46
N MET I 697 37.26 -52.08 -14.39
CA MET I 697 38.20 -51.58 -13.38
C MET I 697 37.62 -51.82 -12.00
N VAL I 698 38.44 -52.36 -11.09
CA VAL I 698 38.01 -52.61 -9.72
C VAL I 698 39.12 -52.12 -8.78
N GLU I 699 38.80 -51.14 -7.94
CA GLU I 699 39.75 -50.75 -6.92
C GLU I 699 39.72 -51.75 -5.76
N VAL I 700 40.80 -51.78 -4.98
CA VAL I 700 40.89 -52.62 -3.80
C VAL I 700 41.65 -51.88 -2.69
N ALA I 701 41.64 -52.50 -1.51
CA ALA I 701 42.10 -51.88 -0.27
C ALA I 701 43.58 -51.52 -0.33
N LYS I 702 43.97 -50.58 0.53
CA LYS I 702 45.31 -50.01 0.55
C LYS I 702 45.67 -49.85 2.01
N ASP I 703 45.91 -50.93 2.75
CA ASP I 703 46.09 -50.86 4.20
C ASP I 703 47.31 -51.77 4.18
N GLY I 704 48.49 -51.18 4.11
CA GLY I 704 49.74 -51.92 4.20
C GLY I 704 49.98 -52.92 3.09
N THR I 705 49.66 -52.56 1.84
CA THR I 705 49.95 -53.45 0.73
C THR I 705 51.45 -53.53 0.47
N SER I 706 52.18 -52.43 0.66
CA SER I 706 53.62 -52.45 0.50
C SER I 706 54.31 -53.16 1.66
N GLN I 707 53.63 -53.28 2.80
CA GLN I 707 54.28 -53.80 4.00
C GLN I 707 54.48 -55.31 3.93
N ASN I 708 53.39 -56.06 3.71
CA ASN I 708 53.43 -57.50 3.84
C ASN I 708 54.17 -58.17 2.69
N ASN I 709 54.72 -59.35 2.97
CA ASN I 709 55.41 -60.18 1.99
C ASN I 709 54.40 -61.05 1.24
N PRO I 710 54.56 -61.18 -0.08
CA PRO I 710 53.65 -62.07 -0.84
C PRO I 710 53.92 -63.55 -0.61
N ILE I 711 55.11 -63.95 -0.16
CA ILE I 711 55.45 -65.37 -0.14
C ILE I 711 55.08 -66.04 1.19
N SER I 712 55.34 -65.39 2.32
CA SER I 712 55.18 -66.04 3.61
C SER I 712 54.12 -65.40 4.49
N GLY I 713 53.53 -64.29 4.09
CA GLY I 713 52.55 -63.62 4.93
C GLY I 713 53.20 -62.88 6.08
N HIS I 714 54.40 -63.29 6.46
CA HIS I 714 55.18 -62.51 7.41
C HIS I 714 55.51 -61.15 6.80
N VAL I 715 55.74 -60.17 7.65
CA VAL I 715 56.04 -58.81 7.23
C VAL I 715 57.55 -58.58 7.31
N GLY I 716 58.00 -57.48 6.72
CA GLY I 716 59.39 -57.07 6.77
C GLY I 716 59.57 -55.62 7.13
N TRP I 717 60.76 -55.07 6.94
CA TRP I 717 61.04 -53.67 7.26
C TRP I 717 61.35 -52.92 5.97
N ARG I 718 60.50 -51.95 5.65
CA ARG I 718 60.71 -51.05 4.51
C ARG I 718 61.78 -50.04 4.90
N ASN I 719 62.98 -50.21 4.34
CA ASN I 719 64.11 -49.37 4.67
C ASN I 719 63.79 -47.89 4.45
N LYS I 720 63.90 -47.11 5.52
CA LYS I 720 63.56 -45.68 5.50
C LYS I 720 64.61 -44.82 4.82
N GLN I 721 65.76 -45.40 4.45
CA GLN I 721 66.79 -44.66 3.73
C GLN I 721 66.71 -44.83 2.22
N ASN I 722 66.23 -45.98 1.76
CA ASN I 722 66.09 -46.27 0.33
C ASN I 722 64.68 -46.81 0.11
N LYS I 723 63.77 -45.93 -0.35
CA LYS I 723 62.37 -46.28 -0.49
C LYS I 723 62.13 -47.38 -1.52
N SER I 724 63.14 -47.73 -2.32
CA SER I 724 63.01 -48.77 -3.33
C SER I 724 63.27 -50.18 -2.79
N GLU I 725 63.86 -50.30 -1.60
CA GLU I 725 64.22 -51.60 -1.04
C GLU I 725 63.37 -51.95 0.17
N ILE I 726 63.19 -53.24 0.39
CA ILE I 726 62.38 -53.77 1.51
C ILE I 726 62.96 -55.13 1.88
N TYR I 727 63.02 -55.40 3.18
CA TYR I 727 63.73 -56.56 3.71
C TYR I 727 62.79 -57.45 4.50
N PHE I 728 63.17 -58.73 4.62
CA PHE I 728 62.32 -59.74 5.21
C PHE I 728 63.13 -60.72 6.06
N TYR I 729 62.47 -61.31 7.06
CA TYR I 729 63.07 -62.29 7.96
C TYR I 729 62.36 -63.60 7.70
N GLU I 730 63.01 -64.50 6.98
CA GLU I 730 62.42 -65.79 6.64
C GLU I 730 63.42 -66.92 6.87
N ASP I 731 62.94 -68.00 7.49
CA ASP I 731 63.67 -69.26 7.49
C ASP I 731 65.06 -69.11 8.09
N LYS I 732 65.18 -68.24 9.10
CA LYS I 732 66.47 -67.93 9.73
C LYS I 732 67.40 -67.25 8.73
N GLU I 733 66.84 -66.49 7.80
CA GLU I 733 67.58 -65.86 6.71
C GLU I 733 67.00 -64.50 6.37
N LEU I 734 67.86 -63.50 6.22
CA LEU I 734 67.39 -62.18 5.81
C LEU I 734 67.16 -62.17 4.31
N LEU I 735 66.18 -61.38 3.88
CA LEU I 735 65.80 -61.29 2.47
C LEU I 735 65.59 -59.84 2.09
N VAL I 736 65.32 -59.60 0.81
CA VAL I 736 65.11 -58.25 0.28
C VAL I 736 64.44 -58.36 -1.09
N MET I 737 63.60 -57.37 -1.40
CA MET I 737 62.89 -57.30 -2.67
C MET I 737 62.77 -55.82 -3.05
N ASP I 738 61.87 -55.52 -3.98
CA ASP I 738 61.57 -54.14 -4.33
C ASP I 738 60.21 -53.80 -3.71
N ALA I 739 60.17 -52.72 -2.93
CA ALA I 739 58.95 -52.37 -2.22
C ALA I 739 57.77 -52.20 -3.17
N ASP I 740 57.89 -51.25 -4.10
CA ASP I 740 56.81 -51.00 -5.03
C ASP I 740 56.60 -52.15 -6.01
N GLU I 741 57.52 -53.11 -6.06
CA GLU I 741 57.21 -54.41 -6.65
C GLU I 741 56.37 -55.26 -5.70
N VAL I 742 56.85 -55.39 -4.46
CA VAL I 742 56.17 -56.19 -3.43
C VAL I 742 54.69 -55.83 -3.39
N GLY I 743 54.39 -54.53 -3.37
CA GLY I 743 53.01 -54.10 -3.30
C GLY I 743 52.21 -54.49 -4.52
N ALA I 744 52.85 -54.54 -5.69
CA ALA I 744 52.13 -54.88 -6.92
C ALA I 744 51.51 -56.26 -6.82
N MET I 745 52.20 -57.20 -6.19
CA MET I 745 51.60 -58.50 -5.94
C MET I 745 50.56 -58.42 -4.84
N ASN I 746 50.86 -57.67 -3.76
CA ASN I 746 49.93 -57.58 -2.63
C ASN I 746 48.63 -56.89 -3.01
N ILE I 747 48.67 -55.98 -3.97
CA ILE I 747 47.43 -55.37 -4.44
C ILE I 747 46.69 -56.32 -5.35
N LEU I 748 47.43 -57.04 -6.20
CA LEU I 748 46.82 -58.15 -6.93
C LEU I 748 46.38 -59.25 -5.96
N CYS I 749 47.15 -59.45 -4.88
CA CYS I 749 46.79 -60.45 -3.87
C CYS I 749 45.49 -60.09 -3.19
N ARG I 750 45.45 -58.94 -2.51
CA ARG I 750 44.23 -58.51 -1.86
C ARG I 750 43.08 -58.41 -2.85
N GLY I 751 43.39 -58.10 -4.11
CA GLY I 751 42.33 -57.98 -5.10
C GLY I 751 41.66 -59.31 -5.41
N LEU I 752 42.46 -60.34 -5.65
CA LEU I 752 41.93 -61.66 -5.93
C LEU I 752 41.33 -62.33 -4.70
N ASN I 753 41.39 -61.66 -3.55
CA ASN I 753 40.74 -62.11 -2.33
C ASN I 753 39.55 -61.22 -1.96
N HIS I 754 39.20 -60.26 -2.82
CA HIS I 754 38.17 -59.26 -2.52
C HIS I 754 38.54 -58.44 -1.29
N SER I 755 39.83 -58.31 -1.03
CA SER I 755 40.37 -57.59 0.13
C SER I 755 39.85 -58.13 1.46
N VAL I 756 39.25 -59.31 1.46
CA VAL I 756 38.59 -59.83 2.66
C VAL I 756 39.61 -60.13 3.75
N CYS I 757 40.74 -60.71 3.39
CA CYS I 757 41.72 -61.08 4.41
C CYS I 757 42.28 -59.79 5.01
N PRO I 758 42.06 -59.55 6.29
CA PRO I 758 42.31 -58.22 6.85
C PRO I 758 43.78 -57.95 7.10
N TYR I 759 44.08 -56.66 7.25
CA TYR I 759 45.40 -56.21 7.70
C TYR I 759 45.36 -55.80 9.17
N SER I 760 44.40 -54.94 9.54
CA SER I 760 44.18 -54.59 10.94
C SER I 760 42.79 -53.97 11.08
N PHE I 761 42.01 -54.49 12.03
CA PHE I 761 40.71 -53.92 12.34
C PHE I 761 40.44 -54.15 13.82
N VAL I 762 39.26 -53.75 14.27
CA VAL I 762 38.89 -53.80 15.67
C VAL I 762 37.99 -55.00 15.90
N THR I 763 38.34 -55.82 16.90
CA THR I 763 37.75 -57.13 17.09
C THR I 763 36.39 -57.04 17.75
N LYS I 764 35.67 -58.15 17.73
CA LYS I 764 34.31 -58.27 18.25
C LYS I 764 34.29 -59.49 19.16
N ALA I 765 33.19 -59.73 19.87
CA ALA I 765 33.19 -60.77 20.89
C ALA I 765 33.64 -62.07 20.25
N LYS I 769 31.05 -56.65 24.43
CA LYS I 769 30.03 -55.73 23.94
C LYS I 769 29.38 -54.98 25.10
N ASN I 770 30.00 -55.09 26.28
CA ASN I 770 29.46 -54.48 27.49
C ASN I 770 29.36 -52.97 27.31
N ASP I 771 30.36 -52.40 26.66
CA ASP I 771 30.33 -50.97 26.37
C ASP I 771 29.12 -50.75 25.49
N GLU I 772 28.41 -49.66 25.72
CA GLU I 772 27.09 -49.49 25.12
C GLU I 772 27.08 -49.39 23.60
N LYS I 773 26.25 -50.21 22.97
CA LYS I 773 25.78 -49.99 21.58
C LYS I 773 27.02 -49.76 20.69
N LYS I 774 28.02 -50.63 20.72
CA LYS I 774 29.18 -50.33 19.93
C LYS I 774 28.56 -50.31 18.58
N GLU I 775 29.37 -50.01 17.58
CA GLU I 775 29.00 -50.01 16.16
C GLU I 775 28.12 -51.16 15.66
N GLY I 776 28.37 -52.38 16.13
CA GLY I 776 27.68 -53.50 15.54
C GLY I 776 28.67 -54.47 14.92
N ASP I 777 28.16 -55.25 13.98
CA ASP I 777 28.94 -56.19 13.22
C ASP I 777 29.97 -55.51 12.30
N TYR I 778 31.07 -56.22 12.01
CA TYR I 778 32.04 -55.80 11.01
C TYR I 778 31.55 -55.82 9.57
N GLY I 779 32.25 -55.10 8.70
CA GLY I 779 31.84 -54.82 7.34
C GLY I 779 31.92 -55.96 6.34
N LYS I 780 31.30 -55.76 5.17
CA LYS I 780 31.18 -56.82 4.18
C LYS I 780 32.36 -57.73 3.96
N ARG I 781 33.49 -57.09 4.12
CA ARG I 781 34.87 -57.59 4.25
C ARG I 781 35.47 -58.08 5.56
N VAL I 782 34.77 -57.95 6.68
CA VAL I 782 35.24 -58.45 7.96
C VAL I 782 34.58 -59.79 8.33
N LYS I 783 33.31 -59.98 7.96
CA LYS I 783 32.61 -61.20 8.31
C LYS I 783 33.26 -62.41 7.65
N ARG I 784 33.26 -62.42 6.33
CA ARG I 784 33.64 -63.58 5.53
C ARG I 784 35.10 -63.97 5.72
N PHE I 785 35.89 -63.19 6.45
CA PHE I 785 37.23 -63.63 6.80
C PHE I 785 37.17 -64.65 7.95
N LEU I 786 36.48 -64.30 9.02
CA LEU I 786 36.26 -65.25 10.10
C LEU I 786 35.38 -66.40 9.63
N LYS I 787 34.45 -66.12 8.70
CA LYS I 787 33.53 -67.12 8.20
C LYS I 787 34.26 -68.16 7.34
N ASP I 788 35.11 -67.69 6.42
CA ASP I 788 35.80 -68.59 5.51
C ASP I 788 36.83 -69.30 6.39
N ARG I 789 37.79 -68.58 6.94
CA ARG I 789 38.89 -69.20 7.70
C ARG I 789 38.87 -69.79 9.10
N TYR I 790 38.19 -69.09 10.00
CA TYR I 790 38.02 -69.52 11.38
C TYR I 790 36.52 -69.81 11.46
N GLY I 791 36.09 -70.45 12.53
CA GLY I 791 34.81 -71.12 12.51
C GLY I 791 33.60 -70.25 12.22
N SER I 792 33.54 -69.06 12.81
CA SER I 792 32.39 -68.20 12.53
C SER I 792 32.60 -66.70 12.76
N SER I 793 31.73 -65.92 12.13
CA SER I 793 31.80 -64.46 12.19
C SER I 793 31.66 -64.08 13.65
N ASN I 794 30.80 -64.81 14.32
CA ASN I 794 30.74 -64.72 15.77
C ASN I 794 31.82 -65.66 16.24
N VAL I 795 32.78 -65.13 16.97
CA VAL I 795 33.83 -65.92 17.55
C VAL I 795 34.50 -65.12 18.66
N ARG I 796 35.26 -65.80 19.51
CA ARG I 796 36.10 -65.07 20.46
C ARG I 796 37.55 -65.52 20.32
N PHE I 797 38.43 -64.86 21.06
CA PHE I 797 39.87 -65.01 20.89
C PHE I 797 40.53 -65.15 22.26
N LEU I 798 41.56 -65.98 22.33
CA LEU I 798 42.33 -66.17 23.55
C LEU I 798 43.76 -65.68 23.31
N VAL I 799 44.22 -64.78 24.16
CA VAL I 799 45.63 -64.45 24.25
C VAL I 799 46.35 -65.54 25.02
N ALA I 800 47.52 -65.95 24.53
CA ALA I 800 48.18 -67.13 25.08
C ALA I 800 49.69 -66.92 25.06
N SER I 801 50.42 -67.99 25.37
CA SER I 801 51.89 -67.96 25.48
C SER I 801 52.54 -67.29 24.28
N MET I 802 53.49 -66.41 24.56
CA MET I 802 54.24 -65.58 23.62
C MET I 802 53.41 -64.46 23.02
N GLY I 803 52.14 -64.34 23.38
CA GLY I 803 51.32 -63.30 22.78
C GLY I 803 50.83 -63.58 21.37
N PHE I 804 50.40 -64.80 21.08
CA PHE I 804 49.65 -65.06 19.86
C PHE I 804 48.15 -64.96 20.15
N VAL I 805 47.32 -65.38 19.20
CA VAL I 805 45.86 -65.46 19.36
C VAL I 805 45.37 -66.79 18.78
N THR I 806 44.36 -67.35 19.43
CA THR I 806 43.67 -68.55 18.97
C THR I 806 42.18 -68.28 18.82
N VAL I 807 41.56 -68.97 17.87
CA VAL I 807 40.11 -68.94 17.70
C VAL I 807 39.57 -70.17 18.42
N THR I 808 38.79 -69.94 19.47
CA THR I 808 38.30 -70.99 20.36
C THR I 808 36.78 -71.05 20.37
N THR I 809 36.26 -72.25 20.61
CA THR I 809 34.81 -72.48 20.59
C THR I 809 34.14 -72.08 21.91
N LYS I 810 34.90 -71.88 22.98
CA LYS I 810 34.33 -71.35 24.21
C LYS I 810 34.21 -69.83 24.14
N ARG I 811 33.47 -69.29 25.11
CA ARG I 811 33.18 -67.86 25.21
C ARG I 811 33.70 -67.35 26.55
N PRO I 812 34.99 -67.03 26.65
CA PRO I 812 35.54 -66.54 27.91
C PRO I 812 35.08 -65.13 28.22
N LYS I 813 35.47 -64.59 29.37
CA LYS I 813 34.99 -63.30 29.82
C LYS I 813 36.00 -62.19 29.57
N ASP I 814 37.29 -62.51 29.71
CA ASP I 814 38.41 -61.63 29.37
C ASP I 814 38.65 -61.52 27.88
N ALA I 815 37.82 -62.15 27.05
CA ALA I 815 38.15 -62.31 25.63
C ALA I 815 38.39 -60.96 24.96
N LEU I 816 38.98 -61.02 23.78
CA LEU I 816 39.39 -59.82 23.06
C LEU I 816 38.18 -59.03 22.58
N VAL I 817 38.05 -57.79 23.07
CA VAL I 817 37.00 -56.86 22.66
C VAL I 817 37.57 -55.45 22.67
N GLY I 818 37.36 -54.71 21.59
CA GLY I 818 37.85 -53.36 21.50
C GLY I 818 39.35 -53.21 21.30
N LYS I 819 39.97 -54.12 20.56
CA LYS I 819 41.41 -54.08 20.34
C LYS I 819 41.65 -54.00 18.84
N ARG I 820 42.88 -54.29 18.43
CA ARG I 820 43.24 -54.35 17.03
C ARG I 820 44.41 -55.33 16.84
N LEU I 821 44.42 -56.05 15.73
CA LEU I 821 45.37 -57.14 15.52
C LEU I 821 45.92 -57.05 14.10
N TYR I 822 46.74 -58.04 13.74
CA TYR I 822 47.35 -58.13 12.42
C TYR I 822 47.43 -59.60 12.06
N TYR I 823 47.50 -59.90 10.76
CA TYR I 823 47.49 -61.27 10.28
C TYR I 823 48.72 -61.52 9.43
N HIS I 824 49.53 -62.49 9.83
CA HIS I 824 50.79 -62.80 9.18
C HIS I 824 50.91 -64.32 9.14
N GLY I 825 50.80 -64.90 7.95
CA GLY I 825 50.90 -66.34 7.81
C GLY I 825 49.64 -67.01 8.33
N GLY I 826 49.49 -68.29 8.01
CA GLY I 826 48.29 -69.04 8.35
C GLY I 826 47.81 -68.91 9.79
N GLU I 827 48.73 -68.58 10.69
CA GLU I 827 48.44 -68.47 12.12
C GLU I 827 48.18 -67.01 12.47
N LEU I 828 47.22 -66.80 13.36
CA LEU I 828 46.87 -65.45 13.79
C LEU I 828 47.95 -64.90 14.69
N VAL I 829 48.52 -63.76 14.29
CA VAL I 829 49.54 -63.08 15.07
C VAL I 829 48.87 -61.88 15.70
N THR I 830 49.56 -61.28 16.69
CA THR I 830 48.99 -60.19 17.45
C THR I 830 49.59 -58.84 17.05
N HIS I 831 49.15 -57.80 17.74
CA HIS I 831 49.59 -56.44 17.49
C HIS I 831 50.90 -56.16 18.21
N ASP I 832 50.96 -56.50 19.51
CA ASP I 832 52.22 -56.37 20.26
C ASP I 832 53.31 -57.30 19.74
N LEU I 833 52.97 -58.24 18.86
CA LEU I 833 54.01 -58.95 18.14
C LEU I 833 54.36 -58.26 16.84
N HIS I 834 53.35 -57.71 16.14
CA HIS I 834 53.65 -56.86 15.00
C HIS I 834 54.41 -55.62 15.44
N ASN I 835 54.18 -55.19 16.69
CA ASN I 835 55.05 -54.19 17.30
C ASN I 835 56.45 -54.77 17.51
N ARG I 836 56.52 -55.90 18.21
CA ARG I 836 57.81 -56.56 18.48
C ARG I 836 58.49 -57.06 17.22
N MET I 837 57.74 -57.56 16.24
CA MET I 837 58.36 -58.18 15.07
C MET I 837 59.11 -57.18 14.21
N LYS I 838 58.51 -56.02 13.93
CA LYS I 838 59.28 -54.98 13.25
C LYS I 838 60.51 -54.62 14.06
N ASP I 839 60.35 -54.43 15.37
CA ASP I 839 61.49 -54.19 16.24
C ASP I 839 62.50 -55.33 16.16
N GLU I 840 62.07 -56.54 15.78
CA GLU I 840 62.98 -57.67 15.63
C GLU I 840 63.70 -57.65 14.29
N ILE I 841 62.98 -57.38 13.20
CA ILE I 841 63.59 -57.37 11.87
C ILE I 841 64.40 -56.09 11.65
N LYS I 842 63.80 -54.94 11.93
CA LYS I 842 64.46 -53.64 11.79
C LYS I 842 65.84 -53.63 12.47
N TYR I 843 65.94 -54.26 13.63
CA TYR I 843 67.20 -54.24 14.39
C TYR I 843 68.29 -55.05 13.69
N LEU I 844 67.92 -56.19 13.09
CA LEU I 844 68.91 -57.01 12.40
C LEU I 844 69.55 -56.29 11.21
N VAL I 845 68.80 -55.44 10.51
CA VAL I 845 69.33 -54.75 9.33
C VAL I 845 70.44 -53.79 9.70
N GLU I 846 70.32 -53.10 10.85
CA GLU I 846 71.30 -52.10 11.23
C GLU I 846 72.71 -52.69 11.29
N LYS I 847 72.84 -53.96 11.66
CA LYS I 847 74.13 -54.61 11.77
C LYS I 847 74.73 -54.98 10.41
N GLU I 848 74.10 -54.56 9.32
CA GLU I 848 74.63 -54.77 7.98
C GLU I 848 74.80 -56.26 7.68
N VAL I 849 73.68 -56.99 7.74
CA VAL I 849 73.72 -58.42 7.49
C VAL I 849 73.68 -58.62 5.99
N LEU I 850 73.96 -59.85 5.55
CA LEU I 850 74.05 -60.17 4.14
C LEU I 850 72.73 -60.78 3.73
N ALA I 851 72.09 -60.19 2.73
CA ALA I 851 70.72 -60.56 2.38
C ALA I 851 70.69 -61.18 0.98
N ARG I 852 69.52 -61.69 0.63
CA ARG I 852 69.29 -62.36 -0.63
C ARG I 852 68.16 -61.64 -1.34
N ARG I 853 68.48 -60.94 -2.42
CA ARG I 853 67.45 -60.35 -3.26
C ARG I 853 66.73 -61.43 -4.06
N VAL I 854 65.40 -61.31 -4.13
CA VAL I 854 64.56 -62.32 -4.77
C VAL I 854 63.60 -61.57 -5.69
N SER I 855 63.86 -61.61 -6.99
CA SER I 855 62.86 -61.14 -7.96
C SER I 855 61.66 -62.08 -7.93
N LEU I 856 60.48 -61.53 -8.21
CA LEU I 856 59.23 -62.29 -8.08
C LEU I 856 58.66 -62.81 -9.40
N SER I 857 59.32 -62.54 -10.53
CA SER I 857 58.84 -63.11 -11.79
C SER I 857 59.14 -64.59 -11.93
N ASP I 858 59.73 -65.24 -10.93
CA ASP I 858 60.13 -66.63 -11.03
C ASP I 858 58.93 -67.55 -10.82
N SER I 859 59.10 -68.81 -11.25
CA SER I 859 58.06 -69.83 -11.11
C SER I 859 58.32 -70.83 -10.00
N THR I 860 59.50 -70.78 -9.36
CA THR I 860 59.80 -71.69 -8.27
C THR I 860 58.90 -71.49 -7.06
N ILE I 861 58.16 -70.38 -7.01
CA ILE I 861 57.31 -70.08 -5.87
C ILE I 861 56.14 -71.06 -5.83
N LYS I 862 55.97 -71.70 -4.68
CA LYS I 862 54.93 -72.71 -4.47
C LYS I 862 53.60 -72.10 -4.05
N SER I 863 53.62 -71.20 -3.05
CA SER I 863 52.38 -70.63 -2.57
C SER I 863 52.61 -69.24 -1.99
N TYR I 864 51.73 -68.31 -2.34
CA TYR I 864 51.68 -66.99 -1.74
C TYR I 864 50.80 -67.01 -0.49
N LYS I 865 51.35 -66.61 0.65
CA LYS I 865 50.63 -66.66 1.91
C LYS I 865 50.02 -65.33 2.31
N SER I 866 50.11 -64.32 1.46
CA SER I 866 49.66 -62.98 1.83
C SER I 866 48.19 -62.82 1.48
N PHE I 867 47.42 -62.33 2.45
CA PHE I 867 46.02 -61.95 2.27
C PHE I 867 45.20 -63.10 1.70
N ALA I 868 45.51 -64.31 2.15
CA ALA I 868 44.77 -65.52 1.83
C ALA I 868 44.60 -66.33 3.10
N HIS I 869 43.47 -67.02 3.22
CA HIS I 869 43.20 -67.84 4.40
C HIS I 869 42.67 -69.21 3.98
N VAL I 870 43.59 -70.17 3.84
CA VAL I 870 43.26 -71.54 3.42
C VAL I 870 44.36 -72.47 3.89
#